data_6N80
#
_entry.id   6N80
#
_cell.length_a   94.332
_cell.length_b   126.115
_cell.length_c   145.461
_cell.angle_alpha   90.000
_cell.angle_beta   93.800
_cell.angle_gamma   90.000
#
_symmetry.space_group_name_H-M   'P 1 21 1'
#
loop_
_entity.id
_entity.type
_entity.pdbx_description
1 polymer 'ATP-dependent Clp protease proteolytic subunit'
2 non-polymer N-[(1R)-1-borono-3-methylbutyl]-N~2~-(2-chloro-4-methoxybenzene-1-carbonyl)-L-leucinamide
3 water water
#
_entity_poly.entity_id   1
_entity_poly.type   'polypeptide(L)'
_entity_poly.pdbx_seq_one_letter_code
;MNLIPTVIETTNRGERAYDIYSRLLKDRIIMLGSQIDDNVANSIVSQLLFLQAQDSEKDIYLYINSPGGSVTAGFAIYDT
IQHIKPDVQTICIGMAASMGSFLLAAGAKGKRFALPNAEVMIHQPLGGAQGQATEIEIAANHILKTREKLNRILSERTGQ
SIEKIQKDTDRDNFLTAEEAKEYGLIDEVMVPETKLEHHHHHH
;
_entity_poly.pdbx_strand_id   A,B,C,D,E,F,G,I,K,L,M,N,S,T
#
loop_
_chem_comp.id
_chem_comp.type
_chem_comp.name
_chem_comp.formula
JT7 non-polymer N-[(1R)-1-borono-3-methylbutyl]-N~2~-(2-chloro-4-methoxybenzene-1-carbonyl)-L-leucinamide 'C19 H30 B Cl N2 O5'
#
# COMPACT_ATOMS: atom_id res chain seq x y z
N ILE A 4 20.57 -19.72 16.21
CA ILE A 4 21.89 -20.35 16.20
C ILE A 4 22.37 -20.58 17.64
N PRO A 5 22.53 -21.84 18.01
CA PRO A 5 22.89 -22.16 19.40
C PRO A 5 24.33 -21.76 19.72
N THR A 6 24.60 -21.69 21.02
CA THR A 6 25.91 -21.31 21.55
C THR A 6 26.60 -22.53 22.13
N VAL A 7 27.94 -22.56 21.99
CA VAL A 7 28.74 -23.61 22.62
C VAL A 7 29.76 -22.97 23.57
N TYR A 18 31.04 -19.35 21.88
CA TYR A 18 30.93 -19.43 20.43
C TYR A 18 29.49 -19.69 19.98
N ASP A 19 29.05 -18.99 18.93
CA ASP A 19 27.96 -19.52 18.14
C ASP A 19 28.48 -20.75 17.38
N ILE A 20 27.55 -21.58 16.90
CA ILE A 20 27.96 -22.87 16.34
C ILE A 20 28.92 -22.68 15.17
N TYR A 21 28.71 -21.64 14.35
CA TYR A 21 29.56 -21.43 13.19
C TYR A 21 30.98 -21.01 13.61
N SER A 22 31.09 -20.13 14.62
CA SER A 22 32.39 -19.73 15.12
C SER A 22 33.17 -20.93 15.67
N ARG A 23 32.45 -21.87 16.27
CA ARG A 23 33.09 -23.08 16.79
C ARG A 23 33.61 -23.97 15.66
N LEU A 24 32.84 -24.10 14.58
CA LEU A 24 33.31 -24.86 13.42
C LEU A 24 34.51 -24.18 12.77
N LEU A 25 34.51 -22.84 12.76
CA LEU A 25 35.63 -22.11 12.17
C LEU A 25 36.94 -22.42 12.89
N LYS A 26 36.86 -22.68 14.19
CA LYS A 26 38.04 -23.11 14.95
C LYS A 26 38.65 -24.37 14.36
N ASP A 27 37.83 -25.24 13.78
CA ASP A 27 38.30 -26.45 13.13
C ASP A 27 38.48 -26.27 11.62
N ARG A 28 38.58 -25.02 11.17
CA ARG A 28 38.87 -24.67 9.78
C ARG A 28 37.73 -25.05 8.83
N ILE A 29 36.49 -25.03 9.34
CA ILE A 29 35.29 -25.29 8.55
C ILE A 29 34.55 -23.97 8.33
N ILE A 30 34.27 -23.65 7.06
CA ILE A 30 33.51 -22.48 6.66
C ILE A 30 32.19 -22.97 6.05
N MET A 31 31.09 -22.34 6.46
CA MET A 31 29.76 -22.73 5.98
C MET A 31 29.28 -21.62 5.03
N LEU A 32 29.09 -21.97 3.76
CA LEU A 32 28.44 -21.06 2.81
C LEU A 32 27.02 -21.59 2.60
N GLY A 33 26.08 -21.05 3.36
CA GLY A 33 24.73 -21.59 3.39
C GLY A 33 23.65 -20.58 3.05
N SER A 34 23.93 -19.68 2.13
CA SER A 34 22.94 -18.67 1.76
C SER A 34 23.22 -18.22 0.34
N GLN A 35 22.38 -17.30 -0.14
CA GLN A 35 22.66 -16.61 -1.40
C GLN A 35 23.98 -15.87 -1.28
N ILE A 36 24.66 -15.73 -2.43
CA ILE A 36 25.98 -15.10 -2.46
C ILE A 36 25.79 -13.64 -2.86
N ASP A 37 25.97 -12.74 -1.91
CA ASP A 37 25.99 -11.32 -2.18
C ASP A 37 27.29 -10.74 -1.62
N ASP A 38 27.46 -9.43 -1.75
CA ASP A 38 28.73 -8.82 -1.34
C ASP A 38 29.01 -9.03 0.15
N ASN A 39 27.96 -9.00 0.98
CA ASN A 39 28.14 -9.22 2.43
C ASN A 39 28.65 -10.63 2.71
N VAL A 40 28.03 -11.63 2.08
CA VAL A 40 28.46 -13.02 2.25
C VAL A 40 29.89 -13.20 1.75
N ALA A 41 30.20 -12.62 0.57
CA ALA A 41 31.55 -12.74 0.04
C ALA A 41 32.59 -12.10 0.96
N ASN A 42 32.27 -10.96 1.55
CA ASN A 42 33.22 -10.30 2.46
CA ASN A 42 33.23 -10.32 2.45
C ASN A 42 33.51 -11.19 3.67
N SER A 43 32.49 -11.85 4.19
CA SER A 43 32.66 -12.75 5.32
C SER A 43 33.48 -13.98 4.94
N ILE A 44 33.15 -14.61 3.81
CA ILE A 44 33.85 -15.83 3.39
C ILE A 44 35.32 -15.51 3.10
N VAL A 45 35.57 -14.42 2.37
CA VAL A 45 36.94 -14.01 2.09
C VAL A 45 37.70 -13.76 3.38
N SER A 46 37.09 -13.04 4.31
CA SER A 46 37.72 -12.77 5.61
C SER A 46 38.04 -14.06 6.36
N GLN A 47 37.12 -15.04 6.33
CA GLN A 47 37.39 -16.32 6.99
C GLN A 47 38.55 -17.05 6.33
N LEU A 48 38.61 -17.03 4.98
CA LEU A 48 39.72 -17.68 4.28
C LEU A 48 41.06 -17.03 4.63
N LEU A 49 41.11 -15.69 4.63
CA LEU A 49 42.36 -15.00 4.95
C LEU A 49 42.78 -15.28 6.38
N PHE A 50 41.81 -15.27 7.30
CA PHE A 50 42.08 -15.59 8.69
C PHE A 50 42.66 -16.99 8.85
N LEU A 51 42.05 -17.99 8.23
CA LEU A 51 42.53 -19.36 8.36
C LEU A 51 43.93 -19.52 7.76
N GLN A 52 44.19 -18.87 6.62
CA GLN A 52 45.55 -18.92 6.05
C GLN A 52 46.56 -18.33 7.03
N ALA A 53 46.22 -17.22 7.67
CA ALA A 53 47.12 -16.59 8.62
C ALA A 53 47.34 -17.46 9.85
N GLN A 54 46.32 -18.23 10.27
CA GLN A 54 46.49 -19.13 11.41
C GLN A 54 47.39 -20.30 11.06
N ASP A 55 47.26 -20.84 9.85
CA ASP A 55 48.06 -22.00 9.44
C ASP A 55 48.01 -22.08 7.92
N SER A 56 49.14 -21.82 7.28
CA SER A 56 49.17 -21.74 5.83
C SER A 56 49.24 -23.09 5.16
N GLU A 57 49.35 -24.18 5.93
CA GLU A 57 49.53 -25.51 5.35
C GLU A 57 48.32 -26.41 5.50
N LYS A 58 47.50 -26.21 6.53
CA LYS A 58 46.39 -27.12 6.79
C LYS A 58 45.21 -26.83 5.87
N ASP A 59 44.53 -27.89 5.44
CA ASP A 59 43.36 -27.76 4.57
C ASP A 59 42.25 -26.96 5.23
N ILE A 60 41.44 -26.30 4.40
CA ILE A 60 40.20 -25.63 4.80
C ILE A 60 39.03 -26.39 4.19
N TYR A 61 37.90 -26.44 4.91
CA TYR A 61 36.71 -27.16 4.46
C TYR A 61 35.58 -26.16 4.23
N LEU A 62 35.14 -26.01 2.98
CA LEU A 62 34.07 -25.09 2.61
C LEU A 62 32.82 -25.88 2.26
N TYR A 63 31.83 -25.85 3.16
CA TYR A 63 30.52 -26.43 2.90
C TYR A 63 29.69 -25.47 2.05
N ILE A 64 29.01 -26.01 1.04
CA ILE A 64 28.23 -25.20 0.11
C ILE A 64 26.81 -25.74 0.05
N ASN A 65 25.85 -24.92 0.50
CA ASN A 65 24.41 -25.11 0.29
C ASN A 65 23.89 -23.72 -0.10
N SER A 66 23.84 -23.45 -1.41
CA SER A 66 23.59 -22.09 -1.88
C SER A 66 22.81 -22.09 -3.19
N PRO A 67 21.79 -21.23 -3.32
CA PRO A 67 21.11 -21.08 -4.62
C PRO A 67 21.86 -20.21 -5.61
N GLY A 68 23.02 -19.68 -5.24
CA GLY A 68 23.78 -18.83 -6.14
C GLY A 68 23.73 -17.37 -5.72
N GLY A 69 23.88 -16.47 -6.67
CA GLY A 69 23.91 -15.05 -6.36
C GLY A 69 24.78 -14.28 -7.34
N SER A 70 25.40 -13.23 -6.81
CA SER A 70 26.14 -12.27 -7.63
C SER A 70 27.40 -12.89 -8.23
N VAL A 71 27.64 -12.65 -9.52
CA VAL A 71 28.85 -13.16 -10.18
C VAL A 71 30.10 -12.54 -9.59
N THR A 72 30.09 -11.21 -9.41
CA THR A 72 31.30 -10.55 -8.93
C THR A 72 31.60 -10.95 -7.48
N ALA A 73 30.56 -11.09 -6.65
CA ALA A 73 30.79 -11.56 -5.29
C ALA A 73 31.36 -12.97 -5.31
N GLY A 74 30.83 -13.83 -6.19
CA GLY A 74 31.39 -15.16 -6.35
C GLY A 74 32.85 -15.14 -6.77
N PHE A 75 33.23 -14.21 -7.65
CA PHE A 75 34.63 -14.15 -8.06
C PHE A 75 35.53 -13.63 -6.95
N ALA A 76 35.01 -12.81 -6.03
CA ALA A 76 35.82 -12.45 -4.86
C ALA A 76 36.23 -13.69 -4.08
N ILE A 77 35.28 -14.61 -3.87
CA ILE A 77 35.57 -15.86 -3.18
C ILE A 77 36.48 -16.74 -4.03
N TYR A 78 36.11 -16.93 -5.31
CA TYR A 78 36.89 -17.79 -6.21
C TYR A 78 38.36 -17.39 -6.23
N ASP A 79 38.64 -16.10 -6.47
CA ASP A 79 40.03 -15.66 -6.60
C ASP A 79 40.78 -15.81 -5.29
N THR A 80 40.09 -15.62 -4.16
CA THR A 80 40.75 -15.80 -2.86
C THR A 80 41.11 -17.27 -2.64
N ILE A 81 40.19 -18.18 -2.97
CA ILE A 81 40.51 -19.61 -2.89
C ILE A 81 41.76 -19.90 -3.69
N GLN A 82 41.83 -19.41 -4.93
CA GLN A 82 42.99 -19.74 -5.76
C GLN A 82 44.26 -19.07 -5.25
N HIS A 83 44.13 -17.91 -4.61
CA HIS A 83 45.31 -17.15 -4.20
C HIS A 83 45.98 -17.76 -2.96
N ILE A 84 45.21 -18.19 -1.97
CA ILE A 84 45.80 -18.57 -0.68
C ILE A 84 46.55 -19.90 -0.82
N LYS A 85 47.43 -20.16 0.16
CA LYS A 85 48.28 -21.36 0.12
C LYS A 85 47.55 -22.64 0.48
N PRO A 86 46.75 -22.69 1.55
CA PRO A 86 46.06 -23.95 1.87
C PRO A 86 45.12 -24.42 0.77
N ASP A 87 45.00 -25.74 0.64
CA ASP A 87 43.96 -26.34 -0.20
C ASP A 87 42.59 -26.06 0.43
N VAL A 88 41.61 -25.75 -0.41
CA VAL A 88 40.24 -25.56 0.07
C VAL A 88 39.41 -26.73 -0.47
N GLN A 89 38.97 -27.61 0.43
CA GLN A 89 38.05 -28.66 0.06
C GLN A 89 36.65 -28.08 -0.01
N THR A 90 35.88 -28.50 -1.00
CA THR A 90 34.49 -28.04 -1.12
C THR A 90 33.59 -29.24 -0.95
N ILE A 91 32.50 -29.05 -0.21
CA ILE A 91 31.54 -30.11 0.08
C ILE A 91 30.14 -29.59 -0.18
N CYS A 92 29.48 -30.13 -1.21
CA CYS A 92 28.10 -29.74 -1.49
C CYS A 92 27.14 -30.57 -0.66
N ILE A 93 26.30 -29.89 0.14
CA ILE A 93 25.19 -30.49 0.86
C ILE A 93 23.91 -29.78 0.43
N GLY A 94 22.85 -30.55 0.18
CA GLY A 94 21.60 -29.93 -0.23
C GLY A 94 21.58 -29.51 -1.69
N MET A 95 22.07 -28.31 -1.99
CA MET A 95 22.04 -27.78 -3.34
C MET A 95 23.21 -26.83 -3.53
N ALA A 96 23.89 -26.95 -4.67
CA ALA A 96 24.81 -25.93 -5.15
C ALA A 96 24.32 -25.52 -6.52
N ALA A 97 23.70 -24.34 -6.60
CA ALA A 97 23.15 -23.83 -7.85
C ALA A 97 23.87 -22.55 -8.23
N SER A 98 24.02 -22.64 -9.64
CA SER A 98 24.42 -21.40 -10.27
C SER A 98 25.81 -20.99 -9.79
N MET A 99 26.03 -19.74 -9.14
CA MET A 99 27.36 -19.41 -8.62
C MET A 99 27.81 -20.39 -7.51
N GLY A 100 26.83 -21.02 -6.86
CA GLY A 100 27.13 -22.07 -5.90
C GLY A 100 27.86 -23.25 -6.52
N SER A 101 27.40 -23.72 -7.69
CA SER A 101 28.06 -24.84 -8.35
C SER A 101 29.40 -24.43 -8.91
N PHE A 102 29.54 -23.17 -9.31
CA PHE A 102 30.81 -22.66 -9.79
C PHE A 102 31.86 -22.69 -8.68
N LEU A 103 31.47 -22.31 -7.47
CA LEU A 103 32.39 -22.36 -6.35
C LEU A 103 32.68 -23.79 -5.92
N LEU A 104 31.70 -24.69 -6.04
CA LEU A 104 31.94 -26.10 -5.77
C LEU A 104 33.07 -26.63 -6.65
N ALA A 105 33.02 -26.31 -7.95
CA ALA A 105 34.04 -26.73 -8.88
C ALA A 105 35.38 -26.06 -8.62
N ALA A 106 35.39 -24.97 -7.83
CA ALA A 106 36.61 -24.19 -7.58
C ALA A 106 37.50 -24.79 -6.50
N GLY A 107 37.03 -25.77 -5.75
CA GLY A 107 37.84 -26.39 -4.71
C GLY A 107 39.06 -27.11 -5.27
N ALA A 108 39.96 -27.46 -4.36
CA ALA A 108 41.20 -28.15 -4.75
C ALA A 108 40.89 -29.43 -5.52
N LYS A 109 41.56 -29.61 -6.64
CA LYS A 109 41.30 -30.80 -7.45
C LYS A 109 41.67 -32.05 -6.67
N GLY A 110 40.77 -33.03 -6.70
CA GLY A 110 40.84 -34.19 -5.85
C GLY A 110 40.11 -34.03 -4.53
N LYS A 111 39.69 -32.81 -4.17
CA LYS A 111 39.07 -32.56 -2.86
C LYS A 111 37.74 -31.81 -3.01
N ARG A 112 37.01 -32.08 -4.09
CA ARG A 112 35.67 -31.54 -4.31
C ARG A 112 34.68 -32.69 -4.17
N PHE A 113 33.70 -32.53 -3.27
CA PHE A 113 32.80 -33.60 -2.88
C PHE A 113 31.34 -33.16 -2.97
N ALA A 114 30.46 -34.14 -3.12
CA ALA A 114 29.03 -33.93 -2.88
C ALA A 114 28.48 -35.11 -2.11
N LEU A 115 27.53 -34.81 -1.22
CA LEU A 115 26.80 -35.87 -0.54
C LEU A 115 25.84 -36.54 -1.54
N PRO A 116 25.45 -37.80 -1.28
CA PRO A 116 24.78 -38.60 -2.32
C PRO A 116 23.48 -38.03 -2.84
N ASN A 117 22.71 -37.33 -2.01
CA ASN A 117 21.41 -36.79 -2.43
C ASN A 117 21.46 -35.29 -2.68
N ALA A 118 22.65 -34.70 -2.68
CA ALA A 118 22.80 -33.29 -3.02
C ALA A 118 22.52 -33.05 -4.50
N GLU A 119 22.02 -31.86 -4.80
CA GLU A 119 21.71 -31.44 -6.16
C GLU A 119 22.67 -30.34 -6.59
N VAL A 120 23.03 -30.36 -7.88
CA VAL A 120 23.86 -29.33 -8.49
C VAL A 120 23.08 -28.80 -9.69
N MET A 121 23.08 -27.49 -9.88
CA MET A 121 22.43 -26.91 -11.05
C MET A 121 23.36 -25.90 -11.69
N ILE A 122 23.45 -25.97 -13.02
CA ILE A 122 24.26 -25.02 -13.78
C ILE A 122 23.37 -24.34 -14.79
N HIS A 123 23.67 -23.09 -15.09
CA HIS A 123 22.94 -22.33 -16.09
C HIS A 123 23.73 -21.08 -16.43
N GLN A 124 23.23 -20.29 -17.38
CA GLN A 124 23.93 -19.11 -17.81
C GLN A 124 23.56 -17.92 -16.92
N PRO A 125 24.35 -16.85 -16.95
CA PRO A 125 24.04 -15.67 -16.12
C PRO A 125 22.74 -14.99 -16.51
N LEU A 126 22.20 -14.22 -15.57
CA LEU A 126 20.97 -13.46 -15.73
C LEU A 126 21.24 -12.03 -15.32
N GLY A 127 20.49 -11.11 -15.90
CA GLY A 127 20.66 -9.70 -15.55
C GLY A 127 19.57 -8.86 -16.16
N GLY A 128 19.82 -7.56 -16.20
CA GLY A 128 18.85 -6.64 -16.75
C GLY A 128 19.58 -5.46 -17.35
N ALA A 129 18.87 -4.75 -18.23
CA ALA A 129 19.41 -3.57 -18.87
C ALA A 129 18.25 -2.67 -19.27
N GLN A 130 18.36 -1.38 -19.00
CA GLN A 130 17.32 -0.42 -19.33
C GLN A 130 17.97 0.90 -19.72
N GLY A 131 17.41 1.57 -20.71
CA GLY A 131 17.90 2.88 -21.09
C GLY A 131 17.99 2.98 -22.59
N GLN A 132 18.92 3.80 -23.07
CA GLN A 132 19.14 4.00 -24.49
C GLN A 132 19.68 2.74 -25.15
N ALA A 133 19.45 2.63 -26.47
CA ALA A 133 20.04 1.55 -27.25
C ALA A 133 21.52 1.36 -26.95
N THR A 134 22.29 2.46 -26.92
CA THR A 134 23.72 2.36 -26.62
C THR A 134 23.96 1.74 -25.26
N GLU A 135 23.15 2.08 -24.26
CA GLU A 135 23.34 1.55 -22.91
C GLU A 135 23.01 0.07 -22.87
N ILE A 136 21.95 -0.33 -23.58
CA ILE A 136 21.58 -1.74 -23.65
C ILE A 136 22.69 -2.55 -24.32
N GLU A 137 23.31 -1.97 -25.36
CA GLU A 137 24.43 -2.62 -26.03
C GLU A 137 25.59 -2.86 -25.08
N ILE A 138 25.96 -1.84 -24.29
CA ILE A 138 27.05 -1.99 -23.32
C ILE A 138 26.74 -3.07 -22.30
N ALA A 139 25.52 -3.06 -21.75
CA ALA A 139 25.14 -4.07 -20.77
C ALA A 139 25.11 -5.47 -21.38
N ALA A 140 24.60 -5.59 -22.59
CA ALA A 140 24.56 -6.90 -23.26
C ALA A 140 25.99 -7.41 -23.47
N ASN A 141 26.87 -6.56 -24.00
CA ASN A 141 28.26 -6.97 -24.22
C ASN A 141 28.91 -7.38 -22.91
N HIS A 142 28.62 -6.66 -21.82
CA HIS A 142 29.19 -7.01 -20.51
C HIS A 142 28.71 -8.38 -20.03
N ILE A 143 27.41 -8.66 -20.10
CA ILE A 143 26.95 -9.94 -19.58
C ILE A 143 27.42 -11.08 -20.48
N LEU A 144 27.52 -10.83 -21.79
CA LEU A 144 28.05 -11.85 -22.68
C LEU A 144 29.54 -12.13 -22.42
N LYS A 145 30.33 -11.09 -22.15
CA LYS A 145 31.74 -11.27 -21.79
C LYS A 145 31.87 -11.99 -20.46
N THR A 146 30.99 -11.68 -19.50
CA THR A 146 30.99 -12.39 -18.24
C THR A 146 30.70 -13.88 -18.46
N ARG A 147 29.73 -14.19 -19.33
CA ARG A 147 29.43 -15.59 -19.59
C ARG A 147 30.64 -16.31 -20.19
N GLU A 148 31.33 -15.65 -21.13
CA GLU A 148 32.52 -16.24 -21.74
C GLU A 148 33.59 -16.52 -20.69
N LYS A 149 33.81 -15.57 -19.77
CA LYS A 149 34.78 -15.76 -18.69
C LYS A 149 34.40 -16.95 -17.81
N LEU A 150 33.13 -17.03 -17.40
CA LEU A 150 32.65 -18.14 -16.59
C LEU A 150 32.81 -19.48 -17.31
N ASN A 151 32.49 -19.50 -18.60
CA ASN A 151 32.59 -20.76 -19.35
C ASN A 151 34.05 -21.20 -19.46
N ARG A 152 34.94 -20.25 -19.73
CA ARG A 152 36.37 -20.54 -19.84
C ARG A 152 36.92 -21.12 -18.55
N ILE A 153 36.59 -20.50 -17.41
CA ILE A 153 37.08 -21.00 -16.12
C ILE A 153 36.46 -22.36 -15.81
N LEU A 154 35.15 -22.51 -16.03
CA LEU A 154 34.51 -23.81 -15.77
C LEU A 154 35.09 -24.90 -16.68
N SER A 155 35.43 -24.54 -17.92
CA SER A 155 36.11 -25.50 -18.81
C SER A 155 37.42 -25.98 -18.19
N GLU A 156 38.23 -25.05 -17.67
CA GLU A 156 39.48 -25.41 -17.01
C GLU A 156 39.24 -26.27 -15.77
N ARG A 157 38.19 -25.97 -14.99
CA ARG A 157 37.96 -26.69 -13.74
C ARG A 157 37.39 -28.10 -13.95
N THR A 158 36.64 -28.31 -15.04
CA THR A 158 35.94 -29.57 -15.27
C THR A 158 36.57 -30.45 -16.34
N GLY A 159 37.35 -29.88 -17.24
CA GLY A 159 37.80 -30.59 -18.42
C GLY A 159 36.82 -30.59 -19.58
N GLN A 160 35.65 -29.96 -19.43
CA GLN A 160 34.69 -29.86 -20.52
C GLN A 160 35.11 -28.80 -21.53
N SER A 161 34.72 -29.00 -22.78
CA SER A 161 35.01 -27.97 -23.76
C SER A 161 34.11 -26.76 -23.51
N ILE A 162 34.58 -25.59 -23.95
CA ILE A 162 33.74 -24.40 -23.88
C ILE A 162 32.45 -24.58 -24.67
N GLU A 163 32.51 -25.25 -25.82
CA GLU A 163 31.31 -25.46 -26.63
C GLU A 163 30.28 -26.30 -25.88
N LYS A 164 30.75 -27.31 -25.17
CA LYS A 164 29.87 -28.17 -24.39
C LYS A 164 29.28 -27.41 -23.19
N ILE A 165 30.10 -26.62 -22.50
CA ILE A 165 29.59 -25.83 -21.37
C ILE A 165 28.50 -24.87 -21.85
N GLN A 166 28.76 -24.20 -22.97
CA GLN A 166 27.78 -23.25 -23.53
C GLN A 166 26.44 -23.93 -23.78
N LYS A 167 26.46 -25.10 -24.44
CA LYS A 167 25.22 -25.81 -24.71
C LYS A 167 24.53 -26.28 -23.43
N ASP A 168 25.31 -26.79 -22.46
CA ASP A 168 24.74 -27.40 -21.25
C ASP A 168 24.20 -26.37 -20.26
N THR A 169 24.54 -25.10 -20.42
CA THR A 169 24.08 -24.04 -19.53
C THR A 169 23.04 -23.13 -20.19
N ASP A 170 22.62 -23.45 -21.42
CA ASP A 170 21.67 -22.60 -22.12
C ASP A 170 20.39 -22.40 -21.31
N ARG A 171 19.91 -23.47 -20.66
CA ARG A 171 18.79 -23.43 -19.74
C ARG A 171 19.20 -24.11 -18.43
N ASP A 172 18.33 -24.03 -17.42
CA ASP A 172 18.63 -24.65 -16.13
C ASP A 172 18.92 -26.13 -16.34
N ASN A 173 20.03 -26.60 -15.80
CA ASN A 173 20.47 -27.97 -16.00
C ASN A 173 20.75 -28.58 -14.63
N PHE A 174 19.87 -29.47 -14.17
CA PHE A 174 19.94 -30.07 -12.84
C PHE A 174 20.71 -31.38 -12.89
N LEU A 175 21.71 -31.53 -12.01
CA LEU A 175 22.54 -32.73 -11.96
C LEU A 175 22.44 -33.41 -10.60
N THR A 176 22.38 -34.74 -10.61
CA THR A 176 22.61 -35.50 -9.38
C THR A 176 24.08 -35.42 -8.99
N ALA A 177 24.37 -35.89 -7.77
CA ALA A 177 25.77 -35.94 -7.33
C ALA A 177 26.62 -36.80 -8.26
N GLU A 178 26.08 -37.96 -8.67
CA GLU A 178 26.85 -38.82 -9.56
C GLU A 178 27.05 -38.16 -10.93
N GLU A 179 26.03 -37.46 -11.43
CA GLU A 179 26.17 -36.75 -12.70
C GLU A 179 27.17 -35.60 -12.59
N ALA A 180 27.20 -34.91 -11.45
CA ALA A 180 28.18 -33.85 -11.27
C ALA A 180 29.60 -34.39 -11.25
N LYS A 181 29.80 -35.59 -10.69
CA LYS A 181 31.10 -36.23 -10.75
C LYS A 181 31.47 -36.56 -12.20
N GLU A 182 30.54 -37.16 -12.94
CA GLU A 182 30.77 -37.44 -14.35
C GLU A 182 31.10 -36.17 -15.13
N TYR A 183 30.47 -35.05 -14.76
CA TYR A 183 30.67 -33.79 -15.47
C TYR A 183 32.04 -33.18 -15.18
N GLY A 184 32.63 -33.49 -14.04
CA GLY A 184 33.88 -32.89 -13.63
C GLY A 184 33.74 -31.75 -12.65
N LEU A 185 32.54 -31.52 -12.11
CA LEU A 185 32.33 -30.45 -11.13
C LEU A 185 32.84 -30.86 -9.77
N ILE A 186 32.77 -32.15 -9.44
CA ILE A 186 33.30 -32.69 -8.20
C ILE A 186 34.17 -33.87 -8.55
N ASP A 187 34.93 -34.35 -7.56
CA ASP A 187 35.81 -35.49 -7.74
C ASP A 187 35.23 -36.79 -7.20
N GLU A 188 34.46 -36.72 -6.12
CA GLU A 188 33.93 -37.91 -5.48
C GLU A 188 32.58 -37.62 -4.85
N VAL A 189 31.71 -38.63 -4.85
CA VAL A 189 30.50 -38.62 -4.03
C VAL A 189 30.87 -39.20 -2.67
N MET A 190 30.59 -38.44 -1.60
CA MET A 190 30.97 -38.82 -0.25
C MET A 190 30.05 -39.92 0.27
N VAL A 191 30.64 -41.07 0.55
CA VAL A 191 29.97 -42.26 1.06
C VAL A 191 29.95 -42.19 2.59
N PRO A 192 28.92 -42.69 3.28
CA PRO A 192 28.88 -42.57 4.74
C PRO A 192 30.04 -43.23 5.48
N PRO B 5 14.54 -18.81 27.42
CA PRO B 5 15.16 -18.26 28.63
C PRO B 5 16.69 -18.30 28.59
N THR B 6 17.33 -17.21 28.99
CA THR B 6 18.79 -17.13 28.98
C THR B 6 19.38 -16.90 30.37
N ASP B 19 21.31 -20.13 26.44
CA ASP B 19 19.89 -20.30 26.13
C ASP B 19 19.48 -21.77 26.30
N ILE B 20 18.17 -22.03 26.41
CA ILE B 20 17.71 -23.38 26.72
C ILE B 20 18.17 -24.37 25.67
N TYR B 21 18.21 -23.96 24.40
CA TYR B 21 18.60 -24.87 23.33
C TYR B 21 20.08 -25.23 23.41
N SER B 22 20.94 -24.24 23.73
CA SER B 22 22.35 -24.52 23.89
C SER B 22 22.58 -25.50 25.03
N ARG B 23 21.74 -25.42 26.06
CA ARG B 23 21.86 -26.34 27.20
C ARG B 23 21.49 -27.76 26.79
N LEU B 24 20.44 -27.92 25.98
CA LEU B 24 20.08 -29.26 25.51
C LEU B 24 21.14 -29.82 24.57
N LEU B 25 21.76 -28.97 23.77
CA LEU B 25 22.81 -29.45 22.86
C LEU B 25 23.97 -30.06 23.65
N LYS B 26 24.24 -29.54 24.85
CA LYS B 26 25.24 -30.15 25.72
C LYS B 26 24.90 -31.59 26.05
N ASP B 27 23.62 -31.95 26.07
CA ASP B 27 23.18 -33.32 26.27
C ASP B 27 22.87 -34.03 24.96
N ARG B 28 23.38 -33.51 23.85
CA ARG B 28 23.29 -34.13 22.54
C ARG B 28 21.85 -34.17 22.03
N ILE B 29 21.06 -33.17 22.39
CA ILE B 29 19.68 -33.02 21.94
C ILE B 29 19.61 -31.86 20.96
N ILE B 30 19.06 -32.12 19.78
CA ILE B 30 18.82 -31.10 18.76
C ILE B 30 17.31 -30.94 18.57
N MET B 31 16.84 -29.70 18.55
CA MET B 31 15.41 -29.42 18.42
C MET B 31 15.17 -28.84 17.03
N LEU B 32 14.42 -29.58 16.21
CA LEU B 32 13.96 -29.09 14.91
C LEU B 32 12.49 -28.74 15.07
N GLY B 33 12.20 -27.47 15.34
CA GLY B 33 10.87 -27.04 15.69
C GLY B 33 10.32 -25.93 14.81
N SER B 34 10.62 -25.98 13.52
CA SER B 34 10.14 -24.93 12.62
C SER B 34 10.07 -25.48 11.19
N GLN B 35 9.66 -24.60 10.27
CA GLN B 35 9.79 -24.91 8.85
C GLN B 35 11.26 -25.15 8.51
N ILE B 36 11.50 -25.98 7.50
CA ILE B 36 12.85 -26.33 7.09
C ILE B 36 13.24 -25.46 5.89
N ASP B 37 14.17 -24.53 6.10
CA ASP B 37 14.76 -23.74 5.04
C ASP B 37 16.28 -23.88 5.15
N ASP B 38 17.00 -23.17 4.28
CA ASP B 38 18.45 -23.29 4.25
C ASP B 38 19.07 -22.88 5.59
N ASN B 39 18.51 -21.83 6.24
CA ASN B 39 19.04 -21.38 7.51
C ASN B 39 18.92 -22.46 8.58
N VAL B 40 17.75 -23.08 8.68
CA VAL B 40 17.51 -24.14 9.65
C VAL B 40 18.42 -25.35 9.35
N ALA B 41 18.51 -25.74 8.07
CA ALA B 41 19.36 -26.87 7.71
C ALA B 41 20.82 -26.62 8.04
N ASN B 42 21.34 -25.42 7.74
CA ASN B 42 22.73 -25.12 8.06
C ASN B 42 22.98 -25.21 9.56
N SER B 43 22.01 -24.77 10.37
CA SER B 43 22.14 -24.88 11.81
C SER B 43 22.14 -26.34 12.27
N ILE B 44 21.20 -27.15 11.75
CA ILE B 44 21.09 -28.54 12.18
C ILE B 44 22.33 -29.32 11.76
N VAL B 45 22.76 -29.14 10.50
CA VAL B 45 23.97 -29.82 10.02
C VAL B 45 25.15 -29.46 10.91
N SER B 46 25.32 -28.17 11.21
CA SER B 46 26.42 -27.71 12.04
C SER B 46 26.38 -28.35 13.42
N GLN B 47 25.17 -28.46 14.01
CA GLN B 47 25.04 -29.12 15.31
C GLN B 47 25.43 -30.60 15.23
N LEU B 48 25.00 -31.29 14.18
CA LEU B 48 25.34 -32.70 14.00
C LEU B 48 26.86 -32.88 13.87
N LEU B 49 27.50 -32.03 13.08
CA LEU B 49 28.94 -32.14 12.91
C LEU B 49 29.65 -31.83 14.22
N PHE B 50 29.18 -30.82 14.94
CA PHE B 50 29.75 -30.50 16.26
C PHE B 50 29.64 -31.70 17.21
N LEU B 51 28.45 -32.32 17.29
CA LEU B 51 28.26 -33.44 18.21
C LEU B 51 29.12 -34.64 17.84
N GLN B 52 29.25 -34.94 16.54
CA GLN B 52 30.12 -36.04 16.14
C GLN B 52 31.57 -35.76 16.56
N ALA B 53 32.02 -34.51 16.39
CA ALA B 53 33.38 -34.16 16.76
C ALA B 53 33.58 -34.25 18.27
N GLN B 54 32.55 -33.94 19.06
CA GLN B 54 32.66 -34.06 20.50
C GLN B 54 32.74 -35.52 20.94
N ASP B 55 31.95 -36.40 20.31
CA ASP B 55 31.90 -37.81 20.69
C ASP B 55 31.29 -38.57 19.53
N SER B 56 32.10 -39.42 18.88
CA SER B 56 31.68 -40.10 17.67
C SER B 56 30.86 -41.36 17.94
N GLU B 57 30.71 -41.75 19.22
CA GLU B 57 30.03 -43.00 19.56
C GLU B 57 28.67 -42.81 20.21
N LYS B 58 28.46 -41.70 20.92
CA LYS B 58 27.25 -41.52 21.69
C LYS B 58 26.09 -41.10 20.79
N ASP B 59 24.90 -41.61 21.09
CA ASP B 59 23.71 -41.27 20.32
C ASP B 59 23.42 -39.77 20.36
N ILE B 60 22.79 -39.30 19.28
CA ILE B 60 22.21 -37.96 19.17
C ILE B 60 20.70 -38.09 19.13
N TYR B 61 20.01 -37.11 19.71
CA TYR B 61 18.54 -37.12 19.78
C TYR B 61 18.00 -35.92 19.01
N LEU B 62 17.25 -36.19 17.94
CA LEU B 62 16.67 -35.15 17.09
C LEU B 62 15.16 -35.11 17.31
N TYR B 63 14.69 -34.07 18.00
CA TYR B 63 13.27 -33.82 18.16
C TYR B 63 12.74 -33.09 16.93
N ILE B 64 11.58 -33.53 16.43
CA ILE B 64 11.02 -33.01 15.21
C ILE B 64 9.58 -32.57 15.48
N ASN B 65 9.33 -31.26 15.34
CA ASN B 65 8.00 -30.68 15.28
C ASN B 65 8.06 -29.69 14.11
N SER B 66 7.68 -30.14 12.91
CA SER B 66 7.93 -29.34 11.71
C SER B 66 6.84 -29.55 10.69
N PRO B 67 6.35 -28.49 10.05
CA PRO B 67 5.40 -28.63 8.95
C PRO B 67 6.05 -28.96 7.61
N GLY B 68 7.37 -29.04 7.57
CA GLY B 68 8.11 -29.34 6.35
C GLY B 68 8.87 -28.13 5.84
N GLY B 69 9.11 -28.14 4.54
CA GLY B 69 9.89 -27.07 3.93
C GLY B 69 10.62 -27.56 2.69
N SER B 70 11.78 -26.96 2.48
CA SER B 70 12.55 -27.17 1.26
C SER B 70 13.08 -28.61 1.17
N VAL B 71 12.93 -29.22 0.01
CA VAL B 71 13.45 -30.58 -0.20
C VAL B 71 14.98 -30.57 -0.11
N THR B 72 15.64 -29.61 -0.76
CA THR B 72 17.09 -29.63 -0.75
C THR B 72 17.64 -29.34 0.64
N ALA B 73 16.98 -28.44 1.40
CA ALA B 73 17.38 -28.21 2.78
C ALA B 73 17.19 -29.48 3.61
N GLY B 74 16.08 -30.17 3.39
CA GLY B 74 15.86 -31.45 4.05
C GLY B 74 16.93 -32.48 3.72
N PHE B 75 17.36 -32.52 2.45
CA PHE B 75 18.39 -33.50 2.09
C PHE B 75 19.77 -33.13 2.63
N ALA B 76 20.04 -31.84 2.87
CA ALA B 76 21.27 -31.49 3.58
C ALA B 76 21.31 -32.17 4.93
N ILE B 77 20.18 -32.14 5.64
CA ILE B 77 20.09 -32.78 6.95
C ILE B 77 20.14 -34.30 6.81
N TYR B 78 19.32 -34.84 5.91
CA TYR B 78 19.26 -36.29 5.70
C TYR B 78 20.64 -36.88 5.42
N ASP B 79 21.38 -36.28 4.47
CA ASP B 79 22.67 -36.85 4.11
C ASP B 79 23.67 -36.72 5.26
N THR B 80 23.56 -35.67 6.07
CA THR B 80 24.46 -35.54 7.22
C THR B 80 24.16 -36.60 8.26
N ILE B 81 22.88 -36.85 8.57
CA ILE B 81 22.51 -37.93 9.48
C ILE B 81 23.12 -39.25 9.03
N GLN B 82 22.96 -39.57 7.74
CA GLN B 82 23.44 -40.87 7.27
C GLN B 82 24.97 -40.91 7.25
N HIS B 83 25.61 -39.76 7.09
CA HIS B 83 27.06 -39.72 6.96
C HIS B 83 27.78 -39.93 8.29
N ILE B 84 27.28 -39.29 9.35
CA ILE B 84 28.04 -39.27 10.61
C ILE B 84 27.98 -40.63 11.29
N LYS B 85 28.90 -40.85 12.21
CA LYS B 85 29.04 -42.14 12.89
C LYS B 85 27.98 -42.35 13.98
N PRO B 86 27.69 -41.37 14.84
CA PRO B 86 26.68 -41.61 15.89
C PRO B 86 25.31 -41.91 15.29
N ASP B 87 24.56 -42.77 15.98
CA ASP B 87 23.15 -42.97 15.66
C ASP B 87 22.37 -41.70 15.98
N VAL B 88 21.42 -41.35 15.11
CA VAL B 88 20.55 -40.22 15.35
C VAL B 88 19.16 -40.77 15.61
N GLN B 89 18.70 -40.64 16.85
CA GLN B 89 17.34 -40.98 17.18
C GLN B 89 16.43 -39.82 16.76
N THR B 90 15.26 -40.14 16.22
CA THR B 90 14.30 -39.10 15.85
C THR B 90 13.06 -39.29 16.70
N ILE B 91 12.53 -38.17 17.21
CA ILE B 91 11.38 -38.17 18.10
C ILE B 91 10.40 -37.13 17.58
N CYS B 92 9.25 -37.57 17.10
CA CYS B 92 8.21 -36.67 16.62
C CYS B 92 7.34 -36.22 17.79
N ILE B 93 7.26 -34.91 18.00
CA ILE B 93 6.33 -34.31 18.94
C ILE B 93 5.47 -33.30 18.18
N GLY B 94 4.17 -33.32 18.44
CA GLY B 94 3.29 -32.39 17.75
C GLY B 94 2.98 -32.84 16.34
N MET B 95 3.86 -32.55 15.38
CA MET B 95 3.59 -32.86 13.99
C MET B 95 4.91 -33.07 13.26
N ALA B 96 4.96 -34.07 12.39
CA ALA B 96 6.01 -34.20 11.40
C ALA B 96 5.32 -34.30 10.05
N ALA B 97 5.36 -33.21 9.27
CA ALA B 97 4.71 -33.16 7.96
C ALA B 97 5.73 -32.93 6.86
N SER B 98 5.25 -33.74 5.78
CA SER B 98 5.93 -33.41 4.54
C SER B 98 7.42 -33.67 4.65
N MET B 99 8.53 -32.77 4.52
CA MET B 99 9.93 -33.07 4.74
C MET B 99 10.21 -33.43 6.21
N GLY B 100 9.35 -32.93 7.10
CA GLY B 100 9.44 -33.33 8.51
C GLY B 100 9.26 -34.82 8.72
N SER B 101 8.25 -35.40 8.09
CA SER B 101 8.04 -36.84 8.22
C SER B 101 9.11 -37.63 7.48
N PHE B 102 9.64 -37.10 6.39
CA PHE B 102 10.76 -37.75 5.71
C PHE B 102 11.98 -37.83 6.61
N LEU B 103 12.28 -36.75 7.35
CA LEU B 103 13.40 -36.75 8.28
C LEU B 103 13.13 -37.63 9.48
N LEU B 104 11.88 -37.68 9.95
CA LEU B 104 11.52 -38.61 11.01
C LEU B 104 11.87 -40.04 10.63
N ALA B 105 11.51 -40.46 9.40
CA ALA B 105 11.79 -41.81 8.94
C ALA B 105 13.28 -42.07 8.71
N ALA B 106 14.09 -41.02 8.67
CA ALA B 106 15.51 -41.09 8.37
C ALA B 106 16.36 -41.43 9.59
N GLY B 107 15.77 -41.43 10.78
CA GLY B 107 16.53 -41.76 11.98
C GLY B 107 17.00 -43.21 11.97
N ALA B 108 17.92 -43.49 12.89
CA ALA B 108 18.47 -44.85 13.01
C ALA B 108 17.35 -45.87 13.19
N LYS B 109 17.41 -46.94 12.41
CA LYS B 109 16.38 -47.97 12.49
C LYS B 109 16.36 -48.60 13.87
N GLY B 110 15.15 -48.74 14.43
CA GLY B 110 14.95 -49.10 15.81
C GLY B 110 14.86 -47.91 16.75
N LYS B 111 15.24 -46.71 16.30
CA LYS B 111 15.30 -45.55 17.17
C LYS B 111 14.53 -44.36 16.59
N ARG B 112 13.43 -44.65 15.91
CA ARG B 112 12.51 -43.63 15.39
C ARG B 112 11.22 -43.72 16.19
N PHE B 113 10.83 -42.61 16.82
CA PHE B 113 9.73 -42.61 17.77
C PHE B 113 8.75 -41.51 17.43
N ALA B 114 7.51 -41.69 17.91
CA ALA B 114 6.56 -40.60 17.98
C ALA B 114 5.86 -40.66 19.32
N LEU B 115 5.54 -39.48 19.87
CA LEU B 115 4.69 -39.41 21.05
C LEU B 115 3.25 -39.74 20.67
N PRO B 116 2.43 -40.19 21.64
CA PRO B 116 1.15 -40.83 21.28
C PRO B 116 0.19 -39.95 20.49
N ASN B 117 0.19 -38.63 20.72
CA ASN B 117 -0.74 -37.75 20.04
C ASN B 117 -0.08 -36.94 18.94
N ALA B 118 1.18 -37.24 18.61
CA ALA B 118 1.84 -36.58 17.50
C ALA B 118 1.19 -37.00 16.18
N GLU B 119 1.21 -36.10 15.20
CA GLU B 119 0.63 -36.36 13.90
C GLU B 119 1.75 -36.48 12.87
N VAL B 120 1.57 -37.37 11.90
CA VAL B 120 2.51 -37.52 10.78
C VAL B 120 1.71 -37.32 9.51
N MET B 121 2.24 -36.54 8.58
CA MET B 121 1.57 -36.33 7.31
C MET B 121 2.55 -36.52 6.17
N ILE B 122 2.14 -37.27 5.16
CA ILE B 122 2.97 -37.51 3.98
C ILE B 122 2.20 -37.04 2.76
N HIS B 123 2.94 -36.54 1.77
CA HIS B 123 2.32 -36.11 0.52
C HIS B 123 3.42 -35.89 -0.50
N GLN B 124 3.03 -35.54 -1.72
CA GLN B 124 4.00 -35.36 -2.79
C GLN B 124 4.55 -33.94 -2.80
N PRO B 125 5.70 -33.72 -3.44
CA PRO B 125 6.27 -32.37 -3.48
C PRO B 125 5.39 -31.37 -4.21
N LEU B 126 5.64 -30.11 -3.88
CA LEU B 126 4.93 -28.97 -4.45
C LEU B 126 5.96 -27.95 -4.94
N GLY B 127 5.55 -27.18 -5.94
CA GLY B 127 6.42 -26.15 -6.47
C GLY B 127 5.67 -25.27 -7.43
N GLY B 128 6.43 -24.51 -8.21
CA GLY B 128 5.85 -23.60 -9.18
C GLY B 128 6.80 -23.43 -10.33
N ALA B 129 6.26 -22.97 -11.46
CA ALA B 129 7.07 -22.72 -12.63
C ALA B 129 6.36 -21.73 -13.52
N GLN B 130 7.11 -20.78 -14.07
CA GLN B 130 6.56 -19.81 -15.01
C GLN B 130 7.62 -19.50 -16.06
N GLY B 131 7.19 -19.30 -17.29
CA GLY B 131 8.07 -18.92 -18.36
C GLY B 131 7.69 -19.67 -19.62
N GLN B 132 8.67 -19.86 -20.50
CA GLN B 132 8.43 -20.56 -21.75
C GLN B 132 8.08 -22.03 -21.50
N ALA B 133 7.37 -22.61 -22.47
CA ALA B 133 7.06 -24.04 -22.43
C ALA B 133 8.28 -24.89 -22.09
N THR B 134 9.42 -24.60 -22.73
CA THR B 134 10.66 -25.34 -22.47
C THR B 134 11.07 -25.25 -21.01
N GLU B 135 10.95 -24.06 -20.41
CA GLU B 135 11.30 -23.88 -19.00
C GLU B 135 10.34 -24.63 -18.09
N ILE B 136 9.05 -24.60 -18.42
CA ILE B 136 8.05 -25.32 -17.65
C ILE B 136 8.34 -26.82 -17.72
N GLU B 137 8.73 -27.31 -18.90
CA GLU B 137 9.11 -28.72 -19.03
C GLU B 137 10.28 -29.07 -18.12
N ILE B 138 11.32 -28.23 -18.13
CA ILE B 138 12.48 -28.48 -17.28
C ILE B 138 12.07 -28.53 -15.81
N ALA B 139 11.25 -27.58 -15.37
CA ALA B 139 10.81 -27.57 -13.97
C ALA B 139 9.97 -28.80 -13.65
N ALA B 140 9.05 -29.18 -14.56
CA ALA B 140 8.23 -30.36 -14.32
C ALA B 140 9.09 -31.61 -14.21
N ASN B 141 10.04 -31.78 -15.13
CA ASN B 141 10.93 -32.95 -15.07
C ASN B 141 11.72 -32.97 -13.76
N HIS B 142 12.20 -31.82 -13.31
CA HIS B 142 12.96 -31.76 -12.07
C HIS B 142 12.09 -32.18 -10.87
N ILE B 143 10.87 -31.64 -10.75
CA ILE B 143 10.06 -31.99 -9.59
C ILE B 143 9.59 -33.45 -9.65
N LEU B 144 9.34 -33.98 -10.86
CA LEU B 144 8.98 -35.39 -10.96
C LEU B 144 10.17 -36.29 -10.57
N LYS B 145 11.38 -35.92 -10.99
CA LYS B 145 12.57 -36.69 -10.61
C LYS B 145 12.81 -36.60 -9.11
N THR B 146 12.58 -35.42 -8.53
CA THR B 146 12.67 -35.27 -7.08
C THR B 146 11.70 -36.20 -6.38
N ARG B 147 10.45 -36.26 -6.86
CA ARG B 147 9.46 -37.16 -6.25
C ARG B 147 9.89 -38.63 -6.35
N GLU B 148 10.44 -39.03 -7.50
CA GLU B 148 10.95 -40.40 -7.64
C GLU B 148 12.05 -40.68 -6.62
N LYS B 149 12.97 -39.74 -6.44
CA LYS B 149 14.05 -39.91 -5.46
C LYS B 149 13.50 -40.06 -4.05
N LEU B 150 12.56 -39.17 -3.67
CA LEU B 150 11.94 -39.23 -2.34
C LEU B 150 11.22 -40.56 -2.12
N ASN B 151 10.48 -41.03 -3.14
CA ASN B 151 9.72 -42.27 -2.97
C ASN B 151 10.65 -43.47 -2.81
N ARG B 152 11.73 -43.49 -3.58
CA ARG B 152 12.70 -44.58 -3.51
C ARG B 152 13.30 -44.68 -2.11
N ILE B 153 13.73 -43.55 -1.56
CA ILE B 153 14.33 -43.56 -0.22
C ILE B 153 13.29 -43.93 0.82
N LEU B 154 12.06 -43.38 0.71
CA LEU B 154 11.03 -43.70 1.68
C LEU B 154 10.66 -45.18 1.64
N SER B 155 10.68 -45.78 0.45
CA SER B 155 10.48 -47.22 0.30
C SER B 155 11.52 -48.00 1.09
N GLU B 156 12.79 -47.60 0.95
CA GLU B 156 13.88 -48.24 1.69
C GLU B 156 13.72 -48.05 3.20
N ARG B 157 13.27 -46.86 3.63
CA ARG B 157 13.21 -46.59 5.07
C ARG B 157 12.02 -47.27 5.73
N THR B 158 10.94 -47.50 4.98
CA THR B 158 9.70 -48.01 5.55
C THR B 158 9.44 -49.47 5.24
N GLY B 159 10.04 -50.01 4.17
CA GLY B 159 9.68 -51.32 3.67
C GLY B 159 8.46 -51.37 2.76
N GLN B 160 7.79 -50.23 2.50
CA GLN B 160 6.68 -50.22 1.58
C GLN B 160 7.20 -50.16 0.15
N SER B 161 6.40 -50.68 -0.78
CA SER B 161 6.79 -50.59 -2.17
C SER B 161 6.68 -49.16 -2.66
N ILE B 162 7.46 -48.85 -3.70
CA ILE B 162 7.39 -47.54 -4.35
C ILE B 162 5.98 -47.28 -4.88
N GLU B 163 5.32 -48.32 -5.40
CA GLU B 163 3.97 -48.14 -5.94
C GLU B 163 2.99 -47.77 -4.85
N LYS B 164 3.14 -48.35 -3.65
CA LYS B 164 2.26 -47.98 -2.55
C LYS B 164 2.55 -46.56 -2.05
N ILE B 165 3.83 -46.20 -1.95
CA ILE B 165 4.18 -44.85 -1.50
C ILE B 165 3.61 -43.82 -2.46
N GLN B 166 3.76 -44.06 -3.77
CA GLN B 166 3.23 -43.15 -4.79
C GLN B 166 1.74 -42.95 -4.61
N LYS B 167 0.99 -44.05 -4.43
CA LYS B 167 -0.45 -43.96 -4.24
C LYS B 167 -0.80 -43.22 -2.96
N ASP B 168 -0.08 -43.51 -1.87
CA ASP B 168 -0.43 -42.98 -0.56
C ASP B 168 -0.05 -41.51 -0.38
N THR B 169 0.75 -40.94 -1.27
CA THR B 169 1.19 -39.55 -1.20
C THR B 169 0.55 -38.69 -2.29
N ASP B 170 -0.39 -39.24 -3.06
CA ASP B 170 -1.03 -38.47 -4.14
C ASP B 170 -1.71 -37.21 -3.60
N ARG B 171 -2.36 -37.34 -2.43
CA ARG B 171 -2.94 -36.23 -1.70
C ARG B 171 -2.43 -36.25 -0.26
N ASP B 172 -2.73 -35.20 0.49
CA ASP B 172 -2.32 -35.14 1.89
C ASP B 172 -2.84 -36.36 2.64
N ASN B 173 -1.95 -37.03 3.36
CA ASN B 173 -2.31 -38.27 4.05
C ASN B 173 -1.89 -38.14 5.51
N PHE B 174 -2.86 -37.96 6.40
CA PHE B 174 -2.60 -37.75 7.82
C PHE B 174 -2.62 -39.08 8.55
N LEU B 175 -1.57 -39.35 9.33
CA LEU B 175 -1.42 -40.58 10.10
C LEU B 175 -1.32 -40.27 11.59
N THR B 176 -1.96 -41.10 12.41
CA THR B 176 -1.66 -41.13 13.84
C THR B 176 -0.28 -41.76 14.08
N ALA B 177 0.21 -41.62 15.31
CA ALA B 177 1.48 -42.24 15.68
C ALA B 177 1.44 -43.75 15.48
N GLU B 178 0.35 -44.39 15.88
CA GLU B 178 0.21 -45.83 15.68
C GLU B 178 0.14 -46.18 14.20
N GLU B 179 -0.57 -45.37 13.40
CA GLU B 179 -0.59 -45.63 11.97
C GLU B 179 0.79 -45.44 11.35
N ALA B 180 1.56 -44.46 11.85
CA ALA B 180 2.90 -44.25 11.33
C ALA B 180 3.80 -45.45 11.65
N LYS B 181 3.63 -46.05 12.84
CA LYS B 181 4.38 -47.26 13.18
C LYS B 181 3.99 -48.41 12.26
N GLU B 182 2.69 -48.65 12.07
CA GLU B 182 2.23 -49.68 11.15
C GLU B 182 2.78 -49.46 9.74
N TYR B 183 2.93 -48.20 9.33
CA TYR B 183 3.44 -47.90 8.00
C TYR B 183 4.94 -48.15 7.89
N GLY B 184 5.66 -48.09 9.00
CA GLY B 184 7.10 -48.22 9.00
C GLY B 184 7.85 -46.90 9.01
N LEU B 185 7.16 -45.78 9.23
CA LEU B 185 7.82 -44.48 9.30
C LEU B 185 8.56 -44.32 10.62
N ILE B 186 8.05 -44.95 11.68
CA ILE B 186 8.70 -44.99 12.98
C ILE B 186 8.71 -46.43 13.46
N ASP B 187 9.48 -46.67 14.52
CA ASP B 187 9.62 -47.99 15.11
C ASP B 187 8.75 -48.20 16.34
N GLU B 188 8.52 -47.16 17.14
CA GLU B 188 7.76 -47.31 18.37
C GLU B 188 7.01 -46.01 18.68
N VAL B 189 5.85 -46.18 19.31
CA VAL B 189 5.15 -45.07 19.96
C VAL B 189 5.66 -44.97 21.39
N MET B 190 6.15 -43.79 21.78
CA MET B 190 6.72 -43.58 23.10
C MET B 190 5.64 -43.47 24.16
N VAL B 191 5.62 -44.45 25.07
CA VAL B 191 4.69 -44.53 26.21
C VAL B 191 5.28 -43.76 27.38
N PRO B 192 4.46 -43.27 28.32
CA PRO B 192 4.98 -42.42 29.39
C PRO B 192 6.07 -43.05 30.25
N GLU B 193 6.98 -42.20 30.73
CA GLU B 193 8.13 -42.56 31.56
C GLU B 193 7.75 -42.61 33.04
N ILE C 4 12.23 -6.90 29.49
CA ILE C 4 12.34 -7.95 30.51
C ILE C 4 13.49 -7.63 31.44
N PRO C 5 13.19 -7.50 32.73
CA PRO C 5 14.26 -7.16 33.68
C PRO C 5 15.21 -8.33 33.92
N THR C 6 16.37 -7.98 34.44
CA THR C 6 17.45 -8.89 34.75
C THR C 6 17.60 -9.05 36.26
N VAL C 7 17.95 -10.27 36.69
CA VAL C 7 18.27 -10.58 38.08
C VAL C 7 19.69 -11.13 38.13
N ILE C 8 20.50 -10.62 39.06
CA ILE C 8 21.90 -11.00 39.22
C ILE C 8 22.03 -11.80 40.50
N GLU C 9 22.41 -13.06 40.39
CA GLU C 9 22.45 -13.97 41.53
C GLU C 9 23.73 -13.84 42.34
N ALA C 17 23.89 -13.63 35.56
CA ALA C 17 22.75 -12.78 35.24
C ALA C 17 21.64 -13.56 34.53
N TYR C 18 20.42 -13.46 35.07
CA TYR C 18 19.22 -14.10 34.51
C TYR C 18 18.23 -13.04 34.05
N ASP C 19 17.56 -13.29 32.93
CA ASP C 19 16.27 -12.60 32.74
C ASP C 19 15.28 -13.17 33.75
N ILE C 20 14.19 -12.44 33.97
CA ILE C 20 13.27 -12.82 35.05
C ILE C 20 12.74 -14.25 34.84
N TYR C 21 12.50 -14.63 33.58
CA TYR C 21 11.95 -15.97 33.31
C TYR C 21 12.97 -17.06 33.59
N SER C 22 14.23 -16.82 33.24
CA SER C 22 15.29 -17.78 33.57
C SER C 22 15.44 -17.95 35.08
N ARG C 23 15.23 -16.86 35.82
CA ARG C 23 15.32 -16.93 37.27
C ARG C 23 14.17 -17.74 37.87
N LEU C 24 12.96 -17.60 37.30
CA LEU C 24 11.86 -18.43 37.77
C LEU C 24 12.09 -19.90 37.41
N LEU C 25 12.68 -20.16 36.22
CA LEU C 25 12.92 -21.54 35.78
C LEU C 25 13.86 -22.27 36.75
N LYS C 26 14.78 -21.53 37.37
CA LYS C 26 15.64 -22.11 38.41
C LYS C 26 14.80 -22.68 39.55
N ASP C 27 13.64 -22.10 39.84
CA ASP C 27 12.73 -22.62 40.85
C ASP C 27 11.64 -23.51 40.25
N ARG C 28 11.86 -24.02 39.03
CA ARG C 28 10.99 -24.99 38.38
C ARG C 28 9.62 -24.38 38.01
N ILE C 29 9.62 -23.08 37.70
CA ILE C 29 8.42 -22.35 37.24
C ILE C 29 8.58 -22.03 35.77
N ILE C 30 7.57 -22.41 34.98
CA ILE C 30 7.51 -22.13 33.56
C ILE C 30 6.32 -21.22 33.31
N MET C 31 6.51 -20.14 32.57
CA MET C 31 5.47 -19.15 32.34
C MET C 31 5.00 -19.27 30.89
N LEU C 32 3.75 -19.68 30.70
CA LEU C 32 3.13 -19.68 29.38
C LEU C 32 2.19 -18.48 29.30
N GLY C 33 2.66 -17.40 28.66
CA GLY C 33 1.96 -16.13 28.65
C GLY C 33 1.74 -15.58 27.25
N SER C 34 1.46 -16.44 26.28
CA SER C 34 1.25 -15.95 24.92
C SER C 34 0.41 -16.95 24.15
N GLN C 35 0.16 -16.64 22.89
CA GLN C 35 -0.41 -17.62 21.96
C GLN C 35 0.52 -18.81 21.87
N ILE C 36 -0.04 -19.97 21.56
CA ILE C 36 0.73 -21.21 21.47
C ILE C 36 1.04 -21.49 20.00
N ASP C 37 2.29 -21.31 19.61
CA ASP C 37 2.73 -21.69 18.27
C ASP C 37 3.93 -22.61 18.41
N ASP C 38 4.49 -23.02 17.27
CA ASP C 38 5.59 -24.00 17.30
C ASP C 38 6.78 -23.49 18.09
N ASN C 39 7.09 -22.19 18.00
CA ASN C 39 8.22 -21.63 18.74
C ASN C 39 7.98 -21.70 20.25
N VAL C 40 6.78 -21.33 20.69
CA VAL C 40 6.43 -21.40 22.11
C VAL C 40 6.44 -22.85 22.59
N ALA C 41 5.89 -23.77 21.79
CA ALA C 41 5.88 -25.17 22.17
C ALA C 41 7.30 -25.71 22.32
N ASN C 42 8.17 -25.38 21.37
CA ASN C 42 9.57 -25.83 21.42
CA ASN C 42 9.55 -25.86 21.45
C ASN C 42 10.25 -25.34 22.69
N SER C 43 10.04 -24.08 23.05
CA SER C 43 10.62 -23.54 24.27
C SER C 43 10.05 -24.24 25.51
N ILE C 44 8.73 -24.42 25.58
CA ILE C 44 8.13 -25.05 26.75
C ILE C 44 8.59 -26.50 26.88
N VAL C 45 8.59 -27.23 25.77
CA VAL C 45 9.06 -28.62 25.78
C VAL C 45 10.51 -28.67 26.28
N SER C 46 11.36 -27.79 25.74
CA SER C 46 12.76 -27.76 26.17
C SER C 46 12.87 -27.47 27.67
N GLN C 47 12.06 -26.55 28.17
CA GLN C 47 12.06 -26.24 29.61
C GLN C 47 11.65 -27.45 30.43
N LEU C 48 10.62 -28.18 29.99
CA LEU C 48 10.19 -29.38 30.69
C LEU C 48 11.27 -30.45 30.71
N LEU C 49 11.92 -30.69 29.56
CA LEU C 49 12.97 -31.70 29.48
C LEU C 49 14.16 -31.33 30.36
N PHE C 50 14.53 -30.05 30.34
CA PHE C 50 15.60 -29.55 31.19
C PHE C 50 15.29 -29.79 32.67
N LEU C 51 14.08 -29.43 33.09
CA LEU C 51 13.73 -29.57 34.51
C LEU C 51 13.72 -31.02 34.95
N GLN C 52 13.22 -31.93 34.10
CA GLN C 52 13.27 -33.35 34.44
C GLN C 52 14.71 -33.83 34.60
N ALA C 53 15.60 -33.37 33.72
CA ALA C 53 17.01 -33.76 33.77
C ALA C 53 17.68 -33.22 35.04
N GLN C 54 17.26 -32.05 35.51
CA GLN C 54 17.78 -31.50 36.76
C GLN C 54 17.28 -32.27 37.96
N ASP C 55 16.00 -32.67 37.97
CA ASP C 55 15.44 -33.39 39.10
C ASP C 55 14.16 -34.08 38.63
N SER C 56 14.18 -35.41 38.61
CA SER C 56 13.10 -36.18 38.06
C SER C 56 11.94 -36.37 39.04
N GLU C 57 12.08 -35.91 40.28
CA GLU C 57 11.07 -36.16 41.31
C GLU C 57 10.30 -34.92 41.73
N LYS C 58 10.90 -33.73 41.64
CA LYS C 58 10.28 -32.52 42.16
C LYS C 58 9.25 -31.97 41.18
N ASP C 59 8.14 -31.47 41.72
CA ASP C 59 7.07 -30.89 40.93
C ASP C 59 7.57 -29.73 40.06
N ILE C 60 6.89 -29.55 38.92
CA ILE C 60 7.04 -28.40 38.04
C ILE C 60 5.74 -27.59 38.10
N TYR C 61 5.88 -26.26 37.95
CA TYR C 61 4.76 -25.32 38.00
C TYR C 61 4.65 -24.61 36.66
N LEU C 62 3.52 -24.82 35.97
CA LEU C 62 3.26 -24.21 34.66
C LEU C 62 2.15 -23.17 34.81
N TYR C 63 2.51 -21.89 34.76
CA TYR C 63 1.51 -20.82 34.73
C TYR C 63 0.98 -20.64 33.30
N ILE C 64 -0.35 -20.49 33.16
CA ILE C 64 -1.00 -20.39 31.87
C ILE C 64 -1.84 -19.13 31.81
N ASN C 65 -1.46 -18.21 30.92
CA ASN C 65 -2.27 -17.07 30.51
C ASN C 65 -2.17 -17.05 28.99
N SER C 66 -3.14 -17.67 28.31
CA SER C 66 -2.96 -17.89 26.87
C SER C 66 -4.31 -17.85 26.17
N PRO C 67 -4.40 -17.20 25.02
CA PRO C 67 -5.63 -17.27 24.21
C PRO C 67 -5.73 -18.52 23.35
N GLY C 68 -4.75 -19.41 23.39
CA GLY C 68 -4.78 -20.63 22.60
C GLY C 68 -3.79 -20.62 21.45
N GLY C 69 -4.05 -21.36 20.40
CA GLY C 69 -3.13 -21.44 19.27
C GLY C 69 -3.19 -22.80 18.60
N SER C 70 -2.06 -23.21 18.04
CA SER C 70 -2.00 -24.39 17.18
C SER C 70 -2.28 -25.68 17.96
N VAL C 71 -3.14 -26.56 17.41
CA VAL C 71 -3.43 -27.84 18.05
C VAL C 71 -2.18 -28.71 18.12
N THR C 72 -1.41 -28.77 17.03
CA THR C 72 -0.23 -29.65 17.08
C THR C 72 0.84 -29.09 18.03
N ALA C 73 1.00 -27.77 18.09
CA ALA C 73 1.94 -27.20 19.05
C ALA C 73 1.50 -27.51 20.47
N GLY C 74 0.19 -27.42 20.73
CA GLY C 74 -0.34 -27.79 22.02
C GLY C 74 -0.09 -29.25 22.38
N PHE C 75 -0.22 -30.16 21.40
CA PHE C 75 0.05 -31.57 21.69
C PHE C 75 1.52 -31.85 21.92
N ALA C 76 2.43 -31.07 21.35
CA ALA C 76 3.84 -31.21 21.71
C ALA C 76 4.02 -30.97 23.21
N ILE C 77 3.38 -29.93 23.73
CA ILE C 77 3.44 -29.66 25.17
C ILE C 77 2.68 -30.75 25.95
N TYR C 78 1.44 -31.05 25.53
CA TYR C 78 0.63 -32.05 26.22
C TYR C 78 1.36 -33.39 26.37
N ASP C 79 1.90 -33.92 25.28
CA ASP C 79 2.54 -35.24 25.34
C ASP C 79 3.82 -35.19 26.18
N THR C 80 4.53 -34.06 26.16
CA THR C 80 5.73 -33.95 26.98
C THR C 80 5.36 -33.97 28.46
N ILE C 81 4.32 -33.21 28.84
CA ILE C 81 3.87 -33.25 30.23
C ILE C 81 3.59 -34.68 30.66
N GLN C 82 2.83 -35.43 29.86
CA GLN C 82 2.44 -36.77 30.28
C GLN C 82 3.63 -37.72 30.25
N HIS C 83 4.62 -37.45 29.41
CA HIS C 83 5.74 -38.37 29.30
C HIS C 83 6.69 -38.29 30.49
N ILE C 84 7.00 -37.06 30.95
CA ILE C 84 8.07 -36.91 31.95
C ILE C 84 7.61 -37.40 33.31
N LYS C 85 8.57 -37.66 34.19
CA LYS C 85 8.30 -38.21 35.52
C LYS C 85 7.74 -37.19 36.51
N PRO C 86 8.28 -35.97 36.62
CA PRO C 86 7.71 -35.02 37.58
C PRO C 86 6.25 -34.69 37.28
N ASP C 87 5.48 -34.48 38.34
CA ASP C 87 4.15 -33.91 38.21
C ASP C 87 4.26 -32.47 37.72
N VAL C 88 3.38 -32.09 36.81
CA VAL C 88 3.31 -30.70 36.33
C VAL C 88 2.02 -30.10 36.88
N GLN C 89 2.14 -29.17 37.81
CA GLN C 89 0.99 -28.41 38.29
C GLN C 89 0.69 -27.32 37.25
N THR C 90 -0.59 -27.07 37.01
CA THR C 90 -1.02 -25.99 36.11
C THR C 90 -1.79 -24.95 36.91
N ILE C 91 -1.51 -23.67 36.63
CA ILE C 91 -2.13 -22.56 37.36
C ILE C 91 -2.62 -21.54 36.32
N CYS C 92 -3.93 -21.37 36.21
CA CYS C 92 -4.52 -20.41 35.28
C CYS C 92 -4.58 -19.03 35.93
N ILE C 93 -3.94 -18.06 35.28
CA ILE C 93 -4.05 -16.65 35.65
C ILE C 93 -4.50 -15.87 34.42
N GLY C 94 -5.42 -14.94 34.61
CA GLY C 94 -5.93 -14.15 33.51
C GLY C 94 -6.95 -14.92 32.68
N MET C 95 -6.47 -15.71 31.73
CA MET C 95 -7.36 -16.44 30.83
C MET C 95 -6.65 -17.70 30.36
N ALA C 96 -7.38 -18.80 30.31
CA ALA C 96 -6.91 -19.97 29.58
C ALA C 96 -7.98 -20.32 28.56
N ALA C 97 -7.72 -20.01 27.30
CA ALA C 97 -8.71 -20.26 26.24
C ALA C 97 -8.18 -21.30 25.25
N SER C 98 -9.30 -22.03 24.76
CA SER C 98 -9.10 -22.88 23.60
C SER C 98 -7.96 -23.86 23.88
N MET C 99 -6.71 -23.98 23.19
CA MET C 99 -5.63 -24.90 23.51
C MET C 99 -5.04 -24.59 24.89
N GLY C 100 -5.18 -23.33 25.33
CA GLY C 100 -4.80 -22.95 26.69
C GLY C 100 -5.59 -23.69 27.77
N SER C 101 -6.91 -23.77 27.61
CA SER C 101 -7.70 -24.50 28.61
C SER C 101 -7.46 -26.00 28.51
N PHE C 102 -7.15 -26.50 27.32
CA PHE C 102 -6.79 -27.91 27.17
C PHE C 102 -5.51 -28.22 27.95
N LEU C 103 -4.51 -27.35 27.86
CA LEU C 103 -3.28 -27.58 28.62
C LEU C 103 -3.50 -27.42 30.11
N LEU C 104 -4.38 -26.50 30.51
CA LEU C 104 -4.72 -26.37 31.93
C LEU C 104 -5.25 -27.69 32.49
N ALA C 105 -6.17 -28.34 31.75
CA ALA C 105 -6.76 -29.60 32.18
C ALA C 105 -5.74 -30.74 32.15
N ALA C 106 -4.61 -30.55 31.48
CA ALA C 106 -3.59 -31.58 31.32
C ALA C 106 -2.63 -31.68 32.52
N GLY C 107 -2.70 -30.75 33.46
CA GLY C 107 -1.85 -30.82 34.63
C GLY C 107 -2.14 -32.06 35.47
N ALA C 108 -1.22 -32.36 36.38
CA ALA C 108 -1.37 -33.52 37.26
C ALA C 108 -2.67 -33.43 38.04
N LYS C 109 -3.42 -34.52 38.08
CA LYS C 109 -4.72 -34.50 38.76
C LYS C 109 -4.56 -34.21 40.24
N GLY C 110 -5.39 -33.29 40.75
CA GLY C 110 -5.23 -32.73 42.06
C GLY C 110 -4.36 -31.49 42.11
N LYS C 111 -3.66 -31.17 41.02
CA LYS C 111 -2.72 -30.04 41.04
C LYS C 111 -2.99 -29.08 39.87
N ARG C 112 -4.26 -28.93 39.49
CA ARG C 112 -4.71 -27.97 38.48
C ARG C 112 -5.51 -26.87 39.19
N PHE C 113 -5.09 -25.62 39.00
CA PHE C 113 -5.61 -24.48 39.75
C PHE C 113 -6.00 -23.34 38.83
N ALA C 114 -6.91 -22.50 39.29
CA ALA C 114 -7.13 -21.19 38.70
C ALA C 114 -7.26 -20.17 39.81
N LEU C 115 -6.76 -18.96 39.56
CA LEU C 115 -6.97 -17.86 40.46
C LEU C 115 -8.43 -17.39 40.35
N PRO C 116 -8.95 -16.72 41.39
CA PRO C 116 -10.42 -16.53 41.48
C PRO C 116 -11.05 -15.76 40.33
N ASN C 117 -10.33 -14.80 39.72
CA ASN C 117 -10.92 -13.99 38.66
C ASN C 117 -10.43 -14.39 37.28
N ALA C 118 -9.69 -15.50 37.19
CA ALA C 118 -9.23 -16.01 35.92
C ALA C 118 -10.41 -16.58 35.13
N GLU C 119 -10.31 -16.50 33.82
CA GLU C 119 -11.35 -16.98 32.93
C GLU C 119 -10.85 -18.21 32.17
N VAL C 120 -11.76 -19.15 31.91
CA VAL C 120 -11.45 -20.32 31.12
C VAL C 120 -12.46 -20.37 29.98
N MET C 121 -12.00 -20.65 28.75
CA MET C 121 -12.91 -20.75 27.62
C MET C 121 -12.61 -21.99 26.81
N ILE C 122 -13.66 -22.73 26.46
CA ILE C 122 -13.53 -23.93 25.66
C ILE C 122 -14.37 -23.76 24.40
N HIS C 123 -13.89 -24.34 23.31
CA HIS C 123 -14.63 -24.28 22.04
C HIS C 123 -14.02 -25.31 21.10
N GLN C 124 -14.59 -25.41 19.92
CA GLN C 124 -14.13 -26.40 18.95
C GLN C 124 -13.01 -25.82 18.09
N PRO C 125 -12.25 -26.70 17.44
CA PRO C 125 -11.17 -26.23 16.56
C PRO C 125 -11.69 -25.43 15.39
N LEU C 126 -10.78 -24.60 14.87
CA LEU C 126 -11.01 -23.73 13.73
C LEU C 126 -9.90 -23.95 12.72
N GLY C 127 -10.22 -23.70 11.46
CA GLY C 127 -9.23 -23.86 10.43
C GLY C 127 -9.75 -23.34 9.11
N GLY C 128 -9.08 -23.77 8.05
CA GLY C 128 -9.44 -23.35 6.71
C GLY C 128 -9.12 -24.46 5.75
N ALA C 129 -9.74 -24.40 4.58
CA ALA C 129 -9.54 -25.36 3.52
C ALA C 129 -9.83 -24.66 2.21
N GLN C 130 -8.97 -24.89 1.21
CA GLN C 130 -9.13 -24.30 -0.10
C GLN C 130 -8.68 -25.30 -1.15
N GLY C 131 -9.40 -25.36 -2.26
CA GLY C 131 -8.94 -26.17 -3.38
C GLY C 131 -10.04 -27.02 -3.97
N GLN C 132 -9.67 -28.15 -4.55
CA GLN C 132 -10.62 -29.06 -5.14
C GLN C 132 -11.51 -29.67 -4.06
N ALA C 133 -12.70 -30.09 -4.48
CA ALA C 133 -13.63 -30.78 -3.58
C ALA C 133 -12.92 -31.88 -2.79
N THR C 134 -12.12 -32.70 -3.47
CA THR C 134 -11.38 -33.77 -2.79
C THR C 134 -10.46 -33.23 -1.70
N GLU C 135 -9.76 -32.11 -1.98
CA GLU C 135 -8.84 -31.52 -1.01
C GLU C 135 -9.61 -30.95 0.18
N ILE C 136 -10.77 -30.34 -0.07
CA ILE C 136 -11.61 -29.83 1.01
C ILE C 136 -12.11 -30.98 1.87
N GLU C 137 -12.48 -32.09 1.23
CA GLU C 137 -12.92 -33.27 1.97
C GLU C 137 -11.81 -33.77 2.92
N ILE C 138 -10.59 -33.86 2.42
CA ILE C 138 -9.47 -34.30 3.25
C ILE C 138 -9.25 -33.36 4.43
N ALA C 139 -9.28 -32.04 4.17
CA ALA C 139 -9.09 -31.09 5.26
C ALA C 139 -10.21 -31.16 6.29
N ALA C 140 -11.46 -31.29 5.82
CA ALA C 140 -12.60 -31.43 6.74
C ALA C 140 -12.48 -32.70 7.58
N ASN C 141 -12.15 -33.82 6.94
CA ASN C 141 -11.98 -35.06 7.70
C ASN C 141 -10.88 -34.92 8.73
N HIS C 142 -9.77 -34.25 8.39
CA HIS C 142 -8.68 -34.08 9.34
C HIS C 142 -9.11 -33.24 10.55
N ILE C 143 -9.79 -32.10 10.31
CA ILE C 143 -10.16 -31.25 11.44
C ILE C 143 -11.23 -31.93 12.29
N LEU C 144 -12.13 -32.69 11.67
CA LEU C 144 -13.13 -33.44 12.42
C LEU C 144 -12.50 -34.54 13.26
N LYS C 145 -11.51 -35.26 12.70
CA LYS C 145 -10.78 -36.26 13.48
C LYS C 145 -9.99 -35.60 14.61
N THR C 146 -9.40 -34.43 14.34
CA THR C 146 -8.71 -33.69 15.40
C THR C 146 -9.67 -33.35 16.54
N ARG C 147 -10.87 -32.88 16.21
CA ARG C 147 -11.85 -32.57 17.25
C ARG C 147 -12.22 -33.81 18.06
N GLU C 148 -12.38 -34.95 17.39
CA GLU C 148 -12.66 -36.19 18.12
C GLU C 148 -11.52 -36.53 19.08
N LYS C 149 -10.28 -36.37 18.62
CA LYS C 149 -9.13 -36.66 19.49
C LYS C 149 -9.11 -35.74 20.71
N LEU C 150 -9.29 -34.44 20.50
CA LEU C 150 -9.34 -33.48 21.59
C LEU C 150 -10.48 -33.78 22.55
N ASN C 151 -11.66 -34.10 22.02
CA ASN C 151 -12.81 -34.36 22.89
C ASN C 151 -12.58 -35.60 23.74
N ARG C 152 -12.01 -36.65 23.15
CA ARG C 152 -11.73 -37.86 23.92
C ARG C 152 -10.74 -37.59 25.05
N ILE C 153 -9.66 -36.87 24.77
CA ILE C 153 -8.69 -36.58 25.82
C ILE C 153 -9.30 -35.69 26.89
N LEU C 154 -10.04 -34.63 26.48
CA LEU C 154 -10.68 -33.77 27.46
C LEU C 154 -11.72 -34.54 28.28
N SER C 155 -12.38 -35.51 27.65
CA SER C 155 -13.30 -36.38 28.40
C SER C 155 -12.56 -37.11 29.53
N GLU C 156 -11.40 -37.69 29.20
CA GLU C 156 -10.57 -38.39 30.18
C GLU C 156 -10.05 -37.46 31.26
N ARG C 157 -9.69 -36.22 30.92
CA ARG C 157 -9.11 -35.31 31.91
C ARG C 157 -10.16 -34.72 32.85
N THR C 158 -11.40 -34.56 32.39
CA THR C 158 -12.44 -33.86 33.15
C THR C 158 -13.45 -34.78 33.79
N GLY C 159 -13.61 -35.99 33.26
CA GLY C 159 -14.70 -36.83 33.68
C GLY C 159 -16.01 -36.55 32.97
N GLN C 160 -16.07 -35.56 32.08
CA GLN C 160 -17.30 -35.33 31.32
C GLN C 160 -17.35 -36.29 30.12
N SER C 161 -18.57 -36.58 29.68
CA SER C 161 -18.70 -37.43 28.51
C SER C 161 -18.26 -36.70 27.25
N ILE C 162 -17.85 -37.49 26.24
CA ILE C 162 -17.54 -36.93 24.93
C ILE C 162 -18.74 -36.20 24.36
N GLU C 163 -19.96 -36.74 24.57
CA GLU C 163 -21.15 -36.08 24.06
C GLU C 163 -21.35 -34.70 24.68
N LYS C 164 -21.08 -34.58 25.99
CA LYS C 164 -21.28 -33.29 26.66
C LYS C 164 -20.23 -32.27 26.22
N ILE C 165 -18.95 -32.68 26.11
CA ILE C 165 -17.90 -31.79 25.62
C ILE C 165 -18.22 -31.30 24.21
N GLN C 166 -18.65 -32.21 23.33
CA GLN C 166 -19.04 -31.82 21.97
C GLN C 166 -20.11 -30.74 21.99
N LYS C 167 -21.17 -30.94 22.79
CA LYS C 167 -22.22 -29.93 22.89
C LYS C 167 -21.70 -28.62 23.49
N ASP C 168 -20.89 -28.72 24.54
CA ASP C 168 -20.46 -27.53 25.26
C ASP C 168 -19.40 -26.73 24.51
N THR C 169 -18.80 -27.29 23.47
CA THR C 169 -17.77 -26.60 22.69
C THR C 169 -18.27 -26.19 21.31
N ASP C 170 -19.57 -26.36 21.04
CA ASP C 170 -20.10 -26.00 19.73
C ASP C 170 -19.86 -24.52 19.40
N ARG C 171 -20.03 -23.64 20.40
CA ARG C 171 -19.68 -22.23 20.32
C ARG C 171 -18.79 -21.87 21.49
N ASP C 172 -18.24 -20.64 21.47
CA ASP C 172 -17.37 -20.19 22.55
C ASP C 172 -18.12 -20.28 23.88
N ASN C 173 -17.50 -20.91 24.86
CA ASN C 173 -18.16 -21.16 26.14
C ASN C 173 -17.22 -20.66 27.24
N PHE C 174 -17.57 -19.52 27.84
CA PHE C 174 -16.74 -18.86 28.85
C PHE C 174 -17.15 -19.31 30.25
N LEU C 175 -16.16 -19.75 31.04
CA LEU C 175 -16.37 -20.24 32.40
C LEU C 175 -15.63 -19.39 33.40
N THR C 176 -16.27 -19.13 34.55
CA THR C 176 -15.52 -18.62 35.70
C THR C 176 -14.60 -19.71 36.26
N ALA C 177 -13.71 -19.30 37.17
CA ALA C 177 -12.83 -20.27 37.81
C ALA C 177 -13.62 -21.34 38.56
N GLU C 178 -14.66 -20.93 39.29
CA GLU C 178 -15.48 -21.90 40.01
C GLU C 178 -16.23 -22.81 39.05
N GLU C 179 -16.73 -22.26 37.94
CA GLU C 179 -17.39 -23.10 36.94
C GLU C 179 -16.41 -24.12 36.34
N ALA C 180 -15.15 -23.71 36.15
CA ALA C 180 -14.15 -24.64 35.61
C ALA C 180 -13.88 -25.79 36.58
N LYS C 181 -13.87 -25.50 37.89
CA LYS C 181 -13.73 -26.55 38.89
C LYS C 181 -14.92 -27.51 38.85
N GLU C 182 -16.14 -26.97 38.81
CA GLU C 182 -17.34 -27.80 38.67
C GLU C 182 -17.28 -28.66 37.41
N TYR C 183 -16.72 -28.13 36.32
CA TYR C 183 -16.65 -28.87 35.07
C TYR C 183 -15.60 -29.99 35.13
N GLY C 184 -14.61 -29.87 35.99
CA GLY C 184 -13.53 -30.83 36.05
C GLY C 184 -12.28 -30.43 35.30
N LEU C 185 -12.21 -29.17 34.81
CA LEU C 185 -11.03 -28.67 34.13
C LEU C 185 -9.90 -28.35 35.10
N ILE C 186 -10.23 -27.91 36.31
CA ILE C 186 -9.27 -27.68 37.38
C ILE C 186 -9.77 -28.41 38.61
N ASP C 187 -8.89 -28.49 39.62
CA ASP C 187 -9.22 -29.15 40.87
C ASP C 187 -9.61 -28.16 41.97
N GLU C 188 -9.01 -26.97 42.00
CA GLU C 188 -9.24 -26.03 43.09
C GLU C 188 -9.13 -24.61 42.56
N VAL C 189 -9.91 -23.72 43.15
CA VAL C 189 -9.71 -22.28 42.99
C VAL C 189 -8.76 -21.82 44.08
N MET C 190 -7.67 -21.17 43.70
CA MET C 190 -6.66 -20.71 44.67
C MET C 190 -7.21 -19.44 45.32
N VAL C 191 -7.61 -19.53 46.58
CA VAL C 191 -8.20 -18.41 47.31
C VAL C 191 -7.11 -17.61 48.02
N PRO C 192 -7.22 -16.28 48.11
CA PRO C 192 -6.18 -15.50 48.80
C PRO C 192 -6.32 -15.57 50.31
N GLU C 193 -5.18 -15.64 51.01
CA GLU C 193 -5.17 -15.45 52.46
C GLU C 193 -5.79 -14.10 52.82
N THR C 194 -5.33 -13.03 52.16
CA THR C 194 -5.88 -11.68 52.30
C THR C 194 -5.80 -11.18 53.75
N ILE D 4 17.61 2.98 27.22
CA ILE D 4 17.56 2.70 28.66
C ILE D 4 18.98 2.62 29.21
N PRO D 5 19.31 3.51 30.14
CA PRO D 5 20.69 3.56 30.65
C PRO D 5 21.02 2.37 31.52
N THR D 6 22.34 2.17 31.68
CA THR D 6 22.90 1.09 32.47
C THR D 6 23.51 1.67 33.74
N VAL D 7 23.40 0.90 34.83
CA VAL D 7 23.98 1.24 36.12
C VAL D 7 24.90 0.11 36.55
N ILE D 8 26.09 0.46 37.03
CA ILE D 8 27.07 -0.55 37.42
C ILE D 8 27.31 -0.46 38.92
N GLU D 9 26.97 -1.54 39.62
CA GLU D 9 27.10 -1.62 41.07
C GLU D 9 28.51 -2.03 41.47
N ARG D 16 26.61 -6.58 39.21
CA ARG D 16 27.30 -6.30 37.95
C ARG D 16 26.70 -5.08 37.26
N ALA D 17 26.23 -5.26 36.04
CA ALA D 17 25.61 -4.20 35.27
C ALA D 17 24.10 -4.44 35.21
N TYR D 18 23.33 -3.40 35.53
CA TYR D 18 21.86 -3.43 35.46
C TYR D 18 21.37 -2.38 34.48
N ASP D 19 20.34 -2.72 33.72
CA ASP D 19 19.51 -1.66 33.17
C ASP D 19 18.78 -0.97 34.33
N ILE D 20 18.28 0.25 34.07
CA ILE D 20 17.73 1.06 35.16
C ILE D 20 16.56 0.34 35.85
N TYR D 21 15.72 -0.35 35.07
CA TYR D 21 14.57 -1.02 35.65
C TYR D 21 14.99 -2.21 36.50
N SER D 22 15.98 -2.99 36.05
CA SER D 22 16.48 -4.09 36.87
C SER D 22 17.09 -3.58 38.17
N ARG D 23 17.72 -2.41 38.13
CA ARG D 23 18.27 -1.83 39.35
C ARG D 23 17.18 -1.44 40.34
N LEU D 24 16.08 -0.88 39.84
CA LEU D 24 14.95 -0.58 40.73
C LEU D 24 14.32 -1.85 41.30
N LEU D 25 14.25 -2.91 40.49
CA LEU D 25 13.65 -4.17 40.96
C LEU D 25 14.41 -4.72 42.18
N LYS D 26 15.73 -4.49 42.22
CA LYS D 26 16.53 -4.85 43.38
C LYS D 26 16.01 -4.21 44.66
N ASP D 27 15.42 -3.01 44.56
CA ASP D 27 14.80 -2.34 45.69
C ASP D 27 13.29 -2.59 45.77
N ARG D 28 12.81 -3.65 45.11
CA ARG D 28 11.42 -4.09 45.18
C ARG D 28 10.46 -3.10 44.50
N ILE D 29 10.93 -2.39 43.48
CA ILE D 29 10.10 -1.44 42.72
C ILE D 29 9.83 -2.04 41.34
N ILE D 30 8.57 -2.14 40.98
CA ILE D 30 8.13 -2.61 39.67
C ILE D 30 7.50 -1.44 38.93
N MET D 31 7.89 -1.25 37.67
CA MET D 31 7.35 -0.15 36.87
C MET D 31 6.38 -0.72 35.85
N LEU D 32 5.12 -0.36 35.96
CA LEU D 32 4.12 -0.71 34.96
C LEU D 32 3.87 0.58 34.18
N GLY D 33 4.57 0.74 33.06
CA GLY D 33 4.59 2.00 32.35
C GLY D 33 4.16 1.90 30.89
N SER D 34 3.20 1.04 30.59
CA SER D 34 2.77 0.87 29.21
C SER D 34 1.35 0.32 29.19
N GLN D 35 0.84 0.12 27.98
CA GLN D 35 -0.42 -0.59 27.81
C GLN D 35 -0.29 -2.00 28.37
N ILE D 36 -1.40 -2.53 28.86
CA ILE D 36 -1.43 -3.84 29.52
C ILE D 36 -1.88 -4.88 28.51
N ASP D 37 -0.95 -5.73 28.08
CA ASP D 37 -1.25 -6.90 27.25
C ASP D 37 -0.67 -8.12 27.94
N ASP D 38 -0.78 -9.28 27.29
CA ASP D 38 -0.33 -10.52 27.92
C ASP D 38 1.17 -10.51 28.19
N ASN D 39 1.98 -9.92 27.30
CA ASN D 39 3.42 -9.86 27.50
C ASN D 39 3.78 -9.03 28.72
N VAL D 40 3.15 -7.87 28.85
CA VAL D 40 3.36 -7.01 30.02
C VAL D 40 2.89 -7.71 31.29
N ALA D 41 1.71 -8.34 31.26
CA ALA D 41 1.22 -9.03 32.44
C ALA D 41 2.16 -10.15 32.87
N ASN D 42 2.64 -10.92 31.90
CA ASN D 42 3.59 -11.98 32.19
C ASN D 42 4.85 -11.43 32.88
N SER D 43 5.33 -10.27 32.44
CA SER D 43 6.49 -9.67 33.08
C SER D 43 6.17 -9.19 34.50
N ILE D 44 5.03 -8.50 34.68
CA ILE D 44 4.67 -7.97 35.99
C ILE D 44 4.43 -9.12 36.99
N VAL D 45 3.66 -10.12 36.58
CA VAL D 45 3.40 -11.29 37.43
C VAL D 45 4.72 -11.95 37.84
N SER D 46 5.61 -12.16 36.87
CA SER D 46 6.91 -12.79 37.16
C SER D 46 7.70 -11.99 38.18
N GLN D 47 7.71 -10.66 38.03
CA GLN D 47 8.38 -9.81 39.00
C GLN D 47 7.78 -9.91 40.39
N LEU D 48 6.45 -9.93 40.47
CA LEU D 48 5.76 -10.07 41.76
C LEU D 48 6.11 -11.40 42.41
N LEU D 49 6.09 -12.49 41.63
CA LEU D 49 6.42 -13.80 42.18
C LEU D 49 7.87 -13.84 42.63
N PHE D 50 8.77 -13.26 41.84
CA PHE D 50 10.18 -13.18 42.21
C PHE D 50 10.36 -12.42 43.53
N LEU D 51 9.72 -11.27 43.65
CA LEU D 51 9.86 -10.46 44.87
C LEU D 51 9.27 -11.18 46.10
N GLN D 52 8.11 -11.84 45.96
CA GLN D 52 7.59 -12.61 47.08
C GLN D 52 8.57 -13.69 47.51
N ALA D 53 9.18 -14.38 46.54
CA ALA D 53 10.14 -15.43 46.86
C ALA D 53 11.39 -14.86 47.53
N GLN D 54 11.83 -13.66 47.14
CA GLN D 54 12.98 -13.04 47.78
C GLN D 54 12.69 -12.66 49.24
N ASP D 55 11.47 -12.19 49.50
CA ASP D 55 11.10 -11.79 50.86
C ASP D 55 9.58 -11.70 50.93
N SER D 56 8.97 -12.61 51.69
CA SER D 56 7.52 -12.72 51.72
C SER D 56 6.88 -11.65 52.61
N GLU D 57 7.68 -10.85 53.33
CA GLU D 57 7.15 -9.90 54.30
C GLU D 57 7.30 -8.44 53.89
N LYS D 58 8.31 -8.09 53.10
CA LYS D 58 8.60 -6.70 52.79
C LYS D 58 7.68 -6.17 51.69
N ASP D 59 7.29 -4.91 51.82
CA ASP D 59 6.42 -4.27 50.83
C ASP D 59 7.04 -4.28 49.44
N ILE D 60 6.17 -4.30 48.43
CA ILE D 60 6.50 -4.10 47.02
C ILE D 60 5.90 -2.76 46.58
N TYR D 61 6.58 -2.06 45.66
CA TYR D 61 6.14 -0.76 45.17
C TYR D 61 5.84 -0.91 43.67
N LEU D 62 4.58 -0.77 43.30
CA LEU D 62 4.15 -0.90 41.91
C LEU D 62 3.79 0.50 41.39
N TYR D 63 4.66 1.07 40.55
CA TYR D 63 4.38 2.34 39.89
C TYR D 63 3.51 2.09 38.66
N ILE D 64 2.50 2.93 38.48
CA ILE D 64 1.54 2.76 37.38
C ILE D 64 1.47 4.06 36.59
N ASN D 65 1.89 4.00 35.33
CA ASN D 65 1.66 5.04 34.33
C ASN D 65 1.16 4.28 33.11
N SER D 66 -0.15 4.12 32.98
CA SER D 66 -0.68 3.17 31.99
C SER D 66 -2.02 3.65 31.44
N PRO D 67 -2.22 3.56 30.13
CA PRO D 67 -3.53 3.87 29.53
C PRO D 67 -4.54 2.74 29.63
N GLY D 68 -4.16 1.61 30.21
CA GLY D 68 -5.05 0.46 30.34
C GLY D 68 -4.66 -0.66 29.38
N GLY D 69 -5.63 -1.46 29.01
CA GLY D 69 -5.39 -2.58 28.12
C GLY D 69 -6.36 -3.72 28.40
N SER D 70 -5.88 -4.93 28.16
CA SER D 70 -6.71 -6.14 28.22
C SER D 70 -7.19 -6.41 29.64
N VAL D 71 -8.49 -6.72 29.78
CA VAL D 71 -9.06 -7.04 31.08
C VAL D 71 -8.45 -8.32 31.64
N THR D 72 -8.31 -9.36 30.81
CA THR D 72 -7.80 -10.62 31.35
C THR D 72 -6.34 -10.50 31.73
N ALA D 73 -5.55 -9.75 30.94
CA ALA D 73 -4.16 -9.51 31.33
C ALA D 73 -4.11 -8.73 32.64
N GLY D 74 -4.99 -7.73 32.78
CA GLY D 74 -5.10 -7.00 34.03
C GLY D 74 -5.44 -7.89 35.22
N PHE D 75 -6.36 -8.85 35.01
CA PHE D 75 -6.72 -9.74 36.12
C PHE D 75 -5.63 -10.73 36.48
N ALA D 76 -4.76 -11.11 35.53
CA ALA D 76 -3.59 -11.89 35.91
C ALA D 76 -2.75 -11.12 36.94
N ILE D 77 -2.57 -9.82 36.72
CA ILE D 77 -1.84 -8.98 37.68
C ILE D 77 -2.63 -8.83 38.98
N TYR D 78 -3.93 -8.49 38.86
CA TYR D 78 -4.77 -8.29 40.04
C TYR D 78 -4.75 -9.50 40.98
N ASP D 79 -4.99 -10.69 40.43
CA ASP D 79 -5.09 -11.89 41.26
C ASP D 79 -3.73 -12.25 41.88
N THR D 80 -2.64 -11.94 41.18
CA THR D 80 -1.31 -12.20 41.73
C THR D 80 -1.05 -11.28 42.91
N ILE D 81 -1.41 -9.99 42.77
CA ILE D 81 -1.32 -9.05 43.89
C ILE D 81 -2.08 -9.57 45.10
N GLN D 82 -3.32 -10.03 44.90
CA GLN D 82 -4.11 -10.45 46.06
C GLN D 82 -3.59 -11.75 46.63
N HIS D 83 -2.99 -12.60 45.79
CA HIS D 83 -2.55 -13.92 46.24
C HIS D 83 -1.27 -13.87 47.08
N ILE D 84 -0.29 -13.05 46.69
CA ILE D 84 1.03 -13.08 47.35
C ILE D 84 0.93 -12.46 48.74
N LYS D 85 1.90 -12.78 49.59
CA LYS D 85 1.89 -12.33 50.98
C LYS D 85 2.32 -10.87 51.17
N PRO D 86 3.37 -10.35 50.53
CA PRO D 86 3.75 -8.95 50.74
C PRO D 86 2.64 -7.97 50.35
N ASP D 87 2.57 -6.86 51.08
CA ASP D 87 1.72 -5.76 50.63
C ASP D 87 2.30 -5.16 49.35
N VAL D 88 1.42 -4.86 48.40
CA VAL D 88 1.82 -4.17 47.18
C VAL D 88 1.30 -2.74 47.27
N GLN D 89 2.21 -1.78 47.44
CA GLN D 89 1.83 -0.38 47.36
C GLN D 89 1.67 -0.02 45.89
N THR D 90 0.66 0.79 45.58
CA THR D 90 0.47 1.26 44.21
C THR D 90 0.65 2.76 44.18
N ILE D 91 1.37 3.25 43.16
CA ILE D 91 1.70 4.66 43.07
C ILE D 91 1.42 5.10 41.63
N CYS D 92 0.40 5.93 41.47
CA CYS D 92 0.06 6.47 40.15
C CYS D 92 0.92 7.70 39.85
N ILE D 93 1.66 7.66 38.74
CA ILE D 93 2.38 8.81 38.22
C ILE D 93 1.93 9.03 36.78
N GLY D 94 1.63 10.27 36.42
CA GLY D 94 1.18 10.55 35.07
C GLY D 94 -0.30 10.21 34.88
N MET D 95 -0.62 8.95 34.59
CA MET D 95 -2.00 8.59 34.30
C MET D 95 -2.22 7.13 34.67
N ALA D 96 -3.36 6.87 35.29
CA ALA D 96 -3.85 5.50 35.44
C ALA D 96 -5.26 5.46 34.86
N ALA D 97 -5.40 4.89 33.67
CA ALA D 97 -6.70 4.85 32.98
C ALA D 97 -7.13 3.40 32.78
N SER D 98 -8.55 3.38 32.92
CA SER D 98 -9.18 2.14 32.53
C SER D 98 -8.61 0.97 33.34
N MET D 99 -8.01 -0.19 32.75
CA MET D 99 -7.46 -1.27 33.59
C MET D 99 -6.30 -0.77 34.48
N GLY D 100 -5.65 0.33 34.05
CA GLY D 100 -4.66 0.97 34.89
C GLY D 100 -5.21 1.48 36.22
N SER D 101 -6.38 2.16 36.18
CA SER D 101 -6.96 2.64 37.43
C SER D 101 -7.54 1.51 38.26
N PHE D 102 -7.99 0.43 37.61
CA PHE D 102 -8.45 -0.73 38.35
C PHE D 102 -7.31 -1.34 39.15
N LEU D 103 -6.11 -1.45 38.55
CA LEU D 103 -4.97 -1.99 39.29
C LEU D 103 -4.49 -1.03 40.38
N LEU D 104 -4.57 0.28 40.13
CA LEU D 104 -4.25 1.27 41.16
C LEU D 104 -5.10 1.05 42.41
N ALA D 105 -6.40 0.84 42.22
CA ALA D 105 -7.33 0.59 43.33
C ALA D 105 -7.09 -0.76 44.00
N ALA D 106 -6.30 -1.63 43.36
CA ALA D 106 -6.02 -2.99 43.82
C ALA D 106 -4.90 -3.08 44.85
N GLY D 107 -4.14 -2.01 45.06
CA GLY D 107 -3.04 -2.02 46.01
C GLY D 107 -3.53 -2.24 47.44
N ALA D 108 -2.56 -2.53 48.32
CA ALA D 108 -2.86 -2.74 49.73
C ALA D 108 -3.60 -1.55 50.31
N LYS D 109 -4.68 -1.82 51.04
CA LYS D 109 -5.47 -0.72 51.58
C LYS D 109 -4.64 0.11 52.56
N GLY D 110 -4.69 1.43 52.40
CA GLY D 110 -3.81 2.34 53.10
C GLY D 110 -2.51 2.64 52.38
N LYS D 111 -2.17 1.90 51.33
CA LYS D 111 -0.90 2.08 50.64
C LYS D 111 -1.13 2.29 49.14
N ARG D 112 -2.23 2.94 48.77
CA ARG D 112 -2.51 3.31 47.38
C ARG D 112 -2.35 4.82 47.26
N PHE D 113 -1.48 5.25 46.35
CA PHE D 113 -1.04 6.63 46.26
C PHE D 113 -1.17 7.16 44.85
N ALA D 114 -1.29 8.48 44.74
CA ALA D 114 -1.11 9.18 43.47
C ALA D 114 -0.32 10.45 43.71
N LEU D 115 0.52 10.80 42.74
CA LEU D 115 1.20 12.08 42.77
C LEU D 115 0.17 13.18 42.45
N PRO D 116 0.44 14.43 42.86
CA PRO D 116 -0.62 15.47 42.85
C PRO D 116 -1.22 15.78 41.49
N ASN D 117 -0.45 15.70 40.40
CA ASN D 117 -0.92 16.03 39.06
C ASN D 117 -1.19 14.79 38.22
N ALA D 118 -1.16 13.61 38.84
CA ALA D 118 -1.51 12.39 38.14
C ALA D 118 -3.00 12.39 37.83
N GLU D 119 -3.34 11.76 36.72
CA GLU D 119 -4.72 11.66 36.27
C GLU D 119 -5.20 10.23 36.45
N VAL D 120 -6.45 10.08 36.84
CA VAL D 120 -7.08 8.77 36.97
C VAL D 120 -8.33 8.80 36.09
N MET D 121 -8.54 7.76 35.29
CA MET D 121 -9.75 7.72 34.47
C MET D 121 -10.42 6.37 34.61
N ILE D 122 -11.74 6.38 34.82
CA ILE D 122 -12.52 5.15 34.93
C ILE D 122 -13.61 5.17 33.86
N HIS D 123 -13.94 3.98 33.35
CA HIS D 123 -15.00 3.84 32.33
C HIS D 123 -15.32 2.36 32.20
N GLN D 124 -16.26 2.06 31.35
CA GLN D 124 -16.68 0.68 31.18
C GLN D 124 -15.83 -0.03 30.13
N PRO D 125 -15.85 -1.37 30.12
CA PRO D 125 -15.08 -2.12 29.13
C PRO D 125 -15.56 -1.86 27.70
N LEU D 126 -14.66 -2.12 26.77
CA LEU D 126 -14.86 -1.96 25.34
C LEU D 126 -14.44 -3.24 24.63
N GLY D 127 -15.04 -3.48 23.47
CA GLY D 127 -14.68 -4.65 22.72
C GLY D 127 -15.31 -4.65 21.35
N GLY D 128 -15.30 -5.82 20.75
CA GLY D 128 -15.82 -5.98 19.41
C GLY D 128 -16.35 -7.39 19.27
N ALA D 129 -17.22 -7.55 18.28
CA ALA D 129 -17.81 -8.84 17.98
C ALA D 129 -18.29 -8.79 16.55
N GLN D 130 -18.04 -9.87 15.82
CA GLN D 130 -18.45 -9.99 14.43
C GLN D 130 -18.87 -11.43 14.19
N GLY D 131 -19.93 -11.60 13.43
CA GLY D 131 -20.33 -12.95 13.03
C GLY D 131 -21.83 -13.13 13.11
N GLN D 132 -22.28 -14.37 13.32
CA GLN D 132 -23.70 -14.66 13.42
C GLN D 132 -24.30 -14.01 14.65
N ALA D 133 -25.62 -13.79 14.59
CA ALA D 133 -26.37 -13.27 15.73
C ALA D 133 -26.05 -14.03 17.03
N THR D 134 -26.01 -15.37 16.95
CA THR D 134 -25.69 -16.18 18.14
C THR D 134 -24.32 -15.83 18.69
N GLU D 135 -23.33 -15.61 17.81
CA GLU D 135 -21.97 -15.28 18.24
C GLU D 135 -21.91 -13.90 18.87
N ILE D 136 -22.64 -12.94 18.30
CA ILE D 136 -22.69 -11.59 18.86
C ILE D 136 -23.31 -11.62 20.24
N GLU D 137 -24.37 -12.42 20.40
CA GLU D 137 -25.03 -12.58 21.70
C GLU D 137 -24.04 -13.12 22.74
N ILE D 138 -23.29 -14.17 22.39
CA ILE D 138 -22.29 -14.71 23.30
C ILE D 138 -21.25 -13.66 23.68
N ALA D 139 -20.76 -12.90 22.68
CA ALA D 139 -19.78 -11.85 22.99
C ALA D 139 -20.38 -10.77 23.87
N ALA D 140 -21.62 -10.36 23.60
CA ALA D 140 -22.29 -9.36 24.43
C ALA D 140 -22.45 -9.85 25.87
N ASN D 141 -22.93 -11.08 26.05
CA ASN D 141 -23.09 -11.61 27.40
C ASN D 141 -21.75 -11.64 28.13
N HIS D 142 -20.67 -12.00 27.41
CA HIS D 142 -19.35 -12.07 28.02
C HIS D 142 -18.88 -10.70 28.49
N ILE D 143 -18.99 -9.67 27.63
CA ILE D 143 -18.49 -8.38 28.06
C ILE D 143 -19.38 -7.79 29.17
N LEU D 144 -20.70 -8.05 29.15
CA LEU D 144 -21.56 -7.57 30.22
C LEU D 144 -21.25 -8.26 31.56
N LYS D 145 -20.99 -9.56 31.51
CA LYS D 145 -20.59 -10.27 32.73
C LYS D 145 -19.24 -9.77 33.23
N THR D 146 -18.31 -9.48 32.32
CA THR D 146 -17.03 -8.90 32.71
C THR D 146 -17.24 -7.56 33.40
N ARG D 147 -18.11 -6.71 32.86
CA ARG D 147 -18.36 -5.42 33.51
C ARG D 147 -18.95 -5.61 34.92
N GLU D 148 -19.87 -6.55 35.08
CA GLU D 148 -20.43 -6.81 36.41
C GLU D 148 -19.35 -7.22 37.41
N LYS D 149 -18.44 -8.10 37.00
CA LYS D 149 -17.33 -8.52 37.87
C LYS D 149 -16.43 -7.34 38.23
N LEU D 150 -16.05 -6.53 37.24
CA LEU D 150 -15.22 -5.36 37.51
C LEU D 150 -15.91 -4.42 38.48
N ASN D 151 -17.22 -4.19 38.30
CA ASN D 151 -17.95 -3.26 39.15
C ASN D 151 -18.04 -3.77 40.58
N ARG D 152 -18.29 -5.07 40.75
CA ARG D 152 -18.34 -5.69 42.06
C ARG D 152 -17.01 -5.54 42.81
N ILE D 153 -15.90 -5.79 42.13
CA ILE D 153 -14.61 -5.64 42.79
C ILE D 153 -14.35 -4.17 43.10
N LEU D 154 -14.63 -3.27 42.16
CA LEU D 154 -14.36 -1.85 42.42
C LEU D 154 -15.21 -1.32 43.57
N SER D 155 -16.46 -1.80 43.69
CA SER D 155 -17.27 -1.48 44.86
C SER D 155 -16.59 -1.91 46.15
N GLU D 156 -16.06 -3.13 46.17
CA GLU D 156 -15.36 -3.63 47.34
C GLU D 156 -14.10 -2.81 47.62
N ARG D 157 -13.38 -2.38 46.58
CA ARG D 157 -12.12 -1.67 46.78
C ARG D 157 -12.33 -0.22 47.20
N THR D 158 -13.46 0.40 46.80
CA THR D 158 -13.66 1.82 47.03
C THR D 158 -14.65 2.12 48.15
N GLY D 159 -15.54 1.18 48.45
CA GLY D 159 -16.68 1.46 49.30
C GLY D 159 -17.88 2.09 48.60
N GLN D 160 -17.81 2.37 47.30
CA GLN D 160 -18.98 2.89 46.60
C GLN D 160 -19.92 1.75 46.25
N SER D 161 -21.21 2.06 46.11
CA SER D 161 -22.17 1.06 45.69
C SER D 161 -21.94 0.67 44.23
N ILE D 162 -22.35 -0.55 43.88
CA ILE D 162 -22.31 -1.01 42.50
C ILE D 162 -23.14 -0.10 41.59
N GLU D 163 -24.28 0.40 42.10
CA GLU D 163 -25.12 1.30 41.32
C GLU D 163 -24.40 2.60 40.98
N LYS D 164 -23.64 3.17 41.94
CA LYS D 164 -22.91 4.40 41.67
C LYS D 164 -21.75 4.15 40.70
N ILE D 165 -21.00 3.05 40.89
CA ILE D 165 -19.92 2.70 39.97
C ILE D 165 -20.46 2.56 38.55
N GLN D 166 -21.60 1.88 38.40
CA GLN D 166 -22.20 1.72 37.07
C GLN D 166 -22.45 3.07 36.42
N LYS D 167 -23.08 3.99 37.16
CA LYS D 167 -23.38 5.31 36.62
C LYS D 167 -22.11 6.08 36.30
N ASP D 168 -21.11 6.02 37.19
CA ASP D 168 -19.90 6.82 37.06
C ASP D 168 -18.96 6.29 35.98
N THR D 169 -19.15 5.07 35.49
CA THR D 169 -18.29 4.53 34.44
C THR D 169 -19.01 4.41 33.10
N ASP D 170 -20.23 4.96 32.99
CA ASP D 170 -20.98 4.86 31.74
C ASP D 170 -20.22 5.48 30.57
N ARG D 171 -19.58 6.63 30.80
CA ARG D 171 -18.69 7.27 29.87
C ARG D 171 -17.36 7.56 30.55
N ASP D 172 -16.36 8.00 29.77
CA ASP D 172 -15.04 8.31 30.34
C ASP D 172 -15.19 9.33 31.45
N ASN D 173 -14.60 9.02 32.60
CA ASN D 173 -14.73 9.86 33.78
C ASN D 173 -13.32 10.18 34.30
N PHE D 174 -12.85 11.41 34.08
CA PHE D 174 -11.50 11.82 34.44
C PHE D 174 -11.50 12.39 35.84
N LEU D 175 -10.62 11.86 36.70
CA LEU D 175 -10.49 12.30 38.09
C LEU D 175 -9.08 12.85 38.32
N THR D 176 -9.00 13.95 39.08
CA THR D 176 -7.71 14.35 39.65
C THR D 176 -7.32 13.37 40.76
N ALA D 177 -6.06 13.47 41.20
CA ALA D 177 -5.61 12.59 42.29
C ALA D 177 -6.47 12.79 43.53
N GLU D 178 -6.79 14.04 43.86
CA GLU D 178 -7.61 14.29 45.05
C GLU D 178 -9.03 13.74 44.89
N GLU D 179 -9.61 13.86 43.69
CA GLU D 179 -10.92 13.28 43.46
C GLU D 179 -10.87 11.76 43.55
N ALA D 180 -9.78 11.15 43.07
CA ALA D 180 -9.67 9.70 43.17
C ALA D 180 -9.59 9.26 44.62
N LYS D 181 -8.90 10.05 45.46
CA LYS D 181 -8.87 9.76 46.88
C LYS D 181 -10.27 9.86 47.49
N GLU D 182 -10.99 10.94 47.19
CA GLU D 182 -12.36 11.08 47.67
C GLU D 182 -13.25 9.92 47.21
N TYR D 183 -13.00 9.41 46.00
CA TYR D 183 -13.80 8.33 45.46
C TYR D 183 -13.49 7.00 46.16
N GLY D 184 -12.32 6.87 46.75
CA GLY D 184 -11.91 5.62 47.37
C GLY D 184 -11.03 4.76 46.50
N LEU D 185 -10.56 5.28 45.37
CA LEU D 185 -9.64 4.53 44.51
C LEU D 185 -8.23 4.52 45.07
N ILE D 186 -7.83 5.59 45.75
CA ILE D 186 -6.53 5.65 46.42
C ILE D 186 -6.78 6.10 47.85
N ASP D 187 -5.73 6.00 48.66
CA ASP D 187 -5.73 6.38 50.07
C ASP D 187 -5.08 7.74 50.32
N GLU D 188 -4.07 8.12 49.57
CA GLU D 188 -3.39 9.38 49.84
C GLU D 188 -2.86 9.98 48.55
N VAL D 189 -2.89 11.32 48.48
CA VAL D 189 -2.12 12.06 47.49
C VAL D 189 -0.74 12.34 48.08
N MET D 190 0.30 11.96 47.35
CA MET D 190 1.66 12.17 47.83
C MET D 190 2.00 13.64 47.59
N VAL D 191 1.91 14.49 48.61
CA VAL D 191 2.16 15.92 48.40
C VAL D 191 3.65 16.21 48.60
N PRO D 192 4.29 17.09 47.80
CA PRO D 192 5.72 17.37 47.97
C PRO D 192 6.01 18.06 49.31
N ILE E 4 25.76 5.39 19.33
CA ILE E 4 26.16 5.82 20.67
C ILE E 4 27.46 5.13 21.05
N PRO E 5 28.51 5.92 21.29
CA PRO E 5 29.81 5.32 21.63
C PRO E 5 29.82 4.74 23.04
N THR E 6 30.83 3.91 23.28
CA THR E 6 31.06 3.26 24.56
C THR E 6 32.26 3.88 25.25
N VAL E 7 32.20 3.98 26.58
CA VAL E 7 33.30 4.45 27.40
C VAL E 7 33.72 3.34 28.35
N ILE E 8 35.02 3.01 28.37
CA ILE E 8 35.56 1.93 29.17
C ILE E 8 36.35 2.53 30.33
N GLU E 9 35.92 2.25 31.55
CA GLU E 9 36.56 2.79 32.75
C GLU E 9 37.86 2.07 33.09
N TYR E 18 30.29 1.40 29.71
CA TYR E 18 29.17 2.34 29.63
C TYR E 18 28.92 2.83 28.20
N ASP E 19 27.65 2.90 27.79
CA ASP E 19 27.31 3.83 26.72
C ASP E 19 27.48 5.26 27.25
N ILE E 20 27.59 6.23 26.34
CA ILE E 20 27.93 7.59 26.76
C ILE E 20 26.89 8.14 27.74
N TYR E 21 25.61 7.81 27.55
CA TYR E 21 24.57 8.33 28.44
C TYR E 21 24.69 7.72 29.83
N SER E 22 24.96 6.42 29.90
CA SER E 22 25.14 5.79 31.22
C SER E 22 26.34 6.38 31.94
N ARG E 23 27.37 6.74 31.18
CA ARG E 23 28.54 7.37 31.80
C ARG E 23 28.21 8.73 32.37
N LEU E 24 27.38 9.52 31.67
CA LEU E 24 26.96 10.80 32.23
C LEU E 24 26.08 10.62 33.46
N LEU E 25 25.22 9.61 33.45
CA LEU E 25 24.33 9.36 34.59
C LEU E 25 25.13 9.08 35.86
N LYS E 26 26.31 8.47 35.72
CA LYS E 26 27.18 8.29 36.87
C LYS E 26 27.52 9.64 37.51
N ASP E 27 27.58 10.71 36.71
CA ASP E 27 27.81 12.05 37.20
C ASP E 27 26.51 12.84 37.42
N ARG E 28 25.37 12.15 37.52
CA ARG E 28 24.08 12.74 37.87
C ARG E 28 23.54 13.67 36.78
N ILE E 29 23.88 13.38 35.53
CA ILE E 29 23.38 14.12 34.39
C ILE E 29 22.38 13.23 33.64
N ILE E 30 21.18 13.76 33.42
CA ILE E 30 20.13 13.10 32.66
C ILE E 30 19.91 13.90 31.38
N MET E 31 19.88 13.22 30.24
CA MET E 31 19.74 13.88 28.95
C MET E 31 18.33 13.59 28.45
N LEU E 32 17.51 14.62 28.35
CA LEU E 32 16.18 14.51 27.76
C LEU E 32 16.26 15.13 26.38
N GLY E 33 16.47 14.30 25.36
CA GLY E 33 16.76 14.74 24.01
C GLY E 33 15.82 14.21 22.96
N SER E 34 14.54 14.09 23.28
CA SER E 34 13.57 13.58 22.32
C SER E 34 12.18 14.06 22.70
N GLN E 35 11.21 13.65 21.90
CA GLN E 35 9.82 13.82 22.27
C GLN E 35 9.53 13.08 23.58
N ILE E 36 8.59 13.61 24.34
CA ILE E 36 8.24 13.05 25.64
C ILE E 36 7.04 12.13 25.45
N ASP E 37 7.25 10.83 25.53
CA ASP E 37 6.17 9.86 25.56
C ASP E 37 6.31 9.02 26.82
N ASP E 38 5.42 8.03 26.98
CA ASP E 38 5.43 7.25 28.22
C ASP E 38 6.74 6.51 28.43
N ASN E 39 7.35 6.02 27.36
CA ASN E 39 8.63 5.30 27.49
C ASN E 39 9.72 6.23 27.98
N VAL E 40 9.80 7.43 27.39
CA VAL E 40 10.79 8.42 27.83
C VAL E 40 10.55 8.82 29.28
N ALA E 41 9.29 9.06 29.65
CA ALA E 41 8.97 9.46 31.02
C ALA E 41 9.31 8.36 32.02
N ASN E 42 8.99 7.11 31.71
CA ASN E 42 9.35 6.03 32.61
C ASN E 42 10.85 5.95 32.83
N SER E 43 11.62 6.14 31.77
CA SER E 43 13.07 6.12 31.89
C SER E 43 13.59 7.28 32.73
N ILE E 44 13.08 8.50 32.48
CA ILE E 44 13.52 9.68 33.20
C ILE E 44 13.13 9.57 34.68
N VAL E 45 11.89 9.16 34.95
CA VAL E 45 11.46 8.96 36.34
C VAL E 45 12.37 7.94 37.04
N SER E 46 12.66 6.82 36.37
CA SER E 46 13.51 5.79 36.97
C SER E 46 14.91 6.33 37.27
N GLN E 47 15.45 7.14 36.35
CA GLN E 47 16.75 7.76 36.57
C GLN E 47 16.74 8.70 37.76
N LEU E 48 15.69 9.52 37.88
CA LEU E 48 15.58 10.44 39.01
C LEU E 48 15.50 9.68 40.33
N LEU E 49 14.69 8.60 40.36
CA LEU E 49 14.57 7.81 41.60
C LEU E 49 15.89 7.14 41.95
N PHE E 50 16.58 6.60 40.95
CA PHE E 50 17.90 6.01 41.17
C PHE E 50 18.89 7.04 41.73
N LEU E 51 18.94 8.23 41.12
CA LEU E 51 19.87 9.26 41.58
C LEU E 51 19.55 9.71 42.99
N GLN E 52 18.26 9.84 43.33
CA GLN E 52 17.90 10.17 44.71
C GLN E 52 18.38 9.08 45.68
N ALA E 53 18.24 7.81 45.30
CA ALA E 53 18.69 6.71 46.18
C ALA E 53 20.21 6.68 46.30
N GLN E 54 20.93 7.02 45.22
CA GLN E 54 22.39 7.04 45.28
C GLN E 54 22.90 8.16 46.16
N ASP E 55 22.24 9.32 46.13
CA ASP E 55 22.69 10.48 46.88
C ASP E 55 21.50 11.42 47.00
N SER E 56 20.98 11.59 48.22
CA SER E 56 19.77 12.37 48.37
C SER E 56 20.02 13.88 48.44
N GLU E 57 21.28 14.30 48.50
CA GLU E 57 21.58 15.72 48.72
C GLU E 57 22.20 16.40 47.51
N LYS E 58 22.90 15.67 46.65
CA LYS E 58 23.61 16.29 45.54
C LYS E 58 22.66 16.63 44.40
N ASP E 59 22.91 17.79 43.77
CA ASP E 59 22.09 18.23 42.66
C ASP E 59 22.10 17.22 41.52
N ILE E 60 21.00 17.21 40.77
CA ILE E 60 20.88 16.49 39.51
C ILE E 60 20.80 17.52 38.39
N TYR E 61 21.34 17.18 37.22
CA TYR E 61 21.36 18.08 36.06
C TYR E 61 20.52 17.45 34.95
N LEU E 62 19.40 18.09 34.60
CA LEU E 62 18.52 17.62 33.54
C LEU E 62 18.67 18.53 32.33
N TYR E 63 19.34 18.02 31.29
CA TYR E 63 19.46 18.73 30.02
C TYR E 63 18.20 18.48 29.20
N ILE E 64 17.67 19.53 28.59
CA ILE E 64 16.41 19.43 27.85
C ILE E 64 16.63 19.94 26.44
N ASN E 65 16.48 19.04 25.46
CA ASN E 65 16.39 19.38 24.04
C ASN E 65 15.21 18.57 23.51
N SER E 66 14.01 19.16 23.52
CA SER E 66 12.79 18.40 23.32
C SER E 66 11.73 19.23 22.61
N PRO E 67 11.03 18.67 21.62
CA PRO E 67 9.89 19.38 21.03
C PRO E 67 8.60 19.26 21.83
N GLY E 68 8.61 18.54 22.95
CA GLY E 68 7.41 18.36 23.76
C GLY E 68 6.86 16.95 23.66
N GLY E 69 5.55 16.79 23.89
CA GLY E 69 4.94 15.48 23.84
C GLY E 69 3.75 15.41 24.80
N SER E 70 3.53 14.21 25.33
CA SER E 70 2.33 13.88 26.10
C SER E 70 2.29 14.67 27.41
N VAL E 71 1.12 15.24 27.72
CA VAL E 71 0.97 15.99 28.98
C VAL E 71 1.09 15.05 30.17
N THR E 72 0.44 13.90 30.13
CA THR E 72 0.50 13.02 31.30
C THR E 72 1.92 12.48 31.49
N ALA E 73 2.61 12.21 30.38
CA ALA E 73 4.00 11.76 30.48
C ALA E 73 4.86 12.86 31.09
N GLY E 74 4.65 14.11 30.64
CA GLY E 74 5.35 15.23 31.24
C GLY E 74 5.06 15.39 32.72
N PHE E 75 3.80 15.20 33.13
CA PHE E 75 3.49 15.35 34.55
C PHE E 75 4.08 14.22 35.40
N ALA E 76 4.29 13.04 34.82
CA ALA E 76 5.04 12.01 35.55
C ALA E 76 6.42 12.52 35.91
N ILE E 77 7.09 13.16 34.95
CA ILE E 77 8.42 13.73 35.21
C ILE E 77 8.30 14.92 36.15
N TYR E 78 7.41 15.86 35.86
CA TYR E 78 7.24 17.04 36.72
C TYR E 78 7.02 16.65 38.18
N ASP E 79 6.07 15.76 38.45
CA ASP E 79 5.76 15.41 39.84
C ASP E 79 6.93 14.70 40.51
N THR E 80 7.70 13.91 39.75
CA THR E 80 8.87 13.25 40.34
C THR E 80 9.95 14.27 40.71
N ILE E 81 10.20 15.26 39.83
CA ILE E 81 11.13 16.34 40.18
C ILE E 81 10.72 16.99 41.49
N GLN E 82 9.44 17.34 41.62
CA GLN E 82 9.01 18.05 42.82
C GLN E 82 9.05 17.14 44.05
N HIS E 83 8.88 15.83 43.85
CA HIS E 83 8.80 14.92 44.99
C HIS E 83 10.16 14.66 45.61
N ILE E 84 11.20 14.45 44.79
CA ILE E 84 12.49 13.97 45.31
C ILE E 84 13.22 15.08 46.07
N LYS E 85 14.17 14.65 46.92
CA LYS E 85 14.90 15.59 47.78
C LYS E 85 15.97 16.40 47.05
N PRO E 86 16.80 15.82 46.19
CA PRO E 86 17.80 16.65 45.48
C PRO E 86 17.15 17.70 44.61
N ASP E 87 17.81 18.86 44.52
CA ASP E 87 17.46 19.88 43.53
C ASP E 87 17.73 19.34 42.14
N VAL E 88 16.84 19.65 41.20
CA VAL E 88 17.05 19.30 39.80
C VAL E 88 17.31 20.59 39.03
N GLN E 89 18.54 20.77 38.55
CA GLN E 89 18.84 21.89 37.66
C GLN E 89 18.36 21.53 36.27
N THR E 90 17.77 22.50 35.55
CA THR E 90 17.33 22.27 34.18
C THR E 90 18.15 23.15 33.24
N ILE E 91 18.60 22.57 32.13
CA ILE E 91 19.47 23.27 31.19
C ILE E 91 18.90 23.05 29.79
N CYS E 92 18.40 24.13 29.19
CA CYS E 92 17.88 24.06 27.84
C CYS E 92 19.02 24.22 26.84
N ILE E 93 19.19 23.22 25.98
CA ILE E 93 20.09 23.29 24.85
C ILE E 93 19.27 23.01 23.60
N GLY E 94 19.48 23.81 22.57
CA GLY E 94 18.74 23.64 21.34
C GLY E 94 17.33 24.21 21.41
N MET E 95 16.39 23.43 21.94
CA MET E 95 14.99 23.87 21.98
C MET E 95 14.29 23.19 23.17
N ALA E 96 13.51 23.95 23.91
CA ALA E 96 12.56 23.39 24.87
C ALA E 96 11.19 23.92 24.44
N ALA E 97 10.40 23.06 23.81
CA ALA E 97 9.08 23.46 23.30
C ALA E 97 7.98 22.66 23.99
N SER E 98 6.84 23.48 24.23
CA SER E 98 5.61 22.87 24.67
C SER E 98 5.78 22.16 26.03
N MET E 99 5.67 20.75 26.22
CA MET E 99 5.95 20.15 27.51
C MET E 99 7.45 20.26 27.88
N GLY E 100 8.31 20.41 26.87
CA GLY E 100 9.72 20.68 27.13
C GLY E 100 9.96 21.97 27.90
N SER E 101 9.28 23.05 27.49
CA SER E 101 9.45 24.31 28.21
C SER E 101 8.79 24.28 29.57
N PHE E 102 7.70 23.53 29.71
CA PHE E 102 7.08 23.38 31.02
C PHE E 102 8.05 22.70 32.00
N LEU E 103 8.75 21.65 31.55
CA LEU E 103 9.71 20.97 32.41
C LEU E 103 10.93 21.84 32.68
N LEU E 104 11.34 22.64 31.69
CA LEU E 104 12.42 23.60 31.91
C LEU E 104 12.10 24.53 33.06
N ALA E 105 10.88 25.07 33.06
CA ALA E 105 10.41 25.99 34.10
C ALA E 105 10.22 25.31 35.44
N ALA E 106 10.17 23.97 35.46
CA ALA E 106 9.94 23.18 36.66
C ALA E 106 11.21 22.92 37.48
N GLY E 107 12.38 23.29 36.94
CA GLY E 107 13.62 23.08 37.67
C GLY E 107 13.66 23.88 38.97
N ALA E 108 14.63 23.52 39.82
CA ALA E 108 14.80 24.21 41.10
C ALA E 108 14.99 25.71 40.88
N LYS E 109 14.32 26.52 41.68
CA LYS E 109 14.40 27.97 41.52
C LYS E 109 15.83 28.45 41.73
N GLY E 110 16.29 29.32 40.83
CA GLY E 110 17.67 29.73 40.80
C GLY E 110 18.56 28.82 39.98
N LYS E 111 18.06 27.66 39.53
CA LYS E 111 18.90 26.69 38.86
C LYS E 111 18.29 26.25 37.54
N ARG E 112 17.57 27.15 36.87
CA ARG E 112 17.01 26.90 35.55
C ARG E 112 17.77 27.77 34.54
N PHE E 113 18.33 27.13 33.52
CA PHE E 113 19.26 27.78 32.62
C PHE E 113 18.88 27.51 31.17
N ALA E 114 19.32 28.40 30.28
CA ALA E 114 19.33 28.12 28.85
C ALA E 114 20.66 28.60 28.28
N LEU E 115 21.17 27.87 27.29
CA LEU E 115 22.32 28.31 26.54
C LEU E 115 21.91 29.47 25.64
N PRO E 116 22.86 30.33 25.23
CA PRO E 116 22.49 31.62 24.61
C PRO E 116 21.66 31.52 23.34
N ASN E 117 21.84 30.48 22.53
CA ASN E 117 21.13 30.33 21.27
C ASN E 117 20.03 29.29 21.32
N ALA E 118 19.74 28.76 22.51
CA ALA E 118 18.63 27.82 22.69
C ALA E 118 17.31 28.57 22.57
N GLU E 119 16.31 27.87 22.06
CA GLU E 119 14.99 28.45 21.88
C GLU E 119 13.99 27.84 22.84
N VAL E 120 13.04 28.65 23.29
CA VAL E 120 11.95 28.20 24.16
C VAL E 120 10.65 28.53 23.45
N MET E 121 9.70 27.59 23.44
CA MET E 121 8.39 27.86 22.85
C MET E 121 7.29 27.41 23.80
N ILE E 122 6.28 28.26 24.00
CA ILE E 122 5.14 27.93 24.84
C ILE E 122 3.86 28.04 24.01
N HIS E 123 2.88 27.18 24.32
CA HIS E 123 1.59 27.21 23.63
C HIS E 123 0.59 26.38 24.42
N GLN E 124 -0.65 26.36 23.96
CA GLN E 124 -1.68 25.65 24.68
C GLN E 124 -1.71 24.18 24.26
N PRO E 125 -2.33 23.31 25.05
CA PRO E 125 -2.38 21.89 24.67
C PRO E 125 -3.18 21.66 23.40
N LEU E 126 -2.88 20.52 22.77
CA LEU E 126 -3.52 20.05 21.55
C LEU E 126 -4.03 18.63 21.76
N GLY E 127 -5.05 18.26 21.01
CA GLY E 127 -5.59 16.92 21.13
C GLY E 127 -6.61 16.65 20.06
N GLY E 128 -7.38 15.59 20.28
CA GLY E 128 -8.38 15.16 19.34
C GLY E 128 -9.54 14.54 20.09
N ALA E 129 -10.68 14.49 19.42
CA ALA E 129 -11.89 13.94 20.00
C ALA E 129 -12.77 13.46 18.87
N GLN E 130 -13.36 12.28 19.03
CA GLN E 130 -14.20 11.66 18.03
C GLN E 130 -15.31 10.90 18.74
N GLY E 131 -16.52 10.96 18.21
CA GLY E 131 -17.60 10.13 18.74
C GLY E 131 -18.87 10.95 18.87
N GLN E 132 -19.73 10.51 19.79
CA GLN E 132 -20.99 11.19 20.03
C GLN E 132 -20.74 12.59 20.61
N ALA E 133 -21.72 13.46 20.42
CA ALA E 133 -21.65 14.80 21.01
C ALA E 133 -21.27 14.74 22.50
N THR E 134 -21.89 13.83 23.27
CA THR E 134 -21.55 13.69 24.69
C THR E 134 -20.08 13.36 24.89
N GLU E 135 -19.53 12.49 24.04
CA GLU E 135 -18.12 12.12 24.16
C GLU E 135 -17.22 13.30 23.80
N ILE E 136 -17.59 14.06 22.77
CA ILE E 136 -16.79 15.24 22.41
C ILE E 136 -16.81 16.26 23.56
N GLU E 137 -17.97 16.41 24.21
CA GLU E 137 -18.06 17.32 25.35
C GLU E 137 -17.12 16.89 26.48
N ILE E 138 -17.12 15.59 26.81
CA ILE E 138 -16.22 15.08 27.85
C ILE E 138 -14.77 15.37 27.50
N ALA E 139 -14.39 15.11 26.25
CA ALA E 139 -13.01 15.35 25.81
C ALA E 139 -12.65 16.84 25.87
N ALA E 140 -13.57 17.72 25.44
CA ALA E 140 -13.32 19.14 25.49
C ALA E 140 -13.14 19.62 26.93
N ASN E 141 -14.04 19.20 27.82
CA ASN E 141 -13.90 19.59 29.22
C ASN E 141 -12.56 19.12 29.80
N HIS E 142 -12.13 17.92 29.44
CA HIS E 142 -10.86 17.40 29.95
C HIS E 142 -9.68 18.24 29.45
N ILE E 143 -9.62 18.54 28.14
CA ILE E 143 -8.47 19.30 27.67
C ILE E 143 -8.51 20.73 28.21
N LEU E 144 -9.70 21.30 28.40
CA LEU E 144 -9.79 22.63 28.99
C LEU E 144 -9.35 22.64 30.45
N LYS E 145 -9.74 21.61 31.21
CA LYS E 145 -9.27 21.52 32.59
C LYS E 145 -7.75 21.30 32.65
N THR E 146 -7.21 20.49 31.74
CA THR E 146 -5.77 20.31 31.66
C THR E 146 -5.06 21.62 31.38
N ARG E 147 -5.58 22.42 30.43
CA ARG E 147 -4.96 23.70 30.16
C ARG E 147 -4.96 24.62 31.37
N GLU E 148 -6.08 24.67 32.11
CA GLU E 148 -6.13 25.52 33.31
C GLU E 148 -5.06 25.11 34.32
N LYS E 149 -4.88 23.80 34.54
CA LYS E 149 -3.87 23.30 35.47
C LYS E 149 -2.46 23.69 35.03
N LEU E 150 -2.15 23.48 33.75
CA LEU E 150 -0.83 23.86 33.23
C LEU E 150 -0.59 25.36 33.38
N ASN E 151 -1.61 26.17 33.08
CA ASN E 151 -1.44 27.62 33.15
C ASN E 151 -1.22 28.08 34.58
N ARG E 152 -1.96 27.52 35.54
CA ARG E 152 -1.79 27.86 36.94
C ARG E 152 -0.39 27.51 37.43
N ILE E 153 0.10 26.32 37.08
CA ILE E 153 1.45 25.95 37.49
C ILE E 153 2.48 26.86 36.83
N LEU E 154 2.32 27.13 35.53
CA LEU E 154 3.28 28.01 34.86
C LEU E 154 3.25 29.41 35.46
N SER E 155 2.06 29.87 35.87
CA SER E 155 1.95 31.14 36.59
C SER E 155 2.78 31.10 37.87
N GLU E 156 2.66 30.01 38.64
CA GLU E 156 3.42 29.88 39.88
C GLU E 156 4.92 29.80 39.63
N ARG E 157 5.34 29.13 38.56
CA ARG E 157 6.77 28.95 38.31
C ARG E 157 7.43 30.21 37.75
N THR E 158 6.68 31.07 37.06
CA THR E 158 7.24 32.25 36.39
C THR E 158 6.98 33.55 37.13
N GLY E 159 5.94 33.62 37.96
CA GLY E 159 5.50 34.88 38.50
C GLY E 159 4.58 35.69 37.60
N GLN E 160 4.25 35.21 36.40
CA GLN E 160 3.28 35.90 35.55
C GLN E 160 1.86 35.56 35.99
N SER E 161 0.93 36.46 35.73
CA SER E 161 -0.47 36.17 36.05
C SER E 161 -1.01 35.09 35.12
N ILE E 162 -2.04 34.38 35.61
CA ILE E 162 -2.71 33.38 34.80
C ILE E 162 -3.29 34.00 33.54
N GLU E 163 -3.82 35.22 33.66
CA GLU E 163 -4.40 35.89 32.50
C GLU E 163 -3.36 36.14 31.42
N LYS E 164 -2.15 36.55 31.84
CA LYS E 164 -1.08 36.78 30.87
C LYS E 164 -0.59 35.48 30.24
N ILE E 165 -0.43 34.42 31.06
CA ILE E 165 -0.04 33.12 30.52
C ILE E 165 -1.06 32.65 29.47
N GLN E 166 -2.35 32.77 29.79
CA GLN E 166 -3.40 32.37 28.86
C GLN E 166 -3.28 33.12 27.53
N LYS E 167 -3.07 34.44 27.60
CA LYS E 167 -2.92 35.23 26.38
C LYS E 167 -1.67 34.82 25.61
N ASP E 168 -0.57 34.61 26.32
CA ASP E 168 0.72 34.35 25.69
C ASP E 168 0.85 32.93 25.13
N THR E 169 -0.07 32.02 25.47
CA THR E 169 -0.02 30.66 24.97
C THR E 169 -1.13 30.36 23.97
N ASP E 170 -1.91 31.37 23.58
CA ASP E 170 -3.04 31.15 22.67
C ASP E 170 -2.58 30.53 21.34
N ARG E 171 -1.44 30.99 20.83
CA ARG E 171 -0.76 30.44 19.66
C ARG E 171 0.68 30.16 20.02
N ASP E 172 1.42 29.52 19.09
CA ASP E 172 2.84 29.25 19.32
C ASP E 172 3.58 30.56 19.60
N ASN E 173 4.36 30.58 20.68
CA ASN E 173 5.05 31.78 21.14
C ASN E 173 6.51 31.42 21.35
N PHE E 174 7.39 31.84 20.42
CA PHE E 174 8.81 31.49 20.43
C PHE E 174 9.60 32.57 21.18
N LEU E 175 10.43 32.15 22.15
CA LEU E 175 11.23 33.07 22.96
C LEU E 175 12.72 32.76 22.80
N THR E 176 13.56 33.80 22.74
CA THR E 176 14.99 33.60 22.90
C THR E 176 15.30 33.26 24.37
N ALA E 177 16.54 32.83 24.61
CA ALA E 177 16.97 32.55 25.98
C ALA E 177 16.81 33.79 26.86
N GLU E 178 17.21 34.96 26.36
CA GLU E 178 17.07 36.19 27.14
C GLU E 178 15.60 36.52 27.38
N GLU E 179 14.75 36.32 26.37
CA GLU E 179 13.32 36.55 26.58
C GLU E 179 12.75 35.57 27.60
N ALA E 180 13.21 34.32 27.60
CA ALA E 180 12.70 33.36 28.57
C ALA E 180 13.10 33.75 29.99
N LYS E 181 14.30 34.30 30.16
CA LYS E 181 14.71 34.80 31.47
C LYS E 181 13.82 35.96 31.91
N GLU E 182 13.60 36.93 31.01
CA GLU E 182 12.70 38.05 31.34
C GLU E 182 11.31 37.55 31.69
N TYR E 183 10.85 36.49 31.01
CA TYR E 183 9.51 35.96 31.25
C TYR E 183 9.42 35.24 32.59
N GLY E 184 10.54 34.75 33.12
CA GLY E 184 10.53 33.98 34.34
C GLY E 184 10.55 32.47 34.13
N LEU E 185 10.75 31.99 32.90
CA LEU E 185 10.83 30.54 32.65
C LEU E 185 12.18 29.97 33.05
N ILE E 186 13.24 30.76 32.96
CA ILE E 186 14.57 30.36 33.44
C ILE E 186 15.07 31.47 34.33
N ASP E 187 16.15 31.19 35.05
CA ASP E 187 16.77 32.16 35.94
C ASP E 187 17.97 32.84 35.31
N GLU E 188 18.70 32.15 34.46
CA GLU E 188 19.93 32.72 33.91
C GLU E 188 20.19 32.16 32.53
N VAL E 189 20.78 32.99 31.67
CA VAL E 189 21.38 32.54 30.43
C VAL E 189 22.81 32.11 30.75
N MET E 190 23.17 30.88 30.39
CA MET E 190 24.49 30.33 30.69
C MET E 190 25.55 30.90 29.76
N VAL E 191 26.49 31.63 30.34
CA VAL E 191 27.61 32.31 29.68
C VAL E 191 28.76 31.31 29.57
N PRO E 192 29.59 31.36 28.52
CA PRO E 192 30.65 30.35 28.37
C PRO E 192 31.63 30.35 29.54
N GLU E 193 32.14 29.16 29.86
CA GLU E 193 33.16 29.07 30.90
C GLU E 193 34.54 29.06 30.25
N ILE F 4 30.38 -1.99 12.52
CA ILE F 4 31.46 -1.27 13.17
C ILE F 4 32.38 -2.24 13.89
N PRO F 5 33.63 -2.31 13.45
CA PRO F 5 34.58 -3.27 14.05
C PRO F 5 34.93 -2.91 15.50
N THR F 6 35.47 -3.90 16.19
CA THR F 6 35.84 -3.80 17.59
C THR F 6 37.36 -3.76 17.77
N VAL F 7 37.81 -3.00 18.77
CA VAL F 7 39.23 -2.94 19.09
C VAL F 7 39.47 -3.39 20.54
N TYR F 18 36.09 -1.96 22.76
CA TYR F 18 35.63 -0.73 22.11
C TYR F 18 35.25 -0.95 20.64
N ASP F 19 34.12 -0.37 20.23
CA ASP F 19 33.91 -0.13 18.81
C ASP F 19 34.90 0.94 18.34
N ILE F 20 35.09 1.04 17.02
CA ILE F 20 36.14 1.92 16.50
C ILE F 20 35.95 3.36 16.97
N TYR F 21 34.69 3.81 17.03
CA TYR F 21 34.43 5.19 17.45
C TYR F 21 34.75 5.39 18.92
N SER F 22 34.41 4.41 19.75
CA SER F 22 34.73 4.51 21.17
C SER F 22 36.24 4.58 21.39
N ARG F 23 37.00 3.89 20.54
CA ARG F 23 38.45 3.93 20.63
C ARG F 23 39.00 5.31 20.23
N LEU F 24 38.42 5.94 19.20
CA LEU F 24 38.85 7.29 18.83
C LEU F 24 38.48 8.29 19.92
N LEU F 25 37.35 8.09 20.58
CA LEU F 25 36.93 8.99 21.65
C LEU F 25 37.92 9.00 22.81
N LYS F 26 38.57 7.86 23.05
CA LYS F 26 39.64 7.81 24.05
C LYS F 26 40.76 8.78 23.73
N ASP F 27 41.00 9.04 22.45
CA ASP F 27 42.00 10.02 22.01
C ASP F 27 41.38 11.40 21.73
N ARG F 28 40.17 11.65 22.24
CA ARG F 28 39.50 12.95 22.18
C ARG F 28 39.06 13.33 20.76
N ILE F 29 38.74 12.32 19.97
CA ILE F 29 38.25 12.48 18.60
C ILE F 29 36.77 12.13 18.56
N ILE F 30 35.95 13.05 18.05
CA ILE F 30 34.52 12.85 17.85
C ILE F 30 34.26 12.85 16.35
N MET F 31 33.49 11.86 15.89
CA MET F 31 33.15 11.73 14.48
C MET F 31 31.69 12.13 14.31
N LEU F 32 31.45 13.24 13.60
CA LEU F 32 30.09 13.64 13.21
C LEU F 32 29.95 13.28 11.74
N GLY F 33 29.36 12.12 11.47
CA GLY F 33 29.33 11.58 10.14
C GLY F 33 27.94 11.24 9.62
N SER F 34 26.94 12.05 9.94
CA SER F 34 25.58 11.75 9.49
C SER F 34 24.78 13.05 9.47
N GLN F 35 23.50 12.94 9.09
CA GLN F 35 22.58 14.05 9.26
C GLN F 35 22.51 14.42 10.74
N ILE F 36 22.24 15.70 11.00
CA ILE F 36 22.19 16.21 12.37
C ILE F 36 20.73 16.26 12.81
N ASP F 37 20.33 15.37 13.71
CA ASP F 37 19.02 15.40 14.31
C ASP F 37 19.20 15.43 15.83
N ASP F 38 18.08 15.37 16.57
CA ASP F 38 18.17 15.49 18.02
C ASP F 38 19.00 14.37 18.62
N ASN F 39 18.89 13.15 18.08
CA ASN F 39 19.66 12.03 18.61
C ASN F 39 21.16 12.23 18.42
N VAL F 40 21.57 12.67 17.22
CA VAL F 40 22.97 12.92 16.95
C VAL F 40 23.50 14.05 17.84
N ALA F 41 22.73 15.13 17.97
CA ALA F 41 23.14 16.24 18.82
C ALA F 41 23.30 15.80 20.27
N ASN F 42 22.37 14.99 20.78
CA ASN F 42 22.46 14.50 22.15
CA ASN F 42 22.50 14.55 22.16
C ASN F 42 23.76 13.72 22.36
N SER F 43 24.11 12.88 21.40
CA SER F 43 25.34 12.09 21.48
C SER F 43 26.58 12.99 21.43
N ILE F 44 26.64 13.93 20.47
CA ILE F 44 27.81 14.80 20.32
C ILE F 44 27.99 15.66 21.56
N VAL F 45 26.89 16.26 22.04
CA VAL F 45 26.95 17.06 23.28
C VAL F 45 27.47 16.22 24.44
N SER F 46 26.94 15.00 24.58
CA SER F 46 27.38 14.11 25.66
C SER F 46 28.88 13.81 25.55
N GLN F 47 29.36 13.54 24.34
CA GLN F 47 30.80 13.30 24.13
C GLN F 47 31.62 14.53 24.49
N LEU F 48 31.16 15.71 24.08
CA LEU F 48 31.89 16.95 24.42
C LEU F 48 31.96 17.15 25.93
N LEU F 49 30.84 16.95 26.62
CA LEU F 49 30.82 17.13 28.07
C LEU F 49 31.72 16.09 28.76
N PHE F 50 31.68 14.86 28.29
CA PHE F 50 32.55 13.81 28.81
C PHE F 50 34.02 14.17 28.65
N LEU F 51 34.41 14.61 27.45
CA LEU F 51 35.81 14.96 27.21
C LEU F 51 36.25 16.14 28.08
N GLN F 52 35.41 17.16 28.25
CA GLN F 52 35.77 18.26 29.15
C GLN F 52 35.98 17.76 30.57
N ALA F 53 35.13 16.86 31.05
CA ALA F 53 35.25 16.32 32.41
C ALA F 53 36.51 15.48 32.57
N GLN F 54 36.94 14.78 31.53
CA GLN F 54 38.19 14.01 31.60
C GLN F 54 39.42 14.92 31.65
N ASP F 55 39.42 16.02 30.88
CA ASP F 55 40.57 16.93 30.84
C ASP F 55 40.08 18.24 30.23
N SER F 56 40.06 19.30 31.06
CA SER F 56 39.47 20.56 30.66
C SER F 56 40.40 21.42 29.83
N GLU F 57 41.65 21.00 29.62
CA GLU F 57 42.65 21.80 28.95
C GLU F 57 43.05 21.29 27.57
N LYS F 58 42.95 19.98 27.33
CA LYS F 58 43.43 19.39 26.09
C LYS F 58 42.43 19.60 24.96
N ASP F 59 42.94 19.83 23.74
CA ASP F 59 42.09 20.03 22.57
C ASP F 59 41.19 18.81 22.29
N ILE F 60 40.04 19.09 21.67
CA ILE F 60 39.14 18.09 21.12
C ILE F 60 39.13 18.21 19.60
N TYR F 61 38.97 17.07 18.92
CA TYR F 61 38.96 17.01 17.47
C TYR F 61 37.58 16.53 17.00
N LEU F 62 36.87 17.39 16.28
CA LEU F 62 35.53 17.08 15.74
C LEU F 62 35.64 16.96 14.22
N TYR F 63 35.57 15.73 13.71
CA TYR F 63 35.50 15.47 12.28
C TYR F 63 34.07 15.66 11.80
N ILE F 64 33.91 16.34 10.66
CA ILE F 64 32.58 16.65 10.14
C ILE F 64 32.46 16.14 8.71
N ASN F 65 31.56 15.18 8.50
CA ASN F 65 31.10 14.75 7.17
C ASN F 65 29.58 14.64 7.29
N SER F 66 28.88 15.73 6.95
CA SER F 66 27.46 15.80 7.25
C SER F 66 26.71 16.61 6.20
N PRO F 67 25.55 16.14 5.75
CA PRO F 67 24.70 16.95 4.86
C PRO F 67 23.89 18.00 5.58
N GLY F 68 24.00 18.10 6.90
CA GLY F 68 23.26 19.09 7.65
C GLY F 68 22.12 18.48 8.44
N GLY F 69 21.09 19.26 8.72
CA GLY F 69 19.97 18.77 9.51
C GLY F 69 19.32 19.90 10.30
N SER F 70 18.80 19.52 11.46
CA SER F 70 17.96 20.39 12.28
C SER F 70 18.76 21.59 12.81
N VAL F 71 18.17 22.78 12.71
CA VAL F 71 18.84 23.98 13.20
C VAL F 71 18.99 23.93 14.73
N THR F 72 17.92 23.56 15.44
CA THR F 72 18.02 23.57 16.91
C THR F 72 18.97 22.48 17.39
N ALA F 73 18.99 21.33 16.72
CA ALA F 73 19.95 20.28 17.09
C ALA F 73 21.38 20.78 16.85
N GLY F 74 21.59 21.49 15.74
CA GLY F 74 22.88 22.12 15.49
C GLY F 74 23.27 23.13 16.56
N PHE F 75 22.31 23.95 17.03
CA PHE F 75 22.65 24.92 18.06
C PHE F 75 22.94 24.29 19.41
N ALA F 76 22.34 23.14 19.71
CA ALA F 76 22.76 22.40 20.90
C ALA F 76 24.25 22.08 20.85
N ILE F 77 24.72 21.62 19.70
CA ILE F 77 26.15 21.33 19.53
C ILE F 77 26.96 22.62 19.57
N TYR F 78 26.56 23.62 18.78
CA TYR F 78 27.27 24.89 18.72
C TYR F 78 27.46 25.52 20.10
N ASP F 79 26.37 25.61 20.87
CA ASP F 79 26.46 26.27 22.16
C ASP F 79 27.33 25.47 23.13
N THR F 80 27.32 24.13 23.02
CA THR F 80 28.19 23.32 23.87
C THR F 80 29.66 23.54 23.51
N ILE F 81 29.98 23.58 22.21
CA ILE F 81 31.36 23.88 21.81
C ILE F 81 31.82 25.19 22.44
N GLN F 82 30.99 26.24 22.34
CA GLN F 82 31.43 27.54 22.84
C GLN F 82 31.47 27.55 24.36
N HIS F 83 30.65 26.73 25.02
CA HIS F 83 30.56 26.76 26.48
C HIS F 83 31.77 26.11 27.16
N ILE F 84 32.22 24.95 26.65
CA ILE F 84 33.23 24.17 27.37
C ILE F 84 34.60 24.84 27.28
N LYS F 85 35.51 24.44 28.18
CA LYS F 85 36.82 25.07 28.24
C LYS F 85 37.77 24.64 27.13
N PRO F 86 37.90 23.34 26.79
CA PRO F 86 38.84 22.95 25.74
C PRO F 86 38.49 23.56 24.39
N ASP F 87 39.53 23.85 23.61
CA ASP F 87 39.35 24.19 22.20
C ASP F 87 38.82 22.98 21.44
N VAL F 88 37.89 23.21 20.52
CA VAL F 88 37.40 22.14 19.65
C VAL F 88 37.89 22.44 18.24
N GLN F 89 38.78 21.58 17.73
CA GLN F 89 39.20 21.68 16.35
C GLN F 89 38.13 21.05 15.46
N THR F 90 37.87 21.65 14.30
CA THR F 90 36.92 21.05 13.37
C THR F 90 37.65 20.69 12.09
N ILE F 91 37.33 19.51 11.55
CA ILE F 91 38.01 18.98 10.37
C ILE F 91 36.93 18.47 9.42
N CYS F 92 36.78 19.14 8.28
CA CYS F 92 35.83 18.73 7.26
C CYS F 92 36.46 17.67 6.36
N ILE F 93 35.82 16.50 6.29
CA ILE F 93 36.17 15.46 5.34
C ILE F 93 34.93 15.13 4.52
N GLY F 94 35.11 15.00 3.22
CA GLY F 94 33.98 14.68 2.36
C GLY F 94 33.10 15.88 2.08
N MET F 95 32.18 16.19 2.98
CA MET F 95 31.26 17.31 2.75
C MET F 95 30.81 17.85 4.09
N ALA F 96 30.78 19.17 4.20
CA ALA F 96 30.10 19.84 5.30
C ALA F 96 29.06 20.77 4.68
N ALA F 97 27.80 20.36 4.74
CA ALA F 97 26.73 21.13 4.13
C ALA F 97 25.76 21.63 5.21
N SER F 98 25.28 22.90 4.79
CA SER F 98 24.17 23.47 5.55
C SER F 98 24.52 23.65 7.02
N MET F 99 23.79 22.95 8.04
CA MET F 99 24.19 23.01 9.45
C MET F 99 25.56 22.38 9.68
N GLY F 100 25.96 21.45 8.80
CA GLY F 100 27.32 20.92 8.84
C GLY F 100 28.39 21.99 8.65
N SER F 101 28.19 22.88 7.66
CA SER F 101 29.17 23.96 7.44
C SER F 101 29.11 25.00 8.55
N PHE F 102 27.93 25.20 9.16
CA PHE F 102 27.82 26.12 10.29
C PHE F 102 28.67 25.63 11.46
N LEU F 103 28.62 24.32 11.74
CA LEU F 103 29.41 23.77 12.83
C LEU F 103 30.90 23.77 12.50
N LEU F 104 31.25 23.54 11.23
CA LEU F 104 32.64 23.64 10.81
C LEU F 104 33.21 25.01 11.13
N ALA F 105 32.44 26.07 10.83
CA ALA F 105 32.86 27.45 11.11
C ALA F 105 32.91 27.76 12.60
N ALA F 106 32.30 26.91 13.43
CA ALA F 106 32.20 27.11 14.87
C ALA F 106 33.42 26.62 15.64
N GLY F 107 34.33 25.90 15.00
CA GLY F 107 35.53 25.43 15.70
C GLY F 107 36.42 26.58 16.16
N ALA F 108 37.38 26.23 17.03
CA ALA F 108 38.29 27.23 17.58
C ALA F 108 39.00 27.99 16.45
N LYS F 109 39.02 29.31 16.54
CA LYS F 109 39.65 30.09 15.46
C LYS F 109 41.12 29.75 15.37
N GLY F 110 41.59 29.51 14.15
CA GLY F 110 42.92 28.96 13.90
C GLY F 110 42.98 27.45 13.83
N LYS F 111 41.91 26.75 14.22
CA LYS F 111 41.91 25.30 14.28
C LYS F 111 40.71 24.71 13.53
N ARG F 112 40.30 25.38 12.45
CA ARG F 112 39.25 24.91 11.55
C ARG F 112 39.90 24.51 10.23
N PHE F 113 39.69 23.26 9.83
CA PHE F 113 40.40 22.67 8.71
C PHE F 113 39.44 21.98 7.75
N ALA F 114 39.88 21.86 6.49
CA ALA F 114 39.26 20.95 5.54
C ALA F 114 40.34 20.23 4.74
N LEU F 115 40.07 18.98 4.40
CA LEU F 115 40.94 18.23 3.50
C LEU F 115 40.80 18.76 2.07
N PRO F 116 41.82 18.56 1.23
CA PRO F 116 41.90 19.30 -0.05
C PRO F 116 40.72 19.08 -0.99
N ASN F 117 40.11 17.89 -0.98
CA ASN F 117 38.99 17.59 -1.86
C ASN F 117 37.65 17.59 -1.12
N ALA F 118 37.62 18.03 0.13
CA ALA F 118 36.36 18.16 0.83
C ALA F 118 35.57 19.34 0.26
N GLU F 119 34.25 19.22 0.29
CA GLU F 119 33.35 20.25 -0.21
C GLU F 119 32.59 20.90 0.94
N VAL F 120 32.31 22.19 0.81
CA VAL F 120 31.51 22.91 1.78
C VAL F 120 30.33 23.53 1.05
N MET F 121 29.13 23.45 1.63
CA MET F 121 27.97 24.06 1.01
C MET F 121 27.22 24.90 2.04
N ILE F 122 26.83 26.12 1.65
CA ILE F 122 26.07 27.00 2.53
C ILE F 122 24.77 27.36 1.80
N HIS F 123 23.70 27.52 2.58
CA HIS F 123 22.39 27.92 2.04
C HIS F 123 21.50 28.35 3.20
N GLN F 124 20.32 28.84 2.88
CA GLN F 124 19.40 29.35 3.89
C GLN F 124 18.55 28.23 4.47
N PRO F 125 17.95 28.46 5.64
CA PRO F 125 17.09 27.40 6.24
C PRO F 125 15.87 27.09 5.39
N LEU F 126 15.35 25.88 5.62
CA LEU F 126 14.17 25.34 4.96
C LEU F 126 13.19 24.86 6.01
N GLY F 127 11.90 24.86 5.66
CA GLY F 127 10.91 24.40 6.61
C GLY F 127 9.52 24.32 6.02
N GLY F 128 8.52 24.29 6.88
CA GLY F 128 7.15 24.17 6.43
C GLY F 128 6.28 24.92 7.40
N ALA F 129 5.07 25.24 6.94
CA ALA F 129 4.07 25.91 7.73
C ALA F 129 2.72 25.54 7.16
N GLN F 130 1.77 25.22 8.03
CA GLN F 130 0.45 24.80 7.60
C GLN F 130 -0.57 25.31 8.62
N GLY F 131 -1.72 25.76 8.12
CA GLY F 131 -2.79 26.12 9.05
C GLY F 131 -3.41 27.45 8.67
N GLN F 132 -3.96 28.14 9.66
CA GLN F 132 -4.56 29.45 9.48
C GLN F 132 -3.50 30.48 9.09
N ALA F 133 -3.95 31.54 8.40
CA ALA F 133 -3.06 32.65 8.06
C ALA F 133 -2.21 33.11 9.26
N THR F 134 -2.83 33.28 10.42
CA THR F 134 -2.09 33.68 11.63
C THR F 134 -0.99 32.68 11.98
N GLU F 135 -1.28 31.38 11.84
CA GLU F 135 -0.28 30.36 12.15
C GLU F 135 0.86 30.39 11.15
N ILE F 136 0.54 30.59 9.87
CA ILE F 136 1.58 30.69 8.85
C ILE F 136 2.47 31.89 9.11
N GLU F 137 1.86 33.01 9.52
CA GLU F 137 2.61 34.22 9.86
C GLU F 137 3.59 33.94 11.00
N ILE F 138 3.12 33.26 12.05
CA ILE F 138 4.00 32.91 13.17
C ILE F 138 5.16 32.04 12.71
N ALA F 139 4.89 31.00 11.91
CA ALA F 139 5.97 30.14 11.44
C ALA F 139 6.95 30.90 10.54
N ALA F 140 6.43 31.76 9.66
CA ALA F 140 7.30 32.54 8.79
C ALA F 140 8.20 33.45 9.61
N ASN F 141 7.62 34.15 10.58
CA ASN F 141 8.41 35.03 11.43
C ASN F 141 9.49 34.25 12.16
N HIS F 142 9.16 33.05 12.62
CA HIS F 142 10.14 32.24 13.34
C HIS F 142 11.31 31.83 12.44
N ILE F 143 11.02 31.33 11.24
CA ILE F 143 12.13 30.87 10.40
C ILE F 143 12.96 32.06 9.92
N LEU F 144 12.33 33.22 9.70
CA LEU F 144 13.07 34.41 9.29
C LEU F 144 13.97 34.91 10.42
N LYS F 145 13.48 34.91 11.67
CA LYS F 145 14.34 35.28 12.79
C LYS F 145 15.47 34.27 12.99
N THR F 146 15.19 32.99 12.77
CA THR F 146 16.24 31.98 12.83
C THR F 146 17.32 32.25 11.78
N ARG F 147 16.93 32.61 10.55
CA ARG F 147 17.94 32.94 9.54
C ARG F 147 18.76 34.15 9.96
N GLU F 148 18.12 35.17 10.53
CA GLU F 148 18.86 36.33 11.00
C GLU F 148 19.89 35.94 12.06
N LYS F 149 19.50 35.07 12.99
CA LYS F 149 20.42 34.59 14.02
C LYS F 149 21.60 33.84 13.42
N LEU F 150 21.32 32.92 12.48
CA LEU F 150 22.38 32.17 11.81
C LEU F 150 23.33 33.11 11.08
N ASN F 151 22.78 34.10 10.37
CA ASN F 151 23.64 35.00 9.59
C ASN F 151 24.53 35.84 10.49
N ARG F 152 23.98 36.31 11.60
CA ARG F 152 24.74 37.11 12.55
C ARG F 152 25.94 36.33 13.09
N ILE F 153 25.71 35.08 13.50
CA ILE F 153 26.81 34.29 14.04
C ILE F 153 27.83 33.94 12.96
N LEU F 154 27.34 33.53 11.78
CA LEU F 154 28.27 33.19 10.69
C LEU F 154 29.09 34.42 10.29
N SER F 155 28.47 35.62 10.33
CA SER F 155 29.21 36.86 10.11
C SER F 155 30.34 37.00 11.13
N GLU F 156 30.04 36.78 12.40
CA GLU F 156 31.05 36.85 13.45
C GLU F 156 32.14 35.79 13.26
N ARG F 157 31.75 34.59 12.82
CA ARG F 157 32.72 33.49 12.68
C ARG F 157 33.61 33.63 11.45
N THR F 158 33.13 34.29 10.40
CA THR F 158 33.84 34.36 9.13
C THR F 158 34.48 35.70 8.83
N GLY F 159 34.00 36.79 9.44
CA GLY F 159 34.36 38.13 9.04
C GLY F 159 33.60 38.69 7.85
N GLN F 160 32.66 37.93 7.26
CA GLN F 160 31.84 38.46 6.18
C GLN F 160 30.67 39.25 6.77
N SER F 161 30.16 40.21 6.00
CA SER F 161 29.02 40.96 6.48
C SER F 161 27.76 40.11 6.44
N ILE F 162 26.80 40.49 7.27
CA ILE F 162 25.48 39.85 7.23
C ILE F 162 24.85 39.97 5.86
N GLU F 163 25.03 41.13 5.20
CA GLU F 163 24.46 41.31 3.87
C GLU F 163 25.06 40.34 2.86
N LYS F 164 26.39 40.15 2.90
CA LYS F 164 27.01 39.18 2.00
C LYS F 164 26.53 37.75 2.30
N ILE F 165 26.45 37.37 3.57
CA ILE F 165 25.99 36.02 3.90
C ILE F 165 24.57 35.80 3.41
N GLN F 166 23.70 36.78 3.62
CA GLN F 166 22.31 36.67 3.15
C GLN F 166 22.27 36.42 1.64
N LYS F 167 23.01 37.22 0.88
CA LYS F 167 23.03 37.07 -0.57
C LYS F 167 23.61 35.73 -0.98
N ASP F 168 24.68 35.30 -0.32
CA ASP F 168 25.36 34.08 -0.73
C ASP F 168 24.62 32.82 -0.33
N THR F 169 23.64 32.89 0.56
CA THR F 169 22.91 31.70 0.99
C THR F 169 21.51 31.66 0.40
N ASP F 170 21.18 32.59 -0.51
CA ASP F 170 19.86 32.60 -1.12
C ASP F 170 19.54 31.28 -1.81
N ARG F 171 20.53 30.69 -2.50
CA ARG F 171 20.43 29.36 -3.09
C ARG F 171 21.63 28.53 -2.63
N ASP F 172 21.60 27.23 -2.94
CA ASP F 172 22.72 26.36 -2.59
C ASP F 172 24.00 26.92 -3.17
N ASN F 173 25.02 27.04 -2.33
CA ASN F 173 26.28 27.66 -2.74
C ASN F 173 27.41 26.70 -2.37
N PHE F 174 27.98 26.02 -3.37
CA PHE F 174 29.01 25.01 -3.18
C PHE F 174 30.39 25.64 -3.26
N LEU F 175 31.23 25.36 -2.25
CA LEU F 175 32.59 25.87 -2.16
C LEU F 175 33.60 24.72 -2.10
N THR F 176 34.72 24.89 -2.79
CA THR F 176 35.90 24.03 -2.56
C THR F 176 36.56 24.38 -1.22
N ALA F 177 37.49 23.52 -0.78
CA ALA F 177 38.22 23.77 0.45
C ALA F 177 38.95 25.10 0.40
N GLU F 178 39.60 25.39 -0.73
CA GLU F 178 40.29 26.68 -0.84
C GLU F 178 39.30 27.83 -0.80
N GLU F 179 38.16 27.68 -1.46
CA GLU F 179 37.15 28.74 -1.40
C GLU F 179 36.60 28.91 0.00
N ALA F 180 36.45 27.81 0.75
CA ALA F 180 35.97 27.92 2.13
C ALA F 180 36.96 28.69 2.98
N LYS F 181 38.26 28.48 2.75
CA LYS F 181 39.29 29.24 3.45
C LYS F 181 39.21 30.73 3.13
N GLU F 182 39.10 31.06 1.83
CA GLU F 182 38.93 32.46 1.44
C GLU F 182 37.69 33.09 2.06
N TYR F 183 36.62 32.29 2.22
CA TYR F 183 35.38 32.80 2.77
C TYR F 183 35.49 33.07 4.27
N GLY F 184 36.42 32.40 4.96
CA GLY F 184 36.56 32.50 6.39
C GLY F 184 35.84 31.38 7.15
N LEU F 185 35.35 30.35 6.46
CA LEU F 185 34.68 29.24 7.11
C LEU F 185 35.70 28.32 7.78
N ILE F 186 36.89 28.21 7.20
CA ILE F 186 37.99 27.45 7.79
C ILE F 186 39.22 28.35 7.78
N ASP F 187 40.25 27.89 8.50
CA ASP F 187 41.52 28.60 8.61
C ASP F 187 42.59 28.04 7.69
N GLU F 188 42.58 26.73 7.42
CA GLU F 188 43.63 26.11 6.63
C GLU F 188 43.09 24.90 5.90
N VAL F 189 43.60 24.69 4.68
CA VAL F 189 43.43 23.44 3.97
C VAL F 189 44.56 22.52 4.43
N MET F 190 44.19 21.33 4.92
CA MET F 190 45.16 20.38 5.48
C MET F 190 45.92 19.67 4.38
N VAL F 191 47.23 19.92 4.31
CA VAL F 191 48.11 19.33 3.31
C VAL F 191 48.63 18.00 3.83
N PRO F 192 48.84 16.99 2.97
CA PRO F 192 49.30 15.68 3.45
C PRO F 192 50.67 15.70 4.15
N ILE G 4 28.18 -12.96 10.95
CA ILE G 4 29.62 -12.73 11.05
C ILE G 4 30.17 -13.54 12.21
N PRO G 5 31.08 -14.47 11.94
CA PRO G 5 31.63 -15.31 13.00
C PRO G 5 32.57 -14.54 13.92
N THR G 6 32.78 -15.14 15.09
CA THR G 6 33.62 -14.61 16.16
C THR G 6 34.92 -15.40 16.31
N ALA G 17 37.44 -11.49 22.54
CA ALA G 17 36.60 -11.95 21.43
C ALA G 17 36.48 -10.89 20.34
N TYR G 18 36.78 -11.29 19.11
CA TYR G 18 36.68 -10.43 17.95
C TYR G 18 35.66 -11.00 16.98
N ASP G 19 34.92 -10.11 16.32
CA ASP G 19 34.34 -10.52 15.04
C ASP G 19 35.45 -10.62 14.00
N ILE G 20 35.18 -11.32 12.91
CA ILE G 20 36.24 -11.64 11.95
C ILE G 20 36.91 -10.38 11.41
N TYR G 21 36.13 -9.31 11.19
CA TYR G 21 36.69 -8.07 10.65
C TYR G 21 37.60 -7.39 11.65
N SER G 22 37.21 -7.37 12.92
CA SER G 22 38.06 -6.79 13.95
C SER G 22 39.38 -7.53 14.04
N ARG G 23 39.33 -8.85 13.82
CA ARG G 23 40.56 -9.65 13.86
C ARG G 23 41.49 -9.31 12.71
N LEU G 24 40.94 -9.08 11.52
CA LEU G 24 41.75 -8.66 10.38
C LEU G 24 42.34 -7.27 10.61
N LEU G 25 41.58 -6.38 11.25
CA LEU G 25 42.08 -5.03 11.50
C LEU G 25 43.31 -5.07 12.39
N LYS G 26 43.38 -6.05 13.29
CA LYS G 26 44.59 -6.25 14.10
C LYS G 26 45.82 -6.44 13.22
N ASP G 27 45.65 -7.04 12.04
CA ASP G 27 46.74 -7.21 11.09
C ASP G 27 46.77 -6.10 10.03
N ARG G 28 46.12 -4.96 10.30
CA ARG G 28 46.16 -3.77 9.45
C ARG G 28 45.47 -3.98 8.10
N ILE G 29 44.43 -4.83 8.09
CA ILE G 29 43.62 -5.11 6.91
C ILE G 29 42.25 -4.47 7.11
N ILE G 30 41.82 -3.67 6.14
CA ILE G 30 40.51 -3.03 6.10
C ILE G 30 39.73 -3.61 4.92
N MET G 31 38.49 -4.02 5.16
CA MET G 31 37.64 -4.63 4.15
C MET G 31 36.58 -3.60 3.74
N LEU G 32 36.65 -3.13 2.51
CA LEU G 32 35.59 -2.29 1.94
C LEU G 32 34.77 -3.18 1.01
N GLY G 33 33.64 -3.67 1.52
CA GLY G 33 32.84 -4.66 0.81
C GLY G 33 31.38 -4.27 0.60
N SER G 34 31.11 -3.00 0.33
CA SER G 34 29.74 -2.55 0.16
C SER G 34 29.71 -1.28 -0.68
N GLN G 35 28.49 -0.77 -0.90
CA GLN G 35 28.33 0.57 -1.46
C GLN G 35 28.98 1.59 -0.51
N ILE G 36 29.44 2.69 -1.09
CA ILE G 36 30.12 3.74 -0.32
C ILE G 36 29.10 4.82 0.00
N ASP G 37 28.72 4.93 1.26
CA ASP G 37 27.90 6.02 1.77
C ASP G 37 28.63 6.66 2.95
N ASP G 38 27.99 7.64 3.59
CA ASP G 38 28.65 8.34 4.69
C ASP G 38 28.98 7.41 5.86
N ASN G 39 28.09 6.46 6.16
CA ASN G 39 28.35 5.54 7.27
C ASN G 39 29.58 4.69 7.00
N VAL G 40 29.69 4.16 5.78
CA VAL G 40 30.85 3.35 5.40
C VAL G 40 32.11 4.19 5.42
N ALA G 41 32.05 5.40 4.86
CA ALA G 41 33.22 6.27 4.83
C ALA G 41 33.70 6.60 6.25
N ASN G 42 32.77 6.91 7.16
CA ASN G 42 33.14 7.23 8.53
CA ASN G 42 33.18 7.24 8.52
C ASN G 42 33.89 6.06 9.17
N SER G 43 33.45 4.85 8.90
CA SER G 43 34.08 3.66 9.45
C SER G 43 35.47 3.45 8.84
N ILE G 44 35.58 3.57 7.51
CA ILE G 44 36.88 3.35 6.87
C ILE G 44 37.88 4.42 7.32
N VAL G 45 37.44 5.67 7.37
CA VAL G 45 38.30 6.77 7.84
C VAL G 45 38.78 6.51 9.26
N SER G 46 37.86 6.14 10.14
CA SER G 46 38.21 5.86 11.54
C SER G 46 39.23 4.73 11.65
N GLN G 47 39.03 3.67 10.86
CA GLN G 47 39.99 2.56 10.85
C GLN G 47 41.37 3.02 10.36
N LEU G 48 41.40 3.86 9.32
CA LEU G 48 42.68 4.37 8.82
C LEU G 48 43.37 5.22 9.88
N LEU G 49 42.63 6.09 10.56
CA LEU G 49 43.22 6.92 11.60
C LEU G 49 43.72 6.06 12.76
N PHE G 50 42.93 5.06 13.14
CA PHE G 50 43.34 4.12 14.20
C PHE G 50 44.65 3.42 13.85
N LEU G 51 44.75 2.89 12.63
CA LEU G 51 45.94 2.16 12.23
C LEU G 51 47.17 3.07 12.17
N GLN G 52 47.01 4.31 11.67
CA GLN G 52 48.13 5.25 11.69
C GLN G 52 48.60 5.52 13.11
N ALA G 53 47.65 5.65 14.04
CA ALA G 53 48.01 5.92 15.44
C ALA G 53 48.71 4.74 16.07
N GLN G 54 48.34 3.51 15.68
CA GLN G 54 49.03 2.34 16.22
C GLN G 54 50.45 2.23 15.69
N ASP G 55 50.66 2.55 14.41
CA ASP G 55 51.98 2.42 13.81
C ASP G 55 52.02 3.26 12.53
N SER G 56 52.80 4.34 12.54
CA SER G 56 52.78 5.29 11.45
C SER G 56 53.62 4.85 10.25
N GLU G 57 54.34 3.73 10.36
CA GLU G 57 55.28 3.31 9.33
C GLU G 57 54.84 2.06 8.56
N LYS G 58 54.07 1.18 9.18
CA LYS G 58 53.72 -0.09 8.56
C LYS G 58 52.58 0.10 7.54
N ASP G 59 52.66 -0.64 6.44
CA ASP G 59 51.65 -0.58 5.40
C ASP G 59 50.26 -0.97 5.93
N ILE G 60 49.23 -0.41 5.28
CA ILE G 60 47.84 -0.77 5.46
C ILE G 60 47.34 -1.45 4.18
N TYR G 61 46.45 -2.43 4.34
CA TYR G 61 45.88 -3.18 3.22
C TYR G 61 44.38 -2.94 3.15
N LEU G 62 43.93 -2.30 2.06
CA LEU G 62 42.52 -1.98 1.84
C LEU G 62 41.97 -2.87 0.73
N TYR G 63 41.16 -3.85 1.09
CA TYR G 63 40.46 -4.66 0.10
C TYR G 63 39.21 -3.94 -0.38
N ILE G 64 38.97 -3.96 -1.69
CA ILE G 64 37.87 -3.22 -2.30
C ILE G 64 37.03 -4.18 -3.14
N ASN G 65 35.77 -4.36 -2.75
CA ASN G 65 34.72 -5.03 -3.52
C ASN G 65 33.49 -4.13 -3.39
N SER G 66 33.31 -3.21 -4.33
CA SER G 66 32.32 -2.16 -4.13
C SER G 66 31.71 -1.76 -5.46
N PRO G 67 30.38 -1.58 -5.52
CA PRO G 67 29.75 -1.03 -6.72
C PRO G 67 29.84 0.48 -6.82
N GLY G 68 30.44 1.15 -5.84
CA GLY G 68 30.57 2.59 -5.86
C GLY G 68 29.66 3.26 -4.85
N GLY G 69 29.28 4.52 -5.11
CA GLY G 69 28.44 5.24 -4.17
C GLY G 69 28.73 6.73 -4.22
N SER G 70 28.56 7.37 -3.07
CA SER G 70 28.61 8.83 -2.98
C SER G 70 30.00 9.37 -3.26
N VAL G 71 30.08 10.41 -4.11
CA VAL G 71 31.36 11.02 -4.43
C VAL G 71 31.99 11.66 -3.21
N THR G 72 31.21 12.39 -2.41
CA THR G 72 31.79 13.06 -1.24
C THR G 72 32.24 12.05 -0.19
N ALA G 73 31.47 10.97 0.01
CA ALA G 73 31.91 9.92 0.93
C ALA G 73 33.20 9.27 0.46
N GLY G 74 33.30 9.03 -0.86
CA GLY G 74 34.54 8.51 -1.42
C GLY G 74 35.72 9.44 -1.20
N PHE G 75 35.52 10.76 -1.34
CA PHE G 75 36.63 11.68 -1.13
C PHE G 75 37.03 11.78 0.33
N ALA G 76 36.12 11.54 1.27
CA ALA G 76 36.54 11.44 2.66
C ALA G 76 37.59 10.33 2.81
N ILE G 77 37.34 9.18 2.19
CA ILE G 77 38.31 8.08 2.23
C ILE G 77 39.57 8.47 1.46
N TYR G 78 39.40 8.96 0.22
CA TYR G 78 40.54 9.33 -0.62
C TYR G 78 41.48 10.30 0.09
N ASP G 79 40.93 11.39 0.66
CA ASP G 79 41.80 12.38 1.29
C ASP G 79 42.47 11.82 2.55
N THR G 80 41.80 10.94 3.27
CA THR G 80 42.42 10.33 4.45
C THR G 80 43.58 9.43 4.04
N ILE G 81 43.39 8.62 2.98
CA ILE G 81 44.51 7.82 2.46
C ILE G 81 45.71 8.71 2.14
N GLN G 82 45.48 9.80 1.41
CA GLN G 82 46.60 10.63 0.99
C GLN G 82 47.24 11.36 2.18
N HIS G 83 46.45 11.63 3.22
CA HIS G 83 46.93 12.41 4.36
C HIS G 83 47.85 11.60 5.27
N ILE G 84 47.47 10.36 5.58
CA ILE G 84 48.18 9.63 6.61
C ILE G 84 49.56 9.20 6.13
N LYS G 85 50.41 8.86 7.10
CA LYS G 85 51.80 8.53 6.79
C LYS G 85 51.96 7.12 6.20
N PRO G 86 51.33 6.07 6.73
CA PRO G 86 51.52 4.74 6.14
C PRO G 86 51.04 4.66 4.69
N ASP G 87 51.73 3.83 3.90
CA ASP G 87 51.25 3.47 2.58
C ASP G 87 49.99 2.62 2.72
N VAL G 88 49.01 2.87 1.85
CA VAL G 88 47.79 2.07 1.80
C VAL G 88 47.83 1.28 0.51
N GLN G 89 47.98 -0.03 0.61
CA GLN G 89 47.87 -0.90 -0.55
C GLN G 89 46.39 -1.12 -0.83
N THR G 90 46.02 -1.14 -2.10
CA THR G 90 44.64 -1.41 -2.49
C THR G 90 44.59 -2.70 -3.28
N ILE G 91 43.60 -3.54 -2.97
CA ILE G 91 43.47 -4.85 -3.59
C ILE G 91 42.03 -5.02 -4.04
N CYS G 92 41.81 -5.04 -5.36
CA CYS G 92 40.47 -5.24 -5.89
C CYS G 92 40.17 -6.73 -5.97
N ILE G 93 39.10 -7.15 -5.29
CA ILE G 93 38.54 -8.49 -5.39
C ILE G 93 37.07 -8.34 -5.81
N GLY G 94 36.64 -9.17 -6.74
CA GLY G 94 35.27 -9.09 -7.21
C GLY G 94 35.06 -7.95 -8.20
N MET G 95 34.82 -6.74 -7.69
CA MET G 95 34.52 -5.62 -8.57
C MET G 95 34.89 -4.32 -7.86
N ALA G 96 35.50 -3.41 -8.61
CA ALA G 96 35.65 -2.02 -8.18
C ALA G 96 35.02 -1.16 -9.25
N ALA G 97 33.83 -0.63 -8.98
CA ALA G 97 33.09 0.18 -9.94
C ALA G 97 32.88 1.58 -9.39
N SER G 98 33.10 2.50 -10.46
CA SER G 98 32.68 3.87 -10.23
C SER G 98 33.52 4.51 -9.12
N MET G 99 33.05 4.92 -7.83
CA MET G 99 33.91 5.44 -6.78
C MET G 99 34.82 4.33 -6.22
N GLY G 100 34.36 3.09 -6.37
CA GLY G 100 35.20 1.94 -6.03
C GLY G 100 36.49 1.87 -6.84
N SER G 101 36.39 2.10 -8.17
CA SER G 101 37.59 2.08 -9.00
C SER G 101 38.45 3.32 -8.74
N PHE G 102 37.81 4.44 -8.40
CA PHE G 102 38.55 5.65 -8.05
C PHE G 102 39.41 5.42 -6.82
N LEU G 103 38.84 4.74 -5.80
CA LEU G 103 39.61 4.44 -4.60
C LEU G 103 40.68 3.38 -4.86
N LEU G 104 40.41 2.42 -5.75
CA LEU G 104 41.44 1.47 -6.13
C LEU G 104 42.66 2.19 -6.68
N ALA G 105 42.44 3.16 -7.59
CA ALA G 105 43.53 3.93 -8.18
C ALA G 105 44.25 4.82 -7.18
N ALA G 106 43.66 5.04 -6.00
CA ALA G 106 44.18 5.94 -4.98
C ALA G 106 45.24 5.30 -4.08
N GLY G 107 45.43 3.99 -4.18
CA GLY G 107 46.45 3.33 -3.36
C GLY G 107 47.84 3.82 -3.69
N ALA G 108 48.78 3.49 -2.78
CA ALA G 108 50.17 3.86 -2.98
C ALA G 108 50.68 3.34 -4.32
N LYS G 109 51.36 4.21 -5.07
CA LYS G 109 51.83 3.80 -6.39
C LYS G 109 52.84 2.67 -6.26
N GLY G 110 52.66 1.63 -7.08
CA GLY G 110 53.38 0.39 -6.95
C GLY G 110 52.70 -0.65 -6.08
N LYS G 111 51.63 -0.27 -5.36
CA LYS G 111 50.97 -1.17 -4.42
C LYS G 111 49.46 -1.20 -4.67
N ARG G 112 49.06 -1.08 -5.93
CA ARG G 112 47.66 -1.19 -6.34
C ARG G 112 47.51 -2.48 -7.13
N PHE G 113 46.62 -3.36 -6.66
CA PHE G 113 46.52 -4.70 -7.20
C PHE G 113 45.07 -5.05 -7.53
N ALA G 114 44.92 -5.99 -8.45
CA ALA G 114 43.64 -6.66 -8.66
C ALA G 114 43.88 -8.15 -8.79
N LEU G 115 42.93 -8.93 -8.29
CA LEU G 115 42.94 -10.37 -8.51
C LEU G 115 42.55 -10.64 -9.97
N PRO G 116 42.95 -11.80 -10.51
CA PRO G 116 42.88 -11.98 -11.99
C PRO G 116 41.48 -11.87 -12.56
N ASN G 117 40.45 -12.26 -11.83
CA ASN G 117 39.09 -12.25 -12.35
C ASN G 117 38.26 -11.09 -11.81
N ALA G 118 38.89 -10.16 -11.11
CA ALA G 118 38.22 -8.98 -10.63
C ALA G 118 37.87 -8.06 -11.81
N GLU G 119 36.77 -7.33 -11.67
CA GLU G 119 36.31 -6.42 -12.70
C GLU G 119 36.48 -4.98 -12.21
N VAL G 120 36.83 -4.09 -13.12
CA VAL G 120 36.92 -2.67 -12.83
C VAL G 120 36.00 -1.96 -13.81
N MET G 121 35.22 -1.00 -13.31
CA MET G 121 34.35 -0.21 -14.18
C MET G 121 34.51 1.28 -13.86
N ILE G 122 34.64 2.09 -14.91
CA ILE G 122 34.75 3.54 -14.79
C ILE G 122 33.64 4.18 -15.60
N HIS G 123 33.14 5.32 -15.12
CA HIS G 123 32.07 6.06 -15.80
C HIS G 123 31.96 7.44 -15.16
N GLN G 124 31.10 8.26 -15.72
CA GLN G 124 30.95 9.61 -15.21
C GLN G 124 29.95 9.65 -14.05
N PRO G 125 29.97 10.73 -13.25
CA PRO G 125 29.03 10.84 -12.13
C PRO G 125 27.57 10.90 -12.58
N LEU G 126 26.69 10.51 -11.65
CA LEU G 126 25.25 10.51 -11.84
C LEU G 126 24.58 11.27 -10.70
N GLY G 127 23.41 11.82 -10.99
CA GLY G 127 22.69 12.54 -9.94
C GLY G 127 21.30 12.94 -10.39
N GLY G 128 20.73 13.87 -9.65
CA GLY G 128 19.38 14.31 -9.94
C GLY G 128 19.22 15.76 -9.52
N ALA G 129 18.21 16.41 -10.09
CA ALA G 129 17.90 17.78 -9.75
C ALA G 129 16.44 18.03 -10.10
N GLN G 130 15.75 18.73 -9.21
CA GLN G 130 14.35 19.08 -9.41
C GLN G 130 14.12 20.47 -8.83
N GLY G 131 13.32 21.27 -9.53
CA GLY G 131 12.95 22.58 -9.01
C GLY G 131 12.98 23.65 -10.08
N GLN G 132 13.20 24.90 -9.67
CA GLN G 132 13.26 26.01 -10.61
C GLN G 132 14.47 25.88 -11.53
N ALA G 133 14.36 26.49 -12.71
CA ALA G 133 15.46 26.53 -13.67
C ALA G 133 16.78 26.91 -13.01
N THR G 134 16.76 27.95 -12.15
CA THR G 134 17.98 28.37 -11.45
C THR G 134 18.58 27.26 -10.59
N GLU G 135 17.72 26.50 -9.90
CA GLU G 135 18.18 25.42 -9.04
C GLU G 135 18.77 24.28 -9.87
N ILE G 136 18.13 23.97 -11.00
CA ILE G 136 18.65 22.96 -11.90
C ILE G 136 20.02 23.37 -12.42
N GLU G 137 20.19 24.66 -12.73
CA GLU G 137 21.47 25.18 -13.21
C GLU G 137 22.57 24.99 -12.16
N ILE G 138 22.27 25.32 -10.90
CA ILE G 138 23.24 25.15 -9.83
C ILE G 138 23.64 23.69 -9.69
N ALA G 139 22.66 22.77 -9.73
CA ALA G 139 22.98 21.35 -9.61
C ALA G 139 23.80 20.86 -10.80
N ALA G 140 23.46 21.31 -12.01
CA ALA G 140 24.23 20.91 -13.19
C ALA G 140 25.67 21.42 -13.10
N ASN G 141 25.85 22.68 -12.74
CA ASN G 141 27.20 23.22 -12.59
C ASN G 141 27.98 22.44 -11.53
N HIS G 142 27.32 22.05 -10.44
CA HIS G 142 28.03 21.31 -9.39
C HIS G 142 28.49 19.93 -9.88
N ILE G 143 27.60 19.18 -10.53
CA ILE G 143 28.01 17.83 -10.95
C ILE G 143 29.06 17.89 -12.07
N LEU G 144 29.00 18.92 -12.93
CA LEU G 144 30.02 19.07 -13.96
C LEU G 144 31.38 19.41 -13.35
N LYS G 145 31.39 20.31 -12.35
CA LYS G 145 32.64 20.61 -11.67
C LYS G 145 33.16 19.38 -10.91
N THR G 146 32.26 18.59 -10.33
CA THR G 146 32.67 17.33 -9.71
C THR G 146 33.33 16.40 -10.73
N ARG G 147 32.73 16.29 -11.91
CA ARG G 147 33.33 15.43 -12.93
C ARG G 147 34.72 15.92 -13.31
N GLU G 148 34.87 17.24 -13.48
CA GLU G 148 36.20 17.80 -13.80
C GLU G 148 37.22 17.46 -12.72
N LYS G 149 36.84 17.57 -11.45
CA LYS G 149 37.74 17.24 -10.34
C LYS G 149 38.13 15.76 -10.39
N LEU G 150 37.16 14.87 -10.57
CA LEU G 150 37.45 13.45 -10.64
C LEU G 150 38.38 13.11 -11.79
N ASN G 151 38.14 13.70 -12.97
CA ASN G 151 38.98 13.42 -14.13
C ASN G 151 40.41 13.90 -13.92
N ARG G 152 40.57 15.08 -13.31
CA ARG G 152 41.90 15.64 -13.02
C ARG G 152 42.71 14.71 -12.10
N ILE G 153 42.10 14.22 -11.03
CA ILE G 153 42.81 13.33 -10.11
C ILE G 153 43.12 12.00 -10.78
N LEU G 154 42.15 11.45 -11.51
CA LEU G 154 42.36 10.17 -12.17
C LEU G 154 43.48 10.28 -13.22
N SER G 155 43.56 11.42 -13.89
CA SER G 155 44.69 11.67 -14.79
C SER G 155 46.02 11.59 -14.06
N GLU G 156 46.10 12.24 -12.89
CA GLU G 156 47.31 12.16 -12.10
C GLU G 156 47.61 10.73 -11.63
N ARG G 157 46.56 9.97 -11.28
CA ARG G 157 46.78 8.63 -10.72
C ARG G 157 47.12 7.61 -11.80
N THR G 158 46.66 7.82 -13.04
CA THR G 158 46.82 6.82 -14.10
C THR G 158 47.88 7.19 -15.12
N GLY G 159 48.20 8.48 -15.26
CA GLY G 159 49.03 8.95 -16.33
C GLY G 159 48.31 9.18 -17.65
N GLN G 160 47.00 8.91 -17.71
CA GLN G 160 46.24 9.18 -18.93
C GLN G 160 45.85 10.65 -18.97
N SER G 161 45.67 11.18 -20.18
CA SER G 161 45.24 12.57 -20.30
C SER G 161 43.81 12.74 -19.82
N ILE G 162 43.48 13.96 -19.39
CA ILE G 162 42.11 14.29 -19.02
C ILE G 162 41.19 14.07 -20.22
N GLU G 163 41.64 14.43 -21.42
CA GLU G 163 40.82 14.26 -22.61
C GLU G 163 40.48 12.79 -22.83
N LYS G 164 41.46 11.89 -22.63
CA LYS G 164 41.19 10.47 -22.80
C LYS G 164 40.25 9.95 -21.71
N ILE G 165 40.47 10.36 -20.46
CA ILE G 165 39.58 9.91 -19.39
C ILE G 165 38.15 10.37 -19.65
N GLN G 166 37.97 11.61 -20.08
CA GLN G 166 36.64 12.13 -20.40
C GLN G 166 35.94 11.24 -21.42
N LYS G 167 36.64 10.93 -22.53
CA LYS G 167 36.06 10.07 -23.55
C LYS G 167 35.75 8.68 -23.01
N ASP G 168 36.67 8.12 -22.22
CA ASP G 168 36.54 6.74 -21.76
C ASP G 168 35.50 6.55 -20.66
N THR G 169 35.01 7.63 -20.06
CA THR G 169 34.01 7.56 -19.00
C THR G 169 32.64 8.09 -19.45
N ASP G 170 32.50 8.43 -20.73
CA ASP G 170 31.23 8.96 -21.22
C ASP G 170 30.08 8.01 -20.94
N ARG G 171 30.32 6.70 -21.12
CA ARG G 171 29.39 5.65 -20.76
C ARG G 171 30.12 4.62 -19.89
N ASP G 172 29.36 3.66 -19.35
CA ASP G 172 29.97 2.60 -18.54
C ASP G 172 31.06 1.89 -19.33
N ASN G 173 32.25 1.77 -18.72
CA ASN G 173 33.42 1.18 -19.38
C ASN G 173 33.98 0.09 -18.46
N PHE G 174 33.75 -1.17 -18.81
CA PHE G 174 34.15 -2.32 -18.00
C PHE G 174 35.53 -2.80 -18.44
N LEU G 175 36.44 -2.95 -17.48
CA LEU G 175 37.82 -3.38 -17.73
C LEU G 175 38.12 -4.69 -17.00
N THR G 176 38.86 -5.59 -17.66
CA THR G 176 39.47 -6.71 -16.97
C THR G 176 40.64 -6.22 -16.09
N ALA G 177 41.13 -7.11 -15.22
CA ALA G 177 42.27 -6.75 -14.38
C ALA G 177 43.48 -6.37 -15.22
N GLU G 178 43.76 -7.13 -16.28
CA GLU G 178 44.90 -6.79 -17.15
C GLU G 178 44.67 -5.47 -17.87
N GLU G 179 43.44 -5.21 -18.33
CA GLU G 179 43.16 -3.93 -18.96
C GLU G 179 43.33 -2.78 -17.98
N ALA G 180 42.93 -2.98 -16.72
CA ALA G 180 43.07 -1.93 -15.72
C ALA G 180 44.54 -1.62 -15.46
N LYS G 181 45.40 -2.65 -15.50
CA LYS G 181 46.85 -2.42 -15.41
C LYS G 181 47.35 -1.62 -16.61
N GLU G 182 46.96 -2.03 -17.82
CA GLU G 182 47.36 -1.28 -19.01
C GLU G 182 46.87 0.17 -18.93
N TYR G 183 45.69 0.39 -18.33
CA TYR G 183 45.14 1.74 -18.22
C TYR G 183 45.91 2.58 -17.20
N GLY G 184 46.53 1.94 -16.21
CA GLY G 184 47.18 2.65 -15.14
C GLY G 184 46.36 2.76 -13.87
N LEU G 185 45.20 2.07 -13.80
CA LEU G 185 44.41 2.10 -12.57
C LEU G 185 45.04 1.25 -11.47
N ILE G 186 45.73 0.17 -11.85
CA ILE G 186 46.47 -0.65 -10.91
C ILE G 186 47.90 -0.83 -11.42
N ASP G 187 48.75 -1.39 -10.56
CA ASP G 187 50.14 -1.62 -10.90
C ASP G 187 50.42 -3.05 -11.31
N GLU G 188 49.74 -4.03 -10.70
CA GLU G 188 50.00 -5.44 -10.96
C GLU G 188 48.71 -6.25 -10.80
N VAL G 189 48.58 -7.30 -11.62
CA VAL G 189 47.59 -8.34 -11.38
C VAL G 189 48.22 -9.37 -10.45
N MET G 190 47.55 -9.68 -9.35
CA MET G 190 48.05 -10.63 -8.36
C MET G 190 47.79 -12.04 -8.87
N VAL G 191 48.85 -12.75 -9.23
CA VAL G 191 48.73 -14.11 -9.76
C VAL G 191 48.76 -15.11 -8.61
N PRO G 192 48.02 -16.23 -8.70
CA PRO G 192 47.92 -17.24 -7.63
C PRO G 192 49.26 -17.90 -7.29
N ILE H 4 -14.11 18.02 -23.57
CA ILE H 4 -14.16 18.24 -25.01
C ILE H 4 -15.56 18.70 -25.43
N PRO H 5 -15.64 19.91 -25.95
CA PRO H 5 -16.96 20.49 -26.29
C PRO H 5 -17.57 19.85 -27.54
N THR H 6 -18.88 20.07 -27.67
CA THR H 6 -19.70 19.57 -28.78
C THR H 6 -20.09 20.72 -29.71
N VAL H 7 -20.13 20.42 -31.01
CA VAL H 7 -20.59 21.39 -31.99
C VAL H 7 -21.81 20.86 -32.75
N TYR H 18 -21.35 16.69 -33.17
CA TYR H 18 -19.94 16.31 -33.23
C TYR H 18 -19.18 16.80 -32.00
N ASP H 19 -18.32 15.96 -31.43
CA ASP H 19 -17.25 16.51 -30.61
C ASP H 19 -16.32 17.33 -31.50
N ILE H 20 -15.51 18.18 -30.88
CA ILE H 20 -14.72 19.14 -31.65
C ILE H 20 -13.78 18.42 -32.61
N TYR H 21 -13.21 17.27 -32.20
CA TYR H 21 -12.28 16.54 -33.05
C TYR H 21 -12.99 15.92 -34.26
N SER H 22 -14.19 15.38 -34.05
CA SER H 22 -14.96 14.83 -35.16
C SER H 22 -15.30 15.91 -36.17
N ARG H 23 -15.54 17.13 -35.70
CA ARG H 23 -15.84 18.25 -36.58
C ARG H 23 -14.63 18.62 -37.44
N LEU H 24 -13.43 18.62 -36.84
CA LEU H 24 -12.21 18.89 -37.59
C LEU H 24 -11.93 17.81 -38.61
N LEU H 25 -12.25 16.56 -38.27
CA LEU H 25 -12.03 15.44 -39.18
C LEU H 25 -12.85 15.61 -40.46
N LYS H 26 -14.03 16.21 -40.35
CA LYS H 26 -14.83 16.53 -41.53
C LYS H 26 -14.07 17.42 -42.50
N ASP H 27 -13.14 18.26 -42.00
CA ASP H 27 -12.30 19.09 -42.84
C ASP H 27 -10.93 18.47 -43.10
N ARG H 28 -10.80 17.15 -42.89
CA ARG H 28 -9.60 16.39 -43.18
C ARG H 28 -8.43 16.76 -42.26
N ILE H 29 -8.74 17.13 -41.03
CA ILE H 29 -7.73 17.46 -40.01
C ILE H 29 -7.70 16.35 -38.96
N ILE H 30 -6.52 15.78 -38.75
CA ILE H 30 -6.30 14.77 -37.72
C ILE H 30 -5.38 15.37 -36.66
N MET H 31 -5.74 15.19 -35.39
CA MET H 31 -4.97 15.76 -34.28
C MET H 31 -4.27 14.60 -33.57
N LEU H 32 -2.95 14.61 -33.62
CA LEU H 32 -2.14 13.66 -32.83
C LEU H 32 -1.57 14.47 -31.67
N GLY H 33 -2.26 14.42 -30.53
CA GLY H 33 -1.95 15.26 -29.39
C GLY H 33 -1.69 14.48 -28.10
N SER H 34 -1.03 13.33 -28.20
CA SER H 34 -0.74 12.54 -27.02
C SER H 34 0.47 11.65 -27.30
N GLN H 35 0.84 10.87 -26.29
CA GLN H 35 1.83 9.82 -26.49
C GLN H 35 1.30 8.83 -27.53
N ILE H 36 2.23 8.20 -28.25
CA ILE H 36 1.89 7.27 -29.32
C ILE H 36 1.95 5.85 -28.78
N ASP H 37 0.79 5.21 -28.65
CA ASP H 37 0.70 3.80 -28.31
C ASP H 37 -0.18 3.11 -29.35
N ASP H 38 -0.42 1.81 -29.17
CA ASP H 38 -1.19 1.05 -30.16
C ASP H 38 -2.61 1.60 -30.33
N ASN H 39 -3.23 2.05 -29.24
CA ASN H 39 -4.58 2.62 -29.34
C ASN H 39 -4.58 3.89 -30.16
N VAL H 40 -3.62 4.78 -29.91
CA VAL H 40 -3.53 6.02 -30.66
C VAL H 40 -3.23 5.73 -32.13
N ALA H 41 -2.30 4.81 -32.40
CA ALA H 41 -1.97 4.48 -33.79
C ALA H 41 -3.19 3.87 -34.50
N ASN H 42 -3.89 2.94 -33.85
CA ASN H 42 -5.09 2.37 -34.45
C ASN H 42 -6.09 3.45 -34.83
N SER H 43 -6.24 4.47 -33.98
CA SER H 43 -7.16 5.56 -34.29
C SER H 43 -6.67 6.40 -35.47
N ILE H 44 -5.38 6.77 -35.47
CA ILE H 44 -4.84 7.62 -36.53
C ILE H 44 -4.91 6.90 -37.88
N VAL H 45 -4.49 5.62 -37.89
CA VAL H 45 -4.53 4.82 -39.12
C VAL H 45 -5.96 4.76 -39.66
N SER H 46 -6.92 4.47 -38.78
CA SER H 46 -8.32 4.41 -39.20
C SER H 46 -8.79 5.74 -39.78
N GLN H 47 -8.40 6.86 -39.15
CA GLN H 47 -8.77 8.16 -39.69
C GLN H 47 -8.15 8.39 -41.07
N LEU H 48 -6.87 8.02 -41.23
CA LEU H 48 -6.22 8.17 -42.53
C LEU H 48 -6.93 7.35 -43.62
N LEU H 49 -7.27 6.10 -43.30
CA LEU H 49 -7.95 5.24 -44.27
C LEU H 49 -9.33 5.79 -44.61
N PHE H 50 -10.05 6.27 -43.59
CA PHE H 50 -11.34 6.89 -43.80
C PHE H 50 -11.23 8.10 -44.73
N LEU H 51 -10.26 8.98 -44.47
CA LEU H 51 -10.12 10.18 -45.31
C LEU H 51 -9.74 9.80 -46.75
N GLN H 52 -8.86 8.82 -46.93
CA GLN H 52 -8.54 8.38 -48.29
C GLN H 52 -9.79 7.86 -49.00
N ALA H 53 -10.61 7.07 -48.29
CA ALA H 53 -11.82 6.52 -48.90
C ALA H 53 -12.81 7.62 -49.26
N GLN H 54 -12.86 8.70 -48.47
CA GLN H 54 -13.76 9.81 -48.79
C GLN H 54 -13.28 10.59 -50.01
N ASP H 55 -11.98 10.80 -50.14
CA ASP H 55 -11.41 11.57 -51.26
C ASP H 55 -9.93 11.24 -51.36
N SER H 56 -9.54 10.56 -52.43
CA SER H 56 -8.18 10.05 -52.58
C SER H 56 -7.21 11.11 -53.09
N GLU H 57 -7.68 12.31 -53.42
CA GLU H 57 -6.86 13.34 -54.03
C GLU H 57 -6.59 14.53 -53.12
N LYS H 58 -7.49 14.83 -52.19
CA LYS H 58 -7.38 16.02 -51.36
C LYS H 58 -6.38 15.81 -50.22
N ASP H 59 -5.61 16.85 -49.93
CA ASP H 59 -4.63 16.80 -48.85
C ASP H 59 -5.29 16.50 -47.50
N ILE H 60 -4.52 15.85 -46.63
CA ILE H 60 -4.84 15.63 -45.22
C ILE H 60 -3.88 16.46 -44.38
N TYR H 61 -4.37 16.95 -43.23
CA TYR H 61 -3.57 17.76 -42.31
C TYR H 61 -3.45 17.02 -40.99
N LEU H 62 -2.22 16.67 -40.62
CA LEU H 62 -1.93 15.96 -39.37
C LEU H 62 -1.21 16.91 -38.42
N TYR H 63 -1.91 17.37 -37.38
CA TYR H 63 -1.29 18.16 -36.33
C TYR H 63 -0.58 17.25 -35.34
N ILE H 64 0.63 17.64 -34.93
CA ILE H 64 1.44 16.82 -34.05
C ILE H 64 1.86 17.64 -32.84
N ASN H 65 1.39 17.23 -31.66
CA ASN H 65 1.88 17.71 -30.37
C ASN H 65 2.05 16.45 -29.52
N SER H 66 3.25 15.86 -29.54
CA SER H 66 3.42 14.51 -29.00
C SER H 66 4.80 14.39 -28.38
N PRO H 67 4.91 13.78 -27.20
CA PRO H 67 6.23 13.46 -26.63
C PRO H 67 6.85 12.19 -27.19
N GLY H 68 6.17 11.50 -28.10
CA GLY H 68 6.71 10.27 -28.67
C GLY H 68 5.97 9.05 -28.18
N GLY H 69 6.64 7.90 -28.17
CA GLY H 69 5.99 6.66 -27.75
C GLY H 69 6.58 5.46 -28.47
N SER H 70 5.74 4.45 -28.67
CA SER H 70 6.18 3.15 -29.17
C SER H 70 6.66 3.25 -30.63
N VAL H 71 7.82 2.66 -30.91
CA VAL H 71 8.34 2.70 -32.27
C VAL H 71 7.41 1.96 -33.23
N THR H 72 6.94 0.77 -32.84
CA THR H 72 6.10 0.00 -33.76
C THR H 72 4.75 0.68 -33.98
N ALA H 73 4.18 1.30 -32.94
CA ALA H 73 2.95 2.07 -33.16
C ALA H 73 3.22 3.25 -34.10
N GLY H 74 4.36 3.91 -33.93
CA GLY H 74 4.74 4.98 -34.84
C GLY H 74 4.88 4.53 -36.30
N PHE H 75 5.46 3.34 -36.51
CA PHE H 75 5.60 2.85 -37.88
C PHE H 75 4.29 2.43 -38.50
N ALA H 76 3.31 2.00 -37.69
CA ALA H 76 1.97 1.78 -38.23
C ALA H 76 1.45 3.06 -38.86
N ILE H 77 1.64 4.19 -38.18
CA ILE H 77 1.21 5.47 -38.73
C ILE H 77 2.08 5.83 -39.93
N TYR H 78 3.41 5.73 -39.77
CA TYR H 78 4.33 6.08 -40.85
C TYR H 78 4.01 5.32 -42.14
N ASP H 79 3.87 4.00 -42.05
CA ASP H 79 3.65 3.22 -43.26
C ASP H 79 2.28 3.53 -43.89
N THR H 80 1.29 3.87 -43.06
CA THR H 80 -0.02 4.22 -43.60
C THR H 80 0.06 5.56 -44.36
N ILE H 81 0.76 6.55 -43.79
CA ILE H 81 0.99 7.81 -44.50
C ILE H 81 1.63 7.56 -45.86
N GLN H 82 2.69 6.74 -45.90
CA GLN H 82 3.38 6.55 -47.18
C GLN H 82 2.52 5.74 -48.15
N HIS H 83 1.64 4.89 -47.63
CA HIS H 83 0.86 4.01 -48.50
C HIS H 83 -0.27 4.76 -49.21
N ILE H 84 -1.00 5.62 -48.50
CA ILE H 84 -2.23 6.19 -49.05
C ILE H 84 -1.90 7.20 -50.14
N LYS H 85 -2.92 7.48 -50.98
CA LYS H 85 -2.71 8.37 -52.12
C LYS H 85 -2.63 9.85 -51.75
N PRO H 86 -3.51 10.38 -50.90
CA PRO H 86 -3.43 11.82 -50.57
C PRO H 86 -2.11 12.20 -49.92
N ASP H 87 -1.67 13.42 -50.19
CA ASP H 87 -0.55 14.00 -49.43
C ASP H 87 -0.99 14.25 -47.99
N VAL H 88 -0.10 13.96 -47.05
CA VAL H 88 -0.35 14.25 -45.64
C VAL H 88 0.58 15.39 -45.24
N GLN H 89 0.00 16.55 -44.98
CA GLN H 89 0.78 17.65 -44.43
C GLN H 89 0.95 17.40 -42.93
N THR H 90 2.12 17.73 -42.40
CA THR H 90 2.36 17.62 -40.97
C THR H 90 2.63 19.00 -40.38
N ILE H 91 2.04 19.28 -39.23
CA ILE H 91 2.15 20.60 -38.60
C ILE H 91 2.48 20.37 -37.14
N CYS H 92 3.68 20.78 -36.73
CA CYS H 92 4.10 20.67 -35.33
C CYS H 92 3.64 21.89 -34.55
N ILE H 93 2.85 21.66 -33.50
CA ILE H 93 2.48 22.68 -32.51
C ILE H 93 2.89 22.17 -31.13
N GLY H 94 3.46 23.05 -30.32
CA GLY H 94 3.91 22.64 -29.00
C GLY H 94 5.23 21.91 -29.04
N MET H 95 5.20 20.60 -29.28
CA MET H 95 6.41 19.78 -29.28
C MET H 95 6.20 18.58 -30.18
N ALA H 96 7.22 18.24 -30.95
CA ALA H 96 7.28 16.92 -31.58
C ALA H 96 8.59 16.26 -31.13
N ALA H 97 8.50 15.30 -30.23
CA ALA H 97 9.67 14.62 -29.68
C ALA H 97 9.64 13.14 -30.03
N SER H 98 11.02 12.79 -30.21
CA SER H 98 11.21 11.35 -30.32
C SER H 98 10.41 10.76 -31.48
N MET H 99 9.44 9.72 -31.35
CA MET H 99 8.66 9.25 -32.49
C MET H 99 7.77 10.37 -33.08
N GLY H 100 7.44 11.37 -32.26
CA GLY H 100 6.72 12.53 -32.77
C GLY H 100 7.46 13.29 -33.85
N SER H 101 8.76 13.54 -33.63
CA SER H 101 9.54 14.23 -34.66
C SER H 101 9.79 13.32 -35.85
N PHE H 102 9.89 12.00 -35.62
CA PHE H 102 10.00 11.09 -36.75
C PHE H 102 8.77 11.18 -37.64
N LEU H 103 7.57 11.25 -37.05
CA LEU H 103 6.35 11.37 -37.86
C LEU H 103 6.24 12.75 -38.50
N LEU H 104 6.69 13.78 -37.81
CA LEU H 104 6.72 15.12 -38.39
C LEU H 104 7.52 15.15 -39.69
N ALA H 105 8.71 14.53 -39.68
CA ALA H 105 9.55 14.47 -40.87
C ALA H 105 8.93 13.59 -41.95
N ALA H 106 7.92 12.79 -41.61
CA ALA H 106 7.30 11.82 -42.51
C ALA H 106 6.27 12.44 -43.45
N GLY H 107 5.88 13.69 -43.24
CA GLY H 107 4.90 14.31 -44.09
C GLY H 107 5.38 14.49 -45.52
N ALA H 108 4.42 14.77 -46.41
CA ALA H 108 4.76 15.03 -47.81
C ALA H 108 5.80 16.13 -47.91
N LYS H 109 6.83 15.89 -48.72
CA LYS H 109 7.90 16.85 -48.89
C LYS H 109 7.38 18.17 -49.43
N GLY H 110 7.84 19.27 -48.83
CA GLY H 110 7.27 20.58 -49.09
C GLY H 110 6.10 20.94 -48.20
N LYS H 111 5.52 19.97 -47.48
CA LYS H 111 4.31 20.23 -46.71
C LYS H 111 4.49 19.80 -45.25
N ARG H 112 5.71 19.95 -44.74
CA ARG H 112 6.01 19.71 -43.33
C ARG H 112 6.30 21.05 -42.68
N PHE H 113 5.55 21.38 -41.62
CA PHE H 113 5.57 22.70 -41.01
C PHE H 113 5.75 22.61 -39.51
N ALA H 114 6.27 23.68 -38.92
CA ALA H 114 6.21 23.89 -37.49
C ALA H 114 5.83 25.33 -37.19
N LEU H 115 5.06 25.54 -36.12
CA LEU H 115 4.78 26.88 -35.65
C LEU H 115 6.05 27.46 -34.98
N PRO H 116 6.16 28.79 -34.92
CA PRO H 116 7.47 29.41 -34.59
C PRO H 116 8.06 29.02 -33.24
N ASN H 117 7.23 28.76 -32.22
CA ASN H 117 7.73 28.43 -30.89
C ASN H 117 7.61 26.95 -30.57
N ALA H 118 7.23 26.14 -31.55
CA ALA H 118 7.17 24.70 -31.34
C ALA H 118 8.58 24.15 -31.19
N GLU H 119 8.71 23.08 -30.41
CA GLU H 119 10.00 22.46 -30.15
C GLU H 119 10.05 21.09 -30.81
N VAL H 120 11.22 20.74 -31.33
CA VAL H 120 11.47 19.43 -31.91
C VAL H 120 12.63 18.79 -31.17
N MET H 121 12.48 17.51 -30.82
CA MET H 121 13.57 16.80 -30.17
C MET H 121 13.81 15.46 -30.84
N ILE H 122 15.07 15.14 -31.09
CA ILE H 122 15.44 13.86 -31.66
C ILE H 122 16.42 13.17 -30.72
N HIS H 123 16.34 11.85 -30.66
CA HIS H 123 17.25 11.06 -29.83
C HIS H 123 17.11 9.59 -30.27
N GLN H 124 17.90 8.72 -29.65
CA GLN H 124 17.91 7.32 -30.01
C GLN H 124 16.84 6.52 -29.25
N PRO H 125 16.46 5.34 -29.73
CA PRO H 125 15.46 4.54 -29.03
C PRO H 125 15.92 4.10 -27.65
N LEU H 126 14.91 3.84 -26.80
CA LEU H 126 15.08 3.40 -25.42
C LEU H 126 14.26 2.14 -25.20
N GLY H 127 14.69 1.33 -24.24
CA GLY H 127 13.95 0.11 -23.94
C GLY H 127 14.50 -0.56 -22.70
N GLY H 128 14.10 -1.81 -22.52
CA GLY H 128 14.53 -2.57 -21.36
C GLY H 128 14.63 -4.04 -21.74
N ALA H 129 15.40 -4.76 -20.93
CA ALA H 129 15.59 -6.18 -21.17
C ALA H 129 15.97 -6.83 -19.85
N GLN H 130 15.39 -7.98 -19.57
CA GLN H 130 15.72 -8.70 -18.34
C GLN H 130 15.66 -10.19 -18.64
N GLY H 131 16.61 -10.93 -18.08
CA GLY H 131 16.56 -12.37 -18.22
C GLY H 131 17.95 -12.95 -18.46
N GLN H 132 18.01 -14.08 -19.14
CA GLN H 132 19.29 -14.72 -19.41
C GLN H 132 20.14 -13.85 -20.34
N ALA H 133 21.45 -14.07 -20.27
CA ALA H 133 22.38 -13.42 -21.17
C ALA H 133 21.91 -13.54 -22.62
N THR H 134 21.46 -14.75 -23.02
CA THR H 134 20.95 -14.95 -24.37
C THR H 134 19.77 -14.05 -24.69
N GLU H 135 18.84 -13.90 -23.73
CA GLU H 135 17.67 -13.04 -23.94
C GLU H 135 18.07 -11.57 -24.02
N ILE H 136 19.01 -11.15 -23.18
CA ILE H 136 19.47 -9.75 -23.23
C ILE H 136 20.11 -9.47 -24.59
N GLU H 137 20.88 -10.43 -25.12
CA GLU H 137 21.49 -10.27 -26.43
C GLU H 137 20.43 -10.08 -27.52
N ILE H 138 19.37 -10.90 -27.51
CA ILE H 138 18.32 -10.78 -28.51
C ILE H 138 17.67 -9.39 -28.46
N ALA H 139 17.35 -8.92 -27.24
CA ALA H 139 16.74 -7.60 -27.11
C ALA H 139 17.69 -6.50 -27.57
N ALA H 140 18.97 -6.62 -27.24
CA ALA H 140 19.96 -5.63 -27.66
C ALA H 140 20.09 -5.59 -29.17
N ASN H 141 20.22 -6.76 -29.81
CA ASN H 141 20.27 -6.80 -31.26
C ASN H 141 19.03 -6.19 -31.89
N HIS H 142 17.85 -6.47 -31.29
CA HIS H 142 16.61 -5.94 -31.83
C HIS H 142 16.56 -4.42 -31.74
N ILE H 143 16.92 -3.85 -30.58
CA ILE H 143 16.84 -2.39 -30.46
C ILE H 143 17.90 -1.72 -31.32
N LEU H 144 19.08 -2.34 -31.48
CA LEU H 144 20.10 -1.76 -32.35
C LEU H 144 19.67 -1.78 -33.81
N LYS H 145 19.05 -2.87 -34.27
CA LYS H 145 18.55 -2.90 -35.65
C LYS H 145 17.42 -1.89 -35.84
N THR H 146 16.57 -1.71 -34.82
CA THR H 146 15.54 -0.69 -34.89
C THR H 146 16.16 0.70 -35.07
N ARG H 147 17.22 0.99 -34.32
CA ARG H 147 17.89 2.28 -34.49
C ARG H 147 18.46 2.44 -35.90
N GLU H 148 19.07 1.38 -36.44
CA GLU H 148 19.59 1.47 -37.80
C GLU H 148 18.46 1.78 -38.79
N LYS H 149 17.32 1.11 -38.63
CA LYS H 149 16.17 1.36 -39.51
C LYS H 149 15.69 2.80 -39.41
N LEU H 150 15.55 3.31 -38.18
CA LEU H 150 15.13 4.69 -37.97
C LEU H 150 16.10 5.67 -38.58
N ASN H 151 17.41 5.44 -38.40
CA ASN H 151 18.41 6.36 -38.92
C ASN H 151 18.39 6.40 -40.44
N ARG H 152 18.27 5.23 -41.08
CA ARG H 152 18.18 5.15 -42.53
C ARG H 152 17.00 5.95 -43.08
N ILE H 153 15.82 5.78 -42.49
CA ILE H 153 14.65 6.52 -42.99
C ILE H 153 14.81 8.01 -42.74
N LEU H 154 15.29 8.39 -41.55
CA LEU H 154 15.46 9.82 -41.25
C LEU H 154 16.49 10.46 -42.19
N SER H 155 17.54 9.70 -42.54
CA SER H 155 18.49 10.18 -43.54
C SER H 155 17.79 10.48 -44.85
N GLU H 156 16.93 9.57 -45.30
CA GLU H 156 16.18 9.77 -46.53
C GLU H 156 15.23 10.96 -46.42
N ARG H 157 14.61 11.15 -45.25
CA ARG H 157 13.63 12.22 -45.11
C ARG H 157 14.27 13.60 -44.97
N THR H 158 15.50 13.68 -44.43
CA THR H 158 16.13 14.96 -44.15
C THR H 158 17.23 15.32 -45.14
N GLY H 159 17.83 14.34 -45.80
CA GLY H 159 19.02 14.58 -46.59
C GLY H 159 20.31 14.57 -45.80
N GLN H 160 20.27 14.35 -44.49
CA GLN H 160 21.48 14.24 -43.71
C GLN H 160 22.04 12.83 -43.85
N SER H 161 23.36 12.69 -43.67
CA SER H 161 23.96 11.37 -43.71
C SER H 161 23.56 10.55 -42.48
N ILE H 162 23.58 9.22 -42.64
CA ILE H 162 23.34 8.32 -41.52
C ILE H 162 24.35 8.57 -40.41
N GLU H 163 25.61 8.84 -40.77
CA GLU H 163 26.64 9.07 -39.77
C GLU H 163 26.34 10.32 -38.95
N LYS H 164 25.84 11.37 -39.59
CA LYS H 164 25.46 12.57 -38.85
C LYS H 164 24.24 12.32 -37.98
N ILE H 165 23.23 11.61 -38.50
CA ILE H 165 22.02 11.32 -37.72
C ILE H 165 22.40 10.55 -36.45
N GLN H 166 23.27 9.54 -36.60
CA GLN H 166 23.72 8.74 -35.46
C GLN H 166 24.36 9.61 -34.38
N LYS H 167 25.28 10.50 -34.78
CA LYS H 167 25.95 11.39 -33.83
C LYS H 167 24.96 12.34 -33.16
N ASP H 168 24.03 12.89 -33.93
CA ASP H 168 23.11 13.92 -33.44
C ASP H 168 22.00 13.35 -32.56
N THR H 169 21.81 12.03 -32.53
CA THR H 169 20.78 11.40 -31.72
C THR H 169 21.38 10.60 -30.56
N ASP H 170 22.70 10.68 -30.35
CA ASP H 170 23.33 9.93 -29.27
C ASP H 170 22.73 10.29 -27.91
N ARG H 171 22.45 11.57 -27.70
CA ARG H 171 21.70 12.05 -26.54
C ARG H 171 20.55 12.94 -27.02
N ASP H 172 19.69 13.34 -26.07
CA ASP H 172 18.55 14.20 -26.41
C ASP H 172 19.04 15.46 -27.09
N ASN H 173 18.44 15.79 -28.23
CA ASN H 173 18.88 16.91 -29.04
C ASN H 173 17.68 17.79 -29.35
N PHE H 174 17.61 18.95 -28.71
CA PHE H 174 16.47 19.87 -28.81
C PHE H 174 16.72 20.90 -29.91
N LEU H 175 15.75 21.03 -30.81
CA LEU H 175 15.83 21.97 -31.93
C LEU H 175 14.68 22.96 -31.86
N THR H 176 14.97 24.22 -32.16
CA THR H 176 13.91 25.17 -32.47
C THR H 176 13.29 24.86 -33.83
N ALA H 177 12.17 25.52 -34.12
CA ALA H 177 11.53 25.35 -35.43
C ALA H 177 12.46 25.72 -36.57
N GLU H 178 13.20 26.82 -36.42
CA GLU H 178 14.14 27.23 -37.45
C GLU H 178 15.28 26.23 -37.60
N GLU H 179 15.79 25.70 -36.47
CA GLU H 179 16.82 24.68 -36.55
C GLU H 179 16.30 23.41 -37.20
N ALA H 180 15.03 23.05 -36.94
CA ALA H 180 14.46 21.86 -37.55
C ALA H 180 14.37 22.01 -39.08
N LYS H 181 14.04 23.21 -39.53
CA LYS H 181 14.04 23.50 -40.97
C LYS H 181 15.43 23.39 -41.56
N GLU H 182 16.42 23.99 -40.90
CA GLU H 182 17.82 23.87 -41.33
C GLU H 182 18.27 22.42 -41.36
N TYR H 183 17.77 21.59 -40.42
CA TYR H 183 18.15 20.19 -40.36
C TYR H 183 17.51 19.36 -41.48
N GLY H 184 16.38 19.81 -42.02
CA GLY H 184 15.65 19.06 -43.01
C GLY H 184 14.48 18.25 -42.48
N LEU H 185 14.13 18.42 -41.20
CA LEU H 185 12.99 17.71 -40.60
C LEU H 185 11.67 18.33 -41.03
N ILE H 186 11.64 19.63 -41.27
CA ILE H 186 10.47 20.32 -41.81
C ILE H 186 10.92 21.14 -43.00
N ASP H 187 9.93 21.65 -43.72
CA ASP H 187 10.17 22.48 -44.90
C ASP H 187 10.02 23.97 -44.62
N GLU H 188 9.12 24.37 -43.73
CA GLU H 188 8.85 25.79 -43.50
C GLU H 188 8.40 26.00 -42.06
N VAL H 189 8.77 27.16 -41.51
CA VAL H 189 8.19 27.66 -40.27
C VAL H 189 6.94 28.45 -40.62
N MET H 190 5.80 28.09 -40.03
CA MET H 190 4.53 28.75 -40.33
C MET H 190 4.44 30.12 -39.66
N VAL H 191 4.41 31.16 -40.49
CA VAL H 191 4.32 32.57 -40.07
C VAL H 191 2.84 32.94 -39.94
N PRO H 192 2.49 33.87 -39.05
CA PRO H 192 1.07 34.17 -38.79
C PRO H 192 0.31 34.69 -40.01
N GLU H 193 -0.97 34.31 -40.07
CA GLU H 193 -1.93 34.86 -41.03
C GLU H 193 -2.33 36.29 -40.65
N ILE I 4 -21.90 19.31 -14.90
CA ILE I 4 -21.97 20.26 -16.01
C ILE I 4 -23.37 20.24 -16.63
N PRO I 5 -24.10 21.35 -16.48
CA PRO I 5 -25.50 21.37 -16.91
C PRO I 5 -25.65 21.42 -18.43
N THR I 6 -26.86 21.11 -18.87
CA THR I 6 -27.20 21.07 -20.30
C THR I 6 -28.08 22.24 -20.74
N TYR I 18 -26.56 20.79 -25.80
CA TYR I 18 -25.27 21.35 -25.46
C TYR I 18 -25.02 21.28 -23.94
N ASP I 19 -23.83 20.84 -23.55
CA ASP I 19 -23.32 21.18 -22.23
C ASP I 19 -23.07 22.68 -22.19
N ILE I 20 -22.93 23.23 -20.97
CA ILE I 20 -22.83 24.68 -20.84
C ILE I 20 -21.64 25.23 -21.62
N TYR I 21 -20.51 24.51 -21.64
CA TYR I 21 -19.33 25.01 -22.35
C TYR I 21 -19.56 25.01 -23.86
N SER I 22 -20.21 23.97 -24.38
CA SER I 22 -20.52 23.95 -25.81
C SER I 22 -21.43 25.11 -26.20
N ARG I 23 -22.35 25.48 -25.30
CA ARG I 23 -23.25 26.61 -25.55
C ARG I 23 -22.52 27.94 -25.57
N LEU I 24 -21.55 28.12 -24.69
CA LEU I 24 -20.74 29.34 -24.73
C LEU I 24 -19.88 29.37 -25.98
N LEU I 25 -19.40 28.21 -26.43
CA LEU I 25 -18.58 28.16 -27.65
C LEU I 25 -19.36 28.66 -28.86
N LYS I 26 -20.68 28.46 -28.88
CA LYS I 26 -21.51 29.01 -29.95
C LYS I 26 -21.40 30.53 -30.03
N ASP I 27 -21.17 31.19 -28.90
CA ASP I 27 -20.97 32.63 -28.84
C ASP I 27 -19.48 33.01 -28.84
N ARG I 28 -18.61 32.09 -29.26
CA ARG I 28 -17.19 32.35 -29.47
C ARG I 28 -16.46 32.57 -28.14
N ILE I 29 -16.93 31.93 -27.08
CA ILE I 29 -16.30 32.00 -25.76
C ILE I 29 -15.67 30.65 -25.45
N ILE I 30 -14.39 30.67 -25.11
CA ILE I 30 -13.63 29.49 -24.70
C ILE I 30 -13.26 29.66 -23.24
N MET I 31 -13.45 28.61 -22.46
CA MET I 31 -13.16 28.65 -21.03
C MET I 31 -11.91 27.79 -20.79
N LEU I 32 -10.84 28.43 -20.35
CA LEU I 32 -9.64 27.73 -19.90
C LEU I 32 -9.65 27.77 -18.38
N GLY I 33 -10.14 26.70 -17.75
CA GLY I 33 -10.35 26.68 -16.31
C GLY I 33 -9.66 25.55 -15.57
N SER I 34 -8.48 25.15 -15.99
CA SER I 34 -7.80 24.03 -15.36
C SER I 34 -6.31 24.19 -15.58
N GLN I 35 -5.55 23.22 -15.08
CA GLN I 35 -4.15 23.10 -15.43
C GLN I 35 -4.01 22.92 -16.93
N ILE I 36 -2.89 23.37 -17.48
CA ILE I 36 -2.65 23.28 -18.91
C ILE I 36 -1.79 22.06 -19.18
N ASP I 37 -2.38 21.03 -19.80
CA ASP I 37 -1.63 19.88 -20.28
C ASP I 37 -1.95 19.68 -21.76
N ASP I 38 -1.38 18.61 -22.34
CA ASP I 38 -1.55 18.39 -23.77
C ASP I 38 -3.02 18.20 -24.14
N ASN I 39 -3.80 17.54 -23.27
CA ASN I 39 -5.22 17.35 -23.55
C ASN I 39 -5.95 18.68 -23.60
N VAL I 40 -5.67 19.55 -22.62
CA VAL I 40 -6.31 20.87 -22.59
C VAL I 40 -5.89 21.70 -23.80
N ALA I 41 -4.59 21.68 -24.13
CA ALA I 41 -4.11 22.44 -25.29
C ALA I 41 -4.76 21.96 -26.58
N ASN I 42 -4.83 20.64 -26.77
CA ASN I 42 -5.44 20.10 -27.99
C ASN I 42 -6.89 20.55 -28.11
N SER I 43 -7.62 20.57 -27.00
CA SER I 43 -8.99 21.06 -27.00
C SER I 43 -9.06 22.56 -27.32
N ILE I 44 -8.20 23.37 -26.69
CA ILE I 44 -8.26 24.83 -26.92
C ILE I 44 -7.85 25.15 -28.36
N VAL I 45 -6.77 24.51 -28.84
CA VAL I 45 -6.35 24.73 -30.23
C VAL I 45 -7.50 24.37 -31.17
N SER I 46 -8.14 23.21 -30.96
CA SER I 46 -9.25 22.80 -31.82
C SER I 46 -10.40 23.81 -31.80
N GLN I 47 -10.74 24.32 -30.61
CA GLN I 47 -11.79 25.33 -30.51
C GLN I 47 -11.42 26.61 -31.27
N LEU I 48 -10.17 27.04 -31.16
CA LEU I 48 -9.72 28.23 -31.88
C LEU I 48 -9.81 28.03 -33.39
N LEU I 49 -9.34 26.88 -33.89
CA LEU I 49 -9.39 26.60 -35.32
C LEU I 49 -10.84 26.53 -35.81
N PHE I 50 -11.70 25.88 -35.02
CA PHE I 50 -13.13 25.81 -35.35
C PHE I 50 -13.74 27.20 -35.44
N LEU I 51 -13.48 28.06 -34.45
CA LEU I 51 -14.07 29.40 -34.46
C LEU I 51 -13.57 30.24 -35.64
N GLN I 52 -12.28 30.13 -35.97
CA GLN I 52 -11.78 30.84 -37.14
C GLN I 52 -12.49 30.37 -38.41
N ALA I 53 -12.71 29.05 -38.53
CA ALA I 53 -13.36 28.52 -39.73
C ALA I 53 -14.81 28.99 -39.82
N GLN I 54 -15.47 29.15 -38.67
CA GLN I 54 -16.85 29.65 -38.66
C GLN I 54 -16.91 31.11 -39.07
N ASP I 55 -15.93 31.92 -38.63
CA ASP I 55 -15.92 33.34 -38.94
C ASP I 55 -14.52 33.87 -38.67
N SER I 56 -13.82 34.28 -39.72
CA SER I 56 -12.43 34.68 -39.58
C SER I 56 -12.28 36.12 -39.09
N GLU I 57 -13.37 36.87 -38.94
CA GLU I 57 -13.28 38.29 -38.58
C GLU I 57 -13.75 38.62 -37.18
N LYS I 58 -14.66 37.84 -36.59
CA LYS I 58 -15.25 38.17 -35.31
C LYS I 58 -14.32 37.80 -34.15
N ASP I 59 -14.30 38.63 -33.12
CA ASP I 59 -13.46 38.36 -31.95
C ASP I 59 -13.82 37.03 -31.28
N ILE I 60 -12.82 36.43 -30.65
CA ILE I 60 -12.94 35.27 -29.77
C ILE I 60 -12.61 35.74 -28.35
N TYR I 61 -13.28 35.14 -27.36
CA TYR I 61 -13.10 35.49 -25.94
C TYR I 61 -12.56 34.29 -25.17
N LEU I 62 -11.35 34.42 -24.62
CA LEU I 62 -10.72 33.33 -23.87
C LEU I 62 -10.68 33.70 -22.39
N TYR I 63 -11.53 33.06 -21.59
CA TYR I 63 -11.50 33.20 -20.13
C TYR I 63 -10.41 32.31 -19.55
N ILE I 64 -9.64 32.86 -18.62
CA ILE I 64 -8.50 32.15 -18.04
C ILE I 64 -8.64 32.13 -16.53
N ASN I 65 -8.77 30.93 -15.96
CA ASN I 65 -8.65 30.66 -14.52
C ASN I 65 -7.79 29.40 -14.44
N SER I 66 -6.48 29.58 -14.31
CA SER I 66 -5.60 28.44 -14.48
C SER I 66 -4.38 28.59 -13.58
N PRO I 67 -3.96 27.53 -12.91
CA PRO I 67 -2.70 27.56 -12.16
C PRO I 67 -1.46 27.34 -13.03
N GLY I 68 -1.62 27.15 -14.35
CA GLY I 68 -0.48 26.97 -15.22
C GLY I 68 -0.36 25.53 -15.70
N GLY I 69 0.86 25.11 -16.03
CA GLY I 69 1.07 23.77 -16.54
C GLY I 69 2.24 23.73 -17.51
N SER I 70 2.14 22.84 -18.50
CA SER I 70 3.24 22.51 -19.39
C SER I 70 3.58 23.69 -20.32
N VAL I 71 4.88 23.99 -20.44
CA VAL I 71 5.32 25.07 -21.34
C VAL I 71 5.00 24.73 -22.80
N THR I 72 5.26 23.49 -23.24
CA THR I 72 5.02 23.18 -24.65
C THR I 72 3.53 23.17 -24.97
N ALA I 73 2.70 22.69 -24.04
CA ALA I 73 1.26 22.77 -24.24
C ALA I 73 0.79 24.22 -24.31
N GLY I 74 1.32 25.06 -23.42
CA GLY I 74 1.01 26.48 -23.48
C GLY I 74 1.42 27.10 -24.80
N PHE I 75 2.60 26.73 -25.33
CA PHE I 75 3.02 27.31 -26.61
C PHE I 75 2.18 26.81 -27.79
N ALA I 76 1.61 25.60 -27.69
CA ALA I 76 0.66 25.17 -28.71
C ALA I 76 -0.51 26.14 -28.78
N ILE I 77 -1.04 26.55 -27.62
CA ILE I 77 -2.12 27.52 -27.58
C ILE I 77 -1.61 28.89 -28.04
N TYR I 78 -0.47 29.33 -27.49
CA TYR I 78 0.09 30.64 -27.83
C TYR I 78 0.25 30.80 -29.34
N ASP I 79 0.88 29.82 -30.00
CA ASP I 79 1.16 29.96 -31.42
C ASP I 79 -0.12 29.94 -32.23
N THR I 80 -1.12 29.19 -31.77
CA THR I 80 -2.39 29.18 -32.47
C THR I 80 -3.09 30.52 -32.36
N ILE I 81 -3.08 31.12 -31.16
CA ILE I 81 -3.66 32.47 -31.02
C ILE I 81 -3.03 33.44 -32.01
N GLN I 82 -1.69 33.45 -32.07
CA GLN I 82 -1.04 34.43 -32.94
C GLN I 82 -1.27 34.10 -34.40
N HIS I 83 -1.48 32.81 -34.73
CA HIS I 83 -1.60 32.40 -36.12
C HIS I 83 -2.95 32.80 -36.72
N ILE I 84 -4.04 32.59 -35.98
CA ILE I 84 -5.36 32.77 -36.58
C ILE I 84 -5.65 34.25 -36.80
N LYS I 85 -6.63 34.52 -37.66
CA LYS I 85 -6.99 35.90 -38.04
C LYS I 85 -7.80 36.65 -36.98
N PRO I 86 -8.82 36.05 -36.36
CA PRO I 86 -9.60 36.80 -35.35
C PRO I 86 -8.73 37.24 -34.19
N ASP I 87 -9.05 38.41 -33.62
CA ASP I 87 -8.47 38.82 -32.35
C ASP I 87 -8.96 37.87 -31.25
N VAL I 88 -8.07 37.53 -30.32
CA VAL I 88 -8.44 36.74 -29.15
C VAL I 88 -8.37 37.65 -27.94
N GLN I 89 -9.54 37.97 -27.36
CA GLN I 89 -9.57 38.70 -26.10
C GLN I 89 -9.26 37.73 -24.96
N THR I 90 -8.52 38.17 -23.96
CA THR I 90 -8.26 37.33 -22.80
C THR I 90 -8.81 38.00 -21.54
N ILE I 91 -9.44 37.20 -20.68
CA ILE I 91 -10.09 37.72 -19.48
C ILE I 91 -9.70 36.83 -18.31
N CYS I 92 -8.93 37.38 -17.37
CA CYS I 92 -8.55 36.65 -16.18
C CYS I 92 -9.63 36.75 -15.11
N ILE I 93 -10.12 35.60 -14.65
CA ILE I 93 -11.01 35.50 -13.50
C ILE I 93 -10.37 34.54 -12.49
N GLY I 94 -10.42 34.91 -11.21
CA GLY I 94 -9.81 34.06 -10.18
C GLY I 94 -8.29 34.20 -10.11
N MET I 95 -7.59 33.44 -10.95
CA MET I 95 -6.14 33.41 -10.93
C MET I 95 -5.62 33.06 -12.31
N ALA I 96 -4.60 33.77 -12.75
CA ALA I 96 -3.79 33.33 -13.89
C ALA I 96 -2.36 33.21 -13.40
N ALA I 97 -1.91 31.98 -13.19
CA ALA I 97 -0.57 31.74 -12.70
C ALA I 97 0.24 31.02 -13.79
N SER I 98 1.57 31.55 -13.71
CA SER I 98 2.57 30.77 -14.42
C SER I 98 2.25 30.71 -15.91
N MET I 99 2.10 29.52 -16.68
CA MET I 99 1.71 29.57 -18.09
C MET I 99 0.33 30.23 -18.30
N GLY I 100 -0.50 30.19 -17.26
CA GLY I 100 -1.76 30.91 -17.31
C GLY I 100 -1.58 32.41 -17.51
N SER I 101 -0.65 33.02 -16.78
CA SER I 101 -0.43 34.46 -16.95
C SER I 101 0.28 34.76 -18.27
N PHE I 102 1.09 33.82 -18.76
CA PHE I 102 1.71 33.98 -20.08
C PHE I 102 0.64 34.02 -21.16
N LEU I 103 -0.37 33.15 -21.07
CA LEU I 103 -1.43 33.15 -22.06
C LEU I 103 -2.33 34.38 -21.92
N LEU I 104 -2.55 34.86 -20.70
CA LEU I 104 -3.29 36.11 -20.50
C LEU I 104 -2.62 37.27 -21.26
N ALA I 105 -1.30 37.38 -21.15
CA ALA I 105 -0.53 38.42 -21.83
C ALA I 105 -0.51 38.23 -23.34
N ALA I 106 -0.87 37.04 -23.83
CA ALA I 106 -0.83 36.69 -25.24
C ALA I 106 -2.07 37.18 -26.00
N GLY I 107 -3.09 37.66 -25.29
CA GLY I 107 -4.28 38.17 -25.95
C GLY I 107 -3.99 39.38 -26.82
N ALA I 108 -4.95 39.69 -27.68
CA ALA I 108 -4.83 40.84 -28.58
C ALA I 108 -4.58 42.11 -27.78
N LYS I 109 -3.58 42.89 -28.21
CA LYS I 109 -3.23 44.10 -27.48
C LYS I 109 -4.39 45.07 -27.50
N GLY I 110 -4.69 45.64 -26.33
CA GLY I 110 -5.90 46.41 -26.10
C GLY I 110 -7.07 45.59 -25.62
N LYS I 111 -7.01 44.25 -25.69
CA LYS I 111 -8.15 43.41 -25.35
C LYS I 111 -7.78 42.35 -24.32
N ARG I 112 -6.87 42.67 -23.40
CA ARG I 112 -6.47 41.78 -22.30
C ARG I 112 -7.00 42.38 -21.00
N PHE I 113 -7.79 41.60 -20.25
CA PHE I 113 -8.52 42.10 -19.10
C PHE I 113 -8.32 41.20 -17.89
N ALA I 114 -8.52 41.78 -16.71
CA ALA I 114 -8.69 41.00 -15.49
C ALA I 114 -9.81 41.63 -14.66
N LEU I 115 -10.58 40.79 -13.97
CA LEU I 115 -11.57 41.26 -13.03
C LEU I 115 -10.87 41.81 -11.76
N PRO I 116 -11.55 42.69 -11.01
CA PRO I 116 -10.83 43.48 -9.98
C PRO I 116 -10.14 42.65 -8.89
N ASN I 117 -10.67 41.50 -8.51
CA ASN I 117 -10.07 40.71 -7.44
C ASN I 117 -9.32 39.49 -7.98
N ALA I 118 -9.17 39.39 -9.29
CA ALA I 118 -8.40 38.30 -9.88
C ALA I 118 -6.92 38.48 -9.54
N GLU I 119 -6.21 37.36 -9.43
CA GLU I 119 -4.78 37.37 -9.11
C GLU I 119 -4.00 36.90 -10.33
N VAL I 120 -2.81 37.48 -10.52
CA VAL I 120 -1.90 37.08 -11.58
C VAL I 120 -0.58 36.73 -10.92
N MET I 121 0.00 35.58 -11.28
CA MET I 121 1.28 35.23 -10.68
C MET I 121 2.26 34.83 -11.76
N ILE I 122 3.49 35.35 -11.65
CA ILE I 122 4.55 35.05 -12.60
C ILE I 122 5.72 34.46 -11.85
N HIS I 123 6.43 33.55 -12.51
CA HIS I 123 7.62 32.92 -11.94
C HIS I 123 8.36 32.20 -13.06
N GLN I 124 9.52 31.63 -12.71
CA GLN I 124 10.36 30.98 -13.70
C GLN I 124 9.95 29.52 -13.88
N PRO I 125 10.35 28.89 -14.98
CA PRO I 125 9.99 27.48 -15.20
C PRO I 125 10.59 26.53 -14.17
N LEU I 126 9.95 25.37 -14.04
CA LEU I 126 10.35 24.30 -13.13
C LEU I 126 10.45 22.99 -13.90
N GLY I 127 11.31 22.10 -13.40
CA GLY I 127 11.45 20.83 -14.04
C GLY I 127 12.31 19.88 -13.21
N GLY I 128 12.80 18.85 -13.89
CA GLY I 128 13.59 17.83 -13.22
C GLY I 128 14.60 17.29 -14.21
N ALA I 129 15.65 16.68 -13.65
CA ALA I 129 16.70 16.06 -14.45
C ALA I 129 17.37 15.00 -13.58
N GLN I 130 17.60 13.83 -14.16
CA GLN I 130 18.28 12.75 -13.47
C GLN I 130 19.11 11.97 -14.47
N GLY I 131 20.27 11.50 -14.04
CA GLY I 131 21.07 10.64 -14.88
C GLY I 131 22.52 11.06 -14.83
N GLN I 132 23.26 10.79 -15.90
CA GLN I 132 24.66 11.15 -15.98
C GLN I 132 24.82 12.67 -16.02
N ALA I 133 25.99 13.12 -15.58
CA ALA I 133 26.34 14.54 -15.64
C ALA I 133 26.00 15.13 -17.01
N THR I 134 26.38 14.42 -18.10
CA THR I 134 26.10 14.91 -19.44
C THR I 134 24.60 15.11 -19.66
N GLU I 135 23.78 14.17 -19.17
CA GLU I 135 22.33 14.27 -19.33
C GLU I 135 21.77 15.44 -18.51
N ILE I 136 22.29 15.63 -17.30
CA ILE I 136 21.86 16.74 -16.46
C ILE I 136 22.20 18.06 -17.12
N GLU I 137 23.38 18.14 -17.73
CA GLU I 137 23.76 19.35 -18.46
C GLU I 137 22.79 19.65 -19.60
N ILE I 138 22.43 18.63 -20.39
CA ILE I 138 21.50 18.84 -21.50
C ILE I 138 20.15 19.33 -21.00
N ALA I 139 19.65 18.73 -19.92
CA ALA I 139 18.36 19.15 -19.35
C ALA I 139 18.45 20.57 -18.81
N ALA I 140 19.56 20.92 -18.14
CA ALA I 140 19.75 22.27 -17.62
C ALA I 140 19.79 23.30 -18.76
N ASN I 141 20.58 23.02 -19.80
CA ASN I 141 20.63 23.91 -20.96
C ASN I 141 19.24 24.07 -21.58
N HIS I 142 18.47 22.97 -21.67
CA HIS I 142 17.15 23.06 -22.28
C HIS I 142 16.22 23.96 -21.49
N ILE I 143 16.17 23.79 -20.15
CA ILE I 143 15.24 24.60 -19.38
C ILE I 143 15.69 26.06 -19.33
N LEU I 144 17.01 26.31 -19.34
CA LEU I 144 17.50 27.68 -19.36
C LEU I 144 17.17 28.36 -20.69
N LYS I 145 17.30 27.64 -21.81
CA LYS I 145 16.89 28.22 -23.10
C LYS I 145 15.39 28.46 -23.14
N THR I 146 14.60 27.56 -22.55
CA THR I 146 13.16 27.76 -22.46
C THR I 146 12.82 29.03 -21.68
N ARG I 147 13.50 29.26 -20.55
CA ARG I 147 13.27 30.49 -19.80
C ARG I 147 13.60 31.73 -20.62
N GLU I 148 14.71 31.70 -21.37
CA GLU I 148 15.07 32.82 -22.23
C GLU I 148 13.98 33.08 -23.28
N LYS I 149 13.46 32.03 -23.90
CA LYS I 149 12.38 32.18 -24.89
C LYS I 149 11.14 32.79 -24.26
N LEU I 150 10.73 32.28 -23.10
CA LEU I 150 9.55 32.82 -22.41
C LEU I 150 9.75 34.29 -22.07
N ASN I 151 10.94 34.63 -21.55
CA ASN I 151 11.19 36.00 -21.12
C ASN I 151 11.15 36.96 -22.29
N ARG I 152 11.77 36.57 -23.41
CA ARG I 152 11.77 37.40 -24.61
C ARG I 152 10.36 37.66 -25.10
N ILE I 153 9.51 36.63 -25.17
CA ILE I 153 8.14 36.86 -25.61
C ILE I 153 7.38 37.71 -24.60
N LEU I 154 7.50 37.41 -23.29
CA LEU I 154 6.76 38.22 -22.33
C LEU I 154 7.22 39.68 -22.36
N SER I 155 8.52 39.90 -22.60
CA SER I 155 9.02 41.26 -22.79
C SER I 155 8.30 41.96 -23.94
N GLU I 156 8.15 41.26 -25.07
CA GLU I 156 7.45 41.86 -26.22
C GLU I 156 5.98 42.14 -25.91
N ARG I 157 5.34 41.26 -25.14
CA ARG I 157 3.91 41.42 -24.87
C ARG I 157 3.65 42.49 -23.81
N THR I 158 4.58 42.72 -22.88
CA THR I 158 4.31 43.62 -21.76
C THR I 158 4.97 44.98 -21.91
N GLY I 159 6.04 45.08 -22.70
CA GLY I 159 6.85 46.27 -22.70
C GLY I 159 7.90 46.33 -21.60
N GLN I 160 7.96 45.32 -20.72
CA GLN I 160 9.02 45.26 -19.72
C GLN I 160 10.27 44.63 -20.34
N SER I 161 11.43 45.02 -19.82
CA SER I 161 12.68 44.47 -20.33
C SER I 161 12.84 43.01 -19.93
N ILE I 162 13.64 42.30 -20.72
CA ILE I 162 14.02 40.94 -20.37
C ILE I 162 14.73 40.92 -19.01
N GLU I 163 15.59 41.92 -18.75
CA GLU I 163 16.31 41.96 -17.47
C GLU I 163 15.37 42.10 -16.29
N LYS I 164 14.32 42.92 -16.43
CA LYS I 164 13.35 43.09 -15.35
C LYS I 164 12.49 41.83 -15.17
N ILE I 165 12.05 41.22 -16.26
CA ILE I 165 11.26 40.00 -16.16
C ILE I 165 12.08 38.90 -15.48
N GLN I 166 13.36 38.77 -15.85
CA GLN I 166 14.23 37.79 -15.20
C GLN I 166 14.26 38.00 -13.69
N LYS I 167 14.51 39.23 -13.26
CA LYS I 167 14.54 39.52 -11.83
C LYS I 167 13.19 39.27 -11.17
N ASP I 168 12.11 39.67 -11.84
CA ASP I 168 10.79 39.60 -11.24
C ASP I 168 10.22 38.19 -11.19
N THR I 169 10.79 37.23 -11.92
CA THR I 169 10.27 35.87 -11.92
C THR I 169 11.20 34.91 -11.16
N ASP I 170 12.23 35.43 -10.50
CA ASP I 170 13.17 34.58 -9.78
C ASP I 170 12.45 33.71 -8.74
N ARG I 171 11.48 34.29 -8.02
CA ARG I 171 10.59 33.59 -7.09
C ARG I 171 9.16 33.89 -7.47
N ASP I 172 8.20 33.20 -6.83
CA ASP I 172 6.79 33.45 -7.12
C ASP I 172 6.46 34.92 -6.86
N ASN I 173 5.82 35.56 -7.82
CA ASN I 173 5.55 36.99 -7.74
C ASN I 173 4.05 37.20 -7.96
N PHE I 174 3.30 37.50 -6.90
CA PHE I 174 1.85 37.65 -6.97
C PHE I 174 1.46 39.10 -7.21
N LEU I 175 0.62 39.34 -8.23
CA LEU I 175 0.17 40.68 -8.60
C LEU I 175 -1.35 40.77 -8.48
N THR I 176 -1.84 41.92 -7.98
CA THR I 176 -3.24 42.26 -8.12
C THR I 176 -3.57 42.60 -9.57
N ALA I 177 -4.87 42.70 -9.89
CA ALA I 177 -5.26 43.07 -11.24
C ALA I 177 -4.68 44.44 -11.62
N GLU I 178 -4.72 45.40 -10.70
CA GLU I 178 -4.17 46.72 -10.99
C GLU I 178 -2.66 46.66 -11.20
N GLU I 179 -1.95 45.85 -10.39
CA GLU I 179 -0.51 45.71 -10.60
C GLU I 179 -0.20 45.04 -11.94
N ALA I 180 -1.04 44.08 -12.35
CA ALA I 180 -0.84 43.43 -13.65
C ALA I 180 -1.03 44.42 -14.80
N LYS I 181 -1.97 45.36 -14.65
CA LYS I 181 -2.15 46.40 -15.65
C LYS I 181 -0.91 47.30 -15.71
N GLU I 182 -0.44 47.75 -14.53
CA GLU I 182 0.78 48.55 -14.48
C GLU I 182 1.96 47.80 -15.11
N TYR I 183 2.00 46.48 -14.94
CA TYR I 183 3.10 45.69 -15.47
C TYR I 183 3.03 45.55 -16.97
N GLY I 184 1.82 45.64 -17.54
CA GLY I 184 1.60 45.41 -18.95
C GLY I 184 1.14 44.01 -19.30
N LEU I 185 0.79 43.20 -18.31
CA LEU I 185 0.27 41.86 -18.59
C LEU I 185 -1.15 41.94 -19.12
N ILE I 186 -1.90 42.96 -18.69
CA ILE I 186 -3.24 43.23 -19.19
C ILE I 186 -3.31 44.70 -19.57
N ASP I 187 -4.38 45.04 -20.28
CA ASP I 187 -4.64 46.41 -20.72
C ASP I 187 -5.59 47.14 -19.80
N GLU I 188 -6.56 46.44 -19.20
CA GLU I 188 -7.56 47.10 -18.38
C GLU I 188 -8.05 46.17 -17.28
N VAL I 189 -8.38 46.76 -16.14
CA VAL I 189 -9.18 46.07 -15.12
C VAL I 189 -10.65 46.30 -15.44
N MET I 190 -11.42 45.22 -15.56
CA MET I 190 -12.84 45.31 -15.88
C MET I 190 -13.59 45.73 -14.63
N VAL I 191 -14.10 46.95 -14.60
CA VAL I 191 -14.78 47.45 -13.41
C VAL I 191 -16.27 47.09 -13.47
N PRO I 192 -16.90 46.81 -12.32
CA PRO I 192 -18.31 46.37 -12.25
C PRO I 192 -19.26 47.43 -12.77
N ILE J 4 -28.76 11.40 -10.71
CA ILE J 4 -29.42 12.65 -11.07
C ILE J 4 -30.55 12.38 -12.04
N PRO J 5 -31.79 12.65 -11.62
CA PRO J 5 -32.95 12.36 -12.47
C PRO J 5 -33.03 13.30 -13.66
N THR J 6 -33.81 12.86 -14.65
CA THR J 6 -34.04 13.53 -15.91
C THR J 6 -35.48 14.05 -15.98
N VAL J 7 -35.66 15.19 -16.65
CA VAL J 7 -36.96 15.77 -16.93
C VAL J 7 -37.08 15.95 -18.44
N ILE J 8 -38.22 15.51 -18.99
CA ILE J 8 -38.47 15.59 -20.43
C ILE J 8 -39.54 16.64 -20.68
N GLU J 9 -39.23 17.62 -21.53
CA GLU J 9 -40.19 18.65 -21.90
C GLU J 9 -40.45 18.61 -23.41
N GLU J 15 -38.73 16.20 -28.27
CA GLU J 15 -38.57 16.22 -26.82
C GLU J 15 -37.15 16.65 -26.42
N ARG J 16 -37.07 17.59 -25.47
CA ARG J 16 -35.80 18.02 -24.90
C ARG J 16 -35.63 17.38 -23.52
N ALA J 17 -34.51 16.68 -23.31
CA ALA J 17 -34.22 16.00 -22.06
C ALA J 17 -33.24 16.82 -21.23
N TYR J 18 -33.61 17.11 -19.99
CA TYR J 18 -32.76 17.84 -19.07
C TYR J 18 -32.41 16.97 -17.88
N ASP J 19 -31.17 17.06 -17.41
CA ASP J 19 -30.96 16.68 -16.01
C ASP J 19 -31.64 17.72 -15.13
N ILE J 20 -31.86 17.36 -13.86
CA ILE J 20 -32.66 18.22 -12.99
C ILE J 20 -32.03 19.61 -12.86
N TYR J 21 -30.69 19.69 -12.83
CA TYR J 21 -30.02 20.99 -12.68
C TYR J 21 -30.18 21.84 -13.92
N SER J 22 -30.06 21.24 -15.11
CA SER J 22 -30.30 21.99 -16.33
C SER J 22 -31.71 22.53 -16.38
N ARG J 23 -32.66 21.77 -15.83
CA ARG J 23 -34.05 22.21 -15.82
C ARG J 23 -34.25 23.41 -14.89
N LEU J 24 -33.61 23.41 -13.73
CA LEU J 24 -33.66 24.58 -12.86
C LEU J 24 -32.97 25.79 -13.49
N LEU J 25 -31.87 25.54 -14.21
CA LEU J 25 -31.13 26.63 -14.86
C LEU J 25 -32.01 27.35 -15.88
N LYS J 26 -32.94 26.62 -16.50
CA LYS J 26 -33.92 27.25 -17.40
C LYS J 26 -34.74 28.31 -16.67
N ASP J 27 -34.97 28.13 -15.36
CA ASP J 27 -35.67 29.11 -14.54
C ASP J 27 -34.72 30.04 -13.78
N ARG J 28 -33.47 30.12 -14.24
CA ARG J 28 -32.46 31.05 -13.73
C ARG J 28 -32.04 30.71 -12.30
N ILE J 29 -32.04 29.43 -11.96
CA ILE J 29 -31.61 28.93 -10.67
C ILE J 29 -30.29 28.18 -10.84
N ILE J 30 -29.28 28.57 -10.06
CA ILE J 30 -27.98 27.91 -10.00
C ILE J 30 -27.81 27.28 -8.63
N MET J 31 -27.39 26.02 -8.61
CA MET J 31 -27.25 25.27 -7.36
C MET J 31 -25.76 25.12 -7.10
N LEU J 32 -25.27 25.74 -6.04
CA LEU J 32 -23.89 25.55 -5.59
C LEU J 32 -23.95 24.64 -4.36
N GLY J 33 -23.69 23.36 -4.57
CA GLY J 33 -23.86 22.34 -3.55
C GLY J 33 -22.63 21.48 -3.27
N SER J 34 -21.44 22.07 -3.31
CA SER J 34 -20.23 21.29 -3.08
C SER J 34 -19.12 22.21 -2.61
N GLN J 35 -17.94 21.62 -2.38
CA GLN J 35 -16.74 22.41 -2.18
C GLN J 35 -16.47 23.27 -3.41
N ILE J 36 -15.83 24.41 -3.21
CA ILE J 36 -15.55 25.35 -4.29
C ILE J 36 -14.13 25.12 -4.78
N ASP J 37 -13.98 24.55 -5.98
CA ASP J 37 -12.69 24.41 -6.63
C ASP J 37 -12.79 25.04 -8.02
N ASP J 38 -11.71 24.95 -8.79
CA ASP J 38 -11.67 25.58 -10.11
C ASP J 38 -12.72 25.01 -11.05
N ASN J 39 -12.97 23.69 -10.98
CA ASN J 39 -14.00 23.09 -11.84
C ASN J 39 -15.38 23.63 -11.51
N VAL J 40 -15.71 23.68 -10.22
CA VAL J 40 -17.00 24.21 -9.79
C VAL J 40 -17.13 25.69 -10.16
N ALA J 41 -16.09 26.48 -9.93
CA ALA J 41 -16.14 27.90 -10.27
C ALA J 41 -16.36 28.10 -11.77
N ASN J 42 -15.65 27.34 -12.60
CA ASN J 42 -15.80 27.45 -14.05
CA ASN J 42 -15.83 27.51 -14.04
C ASN J 42 -17.24 27.19 -14.47
N SER J 43 -17.86 26.17 -13.87
CA SER J 43 -19.25 25.85 -14.15
C SER J 43 -20.19 26.98 -13.72
N ILE J 44 -19.98 27.51 -12.50
CA ILE J 44 -20.87 28.54 -11.97
C ILE J 44 -20.74 29.83 -12.79
N VAL J 45 -19.50 30.24 -13.06
CA VAL J 45 -19.23 31.43 -13.88
C VAL J 45 -19.90 31.27 -15.24
N SER J 46 -19.75 30.10 -15.86
CA SER J 46 -20.35 29.85 -17.17
C SER J 46 -21.87 29.97 -17.11
N GLN J 47 -22.48 29.41 -16.05
CA GLN J 47 -23.92 29.54 -15.87
C GLN J 47 -24.35 30.99 -15.68
N LEU J 48 -23.59 31.76 -14.90
CA LEU J 48 -23.92 33.18 -14.70
C LEU J 48 -23.82 33.94 -16.01
N LEU J 49 -22.77 33.69 -16.80
CA LEU J 49 -22.61 34.37 -18.09
C LEU J 49 -23.72 33.98 -19.05
N PHE J 50 -24.08 32.70 -19.06
CA PHE J 50 -25.19 32.23 -19.87
C PHE J 50 -26.49 32.93 -19.51
N LEU J 51 -26.79 33.02 -18.20
CA LEU J 51 -28.05 33.64 -17.77
C LEU J 51 -28.08 35.13 -18.08
N GLN J 52 -26.96 35.84 -17.90
CA GLN J 52 -26.91 37.25 -18.29
C GLN J 52 -27.19 37.42 -19.79
N ALA J 53 -26.62 36.55 -20.63
CA ALA J 53 -26.86 36.67 -22.06
C ALA J 53 -28.32 36.37 -22.40
N GLN J 54 -28.93 35.41 -21.71
CA GLN J 54 -30.33 35.10 -21.98
C GLN J 54 -31.24 36.27 -21.62
N ASP J 55 -30.94 36.97 -20.53
CA ASP J 55 -31.73 38.12 -20.10
C ASP J 55 -30.89 38.94 -19.14
N SER J 56 -30.50 40.15 -19.56
CA SER J 56 -29.57 40.94 -18.77
C SER J 56 -30.24 41.62 -17.60
N GLU J 57 -31.57 41.55 -17.49
CA GLU J 57 -32.30 42.28 -16.46
C GLU J 57 -32.95 41.41 -15.40
N LYS J 58 -33.32 40.16 -15.71
CA LYS J 58 -34.06 39.34 -14.77
C LYS J 58 -33.14 38.76 -13.69
N ASP J 59 -33.65 38.68 -12.46
CA ASP J 59 -32.89 38.15 -11.33
C ASP J 59 -32.42 36.71 -11.58
N ILE J 60 -31.29 36.39 -10.97
CA ILE J 60 -30.74 35.05 -10.89
C ILE J 60 -30.80 34.60 -9.42
N TYR J 61 -31.03 33.29 -9.20
CA TYR J 61 -31.11 32.71 -7.86
C TYR J 61 -29.97 31.73 -7.67
N LEU J 62 -29.07 32.04 -6.73
CA LEU J 62 -27.92 31.20 -6.43
C LEU J 62 -28.12 30.56 -5.07
N TYR J 63 -28.40 29.27 -5.05
CA TYR J 63 -28.49 28.50 -3.82
C TYR J 63 -27.10 28.08 -3.38
N ILE J 64 -26.82 28.22 -2.08
CA ILE J 64 -25.48 27.90 -1.57
C ILE J 64 -25.62 26.89 -0.44
N ASN J 65 -25.05 25.71 -0.65
CA ASN J 65 -24.82 24.70 0.40
C ASN J 65 -23.37 24.25 0.21
N SER J 66 -22.42 24.88 0.91
CA SER J 66 -21.02 24.65 0.59
C SER J 66 -20.15 24.74 1.82
N PRO J 67 -19.19 23.84 1.99
CA PRO J 67 -18.22 23.99 3.09
C PRO J 67 -17.09 24.96 2.78
N GLY J 68 -17.08 25.57 1.59
CA GLY J 68 -16.03 26.50 1.24
C GLY J 68 -15.07 25.93 0.20
N GLY J 69 -13.84 26.40 0.19
CA GLY J 69 -12.88 25.91 -0.80
C GLY J 69 -11.88 27.01 -1.15
N SER J 70 -11.42 26.95 -2.40
CA SER J 70 -10.32 27.79 -2.88
C SER J 70 -10.71 29.26 -2.91
N VAL J 71 -9.84 30.14 -2.41
CA VAL J 71 -10.13 31.57 -2.42
C VAL J 71 -10.19 32.11 -3.84
N THR J 72 -9.23 31.72 -4.72
CA THR J 72 -9.24 32.27 -6.07
C THR J 72 -10.44 31.75 -6.87
N ALA J 73 -10.81 30.49 -6.66
CA ALA J 73 -12.01 29.98 -7.31
C ALA J 73 -13.24 30.74 -6.82
N GLY J 74 -13.28 31.02 -5.52
CA GLY J 74 -14.35 31.85 -4.98
C GLY J 74 -14.39 33.24 -5.59
N PHE J 75 -13.23 33.87 -5.79
CA PHE J 75 -13.23 35.21 -6.38
C PHE J 75 -13.62 35.23 -7.85
N ALA J 76 -13.36 34.14 -8.59
CA ALA J 76 -13.90 34.05 -9.94
C ALA J 76 -15.42 34.19 -9.92
N ILE J 77 -16.08 33.49 -8.98
CA ILE J 77 -17.53 33.58 -8.85
C ILE J 77 -17.95 34.97 -8.36
N TYR J 78 -17.30 35.44 -7.28
CA TYR J 78 -17.62 36.75 -6.69
C TYR J 78 -17.54 37.86 -7.73
N ASP J 79 -16.42 37.94 -8.48
CA ASP J 79 -16.27 39.03 -9.45
C ASP J 79 -17.28 38.93 -10.59
N THR J 80 -17.64 37.71 -10.99
CA THR J 80 -18.63 37.56 -12.05
C THR J 80 -19.99 38.04 -11.59
N ILE J 81 -20.38 37.69 -10.35
CA ILE J 81 -21.61 38.22 -9.76
C ILE J 81 -21.61 39.75 -9.80
N GLN J 82 -20.51 40.38 -9.37
CA GLN J 82 -20.53 41.84 -9.33
C GLN J 82 -20.48 42.43 -10.74
N HIS J 83 -19.88 41.72 -11.70
CA HIS J 83 -19.73 42.27 -13.04
C HIS J 83 -21.04 42.27 -13.83
N ILE J 84 -21.82 41.18 -13.75
CA ILE J 84 -22.98 41.04 -14.64
C ILE J 84 -24.09 42.00 -14.21
N LYS J 85 -25.01 42.27 -15.16
CA LYS J 85 -26.10 43.22 -14.91
C LYS J 85 -27.23 42.66 -14.03
N PRO J 86 -27.70 41.43 -14.21
CA PRO J 86 -28.78 40.93 -13.35
C PRO J 86 -28.39 40.92 -11.88
N ASP J 87 -29.38 41.20 -11.00
CA ASP J 87 -29.20 40.96 -9.57
C ASP J 87 -29.08 39.45 -9.33
N VAL J 88 -28.18 39.07 -8.45
CA VAL J 88 -28.03 37.67 -8.05
C VAL J 88 -28.52 37.54 -6.61
N GLN J 89 -29.66 36.87 -6.44
CA GLN J 89 -30.13 36.56 -5.09
C GLN J 89 -29.33 35.37 -4.59
N THR J 90 -28.95 35.39 -3.31
CA THR J 90 -28.24 34.25 -2.72
C THR J 90 -29.11 33.65 -1.61
N ILE J 91 -29.17 32.33 -1.58
CA ILE J 91 -30.04 31.60 -0.66
C ILE J 91 -29.22 30.49 -0.02
N CYS J 92 -28.96 30.63 1.27
CA CYS J 92 -28.22 29.63 2.04
C CYS J 92 -29.17 28.54 2.53
N ILE J 93 -28.90 27.30 2.14
CA ILE J 93 -29.57 26.12 2.65
C ILE J 93 -28.51 25.17 3.22
N GLY J 94 -28.77 24.61 4.38
CA GLY J 94 -27.81 23.70 4.99
C GLY J 94 -26.67 24.45 5.66
N MET J 95 -25.64 24.80 4.89
CA MET J 95 -24.45 25.44 5.45
C MET J 95 -23.78 26.30 4.39
N ALA J 96 -23.40 27.51 4.78
CA ALA J 96 -22.49 28.31 3.98
C ALA J 96 -21.28 28.62 4.86
N ALA J 97 -20.18 27.92 4.62
CA ALA J 97 -18.95 28.09 5.42
C ALA J 97 -17.82 28.61 4.51
N SER J 98 -17.08 29.52 5.31
CA SER J 98 -15.79 29.91 4.78
C SER J 98 -15.95 30.66 3.46
N MET J 99 -15.49 30.15 2.20
CA MET J 99 -15.75 30.87 0.94
C MET J 99 -17.24 30.83 0.58
N GLY J 100 -17.94 29.80 1.08
CA GLY J 100 -19.38 29.76 0.95
C GLY J 100 -20.10 30.95 1.59
N SER J 101 -19.72 31.29 2.83
CA SER J 101 -20.39 32.43 3.46
C SER J 101 -19.96 33.75 2.82
N PHE J 102 -18.74 33.81 2.29
CA PHE J 102 -18.33 35.00 1.58
C PHE J 102 -19.20 35.21 0.33
N LEU J 103 -19.48 34.14 -0.41
CA LEU J 103 -20.34 34.29 -1.59
C LEU J 103 -21.79 34.58 -1.18
N LEU J 104 -22.25 34.04 -0.06
CA LEU J 104 -23.60 34.37 0.42
C LEU J 104 -23.74 35.89 0.61
N ALA J 105 -22.74 36.50 1.25
CA ALA J 105 -22.74 37.95 1.51
C ALA J 105 -22.58 38.78 0.25
N ALA J 106 -22.15 38.15 -0.85
CA ALA J 106 -21.89 38.82 -2.13
C ALA J 106 -23.16 39.02 -2.97
N GLY J 107 -24.28 38.40 -2.59
CA GLY J 107 -25.52 38.58 -3.33
C GLY J 107 -26.01 40.03 -3.32
N ALA J 108 -26.95 40.31 -4.21
CA ALA J 108 -27.53 41.65 -4.31
C ALA J 108 -28.09 42.10 -2.96
N LYS J 109 -27.77 43.34 -2.57
CA LYS J 109 -28.22 43.82 -1.26
C LYS J 109 -29.75 43.90 -1.20
N GLY J 110 -30.31 43.37 -0.12
CA GLY J 110 -31.73 43.17 -0.01
C GLY J 110 -32.20 41.82 -0.49
N LYS J 111 -31.34 41.04 -1.17
CA LYS J 111 -31.75 39.77 -1.76
C LYS J 111 -30.80 38.63 -1.33
N ARG J 112 -30.27 38.72 -0.11
CA ARG J 112 -29.45 37.67 0.50
C ARG J 112 -30.26 37.02 1.62
N PHE J 113 -30.44 35.71 1.54
CA PHE J 113 -31.36 34.98 2.40
C PHE J 113 -30.69 33.77 3.00
N ALA J 114 -31.23 33.32 4.13
CA ALA J 114 -30.93 31.99 4.64
C ALA J 114 -32.22 31.35 5.13
N LEU J 115 -32.32 30.04 4.96
CA LEU J 115 -33.42 29.29 5.54
C LEU J 115 -33.21 29.19 7.06
N PRO J 116 -34.29 28.97 7.82
CA PRO J 116 -34.23 29.17 9.29
C PRO J 116 -33.22 28.30 10.01
N ASN J 117 -32.97 27.06 9.56
CA ASN J 117 -32.03 26.18 10.23
C ASN J 117 -30.69 26.10 9.52
N ALA J 118 -30.47 26.94 8.51
CA ALA J 118 -29.19 26.95 7.83
C ALA J 118 -28.14 27.56 8.74
N GLU J 119 -26.91 27.11 8.58
CA GLU J 119 -25.77 27.56 9.36
C GLU J 119 -24.82 28.37 8.49
N VAL J 120 -24.23 29.41 9.08
CA VAL J 120 -23.23 30.22 8.40
C VAL J 120 -21.98 30.17 9.26
N MET J 121 -20.82 29.96 8.64
CA MET J 121 -19.58 29.95 9.40
C MET J 121 -18.55 30.84 8.73
N ILE J 122 -17.87 31.69 9.51
CA ILE J 122 -16.86 32.58 8.99
C ILE J 122 -15.56 32.31 9.74
N HIS J 123 -14.44 32.46 9.05
CA HIS J 123 -13.12 32.25 9.66
C HIS J 123 -12.05 32.80 8.72
N GLN J 124 -10.80 32.74 9.15
CA GLN J 124 -9.72 33.27 8.33
C GLN J 124 -9.21 32.23 7.34
N PRO J 125 -8.49 32.66 6.30
CA PRO J 125 -7.95 31.69 5.32
C PRO J 125 -6.95 30.73 5.92
N LEU J 126 -6.81 29.59 5.25
CA LEU J 126 -5.89 28.52 5.63
C LEU J 126 -5.03 28.17 4.43
N GLY J 127 -3.83 27.68 4.70
CA GLY J 127 -2.97 27.28 3.61
C GLY J 127 -1.76 26.52 4.12
N GLY J 128 -0.79 26.36 3.23
CA GLY J 128 0.42 25.62 3.57
C GLY J 128 1.56 26.18 2.77
N ALA J 129 2.77 25.97 3.26
CA ALA J 129 3.95 26.49 2.58
C ALA J 129 5.14 25.64 2.99
N GLN J 130 5.97 25.29 2.03
CA GLN J 130 7.13 24.45 2.29
C GLN J 130 8.26 24.94 1.39
N GLY J 131 9.47 24.96 1.94
CA GLY J 131 10.64 25.32 1.15
C GLY J 131 11.57 26.22 1.92
N GLN J 132 12.33 27.03 1.20
CA GLN J 132 13.28 27.94 1.82
C GLN J 132 12.54 29.02 2.60
N ALA J 133 13.24 29.59 3.59
CA ALA J 133 12.72 30.71 4.35
C ALA J 133 12.16 31.80 3.43
N THR J 134 12.89 32.15 2.36
CA THR J 134 12.39 33.15 1.40
C THR J 134 11.04 32.74 0.80
N GLU J 135 10.90 31.46 0.45
CA GLU J 135 9.66 30.97 -0.13
C GLU J 135 8.53 30.99 0.89
N ILE J 136 8.83 30.62 2.14
CA ILE J 136 7.82 30.66 3.20
C ILE J 136 7.38 32.10 3.44
N GLU J 137 8.32 33.04 3.41
CA GLU J 137 7.97 34.45 3.56
C GLU J 137 7.00 34.92 2.47
N ILE J 138 7.27 34.55 1.21
CA ILE J 138 6.39 34.93 0.09
C ILE J 138 5.00 34.36 0.29
N ALA J 139 4.92 33.08 0.68
CA ALA J 139 3.62 32.45 0.89
C ALA J 139 2.87 33.12 2.04
N ALA J 140 3.57 33.43 3.13
CA ALA J 140 2.95 34.09 4.27
C ALA J 140 2.42 35.48 3.89
N ASN J 141 3.25 36.27 3.19
CA ASN J 141 2.80 37.59 2.77
C ASN J 141 1.56 37.48 1.88
N HIS J 142 1.53 36.49 1.00
CA HIS J 142 0.41 36.31 0.09
C HIS J 142 -0.86 35.98 0.87
N ILE J 143 -0.80 35.02 1.80
CA ILE J 143 -2.04 34.67 2.50
C ILE J 143 -2.49 35.81 3.41
N LEU J 144 -1.56 36.57 3.99
CA LEU J 144 -1.94 37.71 4.81
C LEU J 144 -2.58 38.82 3.96
N LYS J 145 -2.03 39.08 2.76
CA LYS J 145 -2.67 40.05 1.86
C LYS J 145 -4.03 39.55 1.39
N THR J 146 -4.16 38.25 1.16
CA THR J 146 -5.46 37.68 0.81
C THR J 146 -6.47 37.92 1.93
N ARG J 147 -6.07 37.69 3.17
CA ARG J 147 -6.98 37.93 4.29
C ARG J 147 -7.42 39.39 4.38
N GLU J 148 -6.48 40.33 4.19
CA GLU J 148 -6.83 41.74 4.22
C GLU J 148 -7.85 42.08 3.15
N LYS J 149 -7.69 41.54 1.93
CA LYS J 149 -8.64 41.76 0.84
C LYS J 149 -10.02 41.20 1.19
N LEU J 150 -10.06 39.96 1.70
CA LEU J 150 -11.33 39.37 2.11
C LEU J 150 -12.01 40.22 3.19
N ASN J 151 -11.25 40.66 4.19
CA ASN J 151 -11.84 41.42 5.29
C ASN J 151 -12.40 42.76 4.81
N ARG J 152 -11.66 43.42 3.92
CA ARG J 152 -12.10 44.69 3.36
C ARG J 152 -13.42 44.54 2.61
N ILE J 153 -13.53 43.50 1.77
CA ILE J 153 -14.78 43.29 1.07
C ILE J 153 -15.90 42.95 2.04
N LEU J 154 -15.64 42.05 3.00
CA LEU J 154 -16.70 41.65 3.92
C LEU J 154 -17.17 42.85 4.76
N SER J 155 -16.24 43.74 5.12
CA SER J 155 -16.63 44.99 5.79
C SER J 155 -17.61 45.79 4.94
N GLU J 156 -17.33 45.92 3.64
CA GLU J 156 -18.22 46.63 2.73
C GLU J 156 -19.56 45.92 2.57
N ARG J 157 -19.57 44.58 2.56
CA ARG J 157 -20.81 43.85 2.32
C ARG J 157 -21.70 43.78 3.57
N THR J 158 -21.11 43.84 4.77
CA THR J 158 -21.85 43.66 6.02
C THR J 158 -22.12 44.97 6.77
N GLY J 159 -21.32 46.00 6.54
CA GLY J 159 -21.33 47.20 7.36
C GLY J 159 -20.51 47.13 8.63
N GLN J 160 -19.88 45.99 8.93
CA GLN J 160 -19.03 45.87 10.12
C GLN J 160 -17.65 46.45 9.84
N SER J 161 -16.99 46.93 10.89
CA SER J 161 -15.63 47.44 10.71
C SER J 161 -14.66 46.30 10.37
N ILE J 162 -13.58 46.65 9.68
CA ILE J 162 -12.52 45.68 9.40
C ILE J 162 -11.95 45.11 10.69
N GLU J 163 -11.81 45.95 11.72
CA GLU J 163 -11.28 45.47 13.00
C GLU J 163 -12.17 44.42 13.63
N LYS J 164 -13.48 44.60 13.56
CA LYS J 164 -14.41 43.60 14.12
C LYS J 164 -14.37 42.30 13.33
N ILE J 165 -14.37 42.38 11.99
CA ILE J 165 -14.28 41.19 11.16
C ILE J 165 -13.00 40.41 11.47
N GLN J 166 -11.87 41.12 11.58
CA GLN J 166 -10.61 40.45 11.91
C GLN J 166 -10.73 39.67 13.21
N LYS J 167 -11.27 40.30 14.25
CA LYS J 167 -11.44 39.62 15.53
C LYS J 167 -12.42 38.44 15.41
N ASP J 168 -13.53 38.62 14.70
CA ASP J 168 -14.56 37.62 14.65
C ASP J 168 -14.19 36.43 13.77
N THR J 169 -13.15 36.54 12.95
CA THR J 169 -12.74 35.44 12.08
C THR J 169 -11.44 34.79 12.54
N ASP J 170 -10.92 35.17 13.71
CA ASP J 170 -9.67 34.60 14.21
C ASP J 170 -9.75 33.07 14.32
N ARG J 171 -10.88 32.56 14.80
CA ARG J 171 -11.15 31.13 14.82
C ARG J 171 -12.51 30.87 14.17
N ASP J 172 -12.84 29.59 13.96
CA ASP J 172 -14.13 29.24 13.37
C ASP J 172 -15.27 29.87 14.17
N ASN J 173 -16.17 30.56 13.49
CA ASN J 173 -17.24 31.29 14.15
C ASN J 173 -18.56 30.87 13.50
N PHE J 174 -19.35 30.06 14.21
CA PHE J 174 -20.61 29.49 13.69
C PHE J 174 -21.78 30.42 14.04
N LEU J 175 -22.56 30.78 13.03
CA LEU J 175 -23.72 31.66 13.21
C LEU J 175 -24.99 30.93 12.80
N THR J 176 -26.07 31.16 13.56
CA THR J 176 -27.41 30.81 13.09
C THR J 176 -27.83 31.78 11.98
N ALA J 177 -28.91 31.43 11.27
CA ALA J 177 -29.42 32.31 10.23
C ALA J 177 -29.77 33.68 10.80
N GLU J 178 -30.40 33.72 11.98
CA GLU J 178 -30.75 35.00 12.59
C GLU J 178 -29.50 35.79 12.99
N GLU J 179 -28.46 35.10 13.49
CA GLU J 179 -27.22 35.79 13.82
C GLU J 179 -26.56 36.36 12.56
N ALA J 180 -26.62 35.62 11.45
CA ALA J 180 -26.04 36.10 10.20
C ALA J 180 -26.75 37.36 9.72
N LYS J 181 -28.07 37.42 9.92
CA LYS J 181 -28.83 38.62 9.60
C LYS J 181 -28.41 39.79 10.48
N GLU J 182 -28.30 39.57 11.80
CA GLU J 182 -27.80 40.63 12.68
C GLU J 182 -26.42 41.09 12.27
N TYR J 183 -25.58 40.16 11.79
CA TYR J 183 -24.21 40.50 11.41
C TYR J 183 -24.15 41.30 10.12
N GLY J 184 -25.15 41.17 9.26
CA GLY J 184 -25.14 41.82 7.97
C GLY J 184 -24.70 40.94 6.83
N LEU J 185 -24.54 39.63 7.06
CA LEU J 185 -24.17 38.69 6.00
C LEU J 185 -25.35 38.40 5.11
N ILE J 186 -26.56 38.42 5.66
CA ILE J 186 -27.77 38.26 4.88
C ILE J 186 -28.72 39.39 5.27
N ASP J 187 -29.79 39.51 4.47
CA ASP J 187 -30.80 40.53 4.69
C ASP J 187 -32.03 40.00 5.41
N GLU J 188 -32.40 38.73 5.18
CA GLU J 188 -33.62 38.19 5.76
C GLU J 188 -33.48 36.69 5.98
N VAL J 189 -34.13 36.19 7.02
CA VAL J 189 -34.38 34.76 7.18
C VAL J 189 -35.67 34.44 6.45
N MET J 190 -35.61 33.48 5.52
CA MET J 190 -36.78 33.08 4.72
C MET J 190 -37.69 32.22 5.59
N VAL J 191 -38.86 32.74 5.94
CA VAL J 191 -39.82 32.07 6.81
C VAL J 191 -40.73 31.17 5.98
N PRO J 192 -41.17 30.00 6.50
CA PRO J 192 -41.99 29.10 5.69
C PRO J 192 -43.34 29.67 5.26
N ILE K 4 -29.82 0.13 -13.68
CA ILE K 4 -31.13 0.74 -13.47
C ILE K 4 -31.87 0.78 -14.80
N PRO K 5 -33.07 0.20 -14.84
CA PRO K 5 -33.78 0.02 -16.11
C PRO K 5 -34.36 1.32 -16.65
N THR K 6 -34.69 1.25 -17.94
CA THR K 6 -35.29 2.37 -18.66
C THR K 6 -36.75 2.06 -18.99
N VAL K 7 -37.58 3.10 -18.98
CA VAL K 7 -38.99 3.04 -19.37
C VAL K 7 -39.21 4.00 -20.53
N ILE K 8 -39.84 3.51 -21.58
CA ILE K 8 -40.10 4.31 -22.79
C ILE K 8 -41.59 4.60 -22.86
N GLU K 9 -41.94 5.89 -22.84
CA GLU K 9 -43.34 6.32 -22.86
C GLU K 9 -43.88 6.39 -24.28
N ALA K 17 -37.69 8.46 -23.25
CA ALA K 17 -37.05 7.43 -22.43
C ALA K 17 -36.65 7.98 -21.06
N TYR K 18 -37.11 7.30 -20.00
CA TYR K 18 -36.78 7.65 -18.62
C TYR K 18 -36.01 6.51 -17.97
N ASP K 19 -35.04 6.84 -17.13
CA ASP K 19 -34.66 5.86 -16.12
C ASP K 19 -35.83 5.73 -15.13
N ILE K 20 -35.84 4.63 -14.38
CA ILE K 20 -37.01 4.30 -13.56
C ILE K 20 -37.29 5.43 -12.56
N TYR K 21 -36.23 6.05 -12.01
CA TYR K 21 -36.42 7.11 -11.01
C TYR K 21 -37.00 8.36 -11.64
N SER K 22 -36.53 8.74 -12.83
CA SER K 22 -37.11 9.90 -13.52
C SER K 22 -38.58 9.65 -13.85
N ARG K 23 -38.94 8.41 -14.14
CA ARG K 23 -40.34 8.08 -14.39
C ARG K 23 -41.19 8.25 -13.12
N LEU K 24 -40.67 7.84 -11.97
CA LEU K 24 -41.40 8.07 -10.71
C LEU K 24 -41.51 9.55 -10.40
N LEU K 25 -40.47 10.32 -10.69
CA LEU K 25 -40.49 11.76 -10.42
C LEU K 25 -41.60 12.44 -11.20
N LYS K 26 -41.91 11.92 -12.39
CA LYS K 26 -43.04 12.42 -13.16
C LYS K 26 -44.35 12.29 -12.37
N ASP K 27 -44.47 11.29 -11.51
CA ASP K 27 -45.63 11.12 -10.64
C ASP K 27 -45.43 11.71 -9.24
N ARG K 28 -44.46 12.60 -9.09
CA ARG K 28 -44.20 13.36 -7.85
C ARG K 28 -43.69 12.46 -6.72
N ILE K 29 -42.95 11.40 -7.08
CA ILE K 29 -42.32 10.52 -6.12
C ILE K 29 -40.82 10.76 -6.16
N ILE K 30 -40.24 11.04 -4.97
CA ILE K 30 -38.81 11.21 -4.80
C ILE K 30 -38.31 10.04 -3.94
N MET K 31 -37.22 9.40 -4.37
CA MET K 31 -36.66 8.26 -3.66
C MET K 31 -35.38 8.73 -2.97
N LEU K 32 -35.37 8.72 -1.65
CA LEU K 32 -34.15 8.99 -0.89
C LEU K 32 -33.68 7.63 -0.37
N GLY K 33 -32.75 7.01 -1.11
CA GLY K 33 -32.33 5.65 -0.87
C GLY K 33 -30.84 5.47 -0.66
N SER K 34 -30.21 6.41 0.03
CA SER K 34 -28.77 6.31 0.27
C SER K 34 -28.44 7.15 1.49
N GLN K 35 -27.15 7.17 1.82
CA GLN K 35 -26.64 8.11 2.81
C GLN K 35 -26.90 9.54 2.34
N ILE K 36 -27.06 10.44 3.30
CA ILE K 36 -27.34 11.84 3.02
C ILE K 36 -26.03 12.64 3.06
N ASP K 37 -25.54 13.06 1.90
CA ASP K 37 -24.40 13.96 1.82
C ASP K 37 -24.81 15.18 0.99
N ASP K 38 -23.88 16.11 0.75
CA ASP K 38 -24.24 17.35 0.07
C ASP K 38 -24.76 17.07 -1.35
N ASN K 39 -24.17 16.09 -2.04
CA ASN K 39 -24.63 15.77 -3.40
C ASN K 39 -26.06 15.25 -3.40
N VAL K 40 -26.36 14.34 -2.47
CA VAL K 40 -27.73 13.80 -2.36
C VAL K 40 -28.71 14.91 -1.99
N ALA K 41 -28.33 15.75 -1.03
CA ALA K 41 -29.21 16.85 -0.62
C ALA K 41 -29.47 17.80 -1.77
N ASN K 42 -28.46 18.11 -2.57
CA ASN K 42 -28.63 19.02 -3.71
CA ASN K 42 -28.72 19.06 -3.64
C ASN K 42 -29.62 18.45 -4.72
N SER K 43 -29.55 17.14 -4.94
CA SER K 43 -30.49 16.46 -5.82
C SER K 43 -31.91 16.47 -5.26
N ILE K 44 -32.07 16.14 -3.96
CA ILE K 44 -33.40 16.09 -3.36
C ILE K 44 -34.04 17.47 -3.34
N VAL K 45 -33.27 18.48 -2.94
CA VAL K 45 -33.76 19.85 -2.92
C VAL K 45 -34.19 20.29 -4.32
N SER K 46 -33.36 20.01 -5.32
CA SER K 46 -33.70 20.37 -6.71
C SER K 46 -34.99 19.68 -7.16
N GLN K 47 -35.16 18.41 -6.82
CA GLN K 47 -36.40 17.70 -7.15
C GLN K 47 -37.60 18.33 -6.45
N LEU K 48 -37.46 18.69 -5.18
CA LEU K 48 -38.56 19.36 -4.48
C LEU K 48 -38.90 20.71 -5.13
N LEU K 49 -37.89 21.51 -5.48
CA LEU K 49 -38.16 22.82 -6.09
C LEU K 49 -38.82 22.66 -7.46
N PHE K 50 -38.35 21.69 -8.25
CA PHE K 50 -38.95 21.36 -9.53
C PHE K 50 -40.41 20.96 -9.38
N LEU K 51 -40.71 20.05 -8.43
CA LEU K 51 -42.10 19.61 -8.26
C LEU K 51 -43.00 20.75 -7.81
N GLN K 52 -42.53 21.60 -6.91
CA GLN K 52 -43.33 22.77 -6.53
C GLN K 52 -43.62 23.67 -7.74
N ALA K 53 -42.62 23.87 -8.60
CA ALA K 53 -42.81 24.73 -9.77
C ALA K 53 -43.79 24.09 -10.76
N GLN K 54 -43.77 22.76 -10.87
CA GLN K 54 -44.71 22.04 -11.74
C GLN K 54 -46.13 22.10 -11.21
N ASP K 55 -46.30 22.01 -9.89
CA ASP K 55 -47.64 22.02 -9.30
C ASP K 55 -47.48 22.40 -7.84
N SER K 56 -47.94 23.59 -7.47
CA SER K 56 -47.68 24.08 -6.11
C SER K 56 -48.65 23.52 -5.09
N GLU K 57 -49.67 22.78 -5.52
CA GLU K 57 -50.72 22.31 -4.61
C GLU K 57 -50.76 20.80 -4.42
N LYS K 58 -50.31 20.00 -5.37
CA LYS K 58 -50.41 18.55 -5.25
C LYS K 58 -49.35 17.97 -4.33
N ASP K 59 -49.73 16.94 -3.58
CA ASP K 59 -48.79 16.28 -2.66
C ASP K 59 -47.57 15.76 -3.41
N ILE K 60 -46.45 15.73 -2.69
CA ILE K 60 -45.23 15.06 -3.09
C ILE K 60 -45.02 13.85 -2.17
N TYR K 61 -44.42 12.78 -2.71
CA TYR K 61 -44.17 11.55 -1.94
C TYR K 61 -42.68 11.33 -1.82
N LEU K 62 -42.15 11.38 -0.60
CA LEU K 62 -40.72 11.18 -0.35
C LEU K 62 -40.52 9.83 0.33
N TYR K 63 -40.00 8.86 -0.43
CA TYR K 63 -39.65 7.56 0.13
C TYR K 63 -38.30 7.65 0.80
N ILE K 64 -38.18 7.07 2.00
CA ILE K 64 -36.95 7.17 2.77
C ILE K 64 -36.47 5.76 3.14
N ASN K 65 -35.31 5.40 2.62
CA ASN K 65 -34.54 4.22 3.02
C ASN K 65 -33.09 4.71 3.14
N SER K 66 -32.71 5.14 4.34
CA SER K 66 -31.45 5.87 4.48
C SER K 66 -30.82 5.58 5.83
N PRO K 67 -29.51 5.33 5.89
CA PRO K 67 -28.82 5.20 7.19
C PRO K 67 -28.47 6.52 7.84
N GLY K 68 -28.77 7.65 7.21
CA GLY K 68 -28.45 8.94 7.78
C GLY K 68 -27.33 9.63 7.03
N GLY K 69 -26.61 10.52 7.70
CA GLY K 69 -25.53 11.27 7.08
C GLY K 69 -25.41 12.66 7.70
N SER K 70 -24.98 13.60 6.88
CA SER K 70 -24.62 14.94 7.34
C SER K 70 -25.83 15.72 7.86
N VAL K 71 -25.66 16.36 9.01
CA VAL K 71 -26.72 17.17 9.61
C VAL K 71 -27.04 18.36 8.72
N THR K 72 -26.02 19.07 8.22
CA THR K 72 -26.32 20.27 7.42
C THR K 72 -26.97 19.88 6.09
N ALA K 73 -26.54 18.76 5.49
CA ALA K 73 -27.22 18.29 4.28
C ALA K 73 -28.67 17.93 4.57
N GLY K 74 -28.90 17.27 5.70
CA GLY K 74 -30.25 16.98 6.13
C GLY K 74 -31.10 18.22 6.33
N PHE K 75 -30.51 19.28 6.94
CA PHE K 75 -31.29 20.50 7.13
C PHE K 75 -31.57 21.24 5.82
N ALA K 76 -30.71 21.09 4.81
CA ALA K 76 -31.08 21.64 3.51
C ALA K 76 -32.38 21.03 3.01
N ILE K 77 -32.52 19.71 3.15
CA ILE K 77 -33.77 19.04 2.76
C ILE K 77 -34.91 19.45 3.70
N TYR K 78 -34.66 19.39 5.01
CA TYR K 78 -35.70 19.73 5.99
C TYR K 78 -36.29 21.10 5.72
N ASP K 79 -35.44 22.11 5.58
CA ASP K 79 -35.95 23.47 5.41
C ASP K 79 -36.66 23.64 4.07
N THR K 80 -36.22 22.92 3.03
CA THR K 80 -36.91 23.00 1.74
C THR K 80 -38.30 22.38 1.86
N ILE K 81 -38.42 21.22 2.51
CA ILE K 81 -39.75 20.63 2.75
C ILE K 81 -40.67 21.63 3.44
N GLN K 82 -40.18 22.27 4.51
CA GLN K 82 -41.06 23.18 5.26
C GLN K 82 -41.39 24.43 4.46
N HIS K 83 -40.48 24.84 3.58
CA HIS K 83 -40.65 26.10 2.86
C HIS K 83 -41.70 25.98 1.74
N ILE K 84 -41.67 24.88 0.98
CA ILE K 84 -42.49 24.80 -0.25
C ILE K 84 -43.96 24.66 0.11
N LYS K 85 -44.82 24.98 -0.87
CA LYS K 85 -46.26 24.94 -0.63
C LYS K 85 -46.85 23.53 -0.59
N PRO K 86 -46.49 22.61 -1.51
CA PRO K 86 -47.09 21.26 -1.44
C PRO K 86 -46.76 20.55 -0.13
N ASP K 87 -47.71 19.74 0.34
CA ASP K 87 -47.43 18.79 1.42
C ASP K 87 -46.45 17.73 0.92
N VAL K 88 -45.52 17.34 1.77
CA VAL K 88 -44.59 16.27 1.45
C VAL K 88 -44.94 15.09 2.34
N GLN K 89 -45.46 14.02 1.75
CA GLN K 89 -45.67 12.79 2.49
C GLN K 89 -44.34 12.07 2.63
N THR K 90 -44.09 11.46 3.78
CA THR K 90 -42.88 10.68 3.96
C THR K 90 -43.24 9.24 4.21
N ILE K 91 -42.51 8.33 3.57
CA ILE K 91 -42.79 6.89 3.64
C ILE K 91 -41.48 6.18 3.90
N CYS K 92 -41.33 5.62 5.10
CA CYS K 92 -40.15 4.85 5.44
C CYS K 92 -40.30 3.41 4.94
N ILE K 93 -39.35 2.98 4.11
CA ILE K 93 -39.22 1.59 3.71
C ILE K 93 -37.82 1.11 4.08
N GLY K 94 -37.71 -0.08 4.63
CA GLY K 94 -36.41 -0.58 5.02
C GLY K 94 -35.95 0.02 6.34
N MET K 95 -35.33 1.19 6.31
CA MET K 95 -34.76 1.80 7.50
C MET K 95 -34.72 3.30 7.34
N ALA K 96 -35.11 4.02 8.39
CA ALA K 96 -34.84 5.44 8.49
C ALA K 96 -34.05 5.63 9.77
N ALA K 97 -32.75 5.85 9.63
CA ALA K 97 -31.85 6.02 10.77
C ALA K 97 -31.21 7.41 10.74
N SER K 98 -31.16 7.87 12.09
CA SER K 98 -30.34 9.03 12.34
C SER K 98 -30.90 10.21 11.53
N MET K 99 -30.22 10.97 10.54
CA MET K 99 -30.88 12.05 9.80
C MET K 99 -32.05 11.54 8.96
N GLY K 100 -32.00 10.24 8.61
CA GLY K 100 -33.13 9.62 7.92
C GLY K 100 -34.41 9.64 8.73
N SER K 101 -34.34 9.31 10.02
CA SER K 101 -35.55 9.34 10.84
C SER K 101 -35.99 10.78 11.13
N PHE K 102 -35.03 11.71 11.21
CA PHE K 102 -35.38 13.11 11.39
C PHE K 102 -36.19 13.64 10.20
N LEU K 103 -35.80 13.27 8.97
CA LEU K 103 -36.54 13.69 7.79
C LEU K 103 -37.89 12.98 7.70
N LEU K 104 -37.96 11.73 8.13
CA LEU K 104 -39.23 11.02 8.20
C LEU K 104 -40.24 11.79 9.06
N ALA K 105 -39.78 12.22 10.25
CA ALA K 105 -40.64 12.98 11.16
C ALA K 105 -40.98 14.37 10.61
N ALA K 106 -40.26 14.82 9.58
CA ALA K 106 -40.44 16.14 8.99
C ALA K 106 -41.58 16.22 7.98
N GLY K 107 -42.13 15.09 7.55
CA GLY K 107 -43.22 15.11 6.60
C GLY K 107 -44.45 15.79 7.14
N ALA K 108 -45.37 16.11 6.23
CA ALA K 108 -46.62 16.77 6.60
C ALA K 108 -47.36 15.98 7.66
N LYS K 109 -47.82 16.67 8.71
CA LYS K 109 -48.48 15.98 9.81
C LYS K 109 -49.77 15.30 9.32
N GLY K 110 -49.93 14.03 9.71
CA GLY K 110 -50.96 13.19 9.18
C GLY K 110 -50.56 12.39 7.95
N LYS K 111 -49.40 12.71 7.35
CA LYS K 111 -48.96 12.05 6.12
C LYS K 111 -47.55 11.48 6.26
N ARG K 112 -47.19 11.03 7.46
CA ARG K 112 -45.91 10.37 7.71
C ARG K 112 -46.19 8.90 7.97
N PHE K 113 -45.55 8.02 7.18
CA PHE K 113 -45.87 6.60 7.17
C PHE K 113 -44.62 5.76 7.31
N ALA K 114 -44.80 4.54 7.80
CA ALA K 114 -43.78 3.50 7.69
C ALA K 114 -44.47 2.21 7.29
N LEU K 115 -43.78 1.43 6.46
CA LEU K 115 -44.25 0.09 6.15
C LEU K 115 -44.04 -0.81 7.38
N PRO K 116 -44.81 -1.90 7.48
CA PRO K 116 -44.88 -2.64 8.75
C PRO K 116 -43.55 -3.19 9.26
N ASN K 117 -42.64 -3.59 8.38
CA ASN K 117 -41.37 -4.16 8.82
C ASN K 117 -40.20 -3.19 8.69
N ALA K 118 -40.50 -1.93 8.38
CA ALA K 118 -39.48 -0.90 8.32
C ALA K 118 -38.98 -0.58 9.72
N GLU K 119 -37.72 -0.20 9.80
CA GLU K 119 -37.07 0.12 11.07
C GLU K 119 -36.77 1.61 11.14
N VAL K 120 -36.89 2.16 12.35
CA VAL K 120 -36.55 3.55 12.61
C VAL K 120 -35.52 3.56 13.73
N MET K 121 -34.47 4.37 13.58
CA MET K 121 -33.47 4.47 14.64
C MET K 121 -33.16 5.94 14.89
N ILE K 122 -33.13 6.33 16.16
CA ILE K 122 -32.79 7.69 16.55
C ILE K 122 -31.59 7.65 17.48
N HIS K 123 -30.75 8.69 17.40
CA HIS K 123 -29.57 8.82 18.27
C HIS K 123 -29.06 10.25 18.18
N GLN K 124 -28.03 10.54 18.97
CA GLN K 124 -27.47 11.88 18.99
C GLN K 124 -26.42 12.05 17.91
N PRO K 125 -26.09 13.29 17.55
CA PRO K 125 -25.07 13.54 16.53
C PRO K 125 -23.68 13.03 16.91
N LEU K 126 -22.88 12.79 15.87
CA LEU K 126 -21.51 12.31 16.00
C LEU K 126 -20.59 13.22 15.19
N GLY K 127 -19.33 13.30 15.61
CA GLY K 127 -18.41 14.15 14.89
C GLY K 127 -17.00 13.97 15.38
N GLY K 128 -16.15 14.92 15.00
CA GLY K 128 -14.75 14.87 15.35
C GLY K 128 -14.24 16.28 15.55
N ALA K 129 -13.12 16.36 16.26
CA ALA K 129 -12.48 17.64 16.55
C ALA K 129 -11.02 17.36 16.80
N GLN K 130 -10.15 18.22 16.24
CA GLN K 130 -8.72 18.08 16.41
C GLN K 130 -8.09 19.46 16.44
N GLY K 131 -7.08 19.63 17.28
CA GLY K 131 -6.33 20.87 17.24
C GLY K 131 -6.10 21.39 18.64
N GLN K 132 -5.94 22.71 18.77
CA GLN K 132 -5.72 23.32 20.07
C GLN K 132 -6.94 23.17 20.96
N ALA K 133 -6.71 23.22 22.26
CA ALA K 133 -7.81 23.21 23.23
C ALA K 133 -8.92 24.20 22.83
N THR K 134 -8.54 25.42 22.44
CA THR K 134 -9.56 26.39 22.01
C THR K 134 -10.39 25.88 20.84
N GLU K 135 -9.75 25.21 19.87
CA GLU K 135 -10.47 24.71 18.71
C GLU K 135 -11.39 23.55 19.09
N ILE K 136 -10.94 22.67 19.99
CA ILE K 136 -11.78 21.58 20.45
C ILE K 136 -13.01 22.12 21.17
N GLU K 137 -12.82 23.18 21.96
CA GLU K 137 -13.94 23.84 22.65
C GLU K 137 -14.97 24.37 21.65
N ILE K 138 -14.50 25.05 20.60
CA ILE K 138 -15.41 25.57 19.57
C ILE K 138 -16.18 24.44 18.90
N ALA K 139 -15.50 23.35 18.54
CA ALA K 139 -16.17 22.22 17.88
C ALA K 139 -17.17 21.57 18.83
N ALA K 140 -16.80 21.41 20.10
CA ALA K 140 -17.73 20.84 21.08
C ALA K 140 -18.96 21.71 21.25
N ASN K 141 -18.77 23.02 21.42
CA ASN K 141 -19.93 23.90 21.56
C ASN K 141 -20.83 23.82 20.34
N HIS K 142 -20.23 23.74 19.16
CA HIS K 142 -21.03 23.65 17.94
C HIS K 142 -21.85 22.37 17.89
N ILE K 143 -21.23 21.23 18.17
CA ILE K 143 -22.00 19.99 18.05
C ILE K 143 -23.07 19.91 19.13
N LEU K 144 -22.80 20.47 20.32
CA LEU K 144 -23.81 20.49 21.37
C LEU K 144 -24.98 21.39 21.01
N LYS K 145 -24.70 22.56 20.43
CA LYS K 145 -25.80 23.43 19.98
C LYS K 145 -26.58 22.77 18.84
N THR K 146 -25.89 22.06 17.95
CA THR K 146 -26.58 21.29 16.91
C THR K 146 -27.51 20.25 17.50
N ARG K 147 -27.03 19.52 18.51
CA ARG K 147 -27.88 18.53 19.16
C ARG K 147 -29.11 19.19 19.79
N GLU K 148 -28.93 20.35 20.46
CA GLU K 148 -30.08 21.06 21.04
C GLU K 148 -31.10 21.45 19.98
N LYS K 149 -30.64 21.97 18.84
CA LYS K 149 -31.54 22.35 17.75
C LYS K 149 -32.31 21.14 17.23
N LEU K 150 -31.61 20.03 17.01
CA LEU K 150 -32.27 18.79 16.56
C LEU K 150 -33.31 18.31 17.56
N ASN K 151 -32.99 18.33 18.85
CA ASN K 151 -33.92 17.86 19.86
C ASN K 151 -35.15 18.75 19.94
N ARG K 152 -34.96 20.06 19.85
CA ARG K 152 -36.07 21.00 19.90
C ARG K 152 -37.05 20.75 18.75
N ILE K 153 -36.51 20.59 17.53
CA ILE K 153 -37.37 20.34 16.37
C ILE K 153 -38.06 18.98 16.48
N LEU K 154 -37.32 17.95 16.89
CA LEU K 154 -37.95 16.62 17.01
C LEU K 154 -39.05 16.65 18.06
N SER K 155 -38.83 17.41 19.14
CA SER K 155 -39.87 17.63 20.13
C SER K 155 -41.13 18.23 19.52
N GLU K 156 -40.97 19.27 18.69
CA GLU K 156 -42.10 19.89 18.02
C GLU K 156 -42.78 18.91 17.05
N ARG K 157 -42.00 18.07 16.37
CA ARG K 157 -42.57 17.17 15.36
C ARG K 157 -43.26 15.96 15.98
N THR K 158 -42.85 15.53 17.18
CA THR K 158 -43.37 14.32 17.79
C THR K 158 -44.36 14.60 18.90
N GLY K 159 -44.30 15.78 19.53
CA GLY K 159 -45.02 16.02 20.76
C GLY K 159 -44.33 15.50 22.02
N GLN K 160 -43.17 14.85 21.90
CA GLN K 160 -42.43 14.45 23.11
C GLN K 160 -41.67 15.65 23.65
N SER K 161 -41.39 15.63 24.96
CA SER K 161 -40.61 16.73 25.53
C SER K 161 -39.15 16.65 25.07
N ILE K 162 -38.48 17.82 25.08
CA ILE K 162 -37.05 17.86 24.77
C ILE K 162 -36.26 16.94 25.70
N GLU K 163 -36.63 16.92 26.99
N GLU K 163 -36.63 16.92 26.99
CA GLU K 163 -35.89 16.11 27.96
CA GLU K 163 -35.88 16.11 27.95
C GLU K 163 -36.01 14.62 27.63
C GLU K 163 -36.02 14.63 27.63
N LYS K 164 -37.20 14.18 27.19
CA LYS K 164 -37.39 12.79 26.83
C LYS K 164 -36.62 12.45 25.55
N ILE K 165 -36.66 13.33 24.54
CA ILE K 165 -35.91 13.11 23.31
C ILE K 165 -34.42 12.98 23.64
N GLN K 166 -33.91 13.88 24.47
CA GLN K 166 -32.50 13.84 24.87
C GLN K 166 -32.14 12.50 25.51
N LYS K 167 -32.94 12.05 26.45
CA LYS K 167 -32.68 10.76 27.08
C LYS K 167 -32.75 9.61 26.09
N ASP K 168 -33.77 9.64 25.22
CA ASP K 168 -34.02 8.53 24.30
C ASP K 168 -33.03 8.48 23.15
N THR K 169 -32.22 9.52 22.94
CA THR K 169 -31.23 9.54 21.88
C THR K 169 -29.81 9.45 22.42
N ASP K 170 -29.65 9.23 23.73
CA ASP K 170 -28.32 9.18 24.31
C ASP K 170 -27.45 8.11 23.65
N ARG K 171 -28.04 6.96 23.33
CA ARG K 171 -27.42 5.90 22.55
C ARG K 171 -28.38 5.49 21.44
N ASP K 172 -27.90 4.61 20.53
CA ASP K 172 -28.73 4.14 19.42
C ASP K 172 -30.02 3.53 19.97
N ASN K 173 -31.14 3.97 19.41
CA ASN K 173 -32.46 3.55 19.89
C ASN K 173 -33.28 3.08 18.70
N PHE K 174 -33.49 1.77 18.58
CA PHE K 174 -34.18 1.16 17.43
C PHE K 174 -35.67 1.02 17.74
N LEU K 175 -36.52 1.47 16.83
CA LEU K 175 -37.97 1.40 16.96
C LEU K 175 -38.58 0.60 15.82
N THR K 176 -39.59 -0.22 16.13
CA THR K 176 -40.46 -0.78 15.08
C THR K 176 -41.37 0.32 14.53
N ALA K 177 -42.03 0.01 13.41
CA ALA K 177 -42.97 0.98 12.84
C ALA K 177 -44.07 1.33 13.85
N GLU K 178 -44.60 0.33 14.54
CA GLU K 178 -45.63 0.62 15.55
C GLU K 178 -45.07 1.46 16.69
N GLU K 179 -43.84 1.17 17.12
CA GLU K 179 -43.22 2.00 18.15
C GLU K 179 -42.98 3.43 17.65
N ALA K 180 -42.61 3.58 16.38
CA ALA K 180 -42.40 4.94 15.87
C ALA K 180 -43.71 5.72 15.85
N LYS K 181 -44.82 5.03 15.54
CA LYS K 181 -46.14 5.68 15.59
C LYS K 181 -46.50 6.11 17.02
N GLU K 182 -46.33 5.21 17.99
CA GLU K 182 -46.57 5.58 19.39
C GLU K 182 -45.68 6.73 19.83
N TYR K 183 -44.45 6.78 19.33
CA TYR K 183 -43.53 7.84 19.72
C TYR K 183 -43.92 9.19 19.12
N GLY K 184 -44.63 9.18 17.99
CA GLY K 184 -44.98 10.40 17.29
C GLY K 184 -44.08 10.74 16.12
N LEU K 185 -43.18 9.84 15.72
CA LEU K 185 -42.31 10.08 14.57
C LEU K 185 -43.05 9.89 13.25
N ILE K 186 -44.04 9.00 13.23
CA ILE K 186 -44.93 8.82 12.08
C ILE K 186 -46.37 8.89 12.57
N ASP K 187 -47.30 8.98 11.62
CA ASP K 187 -48.73 9.01 11.93
C ASP K 187 -49.40 7.66 11.75
N GLU K 188 -48.96 6.83 10.81
CA GLU K 188 -49.66 5.58 10.55
C GLU K 188 -48.67 4.54 10.04
N VAL K 189 -48.93 3.29 10.41
CA VAL K 189 -48.27 2.15 9.79
C VAL K 189 -49.09 1.79 8.55
N MET K 190 -48.42 1.74 7.40
CA MET K 190 -49.11 1.49 6.13
C MET K 190 -49.47 0.02 5.99
N VAL K 191 -50.78 -0.25 5.92
CA VAL K 191 -51.37 -1.57 5.76
C VAL K 191 -51.44 -1.90 4.27
N PRO K 192 -51.28 -3.17 3.89
CA PRO K 192 -51.27 -3.53 2.48
C PRO K 192 -52.55 -3.18 1.74
N GLU K 193 -52.41 -2.88 0.45
CA GLU K 193 -53.54 -2.70 -0.47
C GLU K 193 -54.14 -4.04 -0.87
N ILE L 4 -24.25 -5.80 -21.55
CA ILE L 4 -25.71 -5.96 -21.65
C ILE L 4 -26.17 -5.53 -23.03
N PRO L 5 -26.71 -6.46 -23.80
CA PRO L 5 -27.14 -6.15 -25.16
C PRO L 5 -28.37 -5.27 -25.21
N THR L 6 -28.59 -4.70 -26.40
CA THR L 6 -29.71 -3.81 -26.67
C THR L 6 -30.79 -4.48 -27.52
N TYR L 18 -34.01 -0.28 -25.86
CA TYR L 18 -34.00 -1.02 -24.60
C TYR L 18 -32.71 -1.82 -24.41
N ASP L 19 -32.09 -1.71 -23.24
CA ASP L 19 -31.26 -2.79 -22.78
C ASP L 19 -32.13 -4.01 -22.50
N ILE L 20 -31.51 -5.19 -22.42
CA ILE L 20 -32.30 -6.42 -22.32
C ILE L 20 -33.21 -6.41 -21.09
N TYR L 21 -32.73 -5.85 -19.97
CA TYR L 21 -33.55 -5.86 -18.75
C TYR L 21 -34.76 -4.95 -18.89
N SER L 22 -34.57 -3.77 -19.51
CA SER L 22 -35.69 -2.88 -19.74
C SER L 22 -36.73 -3.51 -20.65
N ARG L 23 -36.28 -4.35 -21.59
CA ARG L 23 -37.21 -5.04 -22.47
C ARG L 23 -38.03 -6.06 -21.71
N LEU L 24 -37.40 -6.80 -20.78
CA LEU L 24 -38.14 -7.72 -19.94
C LEU L 24 -39.12 -6.99 -19.02
N LEU L 25 -38.72 -5.81 -18.52
CA LEU L 25 -39.59 -5.04 -17.64
C LEU L 25 -40.89 -4.64 -18.34
N LYS L 26 -40.82 -4.42 -19.66
CA LYS L 26 -42.03 -4.16 -20.43
C LYS L 26 -43.02 -5.30 -20.32
N ASP L 27 -42.54 -6.54 -20.17
CA ASP L 27 -43.40 -7.69 -19.97
C ASP L 27 -43.58 -8.04 -18.50
N ARG L 28 -43.32 -7.07 -17.61
CA ARG L 28 -43.57 -7.19 -16.17
C ARG L 28 -42.63 -8.21 -15.50
N ILE L 29 -41.42 -8.36 -16.03
CA ILE L 29 -40.42 -9.26 -15.48
C ILE L 29 -39.32 -8.42 -14.83
N ILE L 30 -39.04 -8.70 -13.57
CA ILE L 30 -37.96 -8.05 -12.82
C ILE L 30 -36.88 -9.09 -12.52
N MET L 31 -35.63 -8.74 -12.77
CA MET L 31 -34.51 -9.66 -12.56
C MET L 31 -33.74 -9.19 -11.34
N LEU L 32 -33.75 -9.98 -10.28
CA LEU L 32 -32.91 -9.72 -9.11
C LEU L 32 -31.74 -10.70 -9.17
N GLY L 33 -30.61 -10.22 -9.70
CA GLY L 33 -29.47 -11.06 -10.00
C GLY L 33 -28.17 -10.63 -9.35
N SER L 34 -28.22 -10.13 -8.13
CA SER L 34 -27.01 -9.67 -7.46
C SER L 34 -27.23 -9.71 -5.95
N GLN L 35 -26.19 -9.28 -5.23
CA GLN L 35 -26.35 -9.02 -3.80
C GLN L 35 -27.38 -7.93 -3.59
N ILE L 36 -28.05 -7.98 -2.44
CA ILE L 36 -29.12 -7.04 -2.11
C ILE L 36 -28.54 -5.96 -1.22
N ASP L 37 -28.38 -4.75 -1.76
CA ASP L 37 -27.99 -3.58 -1.00
C ASP L 37 -29.05 -2.48 -1.22
N ASP L 38 -28.82 -1.30 -0.64
CA ASP L 38 -29.83 -0.25 -0.75
C ASP L 38 -30.08 0.16 -2.20
N ASN L 39 -29.03 0.19 -3.03
CA ASN L 39 -29.23 0.58 -4.43
C ASN L 39 -30.10 -0.43 -5.17
N VAL L 40 -29.84 -1.72 -4.96
CA VAL L 40 -30.66 -2.74 -5.59
C VAL L 40 -32.10 -2.68 -5.08
N ALA L 41 -32.29 -2.52 -3.76
CA ALA L 41 -33.64 -2.43 -3.24
C ALA L 41 -34.38 -1.23 -3.80
N ASN L 42 -33.71 -0.07 -3.88
CA ASN L 42 -34.36 1.11 -4.45
C ASN L 42 -34.84 0.85 -5.87
N SER L 43 -34.01 0.16 -6.66
CA SER L 43 -34.37 -0.13 -8.05
C SER L 43 -35.56 -1.10 -8.12
N ILE L 44 -35.53 -2.18 -7.33
CA ILE L 44 -36.59 -3.18 -7.37
C ILE L 44 -37.91 -2.57 -6.91
N VAL L 45 -37.87 -1.81 -5.79
CA VAL L 45 -39.07 -1.15 -5.29
C VAL L 45 -39.65 -0.24 -6.36
N SER L 46 -38.80 0.57 -7.00
CA SER L 46 -39.26 1.47 -8.04
C SER L 46 -39.91 0.70 -9.19
N GLN L 47 -39.29 -0.40 -9.60
CA GLN L 47 -39.86 -1.22 -10.65
C GLN L 47 -41.22 -1.77 -10.25
N LEU L 48 -41.34 -2.26 -9.00
CA LEU L 48 -42.62 -2.77 -8.53
C LEU L 48 -43.69 -1.68 -8.53
N LEU L 49 -43.33 -0.48 -8.04
CA LEU L 49 -44.30 0.61 -8.00
C LEU L 49 -44.72 1.02 -9.40
N PHE L 50 -43.76 1.08 -10.32
CA PHE L 50 -44.04 1.38 -11.72
C PHE L 50 -45.00 0.36 -12.33
N LEU L 51 -44.74 -0.94 -12.12
CA LEU L 51 -45.58 -1.96 -12.72
C LEU L 51 -47.00 -1.90 -12.16
N GLN L 52 -47.13 -1.65 -10.84
CA GLN L 52 -48.47 -1.51 -10.28
C GLN L 52 -49.23 -0.35 -10.92
N ALA L 53 -48.54 0.77 -11.12
CA ALA L 53 -49.17 1.95 -11.73
C ALA L 53 -49.56 1.70 -13.18
N GLN L 54 -48.80 0.88 -13.90
CA GLN L 54 -49.17 0.55 -15.28
C GLN L 54 -50.40 -0.37 -15.32
N ASP L 55 -50.49 -1.33 -14.41
CA ASP L 55 -51.62 -2.26 -14.39
C ASP L 55 -51.68 -2.90 -13.01
N SER L 56 -52.73 -2.59 -12.25
CA SER L 56 -52.80 -3.04 -10.87
C SER L 56 -53.30 -4.47 -10.72
N GLU L 57 -53.68 -5.14 -11.81
CA GLU L 57 -54.28 -6.47 -11.76
C GLU L 57 -53.37 -7.57 -12.29
N LYS L 58 -52.49 -7.27 -13.24
CA LYS L 58 -51.68 -8.30 -13.89
C LYS L 58 -50.51 -8.72 -13.00
N ASP L 59 -50.19 -10.01 -13.04
CA ASP L 59 -49.08 -10.57 -12.26
C ASP L 59 -47.75 -9.92 -12.65
N ILE L 60 -46.83 -9.89 -11.69
CA ILE L 60 -45.44 -9.52 -11.89
C ILE L 60 -44.59 -10.77 -11.65
N TYR L 61 -43.48 -10.88 -12.39
CA TYR L 61 -42.57 -12.03 -12.28
C TYR L 61 -41.21 -11.55 -11.78
N LEU L 62 -40.80 -12.03 -10.60
CA LEU L 62 -39.53 -11.64 -10.00
C LEU L 62 -38.58 -12.84 -10.02
N TYR L 63 -37.57 -12.79 -10.90
CA TYR L 63 -36.51 -13.79 -10.94
C TYR L 63 -35.45 -13.48 -9.87
N ILE L 64 -35.04 -14.51 -9.13
CA ILE L 64 -34.10 -14.32 -8.03
C ILE L 64 -32.92 -15.25 -8.23
N ASN L 65 -31.75 -14.65 -8.42
CA ASN L 65 -30.45 -15.33 -8.35
C ASN L 65 -29.57 -14.44 -7.48
N SER L 66 -29.53 -14.71 -6.16
CA SER L 66 -28.90 -13.74 -5.25
C SER L 66 -28.22 -14.46 -4.08
N PRO L 67 -27.02 -14.04 -3.70
CA PRO L 67 -26.40 -14.60 -2.48
C PRO L 67 -26.91 -13.97 -1.20
N GLY L 68 -27.82 -13.01 -1.26
CA GLY L 68 -28.35 -12.34 -0.07
C GLY L 68 -27.87 -10.89 0.03
N GLY L 69 -27.84 -10.39 1.26
CA GLY L 69 -27.42 -9.01 1.48
C GLY L 69 -28.10 -8.41 2.71
N SER L 70 -28.32 -7.09 2.64
CA SER L 70 -28.79 -6.31 3.79
C SER L 70 -30.22 -6.68 4.18
N VAL L 71 -30.46 -6.86 5.49
CA VAL L 71 -31.80 -7.19 5.97
C VAL L 71 -32.76 -6.03 5.70
N THR L 72 -32.35 -4.80 5.99
CA THR L 72 -33.29 -3.69 5.81
C THR L 72 -33.58 -3.45 4.34
N ALA L 73 -32.57 -3.60 3.47
CA ALA L 73 -32.83 -3.48 2.03
C ALA L 73 -33.79 -4.57 1.58
N GLY L 74 -33.59 -5.80 2.08
CA GLY L 74 -34.53 -6.87 1.81
C GLY L 74 -35.95 -6.58 2.27
N PHE L 75 -36.10 -5.97 3.45
CA PHE L 75 -37.45 -5.64 3.91
C PHE L 75 -38.09 -4.50 3.10
N ALA L 76 -37.30 -3.61 2.54
CA ALA L 76 -37.89 -2.63 1.63
C ALA L 76 -38.60 -3.34 0.47
N ILE L 77 -37.95 -4.35 -0.10
CA ILE L 77 -38.57 -5.11 -1.19
C ILE L 77 -39.74 -5.92 -0.67
N TYR L 78 -39.53 -6.67 0.43
CA TYR L 78 -40.57 -7.51 1.00
C TYR L 78 -41.86 -6.73 1.28
N ASP L 79 -41.75 -5.59 1.96
CA ASP L 79 -42.95 -4.83 2.31
C ASP L 79 -43.63 -4.26 1.06
N THR L 80 -42.85 -3.91 0.04
CA THR L 80 -43.44 -3.40 -1.19
C THR L 80 -44.22 -4.50 -1.92
N ILE L 81 -43.64 -5.70 -1.97
CA ILE L 81 -44.35 -6.86 -2.53
C ILE L 81 -45.68 -7.04 -1.83
N GLN L 82 -45.69 -7.06 -0.49
CA GLN L 82 -46.94 -7.32 0.19
C GLN L 82 -47.92 -6.15 0.03
N HIS L 83 -47.41 -4.93 -0.15
CA HIS L 83 -48.27 -3.76 -0.20
C HIS L 83 -49.03 -3.65 -1.51
N ILE L 84 -48.37 -3.89 -2.64
CA ILE L 84 -48.99 -3.60 -3.93
C ILE L 84 -50.08 -4.62 -4.24
N LYS L 85 -50.95 -4.25 -5.19
CA LYS L 85 -52.10 -5.09 -5.51
C LYS L 85 -51.76 -6.30 -6.39
N PRO L 86 -50.94 -6.17 -7.44
CA PRO L 86 -50.63 -7.35 -8.26
C PRO L 86 -49.96 -8.44 -7.45
N ASP L 87 -50.23 -9.69 -7.83
CA ASP L 87 -49.46 -10.83 -7.33
C ASP L 87 -48.05 -10.77 -7.90
N VAL L 88 -47.06 -11.08 -7.06
CA VAL L 88 -45.66 -11.17 -7.49
C VAL L 88 -45.26 -12.63 -7.45
N GLN L 89 -45.03 -13.23 -8.62
CA GLN L 89 -44.49 -14.58 -8.67
C GLN L 89 -42.98 -14.52 -8.44
N THR L 90 -42.46 -15.48 -7.70
CA THR L 90 -41.01 -15.55 -7.52
C THR L 90 -40.49 -16.83 -8.15
N ILE L 91 -39.36 -16.71 -8.85
CA ILE L 91 -38.75 -17.82 -9.57
C ILE L 91 -37.27 -17.86 -9.22
N CYS L 92 -36.86 -18.89 -8.50
CA CYS L 92 -35.46 -19.07 -8.13
C CYS L 92 -34.71 -19.76 -9.27
N ILE L 93 -33.68 -19.10 -9.79
CA ILE L 93 -32.74 -19.69 -10.73
C ILE L 93 -31.34 -19.57 -10.13
N GLY L 94 -30.57 -20.66 -10.21
CA GLY L 94 -29.22 -20.64 -9.69
C GLY L 94 -29.17 -20.82 -8.18
N MET L 95 -29.33 -19.72 -7.44
CA MET L 95 -29.24 -19.77 -5.99
C MET L 95 -30.08 -18.66 -5.41
N ALA L 96 -30.83 -18.98 -4.35
CA ALA L 96 -31.44 -17.96 -3.51
C ALA L 96 -30.92 -18.22 -2.10
N ALA L 97 -30.00 -17.39 -1.64
CA ALA L 97 -29.38 -17.58 -0.34
C ALA L 97 -29.71 -16.38 0.55
N SER L 98 -29.95 -16.87 1.88
CA SER L 98 -30.03 -15.85 2.90
C SER L 98 -31.18 -14.89 2.67
N MET L 99 -31.05 -13.48 2.50
CA MET L 99 -32.17 -12.60 2.19
C MET L 99 -32.80 -12.95 0.82
N GLY L 100 -32.02 -13.56 -0.07
CA GLY L 100 -32.57 -14.06 -1.32
C GLY L 100 -33.64 -15.12 -1.12
N SER L 101 -33.38 -16.10 -0.23
CA SER L 101 -34.39 -17.13 0.01
C SER L 101 -35.58 -16.56 0.77
N PHE L 102 -35.35 -15.55 1.61
CA PHE L 102 -36.46 -14.90 2.29
C PHE L 102 -37.40 -14.23 1.28
N LEU L 103 -36.83 -13.55 0.27
CA LEU L 103 -37.68 -12.91 -0.74
C LEU L 103 -38.35 -13.95 -1.63
N LEU L 104 -37.68 -15.07 -1.90
CA LEU L 104 -38.31 -16.17 -2.64
C LEU L 104 -39.60 -16.61 -1.94
N ALA L 105 -39.53 -16.83 -0.62
CA ALA L 105 -40.70 -17.25 0.14
C ALA L 105 -41.77 -16.16 0.20
N ALA L 106 -41.41 -14.93 -0.15
CA ALA L 106 -42.31 -13.79 -0.05
C ALA L 106 -43.26 -13.69 -1.23
N GLY L 107 -43.04 -14.45 -2.30
CA GLY L 107 -43.93 -14.39 -3.46
C GLY L 107 -45.34 -14.82 -3.12
N ALA L 108 -46.26 -14.50 -4.03
CA ALA L 108 -47.66 -14.86 -3.82
C ALA L 108 -47.80 -16.37 -3.61
N LYS L 109 -48.56 -16.76 -2.60
CA LYS L 109 -48.70 -18.17 -2.29
C LYS L 109 -49.34 -18.91 -3.47
N GLY L 110 -48.76 -20.06 -3.83
CA GLY L 110 -49.09 -20.78 -5.04
C GLY L 110 -48.26 -20.38 -6.24
N LYS L 111 -47.51 -19.27 -6.16
CA LYS L 111 -46.78 -18.78 -7.33
C LYS L 111 -45.29 -18.58 -6.98
N ARG L 112 -44.75 -19.44 -6.12
CA ARG L 112 -43.33 -19.45 -5.76
C ARG L 112 -42.69 -20.70 -6.36
N PHE L 113 -41.67 -20.50 -7.19
CA PHE L 113 -41.09 -21.57 -7.98
C PHE L 113 -39.59 -21.61 -7.83
N ALA L 114 -39.03 -22.78 -8.09
CA ALA L 114 -37.61 -22.93 -8.33
C ALA L 114 -37.39 -23.86 -9.51
N LEU L 115 -36.35 -23.57 -10.28
CA LEU L 115 -35.91 -24.47 -11.32
C LEU L 115 -35.25 -25.70 -10.69
N PRO L 116 -35.21 -26.83 -11.42
CA PRO L 116 -34.86 -28.12 -10.78
C PRO L 116 -33.49 -28.18 -10.13
N ASN L 117 -32.48 -27.50 -10.66
CA ASN L 117 -31.13 -27.53 -10.13
C ASN L 117 -30.76 -26.27 -9.34
N ALA L 118 -31.74 -25.40 -9.09
CA ALA L 118 -31.50 -24.22 -8.29
C ALA L 118 -31.28 -24.61 -6.83
N GLU L 119 -30.47 -23.84 -6.14
CA GLU L 119 -30.15 -24.09 -4.74
C GLU L 119 -30.78 -23.01 -3.87
N VAL L 120 -31.23 -23.42 -2.68
CA VAL L 120 -31.77 -22.50 -1.70
C VAL L 120 -30.97 -22.68 -0.41
N MET L 121 -30.58 -21.57 0.22
CA MET L 121 -29.85 -21.66 1.48
C MET L 121 -30.45 -20.71 2.50
N ILE L 122 -30.65 -21.20 3.72
CA ILE L 122 -31.18 -20.38 4.81
C ILE L 122 -30.19 -20.39 5.96
N HIS L 123 -30.13 -19.27 6.68
CA HIS L 123 -29.25 -19.17 7.84
C HIS L 123 -29.66 -17.94 8.64
N GLN L 124 -29.01 -17.74 9.77
CA GLN L 124 -29.35 -16.64 10.64
C GLN L 124 -28.61 -15.37 10.23
N PRO L 125 -29.07 -14.20 10.67
CA PRO L 125 -28.39 -12.96 10.30
C PRO L 125 -26.98 -12.87 10.88
N LEU L 126 -26.16 -12.04 10.22
CA LEU L 126 -24.78 -11.78 10.62
C LEU L 126 -24.58 -10.28 10.76
N GLY L 127 -23.61 -9.90 11.60
CA GLY L 127 -23.34 -8.49 11.76
C GLY L 127 -22.09 -8.25 12.56
N GLY L 128 -21.98 -7.04 13.07
CA GLY L 128 -20.81 -6.63 13.82
C GLY L 128 -21.26 -5.66 14.90
N ALA L 129 -20.40 -5.50 15.89
CA ALA L 129 -20.64 -4.57 16.99
C ALA L 129 -19.30 -4.21 17.57
N GLN L 130 -19.09 -2.94 17.84
CA GLN L 130 -17.82 -2.44 18.35
C GLN L 130 -18.09 -1.31 19.31
N GLY L 131 -17.35 -1.24 20.41
CA GLY L 131 -17.48 -0.09 21.28
C GLY L 131 -17.60 -0.47 22.73
N GLN L 132 -18.27 0.39 23.51
CA GLN L 132 -18.49 0.13 24.92
C GLN L 132 -19.43 -1.06 25.09
N ALA L 133 -19.32 -1.70 26.26
CA ALA L 133 -20.21 -2.81 26.60
C ALA L 133 -21.68 -2.46 26.34
N THR L 134 -22.11 -1.27 26.78
CA THR L 134 -23.49 -0.84 26.54
C THR L 134 -23.83 -0.80 25.06
N GLU L 135 -22.89 -0.34 24.23
CA GLU L 135 -23.12 -0.27 22.78
C GLU L 135 -23.20 -1.68 22.18
N ILE L 136 -22.35 -2.59 22.65
CA ILE L 136 -22.39 -3.97 22.17
C ILE L 136 -23.72 -4.61 22.56
N GLU L 137 -24.20 -4.33 23.77
CA GLU L 137 -25.50 -4.84 24.22
C GLU L 137 -26.63 -4.36 23.31
N ILE L 138 -26.63 -3.07 22.97
CA ILE L 138 -27.65 -2.53 22.08
C ILE L 138 -27.60 -3.20 20.71
N ALA L 139 -26.40 -3.36 20.16
CA ALA L 139 -26.29 -4.01 18.86
C ALA L 139 -26.72 -5.48 18.93
N ALA L 140 -26.34 -6.19 19.99
CA ALA L 140 -26.76 -7.58 20.13
C ALA L 140 -28.26 -7.71 20.22
N ASN L 141 -28.90 -6.88 21.06
CA ASN L 141 -30.35 -6.90 21.18
C ASN L 141 -31.00 -6.60 19.84
N HIS L 142 -30.44 -5.66 19.09
CA HIS L 142 -31.00 -5.31 17.78
C HIS L 142 -30.93 -6.49 16.81
N ILE L 143 -29.76 -7.15 16.70
CA ILE L 143 -29.67 -8.24 15.73
C ILE L 143 -30.53 -9.42 16.20
N LEU L 144 -30.64 -9.62 17.52
CA LEU L 144 -31.50 -10.71 18.00
C LEU L 144 -32.98 -10.43 17.72
N LYS L 145 -33.42 -9.19 17.93
CA LYS L 145 -34.81 -8.85 17.60
C LYS L 145 -35.06 -8.95 16.10
N THR L 146 -34.07 -8.58 15.29
CA THR L 146 -34.18 -8.76 13.84
C THR L 146 -34.38 -10.23 13.49
N ARG L 147 -33.60 -11.11 14.12
CA ARG L 147 -33.76 -12.55 13.86
C ARG L 147 -35.15 -13.04 14.24
N GLU L 148 -35.68 -12.59 15.38
CA GLU L 148 -37.03 -12.97 15.78
C GLU L 148 -38.06 -12.51 14.75
N LYS L 149 -37.90 -11.29 14.24
CA LYS L 149 -38.81 -10.79 13.21
C LYS L 149 -38.72 -11.63 11.94
N LEU L 150 -37.50 -11.93 11.49
CA LEU L 150 -37.32 -12.77 10.31
C LEU L 150 -37.95 -14.15 10.52
N ASN L 151 -37.75 -14.74 11.70
CA ASN L 151 -38.26 -16.08 11.96
C ASN L 151 -39.79 -16.11 11.93
N ARG L 152 -40.40 -15.10 12.55
CA ARG L 152 -41.86 -14.98 12.61
C ARG L 152 -42.46 -14.89 11.22
N ILE L 153 -41.88 -14.05 10.35
CA ILE L 153 -42.42 -13.90 9.00
C ILE L 153 -42.20 -15.18 8.19
N LEU L 154 -41.00 -15.76 8.27
CA LEU L 154 -40.74 -16.99 7.54
C LEU L 154 -41.66 -18.12 8.02
N SER L 155 -41.97 -18.15 9.31
CA SER L 155 -42.96 -19.08 9.82
C SER L 155 -44.31 -18.89 9.15
N GLU L 156 -44.75 -17.63 9.03
CA GLU L 156 -46.02 -17.35 8.37
C GLU L 156 -45.98 -17.75 6.90
N ARG L 157 -44.84 -17.55 6.23
CA ARG L 157 -44.75 -17.82 4.80
C ARG L 157 -44.62 -19.30 4.49
N THR L 158 -44.05 -20.09 5.41
CA THR L 158 -43.74 -21.50 5.15
C THR L 158 -44.66 -22.47 5.84
N GLY L 159 -45.31 -22.06 6.93
CA GLY L 159 -46.02 -23.00 7.77
C GLY L 159 -45.16 -23.73 8.80
N GLN L 160 -43.85 -23.50 8.83
CA GLN L 160 -43.00 -24.10 9.85
C GLN L 160 -43.08 -23.29 11.13
N SER L 161 -42.84 -23.94 12.27
CA SER L 161 -42.83 -23.16 13.50
C SER L 161 -41.58 -22.27 13.61
N ILE L 162 -41.71 -21.23 14.42
CA ILE L 162 -40.58 -20.37 14.75
C ILE L 162 -39.46 -21.18 15.38
N GLU L 163 -39.81 -22.16 16.24
CA GLU L 163 -38.77 -22.98 16.86
C GLU L 163 -38.01 -23.79 15.82
N LYS L 164 -38.72 -24.36 14.85
CA LYS L 164 -38.05 -25.13 13.80
C LYS L 164 -37.15 -24.23 12.94
N ILE L 165 -37.65 -23.06 12.54
CA ILE L 165 -36.83 -22.15 11.74
C ILE L 165 -35.57 -21.73 12.49
N GLN L 166 -35.71 -21.42 13.78
CA GLN L 166 -34.56 -21.06 14.60
C GLN L 166 -33.50 -22.17 14.58
N LYS L 167 -33.92 -23.41 14.83
CA LYS L 167 -32.96 -24.51 14.83
C LYS L 167 -32.35 -24.72 13.45
N ASP L 168 -33.16 -24.65 12.40
CA ASP L 168 -32.68 -24.97 11.05
C ASP L 168 -31.78 -23.88 10.45
N THR L 169 -31.77 -22.67 11.01
CA THR L 169 -30.95 -21.58 10.48
C THR L 169 -29.73 -21.31 11.35
N ASP L 170 -29.50 -22.17 12.36
CA ASP L 170 -28.38 -21.97 13.28
C ASP L 170 -27.05 -21.88 12.52
N ARG L 171 -26.87 -22.73 11.51
CA ARG L 171 -25.75 -22.67 10.58
C ARG L 171 -26.29 -22.68 9.17
N ASP L 172 -25.40 -22.48 8.18
CA ASP L 172 -25.80 -22.50 6.78
C ASP L 172 -26.51 -23.81 6.47
N ASN L 173 -27.70 -23.74 5.87
CA ASN L 173 -28.52 -24.92 5.62
C ASN L 173 -28.91 -24.90 4.14
N PHE L 174 -28.29 -25.77 3.35
CA PHE L 174 -28.45 -25.80 1.89
C PHE L 174 -29.57 -26.77 1.52
N LEU L 175 -30.52 -26.30 0.72
CA LEU L 175 -31.65 -27.10 0.29
C LEU L 175 -31.66 -27.24 -1.23
N THR L 176 -32.00 -28.44 -1.72
CA THR L 176 -32.37 -28.58 -3.12
C THR L 176 -33.74 -27.95 -3.35
N ALA L 177 -34.11 -27.81 -4.63
CA ALA L 177 -35.43 -27.27 -4.97
C ALA L 177 -36.54 -28.12 -4.36
N GLU L 178 -36.42 -29.45 -4.44
CA GLU L 178 -37.45 -30.32 -3.87
C GLU L 178 -37.53 -30.17 -2.36
N GLU L 179 -36.37 -30.06 -1.69
CA GLU L 179 -36.38 -29.84 -0.25
C GLU L 179 -37.00 -28.49 0.09
N ALA L 180 -36.74 -27.46 -0.73
CA ALA L 180 -37.34 -26.15 -0.48
C ALA L 180 -38.85 -26.22 -0.63
N LYS L 181 -39.35 -27.02 -1.57
CA LYS L 181 -40.80 -27.24 -1.67
C LYS L 181 -41.34 -27.94 -0.42
N GLU L 182 -40.67 -29.02 0.01
CA GLU L 182 -41.08 -29.71 1.24
C GLU L 182 -41.08 -28.75 2.43
N TYR L 183 -40.12 -27.82 2.45
CA TYR L 183 -40.01 -26.88 3.58
C TYR L 183 -41.12 -25.84 3.56
N GLY L 184 -41.70 -25.57 2.40
CA GLY L 184 -42.71 -24.54 2.25
C GLY L 184 -42.16 -23.21 1.78
N LEU L 185 -40.89 -23.16 1.36
CA LEU L 185 -40.31 -21.93 0.85
C LEU L 185 -40.80 -21.63 -0.56
N ILE L 186 -41.09 -22.67 -1.34
CA ILE L 186 -41.68 -22.54 -2.66
C ILE L 186 -42.88 -23.48 -2.72
N ASP L 187 -43.68 -23.31 -3.76
CA ASP L 187 -44.87 -24.12 -3.99
C ASP L 187 -44.64 -25.25 -4.98
N GLU L 188 -43.81 -25.01 -5.99
CA GLU L 188 -43.60 -25.99 -7.06
C GLU L 188 -42.18 -25.88 -7.60
N VAL L 189 -41.64 -27.03 -8.00
CA VAL L 189 -40.45 -27.09 -8.83
C VAL L 189 -40.88 -26.99 -10.29
N MET L 190 -40.30 -26.06 -11.03
CA MET L 190 -40.68 -25.81 -12.42
C MET L 190 -40.05 -26.85 -13.33
N VAL L 191 -40.90 -27.69 -13.93
CA VAL L 191 -40.49 -28.74 -14.85
C VAL L 191 -40.49 -28.15 -16.27
N PRO L 192 -39.63 -28.64 -17.16
CA PRO L 192 -39.53 -28.04 -18.50
C PRO L 192 -40.85 -28.09 -19.28
N GLU L 193 -41.11 -27.02 -20.03
CA GLU L 193 -42.33 -26.89 -20.82
C GLU L 193 -42.15 -27.50 -22.20
N ILE M 4 -16.02 -2.12 -28.87
CA ILE M 4 -17.09 -2.89 -29.51
C ILE M 4 -17.86 -1.99 -30.46
N PRO M 5 -17.77 -2.25 -31.77
CA PRO M 5 -18.36 -1.34 -32.74
C PRO M 5 -19.89 -1.28 -32.64
N THR M 6 -20.42 -0.13 -33.05
CA THR M 6 -21.85 0.16 -33.01
C THR M 6 -22.13 1.45 -33.75
N TYR M 18 -27.26 -0.54 -33.17
CA TYR M 18 -26.91 -1.77 -32.45
C TYR M 18 -25.40 -1.89 -32.25
N ASP M 19 -24.99 -2.28 -31.06
CA ASP M 19 -23.66 -2.84 -30.90
C ASP M 19 -23.62 -4.20 -31.60
N ILE M 20 -22.41 -4.70 -31.86
CA ILE M 20 -22.27 -5.91 -32.67
C ILE M 20 -23.02 -7.07 -32.03
N TYR M 21 -23.01 -7.16 -30.69
CA TYR M 21 -23.69 -8.27 -30.02
C TYR M 21 -25.21 -8.17 -30.17
N SER M 22 -25.75 -6.96 -30.04
CA SER M 22 -27.19 -6.78 -30.19
C SER M 22 -27.63 -7.16 -31.60
N ARG M 23 -26.77 -6.90 -32.59
CA ARG M 23 -27.08 -7.26 -33.97
C ARG M 23 -27.10 -8.78 -34.15
N LEU M 24 -26.16 -9.49 -33.53
CA LEU M 24 -26.20 -10.94 -33.59
C LEU M 24 -27.42 -11.49 -32.86
N LEU M 25 -27.80 -10.88 -31.74
CA LEU M 25 -28.96 -11.36 -30.98
C LEU M 25 -30.22 -11.33 -31.82
N LYS M 26 -30.34 -10.35 -32.72
CA LYS M 26 -31.45 -10.29 -33.66
C LYS M 26 -31.53 -11.56 -34.51
N ASP M 27 -30.39 -12.20 -34.78
CA ASP M 27 -30.34 -13.46 -35.50
C ASP M 27 -30.30 -14.67 -34.56
N ARG M 28 -30.70 -14.48 -33.30
CA ARG M 28 -30.84 -15.55 -32.32
C ARG M 28 -29.51 -16.19 -31.94
N ILE M 29 -28.44 -15.39 -31.99
CA ILE M 29 -27.09 -15.80 -31.60
C ILE M 29 -26.72 -15.13 -30.28
N ILE M 30 -26.32 -15.93 -29.30
CA ILE M 30 -25.86 -15.44 -28.00
C ILE M 30 -24.39 -15.78 -27.86
N MET M 31 -23.59 -14.81 -27.41
CA MET M 31 -22.15 -14.99 -27.25
C MET M 31 -21.84 -15.06 -25.76
N LEU M 32 -21.36 -16.21 -25.30
CA LEU M 32 -20.85 -16.36 -23.94
C LEU M 32 -19.33 -16.38 -24.04
N GLY M 33 -18.70 -15.24 -23.81
CA GLY M 33 -17.28 -15.07 -24.06
C GLY M 33 -16.51 -14.61 -22.84
N SER M 34 -16.88 -15.07 -21.65
CA SER M 34 -16.19 -14.63 -20.45
C SER M 34 -16.35 -15.68 -19.36
N GLN M 35 -15.76 -15.39 -18.19
CA GLN M 35 -16.05 -16.16 -16.99
C GLN M 35 -17.53 -16.08 -16.67
N ILE M 36 -18.05 -17.13 -16.05
CA ILE M 36 -19.46 -17.22 -15.71
C ILE M 36 -19.63 -16.78 -14.25
N ASP M 37 -20.23 -15.61 -14.06
CA ASP M 37 -20.64 -15.12 -12.75
C ASP M 37 -22.12 -14.76 -12.81
N ASP M 38 -22.66 -14.24 -11.71
CA ASP M 38 -24.09 -13.97 -11.65
C ASP M 38 -24.51 -12.93 -12.69
N ASN M 39 -23.67 -11.92 -12.94
CA ASN M 39 -24.00 -10.89 -13.91
C ASN M 39 -24.12 -11.47 -15.31
N VAL M 40 -23.16 -12.31 -15.69
CA VAL M 40 -23.16 -12.96 -17.00
C VAL M 40 -24.35 -13.90 -17.11
N ALA M 41 -24.63 -14.69 -16.07
CA ALA M 41 -25.77 -15.60 -16.10
C ALA M 41 -27.09 -14.83 -16.26
N ASN M 42 -27.25 -13.74 -15.51
CA ASN M 42 -28.46 -12.92 -15.60
CA ASN M 42 -28.50 -13.01 -15.62
C ASN M 42 -28.67 -12.40 -17.02
N SER M 43 -27.58 -11.99 -17.66
CA SER M 43 -27.70 -11.52 -19.03
C SER M 43 -28.06 -12.65 -19.97
N ILE M 44 -27.38 -13.80 -19.85
CA ILE M 44 -27.64 -14.91 -20.77
C ILE M 44 -29.07 -15.40 -20.60
N VAL M 45 -29.51 -15.56 -19.34
CA VAL M 45 -30.87 -16.00 -19.07
C VAL M 45 -31.87 -15.04 -19.72
N SER M 46 -31.67 -13.73 -19.54
CA SER M 46 -32.58 -12.74 -20.10
C SER M 46 -32.63 -12.85 -21.63
N GLN M 47 -31.47 -13.03 -22.26
CA GLN M 47 -31.43 -13.20 -23.71
C GLN M 47 -32.18 -14.46 -24.14
N LEU M 48 -32.02 -15.57 -23.42
CA LEU M 48 -32.74 -16.78 -23.78
C LEU M 48 -34.25 -16.57 -23.66
N LEU M 49 -34.69 -15.94 -22.57
CA LEU M 49 -36.12 -15.70 -22.37
C LEU M 49 -36.68 -14.76 -23.43
N PHE M 50 -35.91 -13.74 -23.78
CA PHE M 50 -36.31 -12.80 -24.84
C PHE M 50 -36.49 -13.53 -26.17
N LEU M 51 -35.52 -14.36 -26.54
CA LEU M 51 -35.59 -15.08 -27.82
C LEU M 51 -36.76 -16.06 -27.84
N GLN M 52 -37.01 -16.76 -26.73
CA GLN M 52 -38.18 -17.64 -26.68
C GLN M 52 -39.46 -16.84 -26.89
N ALA M 53 -39.56 -15.65 -26.27
CA ALA M 53 -40.77 -14.84 -26.41
C ALA M 53 -40.93 -14.33 -27.83
N GLN M 54 -39.83 -14.05 -28.52
CA GLN M 54 -39.88 -13.60 -29.91
C GLN M 54 -40.32 -14.72 -30.85
N ASP M 55 -39.84 -15.95 -30.60
CA ASP M 55 -40.20 -17.09 -31.45
C ASP M 55 -39.90 -18.37 -30.68
N SER M 56 -40.95 -19.10 -30.33
CA SER M 56 -40.78 -20.27 -29.46
C SER M 56 -40.31 -21.51 -30.20
N GLU M 57 -40.21 -21.47 -31.54
CA GLU M 57 -39.90 -22.66 -32.34
C GLU M 57 -38.52 -22.62 -32.97
N LYS M 58 -37.97 -21.46 -33.27
CA LYS M 58 -36.71 -21.37 -34.00
C LYS M 58 -35.54 -21.64 -33.07
N ASP M 59 -34.51 -22.31 -33.60
CA ASP M 59 -33.31 -22.61 -32.84
C ASP M 59 -32.62 -21.34 -32.34
N ILE M 60 -31.92 -21.48 -31.22
CA ILE M 60 -31.01 -20.47 -30.67
C ILE M 60 -29.58 -21.00 -30.76
N TYR M 61 -28.62 -20.11 -30.98
CA TYR M 61 -27.22 -20.47 -31.10
C TYR M 61 -26.42 -19.82 -29.98
N LEU M 62 -25.83 -20.65 -29.12
CA LEU M 62 -25.01 -20.20 -27.99
C LEU M 62 -23.55 -20.52 -28.26
N TYR M 63 -22.77 -19.49 -28.57
CA TYR M 63 -21.33 -19.64 -28.69
C TYR M 63 -20.70 -19.61 -27.30
N ILE M 64 -19.76 -20.51 -27.06
CA ILE M 64 -19.13 -20.64 -25.74
C ILE M 64 -17.62 -20.53 -25.90
N ASN M 65 -17.03 -19.49 -25.30
CA ASN M 65 -15.59 -19.35 -25.11
C ASN M 65 -15.42 -18.90 -23.66
N SER M 66 -15.22 -19.87 -22.76
CA SER M 66 -15.32 -19.52 -21.34
C SER M 66 -14.36 -20.37 -20.52
N PRO M 67 -13.65 -19.77 -19.57
CA PRO M 67 -12.82 -20.55 -18.65
C PRO M 67 -13.60 -21.16 -17.50
N GLY M 68 -14.90 -20.93 -17.44
CA GLY M 68 -15.71 -21.47 -16.37
C GLY M 68 -16.13 -20.41 -15.38
N GLY M 69 -16.41 -20.80 -14.16
CA GLY M 69 -16.87 -19.84 -13.17
C GLY M 69 -17.80 -20.53 -12.18
N SER M 70 -18.75 -19.72 -11.68
CA SER M 70 -19.61 -20.13 -10.57
C SER M 70 -20.56 -21.26 -10.97
N VAL M 71 -20.65 -22.29 -10.12
CA VAL M 71 -21.55 -23.42 -10.40
C VAL M 71 -23.02 -22.96 -10.40
N THR M 72 -23.42 -22.18 -9.41
CA THR M 72 -24.83 -21.78 -9.35
C THR M 72 -25.18 -20.85 -10.50
N ALA M 73 -24.25 -19.97 -10.89
CA ALA M 73 -24.52 -19.14 -12.06
C ALA M 73 -24.67 -20.01 -13.31
N GLY M 74 -23.81 -21.02 -13.43
CA GLY M 74 -23.94 -21.96 -14.54
C GLY M 74 -25.27 -22.68 -14.55
N PHE M 75 -25.76 -23.07 -13.37
CA PHE M 75 -27.04 -23.77 -13.32
C PHE M 75 -28.21 -22.85 -13.64
N ALA M 76 -28.10 -21.54 -13.38
CA ALA M 76 -29.14 -20.61 -13.83
C ALA M 76 -29.27 -20.69 -15.35
N ILE M 77 -28.14 -20.70 -16.05
CA ILE M 77 -28.16 -20.83 -17.50
C ILE M 77 -28.63 -22.23 -17.90
N TYR M 78 -28.05 -23.27 -17.30
CA TYR M 78 -28.38 -24.65 -17.65
C TYR M 78 -29.89 -24.92 -17.56
N ASP M 79 -30.51 -24.56 -16.43
CA ASP M 79 -31.94 -24.83 -16.25
C ASP M 79 -32.80 -24.02 -17.20
N THR M 80 -32.36 -22.81 -17.56
CA THR M 80 -33.12 -22.01 -18.51
C THR M 80 -33.07 -22.64 -19.90
N ILE M 81 -31.89 -23.10 -20.34
CA ILE M 81 -31.78 -23.85 -21.60
C ILE M 81 -32.75 -25.03 -21.61
N GLN M 82 -32.74 -25.83 -20.53
CA GLN M 82 -33.60 -27.01 -20.53
C GLN M 82 -35.07 -26.63 -20.45
N HIS M 83 -35.38 -25.49 -19.84
CA HIS M 83 -36.78 -25.10 -19.61
C HIS M 83 -37.47 -24.59 -20.87
N ILE M 84 -36.79 -23.74 -21.66
CA ILE M 84 -37.45 -23.06 -22.77
C ILE M 84 -37.73 -24.05 -23.89
N LYS M 85 -38.65 -23.67 -24.78
CA LYS M 85 -39.08 -24.55 -25.87
C LYS M 85 -38.08 -24.66 -27.02
N PRO M 86 -37.49 -23.56 -27.53
CA PRO M 86 -36.54 -23.70 -28.64
C PRO M 86 -35.34 -24.55 -28.28
N ASP M 87 -34.83 -25.27 -29.27
CA ASP M 87 -33.54 -25.94 -29.15
C ASP M 87 -32.44 -24.90 -29.03
N VAL M 88 -31.46 -25.17 -28.16
CA VAL M 88 -30.29 -24.30 -28.03
C VAL M 88 -29.09 -25.08 -28.55
N GLN M 89 -28.55 -24.66 -29.69
CA GLN M 89 -27.31 -25.23 -30.17
C GLN M 89 -26.12 -24.63 -29.41
N THR M 90 -25.13 -25.44 -29.09
CA THR M 90 -23.93 -24.92 -28.44
C THR M 90 -22.74 -25.10 -29.37
N ILE M 91 -21.90 -24.08 -29.44
CA ILE M 91 -20.74 -24.05 -30.31
C ILE M 91 -19.54 -23.59 -29.51
N CYS M 92 -18.59 -24.48 -29.28
CA CYS M 92 -17.35 -24.13 -28.58
C CYS M 92 -16.33 -23.54 -29.55
N ILE M 93 -15.88 -22.32 -29.27
CA ILE M 93 -14.76 -21.69 -29.95
C ILE M 93 -13.72 -21.31 -28.91
N GLY M 94 -12.46 -21.55 -29.22
CA GLY M 94 -11.40 -21.23 -28.27
C GLY M 94 -11.31 -22.25 -27.15
N MET M 95 -12.12 -22.09 -26.11
CA MET M 95 -12.01 -22.96 -24.94
C MET M 95 -13.36 -23.02 -24.24
N ALA M 96 -13.74 -24.22 -23.82
CA ALA M 96 -14.83 -24.41 -22.88
C ALA M 96 -14.27 -25.23 -21.72
N ALA M 97 -14.01 -24.55 -20.60
CA ALA M 97 -13.43 -25.20 -19.42
C ALA M 97 -14.41 -25.09 -18.26
N SER M 98 -14.31 -26.33 -17.56
CA SER M 98 -14.95 -26.32 -16.27
C SER M 98 -16.47 -26.16 -16.39
N MET M 99 -17.16 -25.05 -15.83
CA MET M 99 -18.57 -24.81 -16.09
C MET M 99 -18.86 -24.48 -17.57
N GLY M 100 -17.84 -24.00 -18.28
CA GLY M 100 -17.97 -23.80 -19.72
C GLY M 100 -18.24 -25.08 -20.49
N SER M 101 -17.49 -26.14 -20.16
CA SER M 101 -17.71 -27.43 -20.83
C SER M 101 -19.01 -28.07 -20.37
N PHE M 102 -19.41 -27.81 -19.13
CA PHE M 102 -20.70 -28.30 -18.66
C PHE M 102 -21.83 -27.70 -19.48
N LEU M 103 -21.75 -26.39 -19.78
CA LEU M 103 -22.79 -25.78 -20.60
C LEU M 103 -22.71 -26.23 -22.04
N LEU M 104 -21.50 -26.46 -22.56
CA LEU M 104 -21.36 -27.01 -23.90
C LEU M 104 -22.12 -28.32 -24.04
N ALA M 105 -21.95 -29.22 -23.06
CA ALA M 105 -22.63 -30.51 -23.09
C ALA M 105 -24.13 -30.39 -22.91
N ALA M 106 -24.62 -29.22 -22.47
CA ALA M 106 -26.02 -28.98 -22.17
C ALA M 106 -26.85 -28.59 -23.39
N GLY M 107 -26.23 -28.32 -24.54
CA GLY M 107 -26.99 -27.99 -25.73
C GLY M 107 -27.86 -29.14 -26.19
N ALA M 108 -28.79 -28.82 -27.10
CA ALA M 108 -29.67 -29.84 -27.65
C ALA M 108 -28.87 -30.97 -28.27
N LYS M 109 -29.24 -32.20 -27.92
CA LYS M 109 -28.50 -33.37 -28.42
C LYS M 109 -28.60 -33.44 -29.93
N GLY M 110 -27.46 -33.71 -30.58
CA GLY M 110 -27.32 -33.58 -32.00
C GLY M 110 -26.88 -32.21 -32.46
N LYS M 111 -26.91 -31.20 -31.58
CA LYS M 111 -26.60 -29.83 -31.96
C LYS M 111 -25.55 -29.21 -31.04
N ARG M 112 -24.62 -30.02 -30.55
CA ARG M 112 -23.49 -29.55 -29.76
C ARG M 112 -22.23 -29.68 -30.60
N PHE M 113 -21.53 -28.57 -30.81
CA PHE M 113 -20.41 -28.51 -31.74
C PHE M 113 -19.18 -27.93 -31.07
N ALA M 114 -18.03 -28.28 -31.63
CA ALA M 114 -16.78 -27.58 -31.36
C ALA M 114 -16.04 -27.36 -32.66
N LEU M 115 -15.37 -26.21 -32.77
CA LEU M 115 -14.48 -25.94 -33.88
C LEU M 115 -13.20 -26.78 -33.75
N PRO M 116 -12.50 -27.03 -34.86
CA PRO M 116 -11.45 -28.08 -34.84
C PRO M 116 -10.33 -27.86 -33.83
N ASN M 117 -9.96 -26.61 -33.55
CA ASN M 117 -8.85 -26.33 -32.64
C ASN M 117 -9.32 -25.82 -31.27
N ALA M 118 -10.62 -25.87 -31.00
CA ALA M 118 -11.14 -25.49 -29.70
C ALA M 118 -10.73 -26.53 -28.66
N GLU M 119 -10.54 -26.08 -27.43
CA GLU M 119 -10.14 -26.94 -26.33
C GLU M 119 -11.30 -27.10 -25.35
N VAL M 120 -11.43 -28.30 -24.78
CA VAL M 120 -12.41 -28.60 -23.74
C VAL M 120 -11.64 -29.13 -22.53
N MET M 121 -12.00 -28.65 -21.35
CA MET M 121 -11.35 -29.13 -20.13
C MET M 121 -12.41 -29.43 -19.09
N ILE M 122 -12.29 -30.59 -18.45
CA ILE M 122 -13.21 -30.98 -17.40
C ILE M 122 -12.40 -31.23 -16.13
N HIS M 123 -13.02 -30.94 -14.98
CA HIS M 123 -12.38 -31.16 -13.69
C HIS M 123 -13.45 -31.04 -12.61
N GLN M 124 -13.05 -31.27 -11.36
CA GLN M 124 -13.98 -31.24 -10.25
C GLN M 124 -14.14 -29.82 -9.71
N PRO M 125 -15.22 -29.54 -8.95
CA PRO M 125 -15.40 -28.19 -8.39
C PRO M 125 -14.31 -27.82 -7.40
N LEU M 126 -14.14 -26.50 -7.23
CA LEU M 126 -13.16 -25.92 -6.32
C LEU M 126 -13.87 -24.92 -5.41
N GLY M 127 -13.30 -24.71 -4.23
CA GLY M 127 -13.90 -23.76 -3.33
C GLY M 127 -13.02 -23.51 -2.12
N GLY M 128 -13.64 -22.96 -1.09
CA GLY M 128 -12.91 -22.62 0.12
C GLY M 128 -13.84 -22.75 1.30
N ALA M 129 -13.25 -22.89 2.47
CA ALA M 129 -14.03 -22.99 3.69
C ALA M 129 -13.11 -22.53 4.81
N GLN M 130 -13.64 -21.70 5.70
CA GLN M 130 -12.90 -21.17 6.82
C GLN M 130 -13.84 -21.08 8.01
N GLY M 131 -13.35 -21.43 9.19
CA GLY M 131 -14.16 -21.28 10.40
C GLY M 131 -14.06 -22.48 11.32
N GLN M 132 -15.10 -22.71 12.11
CA GLN M 132 -15.12 -23.84 13.03
C GLN M 132 -15.17 -25.14 12.26
N ALA M 133 -14.72 -26.23 12.90
CA ALA M 133 -14.80 -27.55 12.29
C ALA M 133 -16.21 -27.82 11.74
N THR M 134 -17.26 -27.51 12.52
CA THR M 134 -18.64 -27.71 12.07
C THR M 134 -18.92 -26.96 10.76
N GLU M 135 -18.40 -25.73 10.65
CA GLU M 135 -18.63 -24.94 9.44
C GLU M 135 -17.89 -25.54 8.26
N ILE M 136 -16.67 -26.01 8.50
CA ILE M 136 -15.90 -26.66 7.43
C ILE M 136 -16.62 -27.92 6.98
N GLU M 137 -17.20 -28.67 7.92
CA GLU M 137 -17.96 -29.87 7.57
C GLU M 137 -19.15 -29.54 6.66
N ILE M 138 -19.89 -28.49 7.01
CA ILE M 138 -21.04 -28.08 6.18
C ILE M 138 -20.58 -27.72 4.77
N ALA M 139 -19.49 -26.94 4.68
CA ALA M 139 -18.99 -26.53 3.37
C ALA M 139 -18.47 -27.71 2.55
N ALA M 140 -17.75 -28.63 3.21
CA ALA M 140 -17.27 -29.83 2.52
C ALA M 140 -18.44 -30.67 2.00
N ASN M 141 -19.45 -30.88 2.86
CA ASN M 141 -20.62 -31.64 2.43
C ASN M 141 -21.33 -30.97 1.27
N HIS M 142 -21.42 -29.63 1.29
CA HIS M 142 -22.07 -28.92 0.20
C HIS M 142 -21.33 -29.10 -1.11
N ILE M 143 -20.00 -28.92 -1.11
CA ILE M 143 -19.26 -29.02 -2.38
C ILE M 143 -19.22 -30.48 -2.86
N LEU M 144 -19.19 -31.46 -1.95
CA LEU M 144 -19.24 -32.85 -2.38
C LEU M 144 -20.59 -33.20 -3.00
N LYS M 145 -21.69 -32.70 -2.41
CA LYS M 145 -23.01 -32.92 -3.00
C LYS M 145 -23.14 -32.21 -4.34
N THR M 146 -22.52 -31.03 -4.46
CA THR M 146 -22.50 -30.34 -5.76
C THR M 146 -21.78 -31.17 -6.81
N ARG M 147 -20.63 -31.75 -6.45
CA ARG M 147 -19.92 -32.60 -7.40
C ARG M 147 -20.78 -33.79 -7.83
N GLU M 148 -21.47 -34.41 -6.86
CA GLU M 148 -22.34 -35.52 -7.20
C GLU M 148 -23.43 -35.09 -8.19
N LYS M 149 -24.04 -33.93 -7.94
CA LYS M 149 -25.06 -33.41 -8.84
C LYS M 149 -24.50 -33.17 -10.25
N LEU M 150 -23.33 -32.52 -10.33
CA LEU M 150 -22.71 -32.27 -11.62
C LEU M 150 -22.39 -33.57 -12.35
N ASN M 151 -21.86 -34.57 -11.63
CA ASN M 151 -21.47 -35.83 -12.25
C ASN M 151 -22.69 -36.57 -12.80
N ARG M 152 -23.79 -36.58 -12.04
CA ARG M 152 -25.01 -37.24 -12.47
C ARG M 152 -25.54 -36.62 -13.77
N ILE M 153 -25.60 -35.28 -13.84
CA ILE M 153 -26.09 -34.63 -15.05
C ILE M 153 -25.14 -34.88 -16.21
N LEU M 154 -23.83 -34.76 -15.98
CA LEU M 154 -22.87 -34.98 -17.06
C LEU M 154 -22.93 -36.43 -17.56
N SER M 155 -23.19 -37.37 -16.67
CA SER M 155 -23.39 -38.77 -17.08
C SER M 155 -24.58 -38.88 -18.04
N GLU M 156 -25.70 -38.23 -17.71
CA GLU M 156 -26.87 -38.22 -18.59
C GLU M 156 -26.59 -37.55 -19.93
N ARG M 157 -25.80 -36.47 -19.92
CA ARG M 157 -25.57 -35.71 -21.15
C ARG M 157 -24.57 -36.39 -22.07
N THR M 158 -23.63 -37.17 -21.52
CA THR M 158 -22.54 -37.76 -22.28
C THR M 158 -22.73 -39.25 -22.56
N GLY M 159 -23.52 -39.94 -21.72
CA GLY M 159 -23.59 -41.38 -21.77
C GLY M 159 -22.51 -42.12 -21.02
N GLN M 160 -21.57 -41.40 -20.40
CA GLN M 160 -20.53 -42.04 -19.59
C GLN M 160 -21.07 -42.37 -18.21
N SER M 161 -20.50 -43.39 -17.57
CA SER M 161 -20.93 -43.70 -16.22
C SER M 161 -20.47 -42.61 -15.25
N ILE M 162 -21.21 -42.47 -14.14
CA ILE M 162 -20.81 -41.57 -13.07
C ILE M 162 -19.43 -41.93 -12.54
N GLU M 163 -19.14 -43.24 -12.45
CA GLU M 163 -17.84 -43.67 -11.96
C GLU M 163 -16.71 -43.20 -12.87
N LYS M 164 -16.94 -43.25 -14.19
CA LYS M 164 -15.92 -42.80 -15.14
C LYS M 164 -15.75 -41.29 -15.08
N ILE M 165 -16.85 -40.55 -15.01
CA ILE M 165 -16.76 -39.09 -14.91
C ILE M 165 -15.95 -38.72 -13.67
N GLN M 166 -16.22 -39.38 -12.54
CA GLN M 166 -15.50 -39.12 -11.29
C GLN M 166 -14.00 -39.30 -11.46
N LYS M 167 -13.57 -40.43 -12.06
CA LYS M 167 -12.15 -40.65 -12.27
C LYS M 167 -11.56 -39.62 -13.23
N ASP M 168 -12.29 -39.30 -14.29
CA ASP M 168 -11.78 -38.43 -15.35
C ASP M 168 -11.72 -36.97 -14.96
N THR M 169 -12.38 -36.57 -13.87
CA THR M 169 -12.39 -35.18 -13.42
C THR M 169 -11.59 -34.99 -12.15
N ASP M 170 -10.89 -36.03 -11.68
CA ASP M 170 -10.14 -35.93 -10.44
C ASP M 170 -9.12 -34.79 -10.51
N ARG M 171 -8.46 -34.64 -11.66
CA ARG M 171 -7.57 -33.52 -11.93
C ARG M 171 -7.96 -32.89 -13.26
N ASP M 172 -7.33 -31.75 -13.58
CA ASP M 172 -7.62 -31.08 -14.85
C ASP M 172 -7.39 -32.05 -16.00
N ASN M 173 -8.41 -32.18 -16.86
CA ASN M 173 -8.39 -33.13 -17.97
C ASN M 173 -8.72 -32.38 -19.26
N PHE M 174 -7.69 -32.14 -20.08
CA PHE M 174 -7.80 -31.35 -21.31
C PHE M 174 -8.11 -32.27 -22.49
N LEU M 175 -9.12 -31.91 -23.27
CA LEU M 175 -9.56 -32.69 -24.42
C LEU M 175 -9.48 -31.87 -25.69
N THR M 176 -9.04 -32.49 -26.77
CA THR M 176 -9.24 -31.92 -28.10
C THR M 176 -10.72 -31.99 -28.50
N ALA M 177 -11.07 -31.29 -29.57
CA ALA M 177 -12.44 -31.33 -30.08
C ALA M 177 -12.86 -32.75 -30.43
N GLU M 178 -11.96 -33.49 -31.07
CA GLU M 178 -12.25 -34.88 -31.45
C GLU M 178 -12.39 -35.76 -30.21
N GLU M 179 -11.54 -35.56 -29.19
CA GLU M 179 -11.68 -36.32 -27.96
C GLU M 179 -13.01 -35.99 -27.27
N ALA M 180 -13.41 -34.72 -27.30
CA ALA M 180 -14.67 -34.34 -26.69
C ALA M 180 -15.85 -34.99 -27.42
N LYS M 181 -15.76 -35.13 -28.75
CA LYS M 181 -16.80 -35.84 -29.48
C LYS M 181 -16.84 -37.31 -29.06
N GLU M 182 -15.68 -37.96 -28.99
CA GLU M 182 -15.61 -39.35 -28.54
C GLU M 182 -16.15 -39.50 -27.13
N TYR M 183 -15.93 -38.50 -26.28
CA TYR M 183 -16.40 -38.58 -24.89
C TYR M 183 -17.91 -38.44 -24.79
N GLY M 184 -18.54 -37.78 -25.77
CA GLY M 184 -19.95 -37.50 -25.73
C GLY M 184 -20.29 -36.10 -25.25
N LEU M 185 -19.29 -35.23 -25.06
CA LEU M 185 -19.55 -33.87 -24.64
C LEU M 185 -20.13 -33.03 -25.78
N ILE M 186 -19.72 -33.33 -27.02
CA ILE M 186 -20.28 -32.70 -28.20
C ILE M 186 -20.69 -33.80 -29.17
N ASP M 187 -21.43 -33.41 -30.20
CA ASP M 187 -21.93 -34.33 -31.21
C ASP M 187 -21.07 -34.34 -32.46
N GLU M 188 -20.52 -33.18 -32.83
CA GLU M 188 -19.78 -33.07 -34.08
C GLU M 188 -18.70 -32.02 -33.94
N VAL M 189 -17.57 -32.25 -34.62
CA VAL M 189 -16.56 -31.22 -34.85
C VAL M 189 -16.96 -30.48 -36.12
N MET M 190 -17.08 -29.16 -36.02
CA MET M 190 -17.53 -28.34 -37.15
C MET M 190 -16.39 -28.16 -38.15
N VAL M 191 -16.57 -28.73 -39.34
CA VAL M 191 -15.61 -28.64 -40.44
C VAL M 191 -15.93 -27.39 -41.26
N PRO M 192 -14.93 -26.73 -41.86
CA PRO M 192 -15.15 -25.50 -42.62
C PRO M 192 -16.09 -25.68 -43.82
N ILE N 4 -11.71 8.22 -29.75
CA ILE N 4 -12.19 7.74 -31.04
C ILE N 4 -13.21 8.72 -31.62
N PRO N 5 -12.90 9.27 -32.79
CA PRO N 5 -13.80 10.24 -33.42
C PRO N 5 -15.06 9.58 -33.98
N THR N 6 -16.05 10.43 -34.23
CA THR N 6 -17.34 10.03 -34.77
C THR N 6 -17.47 10.50 -36.21
N VAL N 7 -18.09 9.68 -37.05
CA VAL N 7 -18.38 10.06 -38.43
C VAL N 7 -19.90 10.05 -38.68
N TYR N 18 -21.59 6.92 -36.43
CA TYR N 18 -20.59 5.84 -36.29
C TYR N 18 -19.31 6.33 -35.62
N ASP N 19 -18.75 5.50 -34.74
CA ASP N 19 -17.35 5.67 -34.42
C ASP N 19 -16.51 5.25 -35.62
N ILE N 20 -15.25 5.69 -35.65
CA ILE N 20 -14.43 5.49 -36.85
C ILE N 20 -14.34 4.01 -37.18
N TYR N 21 -14.24 3.15 -36.16
CA TYR N 21 -14.12 1.71 -36.40
C TYR N 21 -15.39 1.12 -36.99
N SER N 22 -16.56 1.55 -36.50
CA SER N 22 -17.82 1.08 -37.06
C SER N 22 -17.95 1.49 -38.52
N ARG N 23 -17.42 2.67 -38.85
CA ARG N 23 -17.46 3.14 -40.24
C ARG N 23 -16.58 2.29 -41.14
N LEU N 24 -15.40 1.86 -40.66
CA LEU N 24 -14.56 0.96 -41.42
C LEU N 24 -15.21 -0.41 -41.58
N LEU N 25 -15.90 -0.88 -40.55
CA LEU N 25 -16.57 -2.18 -40.60
C LEU N 25 -17.62 -2.22 -41.70
N LYS N 26 -18.24 -1.08 -42.00
CA LYS N 26 -19.17 -0.97 -43.12
C LYS N 26 -18.50 -1.34 -44.43
N ASP N 27 -17.20 -1.07 -44.55
CA ASP N 27 -16.41 -1.42 -45.72
C ASP N 27 -15.66 -2.73 -45.54
N ARG N 28 -16.10 -3.56 -44.59
CA ARG N 28 -15.60 -4.92 -44.37
C ARG N 28 -14.15 -4.92 -43.86
N ILE N 29 -13.76 -3.87 -43.12
CA ILE N 29 -12.44 -3.76 -42.52
C ILE N 29 -12.59 -3.96 -41.01
N ILE N 30 -11.81 -4.89 -40.47
CA ILE N 30 -11.73 -5.15 -39.04
C ILE N 30 -10.34 -4.75 -38.58
N MET N 31 -10.27 -4.01 -37.48
CA MET N 31 -9.01 -3.53 -36.93
C MET N 31 -8.74 -4.34 -35.66
N LEU N 32 -7.68 -5.14 -35.68
CA LEU N 32 -7.20 -5.83 -34.48
C LEU N 32 -5.97 -5.09 -33.99
N GLY N 33 -6.16 -4.20 -33.02
CA GLY N 33 -5.12 -3.28 -32.60
C GLY N 33 -4.79 -3.32 -31.12
N SER N 34 -4.83 -4.51 -30.51
CA SER N 34 -4.54 -4.64 -29.10
C SER N 34 -4.07 -6.06 -28.79
N GLN N 35 -3.79 -6.29 -27.51
CA GLN N 35 -3.56 -7.65 -27.02
C GLN N 35 -4.80 -8.49 -27.28
N ILE N 36 -4.58 -9.79 -27.47
CA ILE N 36 -5.65 -10.73 -27.77
C ILE N 36 -6.07 -11.41 -26.49
N ASP N 37 -7.25 -11.07 -25.97
CA ASP N 37 -7.87 -11.75 -24.85
C ASP N 37 -9.28 -12.17 -25.25
N ASP N 38 -10.02 -12.76 -24.31
CA ASP N 38 -11.33 -13.29 -24.65
C ASP N 38 -12.28 -12.20 -25.15
N ASN N 39 -12.19 -11.01 -24.56
CA ASN N 39 -13.08 -9.91 -24.99
C ASN N 39 -12.79 -9.51 -26.43
N VAL N 40 -11.51 -9.34 -26.77
CA VAL N 40 -11.12 -9.01 -28.14
C VAL N 40 -11.54 -10.13 -29.10
N ALA N 41 -11.30 -11.38 -28.73
CA ALA N 41 -11.70 -12.49 -29.58
C ALA N 41 -13.21 -12.51 -29.82
N ASN N 42 -13.98 -12.30 -28.74
CA ASN N 42 -15.44 -12.28 -28.90
CA ASN N 42 -15.45 -12.22 -28.87
C ASN N 42 -15.85 -11.22 -29.90
N SER N 43 -15.26 -10.02 -29.84
CA SER N 43 -15.59 -8.95 -30.74
C SER N 43 -15.19 -9.28 -32.18
N ILE N 44 -13.96 -9.79 -32.37
CA ILE N 44 -13.48 -10.09 -33.72
C ILE N 44 -14.32 -11.19 -34.36
N VAL N 45 -14.58 -12.26 -33.61
CA VAL N 45 -15.43 -13.33 -34.12
C VAL N 45 -16.79 -12.78 -34.53
N SER N 46 -17.39 -11.97 -33.65
CA SER N 46 -18.72 -11.40 -33.95
C SER N 46 -18.68 -10.57 -35.22
N GLN N 47 -17.63 -9.75 -35.40
CA GLN N 47 -17.49 -8.97 -36.62
C GLN N 47 -17.36 -9.86 -37.86
N LEU N 48 -16.58 -10.95 -37.76
CA LEU N 48 -16.46 -11.88 -38.89
C LEU N 48 -17.80 -12.51 -39.23
N LEU N 49 -18.53 -12.97 -38.22
CA LEU N 49 -19.83 -13.60 -38.46
C LEU N 49 -20.82 -12.61 -39.06
N PHE N 50 -20.81 -11.37 -38.55
CA PHE N 50 -21.66 -10.32 -39.10
C PHE N 50 -21.35 -10.06 -40.57
N LEU N 51 -20.05 -9.92 -40.91
CA LEU N 51 -19.69 -9.66 -42.29
C LEU N 51 -20.04 -10.83 -43.21
N GLN N 52 -19.86 -12.07 -42.74
CA GLN N 52 -20.28 -13.21 -43.56
C GLN N 52 -21.78 -13.16 -43.84
N ALA N 53 -22.58 -12.83 -42.82
CA ALA N 53 -24.03 -12.79 -42.98
C ALA N 53 -24.46 -11.68 -43.93
N GLN N 54 -23.72 -10.56 -43.95
CA GLN N 54 -24.03 -9.47 -44.86
C GLN N 54 -23.71 -9.84 -46.31
N ASP N 55 -22.60 -10.54 -46.53
CA ASP N 55 -22.19 -10.92 -47.88
C ASP N 55 -21.18 -12.04 -47.76
N SER N 56 -21.57 -13.24 -48.20
CA SER N 56 -20.74 -14.42 -47.99
C SER N 56 -19.63 -14.55 -49.01
N GLU N 57 -19.57 -13.67 -50.00
CA GLU N 57 -18.63 -13.80 -51.11
C GLU N 57 -17.52 -12.76 -51.10
N LYS N 58 -17.77 -11.57 -50.55
CA LYS N 58 -16.81 -10.47 -50.63
C LYS N 58 -15.72 -10.65 -49.59
N ASP N 59 -14.50 -10.28 -49.96
CA ASP N 59 -13.36 -10.37 -49.05
C ASP N 59 -13.58 -9.53 -47.79
N ILE N 60 -12.92 -9.96 -46.70
CA ILE N 60 -12.80 -9.20 -45.46
C ILE N 60 -11.32 -8.82 -45.30
N TYR N 61 -11.08 -7.64 -44.71
CA TYR N 61 -9.72 -7.12 -44.50
C TYR N 61 -9.46 -7.00 -42.99
N LEU N 62 -8.51 -7.79 -42.48
CA LEU N 62 -8.17 -7.80 -41.07
C LEU N 62 -6.80 -7.16 -40.86
N TYR N 63 -6.80 -5.92 -40.35
CA TYR N 63 -5.56 -5.25 -39.98
C TYR N 63 -5.08 -5.76 -38.63
N ILE N 64 -3.78 -6.04 -38.53
CA ILE N 64 -3.21 -6.61 -37.32
C ILE N 64 -2.05 -5.76 -36.84
N ASN N 65 -2.22 -5.17 -35.65
CA ASN N 65 -1.14 -4.53 -34.90
C ASN N 65 -1.32 -4.99 -33.45
N SER N 66 -0.61 -6.06 -33.07
CA SER N 66 -0.90 -6.73 -31.80
C SER N 66 0.36 -7.34 -31.20
N PRO N 67 0.56 -7.22 -29.88
CA PRO N 67 1.67 -7.92 -29.23
C PRO N 67 1.40 -9.39 -28.94
N GLY N 68 0.19 -9.88 -29.23
CA GLY N 68 -0.17 -11.26 -28.94
C GLY N 68 -1.14 -11.38 -27.80
N GLY N 69 -1.12 -12.51 -27.12
CA GLY N 69 -2.06 -12.74 -26.04
C GLY N 69 -2.41 -14.22 -25.94
N SER N 70 -3.65 -14.48 -25.53
CA SER N 70 -4.11 -15.82 -25.17
C SER N 70 -4.16 -16.74 -26.38
N VAL N 71 -3.63 -17.96 -26.23
CA VAL N 71 -3.67 -18.94 -27.32
C VAL N 71 -5.10 -19.34 -27.65
N THR N 72 -5.92 -19.62 -26.63
CA THR N 72 -7.29 -20.07 -26.92
C THR N 72 -8.12 -18.94 -27.52
N ALA N 73 -7.92 -17.70 -27.06
CA ALA N 73 -8.61 -16.59 -27.69
C ALA N 73 -8.19 -16.47 -29.15
N GLY N 74 -6.88 -16.63 -29.40
CA GLY N 74 -6.40 -16.64 -30.77
C GLY N 74 -7.01 -17.75 -31.61
N PHE N 75 -7.18 -18.94 -31.03
CA PHE N 75 -7.78 -20.02 -31.81
C PHE N 75 -9.27 -19.81 -32.06
N ALA N 76 -9.97 -19.08 -31.18
CA ALA N 76 -11.34 -18.72 -31.52
C ALA N 76 -11.38 -17.92 -32.81
N ILE N 77 -10.46 -16.95 -32.95
CA ILE N 77 -10.40 -16.17 -34.18
C ILE N 77 -9.95 -17.03 -35.34
N TYR N 78 -8.86 -17.80 -35.15
CA TYR N 78 -8.34 -18.63 -36.22
C TYR N 78 -9.41 -19.55 -36.79
N ASP N 79 -10.10 -20.29 -35.92
CA ASP N 79 -11.08 -21.24 -36.43
C ASP N 79 -12.24 -20.54 -37.13
N THR N 80 -12.60 -19.34 -36.68
CA THR N 80 -13.66 -18.60 -37.33
C THR N 80 -13.22 -18.15 -38.73
N ILE N 81 -11.99 -17.65 -38.86
CA ILE N 81 -11.49 -17.30 -40.20
C ILE N 81 -11.58 -18.50 -41.14
N GLN N 82 -11.11 -19.66 -40.70
CA GLN N 82 -11.10 -20.81 -41.60
C GLN N 82 -12.51 -21.31 -41.88
N HIS N 83 -13.44 -21.11 -40.95
CA HIS N 83 -14.79 -21.64 -41.09
C HIS N 83 -15.63 -20.84 -42.10
N ILE N 84 -15.54 -19.51 -42.05
CA ILE N 84 -16.47 -18.70 -42.86
C ILE N 84 -16.11 -18.78 -44.33
N LYS N 85 -17.08 -18.42 -45.18
CA LYS N 85 -16.92 -18.52 -46.63
C LYS N 85 -16.03 -17.41 -47.19
N PRO N 86 -16.20 -16.14 -46.83
CA PRO N 86 -15.33 -15.10 -47.40
C PRO N 86 -13.86 -15.32 -47.11
N ASP N 87 -13.01 -14.93 -48.07
CA ASP N 87 -11.58 -14.84 -47.81
C ASP N 87 -11.31 -13.73 -46.81
N VAL N 88 -10.39 -13.97 -45.89
CA VAL N 88 -9.96 -12.93 -44.95
C VAL N 88 -8.53 -12.54 -45.32
N GLN N 89 -8.36 -11.32 -45.81
CA GLN N 89 -7.03 -10.79 -46.03
C GLN N 89 -6.47 -10.30 -44.70
N THR N 90 -5.18 -10.56 -44.47
CA THR N 90 -4.52 -10.07 -43.26
C THR N 90 -3.43 -9.08 -43.65
N ILE N 91 -3.36 -7.97 -42.93
CA ILE N 91 -2.44 -6.89 -43.21
C ILE N 91 -1.73 -6.53 -41.90
N CYS N 92 -0.43 -6.79 -41.82
CA CYS N 92 0.35 -6.42 -40.65
C CYS N 92 0.82 -4.97 -40.76
N ILE N 93 0.43 -4.15 -39.77
CA ILE N 93 0.94 -2.80 -39.61
C ILE N 93 1.55 -2.67 -38.22
N GLY N 94 2.71 -2.05 -38.13
CA GLY N 94 3.36 -1.89 -36.85
C GLY N 94 4.06 -3.16 -36.38
N MET N 95 3.33 -4.06 -35.73
CA MET N 95 3.93 -5.27 -35.19
C MET N 95 2.88 -6.37 -35.13
N ALA N 96 3.27 -7.57 -35.55
CA ALA N 96 2.47 -8.75 -35.28
C ALA N 96 3.35 -9.74 -34.53
N ALA N 97 3.13 -9.85 -33.22
CA ALA N 97 3.93 -10.71 -32.37
C ALA N 97 3.07 -11.78 -31.72
N SER N 98 3.92 -12.93 -31.75
CA SER N 98 3.38 -14.05 -30.98
C SER N 98 2.06 -14.52 -31.58
N MET N 99 0.83 -14.58 -30.84
CA MET N 99 -0.43 -14.98 -31.43
C MET N 99 -0.86 -14.02 -32.55
N GLY N 100 -0.35 -12.78 -32.49
CA GLY N 100 -0.56 -11.84 -33.60
C GLY N 100 0.03 -12.32 -34.91
N SER N 101 1.27 -12.81 -34.86
CA SER N 101 1.89 -13.31 -36.08
C SER N 101 1.25 -14.63 -36.52
N PHE N 102 0.75 -15.43 -35.59
CA PHE N 102 0.03 -16.64 -35.93
C PHE N 102 -1.25 -16.30 -36.70
N LEU N 103 -1.97 -15.27 -36.26
CA LEU N 103 -3.18 -14.86 -36.97
C LEU N 103 -2.86 -14.21 -38.31
N LEU N 104 -1.75 -13.47 -38.41
CA LEU N 104 -1.33 -12.94 -39.70
C LEU N 104 -1.14 -14.08 -40.72
N ALA N 105 -0.47 -15.16 -40.31
CA ALA N 105 -0.25 -16.30 -41.21
C ALA N 105 -1.55 -17.03 -41.53
N ALA N 106 -2.62 -16.76 -40.78
CA ALA N 106 -3.89 -17.45 -40.94
C ALA N 106 -4.75 -16.87 -42.05
N GLY N 107 -4.41 -15.72 -42.61
CA GLY N 107 -5.19 -15.14 -43.68
C GLY N 107 -5.18 -16.02 -44.93
N ALA N 108 -6.10 -15.69 -45.85
CA ALA N 108 -6.22 -16.41 -47.11
C ALA N 108 -4.89 -16.44 -47.85
N LYS N 109 -4.50 -17.63 -48.30
CA LYS N 109 -3.20 -17.78 -48.95
C LYS N 109 -3.15 -16.92 -50.22
N GLY N 110 -2.06 -16.18 -50.37
CA GLY N 110 -1.97 -15.17 -51.40
C GLY N 110 -2.45 -13.79 -50.99
N LYS N 111 -3.14 -13.66 -49.86
CA LYS N 111 -3.70 -12.39 -49.45
C LYS N 111 -3.26 -12.02 -48.02
N ARG N 112 -2.04 -12.42 -47.66
CA ARG N 112 -1.42 -12.06 -46.38
C ARG N 112 -0.32 -11.05 -46.67
N PHE N 113 -0.40 -9.89 -46.03
CA PHE N 113 0.48 -8.77 -46.36
C PHE N 113 1.12 -8.19 -45.11
N ALA N 114 2.26 -7.51 -45.31
CA ALA N 114 2.81 -6.64 -44.29
C ALA N 114 3.29 -5.36 -44.95
N LEU N 115 3.13 -4.24 -44.24
CA LEU N 115 3.69 -2.98 -44.68
C LEU N 115 5.21 -3.03 -44.54
N PRO N 116 5.94 -2.19 -45.29
CA PRO N 116 7.39 -2.37 -45.40
C PRO N 116 8.16 -2.28 -44.09
N ASN N 117 7.70 -1.47 -43.14
CA ASN N 117 8.43 -1.30 -41.88
C ASN N 117 7.76 -2.02 -40.71
N ALA N 118 6.75 -2.83 -40.99
CA ALA N 118 6.09 -3.63 -39.97
C ALA N 118 7.04 -4.73 -39.49
N GLU N 119 6.87 -5.12 -38.23
CA GLU N 119 7.68 -6.15 -37.60
C GLU N 119 6.84 -7.39 -37.32
N VAL N 120 7.47 -8.56 -37.42
CA VAL N 120 6.83 -9.82 -37.08
C VAL N 120 7.72 -10.52 -36.05
N MET N 121 7.12 -11.08 -35.01
CA MET N 121 7.92 -11.81 -34.03
C MET N 121 7.24 -13.14 -33.73
N ILE N 122 8.04 -14.20 -33.72
CA ILE N 122 7.53 -15.55 -33.42
C ILE N 122 8.32 -16.09 -32.24
N HIS N 123 7.66 -16.89 -31.42
CA HIS N 123 8.32 -17.51 -30.27
C HIS N 123 7.39 -18.59 -29.74
N GLN N 124 7.86 -19.30 -28.73
CA GLN N 124 7.08 -20.40 -28.17
C GLN N 124 6.12 -19.88 -27.11
N PRO N 125 5.09 -20.69 -26.77
CA PRO N 125 4.13 -20.26 -25.75
C PRO N 125 4.76 -20.12 -24.36
N LEU N 126 4.09 -19.31 -23.54
CA LEU N 126 4.49 -19.03 -22.17
C LEU N 126 3.33 -19.31 -21.24
N GLY N 127 3.65 -19.64 -20.00
CA GLY N 127 2.62 -19.91 -19.03
C GLY N 127 3.17 -20.07 -17.62
N GLY N 128 2.35 -20.64 -16.76
CA GLY N 128 2.74 -20.82 -15.38
C GLY N 128 2.06 -22.05 -14.86
N ALA N 129 2.60 -22.58 -13.77
CA ALA N 129 2.03 -23.75 -13.12
C ALA N 129 2.51 -23.76 -11.67
N GLN N 130 1.58 -24.07 -10.77
CA GLN N 130 1.89 -24.12 -9.34
C GLN N 130 1.07 -25.22 -8.69
N GLY N 131 1.67 -25.92 -7.74
CA GLY N 131 0.92 -26.90 -6.96
C GLY N 131 1.71 -28.18 -6.83
N GLN N 132 1.00 -29.30 -6.69
CA GLN N 132 1.66 -30.60 -6.55
C GLN N 132 2.41 -30.99 -7.83
N ALA N 133 3.42 -31.85 -7.66
CA ALA N 133 4.14 -32.39 -8.80
C ALA N 133 3.18 -32.89 -9.89
N THR N 134 2.13 -33.61 -9.50
CA THR N 134 1.14 -34.13 -10.46
C THR N 134 0.47 -33.00 -11.24
N GLU N 135 0.14 -31.90 -10.55
CA GLU N 135 -0.52 -30.77 -11.20
C GLU N 135 0.45 -30.07 -12.15
N ILE N 136 1.71 -29.92 -11.73
CA ILE N 136 2.73 -29.31 -12.59
C ILE N 136 2.94 -30.14 -13.84
N GLU N 137 2.93 -31.47 -13.70
CA GLU N 137 3.06 -32.36 -14.86
C GLU N 137 1.92 -32.16 -15.86
N ILE N 138 0.69 -32.12 -15.36
CA ILE N 138 -0.47 -31.90 -16.23
C ILE N 138 -0.36 -30.55 -16.94
N ALA N 139 0.03 -29.51 -16.21
CA ALA N 139 0.19 -28.20 -16.85
C ALA N 139 1.31 -28.23 -17.89
N ALA N 140 2.43 -28.88 -17.58
CA ALA N 140 3.52 -28.96 -18.54
C ALA N 140 3.09 -29.72 -19.80
N ASN N 141 2.44 -30.86 -19.62
CA ASN N 141 1.95 -31.64 -20.76
C ASN N 141 0.98 -30.83 -21.61
N HIS N 142 0.11 -30.05 -20.98
CA HIS N 142 -0.84 -29.22 -21.73
C HIS N 142 -0.12 -28.15 -22.56
N ILE N 143 0.84 -27.42 -21.95
CA ILE N 143 1.49 -26.36 -22.74
C ILE N 143 2.39 -26.94 -23.82
N LEU N 144 3.02 -28.09 -23.57
CA LEU N 144 3.81 -28.73 -24.61
C LEU N 144 2.94 -29.23 -25.75
N LYS N 145 1.76 -29.80 -25.43
CA LYS N 145 0.84 -30.20 -26.49
C LYS N 145 0.32 -29.00 -27.25
N THR N 146 0.08 -27.88 -26.55
CA THR N 146 -0.30 -26.65 -27.22
C THR N 146 0.78 -26.21 -28.20
N ARG N 147 2.05 -26.25 -27.77
CA ARG N 147 3.14 -25.86 -28.66
C ARG N 147 3.17 -26.75 -29.89
N GLU N 148 2.96 -28.07 -29.69
CA GLU N 148 2.92 -28.99 -30.83
C GLU N 148 1.79 -28.64 -31.79
N LYS N 149 0.60 -28.30 -31.26
CA LYS N 149 -0.53 -27.90 -32.09
C LYS N 149 -0.21 -26.65 -32.88
N LEU N 150 0.36 -25.64 -32.21
CA LEU N 150 0.75 -24.42 -32.90
C LEU N 150 1.76 -24.70 -34.01
N ASN N 151 2.74 -25.55 -33.72
CA ASN N 151 3.78 -25.84 -34.72
C ASN N 151 3.19 -26.54 -35.94
N ARG N 152 2.29 -27.50 -35.73
CA ARG N 152 1.63 -28.21 -36.84
C ARG N 152 0.87 -27.25 -37.75
N ILE N 153 0.09 -26.35 -37.16
CA ILE N 153 -0.66 -25.40 -37.98
C ILE N 153 0.29 -24.42 -38.69
N LEU N 154 1.29 -23.90 -37.97
CA LEU N 154 2.20 -22.96 -38.61
C LEU N 154 2.99 -23.65 -39.73
N SER N 155 3.31 -24.95 -39.57
CA SER N 155 3.91 -25.72 -40.66
C SER N 155 3.00 -25.71 -41.88
N GLU N 156 1.71 -25.95 -41.66
CA GLU N 156 0.75 -25.93 -42.76
C GLU N 156 0.65 -24.55 -43.41
N ARG N 157 0.71 -23.47 -42.60
CA ARG N 157 0.49 -22.13 -43.15
C ARG N 157 1.72 -21.59 -43.88
N THR N 158 2.92 -22.00 -43.48
CA THR N 158 4.16 -21.47 -44.02
C THR N 158 4.87 -22.43 -44.97
N GLY N 159 4.62 -23.74 -44.84
CA GLY N 159 5.37 -24.74 -45.56
C GLY N 159 6.68 -25.17 -44.91
N GLN N 160 7.04 -24.60 -43.76
CA GLN N 160 8.26 -24.98 -43.06
C GLN N 160 8.05 -26.29 -42.30
N SER N 161 9.13 -27.04 -42.11
CA SER N 161 9.00 -28.26 -41.32
C SER N 161 8.78 -27.91 -39.85
N ILE N 162 8.12 -28.82 -39.13
CA ILE N 162 7.92 -28.65 -37.70
C ILE N 162 9.26 -28.50 -36.98
N GLU N 163 10.29 -29.24 -37.43
CA GLU N 163 11.60 -29.19 -36.79
C GLU N 163 12.24 -27.81 -36.95
N LYS N 164 12.07 -27.19 -38.11
CA LYS N 164 12.61 -25.84 -38.29
C LYS N 164 11.84 -24.81 -37.45
N ILE N 165 10.51 -24.90 -37.43
CA ILE N 165 9.72 -23.99 -36.62
C ILE N 165 10.08 -24.12 -35.15
N GLN N 166 10.23 -25.35 -34.67
CA GLN N 166 10.62 -25.58 -33.28
C GLN N 166 11.93 -24.87 -32.95
N LYS N 167 12.93 -25.03 -33.82
CA LYS N 167 14.21 -24.35 -33.59
C LYS N 167 14.08 -22.84 -33.65
N ASP N 168 13.31 -22.33 -34.61
CA ASP N 168 13.21 -20.90 -34.85
C ASP N 168 12.37 -20.17 -33.81
N THR N 169 11.59 -20.87 -33.00
CA THR N 169 10.73 -20.27 -32.00
C THR N 169 11.20 -20.55 -30.57
N ASP N 170 12.38 -21.17 -30.41
CA ASP N 170 12.89 -21.47 -29.08
C ASP N 170 13.05 -20.21 -28.23
N ARG N 171 13.51 -19.11 -28.83
CA ARG N 171 13.55 -17.79 -28.22
C ARG N 171 12.85 -16.78 -29.13
N ASP N 172 12.68 -15.54 -28.62
CA ASP N 172 12.06 -14.49 -29.43
C ASP N 172 12.82 -14.34 -30.73
N ASN N 173 12.10 -14.35 -31.85
CA ASN N 173 12.72 -14.29 -33.17
C ASN N 173 12.05 -13.17 -33.95
N PHE N 174 12.75 -12.04 -34.10
CA PHE N 174 12.21 -10.85 -34.74
C PHE N 174 12.51 -10.88 -36.24
N LEU N 175 11.48 -10.69 -37.05
CA LEU N 175 11.58 -10.70 -38.51
C LEU N 175 11.18 -9.36 -39.09
N THR N 176 11.91 -8.89 -40.10
CA THR N 176 11.41 -7.83 -40.95
C THR N 176 10.29 -8.36 -41.84
N ALA N 177 9.57 -7.44 -42.48
CA ALA N 177 8.50 -7.85 -43.41
C ALA N 177 9.04 -8.74 -44.52
N GLU N 178 10.20 -8.39 -45.08
CA GLU N 178 10.78 -9.22 -46.14
C GLU N 178 11.16 -10.60 -45.60
N GLU N 179 11.69 -10.67 -44.38
CA GLU N 179 12.02 -11.95 -43.78
C GLU N 179 10.76 -12.78 -43.49
N ALA N 180 9.66 -12.10 -43.12
CA ALA N 180 8.41 -12.82 -42.91
C ALA N 180 7.89 -13.42 -44.22
N LYS N 181 8.06 -12.69 -45.32
CA LYS N 181 7.70 -13.22 -46.62
C LYS N 181 8.55 -14.44 -46.99
N GLU N 182 9.87 -14.32 -46.81
CA GLU N 182 10.77 -15.45 -47.04
C GLU N 182 10.41 -16.65 -46.17
N TYR N 183 9.94 -16.38 -44.94
CA TYR N 183 9.57 -17.46 -44.02
C TYR N 183 8.26 -18.14 -44.43
N GLY N 184 7.41 -17.44 -45.17
CA GLY N 184 6.12 -17.98 -45.53
C GLY N 184 4.97 -17.54 -44.63
N LEU N 185 5.21 -16.58 -43.73
CA LEU N 185 4.15 -16.06 -42.86
C LEU N 185 3.23 -15.13 -43.62
N ILE N 186 3.77 -14.40 -44.61
CA ILE N 186 2.98 -13.54 -45.46
C ILE N 186 3.34 -13.87 -46.91
N ASP N 187 2.53 -13.35 -47.82
CA ASP N 187 2.72 -13.56 -49.24
C ASP N 187 3.41 -12.38 -49.92
N GLU N 188 3.19 -11.17 -49.44
CA GLU N 188 3.73 -10.00 -50.11
C GLU N 188 3.98 -8.88 -49.11
N VAL N 189 5.01 -8.09 -49.39
CA VAL N 189 5.21 -6.80 -48.73
C VAL N 189 4.48 -5.74 -49.54
N MET N 190 3.59 -4.99 -48.90
CA MET N 190 2.79 -3.96 -49.57
C MET N 190 3.65 -2.72 -49.80
N VAL N 191 3.97 -2.45 -51.06
CA VAL N 191 4.80 -1.31 -51.43
C VAL N 191 3.93 -0.07 -51.72
N PRO N 192 4.43 1.14 -51.45
CA PRO N 192 3.66 2.38 -51.69
C PRO N 192 3.34 2.58 -53.17
CL01 JT7 O . 22.75 -9.26 -12.68
O02 JT7 O . 22.02 -17.26 -10.45
O03 JT7 O . 24.35 -17.36 -9.10
C04 JT7 O . 24.33 -16.76 -11.67
C05 JT7 O . 25.82 -17.03 -11.87
C06 JT7 O . 26.13 -18.33 -12.64
C07 JT7 O . 27.62 -18.65 -12.63
C08 JT7 O . 25.62 -18.27 -14.08
N09 JT7 O . 24.14 -15.44 -11.10
C10 JT7 O . 23.81 -14.30 -11.95
O11 JT7 O . 23.72 -14.46 -13.12
C12 JT7 O . 23.58 -12.94 -11.30
C13 JT7 O . 22.09 -12.89 -10.98
C14 JT7 O . 21.67 -11.65 -10.17
C15 JT7 O . 20.16 -11.67 -9.95
C16 JT7 O . 22.40 -11.58 -8.82
N17 JT7 O . 23.90 -11.94 -12.29
C18 JT7 O . 25.06 -11.08 -12.20
O19 JT7 O . 25.80 -11.13 -11.26
C20 JT7 O . 25.24 -10.12 -13.39
C21 JT7 O . 26.40 -10.18 -14.17
C22 JT7 O . 26.52 -9.32 -15.26
C23 JT7 O . 25.49 -8.44 -15.58
C24 JT7 O . 24.34 -8.40 -14.80
C25 JT7 O . 24.22 -9.25 -13.72
O26 JT7 O . 25.64 -7.58 -16.68
C27 JT7 O . 24.50 -6.84 -17.06
B28 JT7 O . 23.61 -17.65 -10.56
CL01 JT7 P . 9.39 -25.69 -4.59
O02 JT7 P . 5.91 -29.34 1.95
O03 JT7 P . 8.20 -30.15 3.12
C04 JT7 P . 7.54 -31.02 0.70
C05 JT7 P . 8.57 -32.15 0.70
C06 JT7 P . 7.96 -33.55 0.88
C07 JT7 P . 9.05 -34.56 1.25
C08 JT7 P . 7.22 -34.01 -0.37
N09 JT7 P . 8.22 -29.79 0.36
C10 JT7 P . 8.15 -29.24 -0.98
O11 JT7 P . 7.58 -29.82 -1.83
C12 JT7 P . 8.85 -27.92 -1.23
C13 JT7 P . 7.76 -26.89 -0.93
C14 JT7 P . 8.23 -25.44 -1.12
C15 JT7 P . 7.02 -24.50 -0.93
C16 JT7 P . 9.36 -25.12 -0.12
N17 JT7 P . 9.18 -27.94 -2.64
C18 JT7 P . 10.56 -28.03 -3.09
O19 JT7 P . 11.46 -28.07 -2.31
C20 JT7 P . 10.74 -28.08 -4.61
C21 JT7 P . 11.38 -29.18 -5.20
C22 JT7 P . 11.51 -29.21 -6.60
C23 JT7 P . 10.99 -28.17 -7.39
C24 JT7 P . 10.33 -27.10 -6.78
C25 JT7 P . 10.21 -27.06 -5.40
O26 JT7 P . 11.12 -28.22 -8.78
C27 JT7 P . 10.52 -27.16 -9.49
B28 JT7 P . 6.95 -30.61 2.13
CL01 JT7 Q . -5.96 -24.44 11.62
O02 JT7 Q . -8.05 -21.44 19.16
O03 JT7 Q . -6.26 -22.90 20.54
C04 JT7 Q . -8.02 -24.12 19.05
C05 JT7 Q . -7.72 -25.45 19.74
C06 JT7 Q . -8.80 -25.91 20.73
C07 JT7 Q . -8.31 -27.08 21.59
C08 JT7 Q . -10.08 -26.28 20.00
N09 JT7 Q . -7.01 -23.85 18.05
C10 JT7 Q . -7.25 -24.16 16.66
O11 JT7 Q . -8.26 -24.66 16.33
C12 JT7 Q . -6.19 -23.83 15.62
C13 JT7 Q . -6.55 -22.43 15.17
C14 JT7 Q . -5.46 -21.83 14.26
C15 JT7 Q . -5.89 -20.40 13.87
C16 JT7 Q . -4.09 -21.84 14.95
N17 JT7 Q . -6.43 -24.75 14.53
C18 JT7 Q . -5.57 -25.89 14.27
O19 JT7 Q . -4.62 -26.10 14.95
C20 JT7 Q . -6.00 -26.78 13.09
C21 JT7 Q . -6.21 -28.13 13.28
C22 JT7 Q . -6.62 -28.94 12.22
C23 JT7 Q . -6.84 -28.37 10.96
C24 JT7 Q . -6.64 -27.00 10.76
C25 JT7 Q . -6.23 -26.19 11.84
O26 JT7 Q . -7.25 -29.20 9.91
C27 JT7 Q . -7.63 -28.54 8.72
B28 JT7 Q . -7.82 -22.84 19.99
CL01 JT7 R . -11.89 -6.50 23.92
O02 JT7 R . -9.34 0.33 28.12
O03 JT7 R . -7.99 -0.90 30.06
C04 JT7 R . -10.58 -1.44 29.72
C05 JT7 R . -10.76 -2.13 31.06
C06 JT7 R . -11.49 -1.32 32.15
C07 JT7 R . -11.25 -1.96 33.53
C08 JT7 R . -13.00 -1.20 31.90
N09 JT7 R . -10.04 -2.36 28.73
C10 JT7 R . -10.95 -3.09 27.87
O11 JT7 R . -12.12 -2.95 28.02
C12 JT7 R . -10.38 -3.99 26.81
C13 JT7 R . -10.07 -3.09 25.62
C14 JT7 R . -9.37 -3.83 24.48
C15 JT7 R . -9.16 -2.89 23.28
C16 JT7 R . -8.05 -4.46 24.95
N17 JT7 R . -11.43 -4.93 26.48
C18 JT7 R . -11.29 -6.31 26.89
O19 JT7 R . -10.31 -6.65 27.50
C20 JT7 R . -12.49 -7.20 26.51
C21 JT7 R . -13.24 -7.85 27.50
C22 JT7 R . -14.33 -8.64 27.12
C23 JT7 R . -14.68 -8.77 25.78
C24 JT7 R . -13.93 -8.12 24.81
C25 JT7 R . -12.85 -7.33 25.17
O26 JT7 R . -15.78 -9.58 25.42
C27 JT7 R . -16.16 -9.54 24.06
B28 JT7 R . -9.46 -0.29 29.64
CL01 JT7 S . -3.71 14.81 22.97
O02 JT7 S . 2.85 19.94 22.12
O03 JT7 S . 4.22 19.00 24.28
C04 JT7 S . 1.77 20.03 24.57
C05 JT7 S . 1.87 20.29 26.08
C06 JT7 S . 2.02 21.77 26.47
C07 JT7 S . 2.38 21.90 27.95
C08 JT7 S . 0.77 22.57 26.13
N09 JT7 S . 1.41 18.64 24.33
C10 JT7 S . 0.01 18.28 24.16
O11 JT7 S . -0.85 19.09 24.25
C12 JT7 S . -0.31 16.82 23.84
C13 JT7 S . -0.12 16.68 22.33
C14 JT7 S . -0.27 15.23 21.82
C15 JT7 S . -0.12 15.19 20.29
C16 JT7 S . 0.74 14.31 22.51
N17 JT7 S . -1.70 16.65 24.19
C18 JT7 S . -2.07 15.81 25.32
O19 JT7 S . -1.20 15.27 25.96
C20 JT7 S . -3.58 15.74 25.57
C21 JT7 S . -4.11 16.17 26.78
C22 JT7 S . -5.48 16.16 26.98
C23 JT7 S . -6.33 15.72 25.96
C24 JT7 S . -5.80 15.31 24.72
C25 JT7 S . -4.42 15.34 24.53
O26 JT7 S . -7.72 15.70 26.18
C27 JT7 S . -8.51 15.26 25.10
B28 JT7 S . 3.13 20.14 23.74
CL01 JT7 T . 12.27 22.81 9.61
O02 JT7 T . 19.61 21.91 5.57
O03 JT7 T . 21.08 21.70 7.82
C04 JT7 T . 19.65 23.87 7.34
C05 JT7 T . 20.35 24.77 8.36
C06 JT7 T . 21.35 25.78 7.79
C07 JT7 T . 22.19 26.40 8.92
C08 JT7 T . 20.68 26.87 6.98
N09 JT7 T . 18.65 23.06 8.02
C10 JT7 T . 17.26 23.49 8.08
O11 JT7 T . 16.94 24.52 7.60
C12 JT7 T . 16.25 22.57 8.76
C13 JT7 T . 15.79 21.62 7.65
C14 JT7 T . 14.83 20.52 8.15
C15 JT7 T . 14.37 19.67 6.97
C16 JT7 T . 15.49 19.67 9.25
N17 JT7 T . 15.17 23.44 9.16
C18 JT7 T . 14.92 23.75 10.56
O19 JT7 T . 15.60 23.24 11.40
C20 JT7 T . 13.77 24.73 10.83
C21 JT7 T . 13.99 25.97 11.45
C22 JT7 T . 12.92 26.84 11.66
C23 JT7 T . 11.63 26.48 11.23
C24 JT7 T . 11.41 25.25 10.60
C25 JT7 T . 12.48 24.40 10.39
O26 JT7 T . 10.55 27.37 11.44
C27 JT7 T . 9.37 27.12 10.72
B28 JT7 T . 20.54 22.74 6.65
CL01 JT7 U . 24.12 12.17 -6.77
O02 JT7 U . 28.22 5.35 -9.04
O03 JT7 U . 30.26 5.61 -7.30
C04 JT7 U . 29.78 7.48 -9.06
C05 JT7 U . 31.12 8.15 -8.76
C06 JT7 U . 32.19 8.02 -9.88
C07 JT7 U . 33.57 8.45 -9.40
C08 JT7 U . 31.83 8.77 -11.16
N09 JT7 U . 28.84 7.88 -8.03
C10 JT7 U . 27.98 9.02 -8.23
O11 JT7 U . 28.03 9.65 -9.23
C12 JT7 U . 26.98 9.37 -7.13
C13 JT7 U . 25.76 8.49 -7.38
C14 JT7 U . 24.66 8.64 -6.33
C15 JT7 U . 23.50 7.68 -6.66
C16 JT7 U . 25.20 8.35 -4.92
N17 JT7 U . 26.67 10.76 -7.37
C18 JT7 U . 27.05 11.79 -6.42
O19 JT7 U . 27.63 11.51 -5.41
C20 JT7 U . 26.65 13.21 -6.82
C21 JT7 U . 27.62 14.20 -7.01
C22 JT7 U . 27.21 15.48 -7.40
C23 JT7 U . 25.85 15.76 -7.61
C24 JT7 U . 24.89 14.77 -7.42
C25 JT7 U . 25.30 13.49 -7.03
O26 JT7 U . 25.48 17.07 -8.00
C27 JT7 U . 24.10 17.29 -8.23
B28 JT7 U . 29.76 5.91 -8.85
CL01 JT7 V . 10.76 -0.30 -25.58
O02 JT7 V . 10.64 8.06 -26.90
O03 JT7 V . 9.12 8.04 -29.10
C04 JT7 V . 11.42 6.70 -29.06
C05 JT7 V . 11.50 6.47 -30.57
C06 JT7 V . 12.43 7.44 -31.32
C07 JT7 V . 12.12 7.41 -32.82
C08 JT7 V . 13.90 7.12 -31.07
N09 JT7 V . 10.57 5.69 -28.46
C10 JT7 V . 11.16 4.47 -27.95
O11 JT7 V . 12.32 4.27 -28.03
C12 JT7 V . 10.26 3.45 -27.29
C13 JT7 V . 10.22 3.88 -25.82
C14 JT7 V . 9.29 3.01 -24.97
C15 JT7 V . 9.30 3.53 -23.54
C16 JT7 V . 7.86 3.01 -25.57
N17 JT7 V . 10.95 2.18 -27.38
C18 JT7 V . 10.47 1.14 -28.27
O19 JT7 V . 9.50 1.31 -28.93
C20 JT7 V . 11.32 -0.15 -28.28
C21 JT7 V . 11.94 -0.56 -29.46
C22 JT7 V . 12.73 -1.70 -29.48
C23 JT7 V . 12.94 -2.42 -28.29
C24 JT7 V . 12.34 -1.99 -27.10
C25 JT7 V . 11.54 -0.85 -27.10
O26 JT7 V . 13.76 -3.56 -28.33
C27 JT7 V . 14.15 -4.08 -27.09
B28 JT7 V . 10.68 8.02 -28.55
CL01 JT7 W . 9.01 20.25 -16.55
O02 JT7 W . 4.16 26.34 -13.49
O03 JT7 W . 2.80 26.83 -15.77
C04 JT7 W . 5.44 27.10 -15.67
C05 JT7 W . 5.54 27.90 -16.96
C06 JT7 W . 5.80 29.40 -16.74
C07 JT7 W . 5.61 30.15 -18.06
C08 JT7 W . 7.18 29.64 -16.17
N09 JT7 W . 5.35 25.70 -16.00
C10 JT7 W . 6.53 24.85 -16.01
O11 JT7 W . 7.58 25.31 -15.75
C12 JT7 W . 6.36 23.36 -16.31
C13 JT7 W . 6.10 22.74 -14.95
C14 JT7 W . 5.77 21.24 -15.03
C15 JT7 W . 5.46 20.68 -13.63
C16 JT7 W . 4.59 20.99 -16.00
N17 JT7 W . 7.64 22.92 -16.82
C18 JT7 W . 7.84 22.55 -18.21
O19 JT7 W . 6.92 22.59 -18.99
C20 JT7 W . 9.30 22.16 -18.53
C21 JT7 W . 10.04 22.85 -19.50
C22 JT7 W . 11.36 22.51 -19.76
C23 JT7 W . 11.97 21.49 -19.04
C24 JT7 W . 11.25 20.80 -18.06
C25 JT7 W . 9.93 21.15 -17.80
O26 JT7 W . 13.31 21.16 -19.31
C27 JT7 W . 13.88 20.17 -18.48
B28 JT7 W . 4.10 27.28 -14.83
CL01 JT7 X . -4.43 27.31 0.40
O02 JT7 X . -11.99 27.08 3.88
O03 JT7 X . -13.32 28.28 1.89
C04 JT7 X . -11.33 29.56 3.09
C05 JT7 X . -11.70 30.93 2.49
C06 JT7 X . -12.37 31.92 3.47
C07 JT7 X . -12.93 33.12 2.70
C08 JT7 X . -11.40 32.45 4.53
N09 JT7 X . -10.58 28.82 2.11
C10 JT7 X . -9.13 28.82 2.12
O11 JT7 X . -8.55 29.46 2.92
C12 JT7 X . -8.40 27.97 1.10
C13 JT7 X . -8.34 26.59 1.75
C14 JT7 X . -7.67 25.52 0.86
C15 JT7 X . -7.70 24.17 1.60
C16 JT7 X . -8.39 25.42 -0.49
N17 JT7 X . -7.09 28.56 1.01
C18 JT7 X . -6.66 29.27 -0.19
O19 JT7 X . -7.40 29.36 -1.12
C20 JT7 X . -5.25 29.88 -0.13
C21 JT7 X . -5.07 31.25 -0.29
C22 JT7 X . -3.79 31.80 -0.21
C23 JT7 X . -2.70 30.97 0.07
C24 JT7 X . -2.88 29.60 0.27
C25 JT7 X . -4.17 29.05 0.18
O26 JT7 X . -1.41 31.54 0.16
C27 JT7 X . -0.39 30.65 0.58
B28 JT7 X . -12.54 28.53 3.33
CL01 JT7 Y . -19.50 15.35 11.93
O02 JT7 Y . -25.64 9.51 11.94
O03 JT7 Y . -27.29 10.85 10.24
C04 JT7 Y . -26.52 11.97 12.53
C05 JT7 Y . -27.64 13.01 12.57
C06 JT7 Y . -28.75 12.76 13.61
C07 JT7 Y . -29.92 13.72 13.38
C08 JT7 Y . -28.25 12.88 15.04
N09 JT7 Y . -25.45 12.43 11.67
C10 JT7 Y . -24.28 13.08 12.24
O11 JT7 Y . -24.21 13.27 13.41
C12 JT7 Y . -23.15 13.51 11.30
C13 JT7 Y . -22.30 12.26 11.15
C14 JT7 Y . -21.15 12.43 10.16
C15 JT7 Y . -20.26 11.17 10.16
C16 JT7 Y . -21.70 12.74 8.75
N17 JT7 Y . -22.43 14.56 12.00
C18 JT7 Y . -22.49 15.93 11.51
O19 JT7 Y . -23.12 16.20 10.54
C20 JT7 Y . -21.72 16.95 12.37
C21 JT7 Y . -22.40 18.02 12.94
C22 JT7 Y . -21.71 18.93 13.75
C23 JT7 Y . -20.34 18.73 14.00
C24 JT7 Y . -19.67 17.64 13.45
C25 JT7 Y . -20.36 16.73 12.64
O26 JT7 Y . -19.65 19.64 14.82
C27 JT7 Y . -18.32 19.30 15.14
B28 JT7 Y . -26.90 10.58 11.82
CL01 JT7 Z . -24.99 -6.31 9.38
O02 JT7 Z . -26.51 -13.01 4.36
O03 JT7 Z . -28.71 -11.91 3.23
C04 JT7 Z . -28.58 -12.27 5.85
C05 JT7 Z . -30.07 -12.09 6.06
C06 JT7 Z . -30.84 -13.41 6.27
C07 JT7 Z . -32.34 -13.15 6.13
C08 JT7 Z . -30.55 -14.04 7.63
N09 JT7 Z . -27.99 -10.94 5.75
C10 JT7 Z . -27.44 -10.31 6.94
O11 JT7 Z . -27.48 -10.85 8.00
C12 JT7 Z . -26.80 -8.94 6.79
C13 JT7 Z . -25.36 -9.27 6.39
C14 JT7 Z . -24.51 -8.02 6.13
C15 JT7 Z . -23.05 -8.44 5.87
C16 JT7 Z . -25.09 -7.23 4.95
N17 JT7 Z . -26.85 -8.34 8.10
C18 JT7 Z . -27.70 -7.19 8.36
O19 JT7 Z . -28.36 -6.71 7.47
C20 JT7 Z . -27.69 -6.69 9.80
C21 JT7 Z . -28.85 -6.71 10.57
C22 JT7 Z . -28.82 -6.29 11.90
C23 JT7 Z . -27.61 -5.88 12.48
C24 JT7 Z . -26.44 -5.89 11.72
C25 JT7 Z . -26.47 -6.31 10.38
O26 JT7 Z . -27.59 -5.48 13.82
C27 JT7 Z . -26.32 -5.30 14.41
B28 JT7 Z . -28.14 -12.90 4.44
CL01 JT7 AA . -16.51 -21.84 -4.73
O02 JT7 AA . -13.86 -23.61 -12.43
O03 JT7 AA . -16.26 -23.31 -13.66
C04 JT7 AA . -15.99 -25.10 -11.78
C05 JT7 AA . -17.29 -25.80 -12.16
C06 JT7 AA . -17.11 -27.20 -12.79
C07 JT7 AA . -18.43 -27.71 -13.35
C08 JT7 AA . -16.53 -28.23 -11.81
N09 JT7 AA . -16.29 -23.95 -10.95
C10 JT7 AA . -16.19 -24.02 -9.51
O11 JT7 AA . -15.89 -25.04 -8.97
C12 JT7 AA . -16.47 -22.74 -8.72
C13 JT7 AA . -15.15 -22.01 -8.71
C14 JT7 AA . -15.21 -20.62 -8.05
C15 JT7 AA . -13.81 -20.00 -7.99
C16 JT7 AA . -16.20 -19.70 -8.78
N17 JT7 AA . -16.88 -23.17 -7.38
C18 JT7 AA . -18.25 -23.04 -6.93
O19 JT7 AA . -19.09 -22.57 -7.64
C20 JT7 AA . -18.53 -23.56 -5.52
C21 JT7 AA . -19.51 -24.53 -5.31
C22 JT7 AA . -19.74 -25.02 -4.02
C23 JT7 AA . -18.99 -24.54 -2.95
C24 JT7 AA . -17.99 -23.58 -3.15
C25 JT7 AA . -17.76 -23.10 -4.44
O26 JT7 AA . -19.22 -25.04 -1.65
C27 JT7 AA . -18.33 -24.61 -0.66
B28 JT7 AA . -15.21 -24.40 -12.97
CL01 JT7 BA . -0.55 -18.96 -20.25
O02 JT7 BA . 2.67 -14.19 -26.14
O03 JT7 BA . 0.63 -14.31 -27.95
C04 JT7 BA . 1.86 -16.52 -27.13
C05 JT7 BA . 1.24 -17.37 -28.24
C06 JT7 BA . 2.21 -17.75 -29.36
C07 JT7 BA . 1.44 -18.35 -30.54
C08 JT7 BA . 3.29 -18.71 -28.89
N09 JT7 BA . 0.91 -16.42 -26.05
C10 JT7 BA . 1.01 -17.28 -24.89
O11 JT7 BA . 1.87 -18.08 -24.81
C12 JT7 BA . 0.00 -17.10 -23.76
C13 JT7 BA . 0.65 -16.00 -22.91
C14 JT7 BA . -0.18 -15.57 -21.68
C15 JT7 BA . 0.63 -14.56 -20.86
C16 JT7 BA . -1.54 -15.01 -22.11
N17 JT7 BA . -0.04 -18.37 -23.07
C18 JT7 BA . -1.25 -19.20 -23.15
O19 JT7 BA . -2.20 -18.84 -23.78
C20 JT7 BA . -1.15 -20.54 -22.41
C21 JT7 BA . -1.34 -21.73 -23.11
C22 JT7 BA . -1.20 -22.94 -22.42
C23 JT7 BA . -0.88 -22.94 -21.06
C24 JT7 BA . -0.67 -21.74 -20.37
C25 JT7 BA . -0.80 -20.54 -21.07
O26 JT7 BA . -0.76 -24.18 -20.40
C27 JT7 BA . -0.35 -24.11 -19.05
B28 JT7 BA . 2.08 -14.97 -27.48
#